data_5EY8
#
_entry.id   5EY8
#
_cell.length_a   164.040
_cell.length_b   164.040
_cell.length_c   231.530
_cell.angle_alpha   90.00
_cell.angle_beta   90.00
_cell.angle_gamma   90.00
#
_symmetry.space_group_name_H-M   'P 4'
#
loop_
_entity.id
_entity.type
_entity.pdbx_description
1 polymer 'Acyl-CoA synthase'
2 non-polymer '[(2~{R},3~{S},4~{R},5~{R})-5-(6-aminopurin-9-yl)-3,4-bis(oxidanyl)oxolan-2-yl]methyl icosyl hydrogen phosphate'
3 non-polymer GLYCEROL
#
_entity_poly.entity_id   1
_entity_poly.type   'polypeptide(L)'
_entity_poly.pdbx_seq_one_letter_code
;MPFHNPFIKDGQIKFPDGSSIVAHVERWAKVRGDKLAYRFLDFSTERDGVPRDLTWAQFSARNRAVAARLQQVTQPGDRV
AILCPQNLDYLVAFFGALYAGRIAVPLFDPSEPGHVGRLHAVLDNCHPSAILTTTEAAEGVRKFFRTRPANQRPRVIAVD
AVPDDVASTWVNPDEPDETTIAYLQYTSGSTRIPTGVQITHLNLATNVVQVIEALEGEEGDRGLSWLPFFHDMGLITALL
APMIGHYFTFMTPAAFVRRPERWIRELARKEGDTGGTISVAPNFAFDHAAARGVPKPGSPPLDLSNVKAVLNGSEPISAA
TVRRFNEAFGPFGFPPKAIKPSYGLAEATLFVSTTPSAEEPKIITVDRDQLNSGRIVEVDADSPKAVAQASAGKVGIAEW
AVIVDAESATELPDGQVGEIWISGQNMGTGYWGKPEESVATFQNILKSRTNPSHAEGATDDATWVRTGDYGAFYDGDLYI
TGRVKDLVIIDGRNHYPQDLEYSAQEASKAIRTGYVAAFSVPANQLPDEVFENAHSGIKRDPDDTSEQLVIVAERAPGAH
KLDIGPITDDIRAAIAVRHGVTVRDVLLTAAGAIPRTSSGKIGRRACRAAYLDGSLRAGKVANDFPDATD
;
_entity_poly.pdbx_strand_id   A,B,C,D,E,F,G,H
#
loop_
_chem_comp.id
_chem_comp.type
_chem_comp.name
_chem_comp.formula
5SV non-polymer '[(2~{R},3~{S},4~{R},5~{R})-5-(6-aminopurin-9-yl)-3,4-bis(oxidanyl)oxolan-2-yl]methyl icosyl hydrogen phosphate' 'C30 H54 N5 O7 P'
GOL non-polymer GLYCEROL 'C3 H8 O3'
#
# COMPACT_ATOMS: atom_id res chain seq x y z
N GLY A 11 -13.83 113.88 53.10
CA GLY A 11 -14.91 113.36 52.28
C GLY A 11 -15.03 111.85 52.40
N GLN A 12 -14.09 111.13 51.80
CA GLN A 12 -14.13 109.67 51.79
C GLN A 12 -12.82 109.06 52.29
N ILE A 13 -12.90 108.54 53.51
CA ILE A 13 -11.84 107.80 54.20
C ILE A 13 -10.41 108.32 53.97
N LYS A 14 -10.12 109.48 54.53
CA LYS A 14 -8.78 110.05 54.52
C LYS A 14 -8.46 110.37 55.96
N PHE A 15 -7.56 109.60 56.57
CA PHE A 15 -7.17 109.81 57.96
C PHE A 15 -6.01 110.80 58.04
N PRO A 16 -5.96 111.61 59.11
CA PRO A 16 -4.83 112.54 59.20
C PRO A 16 -3.49 111.82 59.38
N ASP A 17 -2.41 112.54 59.14
CA ASP A 17 -1.05 111.98 59.22
C ASP A 17 -0.61 111.75 60.66
N GLY A 18 0.00 110.59 60.90
CA GLY A 18 0.48 110.24 62.23
C GLY A 18 -0.53 109.44 63.02
N SER A 19 -1.79 109.57 62.63
CA SER A 19 -2.89 108.82 63.24
C SER A 19 -2.55 107.34 63.37
N SER A 20 -2.86 106.76 64.54
CA SER A 20 -2.59 105.35 64.77
C SER A 20 -3.63 104.79 65.74
N ILE A 21 -3.86 103.49 65.64
CA ILE A 21 -4.94 102.81 66.37
C ILE A 21 -4.63 102.69 67.85
N VAL A 22 -3.39 102.30 68.16
CA VAL A 22 -2.95 102.18 69.54
C VAL A 22 -3.30 103.44 70.31
N ALA A 23 -3.04 104.59 69.70
CA ALA A 23 -3.32 105.86 70.35
C ALA A 23 -4.82 106.14 70.38
N HIS A 24 -5.53 105.71 69.35
CA HIS A 24 -6.96 105.96 69.26
C HIS A 24 -7.72 105.17 70.33
N VAL A 25 -7.37 103.91 70.50
CA VAL A 25 -8.03 103.09 71.50
C VAL A 25 -7.64 103.58 72.89
N GLU A 26 -6.43 104.09 73.02
CA GLU A 26 -5.95 104.64 74.29
C GLU A 26 -6.72 105.90 74.66
N ARG A 27 -7.01 106.74 73.67
CA ARG A 27 -7.81 107.93 73.89
C ARG A 27 -9.20 107.54 74.41
N TRP A 28 -9.82 106.57 73.76
CA TRP A 28 -11.11 106.05 74.20
C TRP A 28 -10.99 105.45 75.59
N ALA A 29 -9.84 104.85 75.84
CA ALA A 29 -9.59 104.17 77.11
C ALA A 29 -9.54 105.17 78.25
N LYS A 30 -9.11 106.39 77.94
CA LYS A 30 -9.04 107.42 78.96
C LYS A 30 -10.45 107.98 79.24
N VAL A 31 -11.25 108.13 78.18
CA VAL A 31 -12.59 108.72 78.31
C VAL A 31 -13.63 107.74 78.87
N ARG A 32 -13.53 106.49 78.45
CA ARG A 32 -14.45 105.43 78.88
C ARG A 32 -13.92 104.65 80.09
N GLY A 33 -12.93 105.22 80.78
CA GLY A 33 -12.13 104.49 81.75
C GLY A 33 -12.77 103.38 82.56
N ASP A 34 -13.81 103.67 83.34
CA ASP A 34 -14.39 102.65 84.20
C ASP A 34 -15.53 101.88 83.50
N LYS A 35 -15.83 102.27 82.27
CA LYS A 35 -16.91 101.64 81.50
C LYS A 35 -16.49 100.27 80.94
N LEU A 36 -17.48 99.42 80.63
CA LEU A 36 -17.23 98.08 80.11
C LEU A 36 -16.67 98.12 78.67
N ALA A 37 -15.60 97.34 78.42
CA ALA A 37 -15.02 97.23 77.09
C ALA A 37 -15.46 95.95 76.37
N TYR A 38 -15.12 94.79 76.94
CA TYR A 38 -15.52 93.49 76.39
C TYR A 38 -16.23 92.63 77.42
N ARG A 39 -17.19 91.82 76.97
CA ARG A 39 -17.91 90.88 77.84
C ARG A 39 -17.89 89.47 77.27
N PHE A 40 -17.37 88.54 78.06
CA PHE A 40 -17.30 87.14 77.66
C PHE A 40 -18.26 86.26 78.47
N LEU A 41 -19.13 85.53 77.77
CA LEU A 41 -20.07 84.61 78.40
C LEU A 41 -19.46 83.22 78.46
N ASP A 42 -19.20 82.75 79.68
CA ASP A 42 -18.53 81.47 79.89
C ASP A 42 -19.55 80.35 80.13
N PHE A 43 -19.64 79.47 79.14
CA PHE A 43 -20.55 78.31 79.15
C PHE A 43 -19.85 77.02 79.61
N SER A 44 -18.63 77.16 80.11
CA SER A 44 -17.79 76.04 80.58
C SER A 44 -18.42 75.40 81.82
N THR A 45 -17.62 74.73 82.64
CA THR A 45 -18.10 74.01 83.83
C THR A 45 -19.25 74.70 84.59
N GLU A 46 -19.23 76.03 84.69
CA GLU A 46 -20.37 76.77 85.26
C GLU A 46 -21.66 76.35 84.54
N ARG A 47 -22.83 76.50 85.15
CA ARG A 47 -24.02 75.96 84.50
C ARG A 47 -24.45 76.75 83.27
N ASP A 48 -24.94 77.98 83.45
CA ASP A 48 -25.32 78.78 82.30
C ASP A 48 -24.89 80.23 82.46
N GLY A 49 -23.84 80.60 81.73
CA GLY A 49 -23.38 81.97 81.60
C GLY A 49 -22.60 82.39 82.83
N VAL A 50 -21.52 83.11 82.61
CA VAL A 50 -20.76 83.75 83.68
C VAL A 50 -20.24 85.04 83.08
N PRO A 51 -20.97 86.16 83.26
CA PRO A 51 -20.35 87.26 82.51
C PRO A 51 -18.97 87.58 83.06
N ARG A 52 -17.96 87.40 82.21
CA ARG A 52 -16.60 87.79 82.50
C ARG A 52 -16.33 89.13 81.84
N ASP A 53 -16.09 90.16 82.63
CA ASP A 53 -15.98 91.51 82.09
C ASP A 53 -14.57 92.07 82.17
N LEU A 54 -14.29 92.91 81.18
CA LEU A 54 -13.02 93.59 81.07
C LEU A 54 -13.30 95.04 80.80
N THR A 55 -12.88 95.91 81.72
CA THR A 55 -13.15 97.33 81.56
C THR A 55 -12.14 97.94 80.63
N TRP A 56 -12.38 99.20 80.28
CA TRP A 56 -11.50 99.91 79.38
C TRP A 56 -10.14 100.11 80.05
N ALA A 57 -10.18 100.40 81.34
CA ALA A 57 -8.98 100.58 82.15
C ALA A 57 -8.18 99.29 82.21
N GLN A 58 -8.87 98.20 82.51
CA GLN A 58 -8.22 96.90 82.52
C GLN A 58 -7.72 96.58 81.12
N PHE A 59 -8.55 96.87 80.13
CA PHE A 59 -8.24 96.58 78.75
C PHE A 59 -6.93 97.24 78.31
N SER A 60 -6.83 98.54 78.55
CA SER A 60 -5.66 99.32 78.17
C SER A 60 -4.44 98.84 78.94
N ALA A 61 -4.63 98.52 80.21
CA ALA A 61 -3.54 98.13 81.09
C ALA A 61 -2.86 96.86 80.64
N ARG A 62 -3.66 95.88 80.23
CA ARG A 62 -3.11 94.59 79.82
C ARG A 62 -2.43 94.69 78.47
N ASN A 63 -3.02 95.47 77.56
CA ASN A 63 -2.44 95.68 76.24
C ASN A 63 -1.02 96.23 76.35
N ARG A 64 -0.84 97.20 77.22
CA ARG A 64 0.47 97.82 77.40
C ARG A 64 1.43 96.87 78.12
N ALA A 65 0.90 96.07 79.04
CA ALA A 65 1.70 95.13 79.82
C ALA A 65 2.26 94.02 78.94
N VAL A 66 1.40 93.43 78.11
CA VAL A 66 1.81 92.40 77.16
C VAL A 66 2.76 92.99 76.12
N ALA A 67 2.46 94.22 75.71
CA ALA A 67 3.27 94.89 74.71
C ALA A 67 4.68 95.12 75.20
N ALA A 68 4.82 95.47 76.47
CA ALA A 68 6.12 95.74 77.08
C ALA A 68 7.00 94.49 77.05
N ARG A 69 6.41 93.34 77.34
CA ARG A 69 7.14 92.08 77.26
C ARG A 69 7.41 91.69 75.80
N LEU A 70 6.51 92.05 74.90
CA LEU A 70 6.73 91.73 73.50
C LEU A 70 7.88 92.53 72.94
N GLN A 71 7.94 93.80 73.31
CA GLN A 71 8.98 94.69 72.80
C GLN A 71 10.38 94.28 73.25
N GLN A 72 10.48 93.64 74.41
CA GLN A 72 11.78 93.23 74.90
C GLN A 72 12.20 91.92 74.22
N VAL A 73 11.24 91.02 73.99
CA VAL A 73 11.55 89.69 73.44
C VAL A 73 11.43 89.58 71.89
N THR A 74 10.92 90.61 71.23
CA THR A 74 10.72 90.57 69.77
C THR A 74 11.24 91.84 69.10
N GLN A 75 11.72 91.68 67.86
CA GLN A 75 12.18 92.81 67.04
C GLN A 75 11.02 93.36 66.23
N PRO A 76 11.08 94.66 65.85
CA PRO A 76 10.02 95.23 65.01
C PRO A 76 9.98 94.56 63.63
N GLY A 77 8.79 94.29 63.11
CA GLY A 77 8.67 93.62 61.82
C GLY A 77 8.53 92.12 61.96
N ASP A 78 8.80 91.64 63.17
CA ASP A 78 8.63 90.22 63.48
C ASP A 78 7.14 89.88 63.55
N ARG A 79 6.84 88.60 63.42
CA ARG A 79 5.45 88.14 63.43
C ARG A 79 5.13 87.42 64.72
N VAL A 80 3.99 87.80 65.28
CA VAL A 80 3.54 87.29 66.55
C VAL A 80 2.22 86.52 66.37
N ALA A 81 2.28 85.22 66.61
CA ALA A 81 1.11 84.35 66.49
C ALA A 81 0.31 84.29 67.78
N ILE A 82 -1.01 84.38 67.66
CA ILE A 82 -1.89 84.25 68.80
C ILE A 82 -2.51 82.87 68.76
N LEU A 83 -2.08 81.98 69.66
CA LEU A 83 -2.74 80.70 69.81
C LEU A 83 -3.48 80.69 71.15
N CYS A 84 -4.78 80.92 71.07
CA CYS A 84 -5.64 80.98 72.24
C CYS A 84 -7.01 80.49 71.90
N PRO A 85 -7.70 79.89 72.88
CA PRO A 85 -9.12 79.59 72.67
C PRO A 85 -9.88 80.90 72.72
N GLN A 86 -11.21 80.89 72.58
CA GLN A 86 -11.92 82.14 72.65
C GLN A 86 -11.98 82.63 74.09
N ASN A 87 -11.40 83.80 74.33
CA ASN A 87 -11.26 84.36 75.66
C ASN A 87 -11.05 85.86 75.57
N LEU A 88 -10.87 86.49 76.71
CA LEU A 88 -10.55 87.91 76.76
C LEU A 88 -9.09 88.05 76.37
N ASP A 89 -8.31 87.04 76.73
CA ASP A 89 -6.87 87.07 76.52
C ASP A 89 -6.53 86.99 75.04
N TYR A 90 -7.44 86.44 74.24
CA TYR A 90 -7.23 86.42 72.81
C TYR A 90 -7.18 87.86 72.31
N LEU A 91 -8.14 88.65 72.79
CA LEU A 91 -8.23 90.05 72.41
C LEU A 91 -7.09 90.85 73.04
N VAL A 92 -6.71 90.47 74.25
CA VAL A 92 -5.60 91.13 74.92
C VAL A 92 -4.32 90.83 74.17
N ALA A 93 -4.24 89.63 73.61
CA ALA A 93 -3.07 89.22 72.85
C ALA A 93 -2.97 89.93 71.50
N PHE A 94 -4.09 90.07 70.80
CA PHE A 94 -4.10 90.73 69.51
C PHE A 94 -3.76 92.20 69.63
N PHE A 95 -4.51 92.89 70.47
CA PHE A 95 -4.30 94.31 70.68
C PHE A 95 -2.90 94.55 71.21
N GLY A 96 -2.44 93.66 72.06
CA GLY A 96 -1.08 93.70 72.57
C GLY A 96 -0.05 93.71 71.46
N ALA A 97 -0.29 92.91 70.41
CA ALA A 97 0.63 92.84 69.28
C ALA A 97 0.67 94.17 68.55
N LEU A 98 -0.48 94.81 68.43
CA LEU A 98 -0.57 96.12 67.79
C LEU A 98 0.11 97.16 68.67
N TYR A 99 -0.15 97.09 69.98
CA TYR A 99 0.49 97.95 70.96
C TYR A 99 2.02 97.83 70.96
N ALA A 100 2.52 96.60 70.82
CA ALA A 100 3.95 96.38 70.83
C ALA A 100 4.58 96.88 69.54
N GLY A 101 3.79 96.90 68.47
CA GLY A 101 4.29 97.31 67.16
C GLY A 101 4.72 96.12 66.32
N ARG A 102 4.31 94.93 66.74
CA ARG A 102 4.60 93.70 66.02
C ARG A 102 3.45 93.30 65.09
N ILE A 103 3.62 92.22 64.35
CA ILE A 103 2.59 91.72 63.42
C ILE A 103 1.83 90.58 64.05
N ALA A 104 0.53 90.79 64.27
CA ALA A 104 -0.29 89.74 64.85
C ALA A 104 -0.58 88.69 63.76
N VAL A 105 -0.68 87.44 64.18
CA VAL A 105 -1.08 86.35 63.30
C VAL A 105 -2.14 85.52 64.02
N PRO A 106 -3.42 85.88 63.85
CA PRO A 106 -4.49 85.16 64.54
C PRO A 106 -4.56 83.68 64.15
N LEU A 107 -4.61 82.80 65.15
CA LEU A 107 -4.68 81.36 64.94
C LEU A 107 -5.53 80.78 66.05
N PHE A 108 -5.54 79.46 66.20
CA PHE A 108 -6.42 78.83 67.20
C PHE A 108 -5.65 77.90 68.15
N ASP A 109 -6.39 77.36 69.12
CA ASP A 109 -5.85 76.47 70.14
C ASP A 109 -5.51 75.11 69.51
N PRO A 110 -4.24 74.65 69.66
CA PRO A 110 -3.82 73.37 69.08
C PRO A 110 -4.43 72.15 69.75
N SER A 111 -5.15 72.36 70.85
CA SER A 111 -5.83 71.28 71.54
C SER A 111 -7.28 71.17 71.04
N GLU A 112 -7.55 71.85 69.93
CA GLU A 112 -8.86 71.81 69.27
C GLU A 112 -9.01 70.44 68.59
N PRO A 113 -10.25 69.95 68.44
CA PRO A 113 -10.50 68.56 68.03
C PRO A 113 -9.86 68.16 66.70
N GLY A 114 -8.56 67.93 66.70
CA GLY A 114 -7.87 67.61 65.46
C GLY A 114 -7.72 68.86 64.63
N HIS A 115 -7.08 68.73 63.47
CA HIS A 115 -6.97 69.83 62.51
C HIS A 115 -5.78 70.73 62.84
N VAL A 116 -5.02 70.36 63.87
CA VAL A 116 -3.87 71.15 64.28
C VAL A 116 -2.63 70.77 63.46
N GLY A 117 -2.84 69.90 62.48
CA GLY A 117 -1.78 69.55 61.53
C GLY A 117 -1.72 70.64 60.47
N ARG A 118 -2.88 71.24 60.22
CA ARG A 118 -3.01 72.31 59.22
C ARG A 118 -2.31 73.57 59.71
N LEU A 119 -2.32 73.75 61.02
CA LEU A 119 -1.68 74.88 61.67
C LEU A 119 -0.15 74.82 61.54
N HIS A 120 0.42 73.61 61.43
CA HIS A 120 1.86 73.48 61.18
C HIS A 120 2.19 74.23 59.90
N ALA A 121 1.30 74.09 58.92
CA ALA A 121 1.53 74.66 57.59
C ALA A 121 1.52 76.16 57.59
N VAL A 122 0.70 76.74 58.45
CA VAL A 122 0.58 78.19 58.54
C VAL A 122 1.83 78.79 59.16
N LEU A 123 2.31 78.13 60.20
CA LEU A 123 3.49 78.58 60.91
C LEU A 123 4.70 78.50 59.97
N ASP A 124 4.64 77.55 59.03
CA ASP A 124 5.68 77.40 58.02
C ASP A 124 5.75 78.59 57.07
N ASN A 125 4.62 79.26 56.88
CA ASN A 125 4.58 80.39 55.97
C ASN A 125 5.16 81.66 56.59
N CYS A 126 4.70 82.02 57.78
CA CYS A 126 5.11 83.27 58.40
C CYS A 126 6.27 83.19 59.39
N HIS A 127 6.64 82.01 59.85
CA HIS A 127 7.73 81.90 60.82
C HIS A 127 7.62 82.90 61.98
N PRO A 128 6.64 82.70 62.88
CA PRO A 128 6.46 83.65 63.99
C PRO A 128 7.63 83.63 64.97
N SER A 129 8.01 84.81 65.45
CA SER A 129 9.10 84.93 66.41
C SER A 129 8.67 84.67 67.86
N ALA A 130 7.38 84.83 68.13
CA ALA A 130 6.84 84.62 69.48
C ALA A 130 5.44 84.05 69.42
N ILE A 131 5.02 83.38 70.48
CA ILE A 131 3.70 82.79 70.56
C ILE A 131 2.96 83.30 71.80
N LEU A 132 1.77 83.82 71.59
CA LEU A 132 0.90 84.25 72.69
C LEU A 132 -0.17 83.23 72.92
N THR A 133 -0.27 82.79 74.16
CA THR A 133 -1.26 81.82 74.55
C THR A 133 -1.71 82.11 75.97
N THR A 134 -2.50 81.19 76.52
CA THR A 134 -3.01 81.31 77.89
C THR A 134 -2.50 80.12 78.70
N THR A 135 -2.46 80.27 80.02
CA THR A 135 -1.97 79.22 80.91
C THR A 135 -2.73 77.92 80.68
N GLU A 136 -4.01 78.03 80.32
CA GLU A 136 -4.81 76.86 80.05
C GLU A 136 -4.24 76.08 78.88
N ALA A 137 -4.00 76.78 77.78
CA ALA A 137 -3.61 76.16 76.53
C ALA A 137 -2.12 76.07 76.31
N ALA A 138 -1.33 76.32 77.35
CA ALA A 138 0.09 76.54 77.14
C ALA A 138 0.83 75.22 76.94
N GLU A 139 0.55 74.24 77.80
CA GLU A 139 1.19 72.93 77.67
C GLU A 139 0.80 72.28 76.33
N GLY A 140 -0.42 72.53 75.90
CA GLY A 140 -0.90 72.00 74.63
C GLY A 140 -0.08 72.57 73.50
N VAL A 141 0.27 73.85 73.61
CA VAL A 141 1.11 74.52 72.63
C VAL A 141 2.53 73.97 72.71
N ARG A 142 2.96 73.67 73.93
CA ARG A 142 4.29 73.11 74.15
C ARG A 142 4.41 71.73 73.51
N LYS A 143 3.40 70.88 73.72
CA LYS A 143 3.37 69.54 73.14
C LYS A 143 3.29 69.63 71.62
N PHE A 144 2.51 70.60 71.14
CA PHE A 144 2.37 70.84 69.70
C PHE A 144 3.69 71.14 69.03
N PHE A 145 4.44 72.04 69.63
CA PHE A 145 5.70 72.49 69.07
C PHE A 145 6.77 71.44 69.26
N ARG A 146 6.51 70.50 70.17
CA ARG A 146 7.44 69.40 70.37
C ARG A 146 7.49 68.52 69.13
N THR A 147 6.46 68.61 68.29
CA THR A 147 6.39 67.85 67.06
C THR A 147 7.21 68.48 65.95
N ARG A 148 7.45 69.77 66.07
CA ARG A 148 8.28 70.49 65.11
C ARG A 148 9.74 70.46 65.51
N PRO A 149 10.65 70.72 64.56
CA PRO A 149 12.07 70.75 64.93
C PRO A 149 12.37 71.85 65.95
N ALA A 150 13.48 71.67 66.68
CA ALA A 150 13.91 72.62 67.70
C ALA A 150 14.38 73.94 67.10
N ASN A 151 14.84 73.88 65.85
CA ASN A 151 15.38 75.05 65.18
C ASN A 151 14.32 76.14 65.07
N GLN A 152 13.09 75.74 64.78
CA GLN A 152 11.96 76.64 64.89
C GLN A 152 11.16 76.29 66.14
N ARG A 153 11.39 77.07 67.20
CA ARG A 153 10.66 76.93 68.46
C ARG A 153 10.53 78.30 69.12
N PRO A 154 9.61 79.14 68.64
CA PRO A 154 9.52 80.52 69.14
C PRO A 154 9.10 80.59 70.59
N ARG A 155 9.49 81.66 71.30
CA ARG A 155 9.18 81.78 72.72
C ARG A 155 7.68 81.84 72.96
N VAL A 156 7.24 81.22 74.06
CA VAL A 156 5.84 81.19 74.43
C VAL A 156 5.59 82.03 75.68
N ILE A 157 4.62 82.92 75.58
CA ILE A 157 4.26 83.81 76.69
C ILE A 157 2.79 83.64 77.04
N ALA A 158 2.51 83.33 78.31
CA ALA A 158 1.14 83.23 78.77
C ALA A 158 0.65 84.64 79.11
N VAL A 159 -0.34 85.10 78.37
CA VAL A 159 -0.75 86.49 78.45
C VAL A 159 -1.39 86.84 79.78
N ASP A 160 -2.16 85.91 80.34
CA ASP A 160 -2.82 86.14 81.62
C ASP A 160 -1.80 86.12 82.75
N ALA A 161 -0.61 85.61 82.47
CA ALA A 161 0.42 85.48 83.51
C ALA A 161 1.33 86.68 83.59
N VAL A 162 1.24 87.57 82.61
CA VAL A 162 2.12 88.75 82.58
C VAL A 162 1.59 89.80 83.56
N PRO A 163 2.42 90.24 84.52
CA PRO A 163 2.00 91.22 85.53
C PRO A 163 1.60 92.57 84.95
N ASP A 164 0.64 93.26 85.58
CA ASP A 164 0.20 94.55 85.10
C ASP A 164 1.25 95.64 85.28
N ASP A 165 2.26 95.36 86.10
CA ASP A 165 3.27 96.35 86.45
C ASP A 165 4.31 96.47 85.34
N VAL A 166 4.32 95.51 84.43
CA VAL A 166 5.26 95.51 83.32
C VAL A 166 4.90 96.59 82.31
N ALA A 167 3.67 97.08 82.39
CA ALA A 167 3.19 98.12 81.50
C ALA A 167 4.06 99.38 81.59
N SER A 168 4.76 99.54 82.71
CA SER A 168 5.58 100.72 82.97
C SER A 168 6.71 100.94 81.97
N THR A 169 7.22 99.85 81.41
CA THR A 169 8.36 99.95 80.50
C THR A 169 7.93 100.03 79.03
N TRP A 170 6.63 100.06 78.79
CA TRP A 170 6.11 100.14 77.44
C TRP A 170 6.44 101.45 76.73
N VAL A 171 6.88 101.35 75.47
CA VAL A 171 7.11 102.52 74.65
C VAL A 171 6.24 102.47 73.38
N ASN A 172 5.45 103.51 73.15
CA ASN A 172 4.57 103.59 71.99
C ASN A 172 5.34 103.49 70.68
N PRO A 173 4.90 102.61 69.76
CA PRO A 173 5.68 102.45 68.53
C PRO A 173 5.53 103.65 67.59
N ASP A 174 6.46 103.76 66.65
CA ASP A 174 6.50 104.85 65.69
C ASP A 174 5.26 104.87 64.80
N GLU A 175 4.87 106.06 64.36
CA GLU A 175 3.68 106.25 63.54
C GLU A 175 3.73 105.40 62.27
N PRO A 176 2.60 104.73 61.94
CA PRO A 176 2.60 103.81 60.79
C PRO A 176 2.50 104.56 59.47
N ASP A 177 2.95 103.94 58.38
CA ASP A 177 2.84 104.54 57.06
C ASP A 177 1.85 103.74 56.22
N GLU A 178 1.67 104.14 54.97
CA GLU A 178 0.64 103.54 54.11
C GLU A 178 0.88 102.07 53.84
N THR A 179 2.12 101.64 53.98
CA THR A 179 2.52 100.27 53.68
C THR A 179 2.68 99.33 54.89
N THR A 180 2.44 99.81 56.09
CA THR A 180 2.74 99.03 57.30
C THR A 180 1.74 97.92 57.60
N ILE A 181 2.24 96.69 57.67
CA ILE A 181 1.39 95.52 57.85
C ILE A 181 0.89 95.47 59.29
N ALA A 182 -0.43 95.45 59.48
CA ALA A 182 -1.00 95.31 60.83
C ALA A 182 -1.03 93.86 61.32
N TYR A 183 -1.58 92.97 60.50
CA TYR A 183 -1.68 91.56 60.86
C TYR A 183 -1.86 90.72 59.59
N LEU A 184 -1.67 89.42 59.74
CA LEU A 184 -1.86 88.47 58.65
C LEU A 184 -3.15 87.69 58.84
N GLN A 185 -4.07 87.83 57.89
CA GLN A 185 -5.33 87.09 57.94
C GLN A 185 -5.26 85.90 56.99
N TYR A 186 -5.22 84.71 57.58
CA TYR A 186 -5.11 83.49 56.80
C TYR A 186 -6.47 82.96 56.36
N THR A 187 -6.58 82.66 55.07
CA THR A 187 -7.80 82.10 54.51
C THR A 187 -7.56 80.80 53.72
N SER A 188 -8.66 80.11 53.41
CA SER A 188 -8.60 78.86 52.66
C SER A 188 -8.96 79.08 51.19
N ARG A 192 -3.16 74.58 47.50
CA ARG A 192 -3.35 73.88 48.76
C ARG A 192 -2.50 74.50 49.86
N ILE A 193 -1.40 75.14 49.47
CA ILE A 193 -0.52 75.82 50.41
C ILE A 193 -1.25 77.03 51.00
N PRO A 194 -0.98 77.34 52.27
CA PRO A 194 -1.80 78.38 52.90
C PRO A 194 -1.46 79.79 52.41
N THR A 195 -2.46 80.67 52.43
CA THR A 195 -2.28 82.05 52.03
C THR A 195 -2.64 83.04 53.14
N GLY A 196 -1.63 83.65 53.76
CA GLY A 196 -1.85 84.80 54.62
C GLY A 196 -2.07 86.05 53.77
N VAL A 197 -3.13 86.79 54.03
CA VAL A 197 -3.34 88.10 53.39
C VAL A 197 -2.67 89.18 54.21
N GLN A 198 -2.02 90.14 53.55
CA GLN A 198 -1.35 91.20 54.26
C GLN A 198 -2.31 92.35 54.46
N ILE A 199 -2.71 92.55 55.71
CA ILE A 199 -3.64 93.62 56.07
C ILE A 199 -2.88 94.70 56.82
N THR A 200 -2.89 95.90 56.27
CA THR A 200 -2.16 97.00 56.86
C THR A 200 -2.99 97.62 57.97
N HIS A 201 -2.42 98.59 58.67
CA HIS A 201 -3.16 99.31 59.70
C HIS A 201 -4.18 100.18 59.00
N LEU A 202 -3.89 100.52 57.75
CA LEU A 202 -4.75 101.36 56.95
C LEU A 202 -5.97 100.55 56.51
N ASN A 203 -5.73 99.33 56.07
CA ASN A 203 -6.81 98.43 55.68
C ASN A 203 -7.77 98.21 56.84
N LEU A 204 -7.19 98.08 58.03
CA LEU A 204 -7.96 97.82 59.25
C LEU A 204 -8.88 98.98 59.59
N ALA A 205 -8.30 100.17 59.66
CA ALA A 205 -9.06 101.34 60.03
C ALA A 205 -10.11 101.70 58.98
N THR A 206 -9.74 101.55 57.70
CA THR A 206 -10.64 101.89 56.60
C THR A 206 -11.91 101.04 56.56
N ASN A 207 -11.74 99.73 56.67
CA ASN A 207 -12.84 98.79 56.59
C ASN A 207 -13.73 98.92 57.82
N VAL A 208 -13.13 99.25 58.97
CA VAL A 208 -13.90 99.44 60.18
C VAL A 208 -14.82 100.62 59.94
N VAL A 209 -14.31 101.62 59.24
CA VAL A 209 -15.09 102.81 58.93
C VAL A 209 -16.15 102.47 57.89
N GLN A 210 -15.80 101.59 56.96
CA GLN A 210 -16.73 101.17 55.93
C GLN A 210 -17.90 100.42 56.54
N VAL A 211 -17.61 99.58 57.54
CA VAL A 211 -18.65 98.82 58.22
C VAL A 211 -19.58 99.69 59.05
N ILE A 212 -19.01 100.58 59.86
CA ILE A 212 -19.81 101.39 60.75
C ILE A 212 -20.78 102.29 59.99
N GLU A 213 -20.32 102.85 58.88
CA GLU A 213 -21.19 103.69 58.07
C GLU A 213 -22.30 102.85 57.45
N ALA A 214 -21.98 101.60 57.14
CA ALA A 214 -22.94 100.71 56.52
C ALA A 214 -23.97 100.20 57.54
N LEU A 215 -23.54 100.08 58.79
CA LEU A 215 -24.41 99.57 59.85
C LEU A 215 -25.38 100.62 60.35
N GLU A 216 -25.01 101.89 60.23
CA GLU A 216 -25.86 102.99 60.66
C GLU A 216 -26.15 102.89 62.16
N GLY A 217 -25.28 102.17 62.87
CA GLY A 217 -25.33 102.08 64.32
C GLY A 217 -25.57 103.37 65.07
N GLU A 218 -26.62 103.37 65.88
CA GLU A 218 -26.94 104.49 66.77
C GLU A 218 -26.21 104.27 68.10
N GLU A 219 -26.41 105.18 69.04
CA GLU A 219 -25.62 105.16 70.28
C GLU A 219 -26.26 104.31 71.38
N GLY A 220 -27.29 103.56 71.02
CA GLY A 220 -27.99 102.69 71.96
C GLY A 220 -27.92 101.21 71.64
N ASP A 221 -27.34 100.88 70.50
CA ASP A 221 -27.29 99.51 70.03
C ASP A 221 -26.30 98.64 70.79
N ARG A 222 -26.62 97.35 70.82
CA ARG A 222 -25.78 96.34 71.44
C ARG A 222 -25.11 95.62 70.27
N GLY A 223 -24.13 94.78 70.57
CA GLY A 223 -23.52 93.99 69.50
C GLY A 223 -22.99 92.71 70.09
N LEU A 224 -23.00 91.65 69.28
CA LEU A 224 -22.58 90.35 69.76
C LEU A 224 -22.14 89.42 68.65
N SER A 225 -21.22 88.52 68.96
CA SER A 225 -20.86 87.48 68.00
C SER A 225 -20.35 86.23 68.72
N TRP A 226 -20.69 85.06 68.18
CA TRP A 226 -20.09 83.82 68.63
C TRP A 226 -18.99 83.34 67.69
N LEU A 227 -18.79 84.07 66.59
CA LEU A 227 -17.85 83.65 65.56
C LEU A 227 -16.42 83.65 66.08
N PRO A 228 -15.59 82.71 65.61
CA PRO A 228 -14.20 82.64 66.05
C PRO A 228 -13.36 83.81 65.57
N PHE A 229 -12.44 84.30 66.41
CA PHE A 229 -11.62 85.47 66.08
C PHE A 229 -10.55 85.18 65.03
N PHE A 230 -10.26 83.91 64.80
CA PHE A 230 -9.27 83.55 63.80
C PHE A 230 -9.89 83.60 62.40
N HIS A 231 -11.20 83.82 62.36
CA HIS A 231 -11.92 83.97 61.09
C HIS A 231 -12.08 85.47 60.84
N ASP A 232 -11.95 85.88 59.58
CA ASP A 232 -11.94 87.30 59.25
C ASP A 232 -13.28 87.93 59.65
N MET A 233 -14.38 87.19 59.47
CA MET A 233 -15.70 87.68 59.85
C MET A 233 -15.80 87.83 61.36
N GLY A 234 -15.15 86.95 62.09
CA GLY A 234 -15.16 87.01 63.53
C GLY A 234 -14.21 88.04 64.12
N LEU A 235 -13.06 88.23 63.49
CA LEU A 235 -12.03 89.11 64.04
C LEU A 235 -12.45 90.58 64.05
N ILE A 236 -12.79 91.09 62.88
CA ILE A 236 -13.10 92.51 62.74
C ILE A 236 -14.35 92.87 63.53
N THR A 237 -15.25 91.90 63.74
CA THR A 237 -16.47 92.16 64.49
C THR A 237 -16.15 92.49 65.94
N ALA A 238 -15.12 91.86 66.46
CA ALA A 238 -14.66 92.11 67.82
C ALA A 238 -13.83 93.38 67.86
N LEU A 239 -13.07 93.63 66.80
CA LEU A 239 -12.23 94.81 66.70
C LEU A 239 -13.04 96.09 66.47
N LEU A 240 -14.32 95.93 66.13
CA LEU A 240 -15.18 97.07 65.83
C LEU A 240 -15.42 97.95 67.04
N ALA A 241 -15.73 97.33 68.16
CA ALA A 241 -16.21 98.05 69.32
C ALA A 241 -15.18 98.98 69.95
N PRO A 242 -13.94 98.52 70.14
CA PRO A 242 -13.05 99.44 70.84
C PRO A 242 -12.73 100.70 70.07
N MET A 243 -12.91 100.66 68.74
CA MET A 243 -12.65 101.85 67.95
C MET A 243 -13.85 102.80 67.87
N ILE A 244 -15.03 102.32 68.25
CA ILE A 244 -16.22 103.16 68.26
C ILE A 244 -16.52 103.74 69.64
N GLY A 245 -15.87 103.20 70.66
CA GLY A 245 -16.13 103.61 72.02
C GLY A 245 -16.94 102.54 72.74
N HIS A 246 -17.79 101.84 71.99
CA HIS A 246 -18.80 100.95 72.54
C HIS A 246 -18.24 99.62 73.06
N TYR A 247 -19.02 98.93 73.90
CA TYR A 247 -18.70 97.59 74.37
C TYR A 247 -19.12 96.48 73.40
N PHE A 248 -18.44 95.33 73.50
CA PHE A 248 -18.73 94.17 72.66
C PHE A 248 -18.76 92.87 73.47
N THR A 249 -19.84 92.10 73.31
CA THR A 249 -20.02 90.85 74.04
C THR A 249 -19.96 89.61 73.12
N PHE A 250 -19.19 88.61 73.52
CA PHE A 250 -18.98 87.40 72.70
C PHE A 250 -19.01 86.11 73.50
N MET A 251 -19.15 84.98 72.81
CA MET A 251 -19.01 83.66 73.39
C MET A 251 -18.21 82.76 72.45
N THR A 252 -17.97 81.51 72.85
CA THR A 252 -17.22 80.57 72.01
C THR A 252 -18.15 79.93 70.98
N PRO A 253 -17.62 79.56 69.81
CA PRO A 253 -18.48 78.94 68.79
C PRO A 253 -19.09 77.65 69.31
N ALA A 254 -18.33 76.92 70.12
CA ALA A 254 -18.79 75.67 70.70
C ALA A 254 -20.03 75.89 71.54
N ALA A 255 -20.09 77.05 72.19
CA ALA A 255 -21.24 77.37 73.04
C ALA A 255 -22.52 77.51 72.21
N PHE A 256 -22.39 78.08 71.02
CA PHE A 256 -23.53 78.28 70.12
C PHE A 256 -24.03 76.98 69.49
N VAL A 257 -23.12 76.14 69.04
CA VAL A 257 -23.51 74.91 68.37
C VAL A 257 -24.32 74.01 69.30
N ARG A 258 -23.91 73.97 70.57
CA ARG A 258 -24.55 73.10 71.55
C ARG A 258 -25.94 73.57 71.96
N ARG A 259 -26.08 74.87 72.19
CA ARG A 259 -27.35 75.45 72.59
C ARG A 259 -27.57 76.74 71.83
N PRO A 260 -28.03 76.66 70.57
CA PRO A 260 -28.17 77.87 69.75
C PRO A 260 -29.10 78.90 70.36
N GLU A 261 -29.93 78.46 71.32
CA GLU A 261 -30.83 79.38 72.01
C GLU A 261 -30.06 80.48 72.77
N ARG A 262 -28.81 80.19 73.12
CA ARG A 262 -27.96 81.17 73.80
C ARG A 262 -27.77 82.43 72.96
N TRP A 263 -27.56 82.25 71.66
CA TRP A 263 -27.36 83.37 70.74
C TRP A 263 -28.63 84.23 70.61
N ILE A 264 -29.77 83.58 70.39
CA ILE A 264 -31.04 84.26 70.25
C ILE A 264 -31.43 85.01 71.52
N ARG A 265 -31.13 84.40 72.66
CA ARG A 265 -31.42 85.02 73.94
C ARG A 265 -30.61 86.31 74.09
N GLU A 266 -29.36 86.28 73.60
CA GLU A 266 -28.50 87.45 73.59
C GLU A 266 -28.95 88.48 72.54
N LEU A 267 -29.56 87.99 71.47
CA LEU A 267 -30.14 88.85 70.44
C LEU A 267 -31.43 89.46 70.93
N ALA A 268 -32.15 88.71 71.75
CA ALA A 268 -33.45 89.13 72.24
C ALA A 268 -33.33 90.36 73.12
N ARG A 269 -34.39 91.14 73.21
CA ARG A 269 -34.35 92.36 73.99
C ARG A 269 -33.99 92.05 75.43
N LYS A 270 -32.90 92.66 75.88
CA LYS A 270 -32.53 92.62 77.30
C LYS A 270 -33.38 93.65 77.99
N GLU A 271 -33.54 93.54 79.30
CA GLU A 271 -34.44 94.44 79.99
C GLU A 271 -33.85 95.83 80.13
N GLY A 272 -34.56 96.81 79.57
CA GLY A 272 -34.24 98.21 79.72
C GLY A 272 -33.12 98.79 78.86
N ASP A 273 -32.88 98.26 77.67
CA ASP A 273 -31.83 98.82 76.81
C ASP A 273 -32.39 99.88 75.86
N THR A 274 -31.49 100.64 75.23
CA THR A 274 -31.89 101.70 74.32
C THR A 274 -32.19 101.26 72.89
N GLY A 275 -31.31 100.42 72.34
CA GLY A 275 -31.35 100.07 70.94
C GLY A 275 -31.50 98.60 70.62
N GLY A 276 -31.34 98.29 69.33
CA GLY A 276 -31.46 96.94 68.83
C GLY A 276 -30.13 96.22 68.86
N THR A 277 -30.15 94.93 68.61
CA THR A 277 -28.93 94.13 68.64
C THR A 277 -28.37 93.93 67.23
N ILE A 278 -27.04 93.93 67.12
CA ILE A 278 -26.38 93.70 65.84
C ILE A 278 -25.47 92.49 65.98
N SER A 279 -25.48 91.65 64.96
CA SER A 279 -24.66 90.44 64.96
C SER A 279 -24.40 89.99 63.53
N VAL A 280 -23.70 88.88 63.39
CA VAL A 280 -23.41 88.29 62.09
C VAL A 280 -23.25 86.79 62.26
N ALA A 281 -23.46 86.04 61.18
CA ALA A 281 -23.37 84.59 61.24
C ALA A 281 -23.53 84.02 59.84
N PRO A 282 -22.96 82.83 59.60
CA PRO A 282 -23.11 82.21 58.28
C PRO A 282 -24.52 81.68 58.06
N ASN A 283 -24.85 81.42 56.80
CA ASN A 283 -26.19 80.94 56.42
C ASN A 283 -26.61 79.66 57.13
N PHE A 284 -25.67 78.74 57.31
CA PHE A 284 -26.01 77.46 57.92
C PHE A 284 -26.36 77.63 59.40
N ALA A 285 -25.89 78.73 60.00
CA ALA A 285 -26.16 78.96 61.41
C ALA A 285 -27.62 79.30 61.63
N PHE A 286 -28.22 79.99 60.66
CA PHE A 286 -29.63 80.36 60.76
C PHE A 286 -30.50 79.11 60.75
N ASP A 287 -30.14 78.16 59.91
CA ASP A 287 -30.86 76.89 59.86
C ASP A 287 -30.67 76.18 61.19
N HIS A 288 -29.46 76.30 61.75
CA HIS A 288 -29.15 75.66 63.02
C HIS A 288 -30.00 76.25 64.13
N ALA A 289 -30.08 77.58 64.13
CA ALA A 289 -30.84 78.30 65.13
C ALA A 289 -32.33 78.08 64.96
N ALA A 290 -32.75 77.64 63.77
CA ALA A 290 -34.16 77.43 63.52
C ALA A 290 -34.68 76.16 64.19
N ALA A 291 -33.94 75.06 64.03
CA ALA A 291 -34.38 73.80 64.60
C ALA A 291 -34.17 73.70 66.11
N ARG A 292 -32.94 73.90 66.55
CA ARG A 292 -32.58 73.68 67.95
C ARG A 292 -32.54 74.96 68.79
N GLY A 293 -32.75 76.11 68.16
CA GLY A 293 -32.58 77.38 68.85
C GLY A 293 -33.89 77.98 69.32
N VAL A 294 -35.00 77.33 68.99
CA VAL A 294 -36.30 77.79 69.45
C VAL A 294 -36.42 77.43 70.93
N PRO A 295 -36.86 78.38 71.77
CA PRO A 295 -36.89 78.10 73.21
C PRO A 295 -37.93 77.04 73.57
N LYS A 296 -37.67 76.30 74.64
CA LYS A 296 -38.64 75.32 75.14
C LYS A 296 -39.82 76.06 75.74
N PRO A 297 -40.95 75.36 75.94
CA PRO A 297 -42.18 76.02 76.43
C PRO A 297 -42.10 76.54 77.86
N GLY A 298 -41.21 75.97 78.68
CA GLY A 298 -41.10 76.37 80.08
C GLY A 298 -40.08 77.48 80.31
N SER A 299 -39.64 78.11 79.23
CA SER A 299 -38.65 79.18 79.32
C SER A 299 -39.37 80.51 79.38
N PRO A 300 -38.70 81.54 79.90
CA PRO A 300 -39.33 82.86 79.97
C PRO A 300 -39.61 83.42 78.57
N PRO A 301 -40.48 84.43 78.48
CA PRO A 301 -40.88 85.00 77.18
C PRO A 301 -39.69 85.51 76.37
N LEU A 302 -39.79 85.38 75.05
CA LEU A 302 -38.73 85.82 74.15
C LEU A 302 -39.20 86.90 73.20
N ASP A 303 -38.64 88.10 73.32
CA ASP A 303 -39.00 89.22 72.46
C ASP A 303 -37.85 89.59 71.53
N LEU A 304 -38.02 89.28 70.26
CA LEU A 304 -37.01 89.52 69.26
C LEU A 304 -37.25 90.80 68.45
N SER A 305 -38.29 91.55 68.80
CA SER A 305 -38.68 92.71 68.01
C SER A 305 -37.62 93.80 67.92
N ASN A 306 -36.70 93.81 68.86
CA ASN A 306 -35.73 94.90 68.93
C ASN A 306 -34.57 94.75 67.96
N VAL A 307 -34.38 93.55 67.43
CA VAL A 307 -33.21 93.27 66.61
C VAL A 307 -33.14 94.23 65.43
N LYS A 308 -32.00 94.89 65.28
CA LYS A 308 -31.81 95.88 64.20
C LYS A 308 -31.33 95.18 62.93
N ALA A 309 -30.15 94.59 63.00
CA ALA A 309 -29.57 93.90 61.86
C ALA A 309 -28.80 92.65 62.27
N VAL A 310 -29.08 91.54 61.59
CA VAL A 310 -28.26 90.34 61.72
C VAL A 310 -27.73 90.00 60.34
N LEU A 311 -26.42 90.16 60.16
CA LEU A 311 -25.85 89.98 58.84
C LEU A 311 -25.59 88.51 58.55
N ASN A 312 -25.86 88.13 57.32
CA ASN A 312 -25.68 86.76 56.87
C ASN A 312 -24.64 86.78 55.75
N GLY A 313 -23.50 86.16 55.97
CA GLY A 313 -22.43 86.18 54.98
C GLY A 313 -21.42 85.06 55.10
N SER A 314 -20.37 85.15 54.26
CA SER A 314 -19.25 84.21 54.21
C SER A 314 -19.59 82.92 53.46
N GLU A 315 -20.88 82.66 53.25
CA GLU A 315 -21.32 81.53 52.44
C GLU A 315 -22.59 81.89 51.66
N PRO A 316 -22.87 81.17 50.57
CA PRO A 316 -24.09 81.42 49.79
C PRO A 316 -25.35 81.25 50.63
N ILE A 317 -26.21 82.26 50.61
CA ILE A 317 -27.44 82.28 51.41
C ILE A 317 -28.65 81.66 50.69
N SER A 318 -29.32 80.71 51.34
CA SER A 318 -30.49 80.05 50.76
C SER A 318 -31.78 80.73 51.16
N ALA A 319 -32.64 80.98 50.19
CA ALA A 319 -33.93 81.60 50.44
C ALA A 319 -34.72 80.75 51.38
N ALA A 320 -34.43 79.45 51.37
CA ALA A 320 -35.11 78.52 52.24
C ALA A 320 -34.74 78.83 53.68
N THR A 321 -33.45 79.08 53.91
CA THR A 321 -32.97 79.37 55.25
C THR A 321 -33.60 80.64 55.78
N VAL A 322 -33.83 81.61 54.89
CA VAL A 322 -34.43 82.86 55.31
C VAL A 322 -35.89 82.64 55.67
N ARG A 323 -36.58 81.87 54.83
CA ARG A 323 -37.99 81.60 55.06
C ARG A 323 -38.17 80.75 56.29
N ARG A 324 -37.31 79.75 56.45
CA ARG A 324 -37.38 78.87 57.59
C ARG A 324 -37.15 79.64 58.89
N PHE A 325 -36.14 80.51 58.89
CA PHE A 325 -35.76 81.27 60.08
C PHE A 325 -36.83 82.26 60.53
N ASN A 326 -37.34 83.05 59.59
CA ASN A 326 -38.39 84.01 59.91
C ASN A 326 -39.65 83.29 60.36
N GLU A 327 -39.90 82.11 59.79
CA GLU A 327 -41.05 81.30 60.15
C GLU A 327 -40.92 80.85 61.59
N ALA A 328 -39.68 80.56 61.97
CA ALA A 328 -39.39 80.07 63.31
C ALA A 328 -39.41 81.16 64.38
N PHE A 329 -38.68 82.25 64.17
CA PHE A 329 -38.57 83.30 65.17
C PHE A 329 -39.48 84.50 64.95
N GLY A 330 -40.23 84.48 63.85
CA GLY A 330 -41.19 85.53 63.56
C GLY A 330 -42.21 85.72 64.67
N PRO A 331 -42.79 84.60 65.14
CA PRO A 331 -43.82 84.64 66.19
C PRO A 331 -43.30 85.25 67.48
N PHE A 332 -41.99 85.31 67.63
CA PHE A 332 -41.39 85.91 68.81
C PHE A 332 -41.14 87.40 68.56
N GLY A 333 -41.57 87.89 67.41
CA GLY A 333 -41.51 89.30 67.09
C GLY A 333 -40.36 89.68 66.20
N PHE A 334 -39.61 88.69 65.75
CA PHE A 334 -38.46 88.94 64.90
C PHE A 334 -38.86 89.58 63.56
N PRO A 335 -38.32 90.79 63.25
CA PRO A 335 -38.68 91.45 61.99
C PRO A 335 -38.08 90.78 60.76
N PRO A 336 -38.80 90.78 59.63
CA PRO A 336 -38.24 90.17 58.41
C PRO A 336 -37.11 90.98 57.81
N LYS A 337 -37.07 92.27 58.14
CA LYS A 337 -36.06 93.18 57.61
C LYS A 337 -34.78 93.11 58.45
N ALA A 338 -34.78 92.23 59.45
CA ALA A 338 -33.67 92.08 60.37
C ALA A 338 -32.51 91.33 59.72
N ILE A 339 -32.84 90.35 58.87
CA ILE A 339 -31.82 89.55 58.20
C ILE A 339 -31.17 90.37 57.09
N LYS A 340 -29.85 90.53 57.19
CA LYS A 340 -29.11 91.39 56.28
C LYS A 340 -28.03 90.62 55.53
N PRO A 341 -28.41 90.04 54.38
CA PRO A 341 -27.42 89.37 53.53
C PRO A 341 -26.23 90.24 53.20
N SER A 342 -25.01 89.72 53.33
CA SER A 342 -23.81 90.52 53.09
C SER A 342 -22.74 89.70 52.39
N TYR A 343 -21.88 90.38 51.62
CA TYR A 343 -20.77 89.72 50.94
C TYR A 343 -19.43 90.36 51.29
N GLY A 344 -18.38 89.55 51.40
CA GLY A 344 -17.06 90.06 51.70
C GLY A 344 -15.99 88.98 51.70
N LEU A 345 -14.73 89.39 51.72
CA LEU A 345 -13.61 88.44 51.77
C LEU A 345 -12.45 89.02 52.57
N ALA A 346 -11.42 88.20 52.79
CA ALA A 346 -10.25 88.60 53.57
C ALA A 346 -9.35 89.57 52.82
N GLU A 347 -9.44 89.56 51.49
CA GLU A 347 -8.66 90.47 50.68
C GLU A 347 -9.19 91.91 50.87
N ALA A 348 -10.44 92.05 51.29
CA ALA A 348 -11.00 93.35 51.68
C ALA A 348 -10.89 93.54 53.20
N THR A 349 -10.21 92.58 53.82
CA THR A 349 -10.02 92.37 55.27
C THR A 349 -11.29 91.90 55.96
N LEU A 350 -12.44 92.47 55.60
CA LEU A 350 -13.71 91.77 55.76
C LEU A 350 -14.72 92.14 54.67
N PHE A 351 -15.16 93.39 54.78
CA PHE A 351 -16.43 93.87 54.23
C PHE A 351 -16.37 94.53 52.85
N VAL A 352 -17.28 94.08 51.99
CA VAL A 352 -17.41 94.62 50.63
C VAL A 352 -18.79 95.26 50.42
N SER A 353 -19.85 94.47 50.57
CA SER A 353 -21.22 94.97 50.40
C SER A 353 -22.16 94.36 51.43
N THR A 354 -23.24 95.07 51.72
CA THR A 354 -24.27 94.57 52.63
C THR A 354 -25.63 95.17 52.26
N THR A 355 -26.71 94.52 52.68
CA THR A 355 -28.05 95.02 52.38
C THR A 355 -28.24 96.30 53.20
N PRO A 356 -28.77 97.37 52.57
CA PRO A 356 -28.95 98.64 53.29
C PRO A 356 -29.76 98.45 54.58
N SER A 357 -29.54 99.30 55.57
CA SER A 357 -30.09 99.04 56.91
C SER A 357 -31.60 99.15 56.98
N ALA A 358 -32.19 100.09 56.23
CA ALA A 358 -33.64 100.14 56.12
C ALA A 358 -34.00 99.51 54.78
N GLU A 359 -34.41 98.26 54.82
CA GLU A 359 -34.74 97.50 53.61
C GLU A 359 -35.04 96.06 54.02
N GLU A 360 -35.81 95.34 53.20
CA GLU A 360 -36.03 93.92 53.45
C GLU A 360 -34.99 93.16 52.64
N PRO A 361 -34.58 91.98 53.10
CA PRO A 361 -33.67 91.21 52.26
C PRO A 361 -34.33 90.90 50.92
N LYS A 362 -33.61 91.16 49.82
CA LYS A 362 -34.12 90.90 48.49
C LYS A 362 -33.69 89.52 47.99
N ILE A 363 -34.67 88.65 47.75
CA ILE A 363 -34.42 87.33 47.19
C ILE A 363 -35.17 87.26 45.87
N ILE A 364 -34.47 86.87 44.80
CA ILE A 364 -35.06 86.80 43.48
C ILE A 364 -35.09 85.34 42.99
N THR A 365 -35.74 85.09 41.86
CA THR A 365 -35.72 83.77 41.22
C THR A 365 -35.45 83.94 39.72
N VAL A 366 -34.42 83.27 39.22
CA VAL A 366 -33.96 83.47 37.84
C VAL A 366 -33.96 82.18 37.02
N ASP A 367 -34.04 82.31 35.70
CA ASP A 367 -34.02 81.17 34.81
C ASP A 367 -32.70 80.41 34.90
N ARG A 368 -32.82 79.10 35.16
CA ARG A 368 -31.68 78.22 35.41
C ARG A 368 -30.73 78.06 34.23
N ASP A 369 -31.30 77.82 33.04
CA ASP A 369 -30.51 77.56 31.85
C ASP A 369 -29.76 78.81 31.40
N GLN A 370 -30.37 79.96 31.59
CA GLN A 370 -29.78 81.23 31.19
C GLN A 370 -28.71 81.66 32.19
N LEU A 371 -28.90 81.24 33.44
CA LEU A 371 -27.94 81.51 34.51
C LEU A 371 -26.65 80.76 34.19
N ASN A 372 -26.80 79.56 33.68
CA ASN A 372 -25.67 78.72 33.29
C ASN A 372 -25.01 79.25 32.02
N SER A 373 -25.75 80.07 31.27
CA SER A 373 -25.24 80.76 30.09
C SER A 373 -24.58 82.10 30.44
N GLY A 374 -24.90 82.63 31.63
CA GLY A 374 -24.31 83.86 32.13
C GLY A 374 -25.28 85.01 32.34
N ARG A 375 -26.48 84.91 31.77
CA ARG A 375 -27.53 85.92 31.95
C ARG A 375 -28.33 85.81 33.24
N ILE A 376 -28.65 86.96 33.83
CA ILE A 376 -29.56 87.02 34.98
C ILE A 376 -30.93 87.49 34.52
N VAL A 377 -31.91 86.59 34.46
CA VAL A 377 -33.27 86.95 34.03
C VAL A 377 -34.34 86.37 34.95
N GLU A 378 -35.13 87.24 35.56
CA GLU A 378 -36.13 86.79 36.53
C GLU A 378 -37.18 85.91 35.89
N VAL A 379 -37.65 84.94 36.66
CA VAL A 379 -38.76 84.08 36.25
C VAL A 379 -39.63 83.85 37.48
N ASP A 380 -40.85 83.34 37.30
CA ASP A 380 -41.73 83.05 38.43
C ASP A 380 -41.14 81.95 39.30
N ALA A 381 -41.38 82.01 40.60
CA ALA A 381 -40.77 81.09 41.53
C ALA A 381 -41.26 79.64 41.33
N ASP A 382 -42.51 79.46 40.92
CA ASP A 382 -43.06 78.12 40.73
C ASP A 382 -42.59 77.45 39.43
N SER A 383 -41.95 78.22 38.55
CA SER A 383 -41.44 77.70 37.27
C SER A 383 -40.46 76.54 37.45
N PRO A 384 -40.51 75.55 36.53
CA PRO A 384 -39.61 74.40 36.70
C PRO A 384 -38.14 74.77 36.59
N LYS A 385 -37.77 75.74 35.75
CA LYS A 385 -36.39 76.20 35.76
C LYS A 385 -36.33 77.52 36.50
N ALA A 386 -36.15 77.45 37.80
CA ALA A 386 -35.99 78.62 38.63
C ALA A 386 -34.95 78.33 39.70
N VAL A 387 -34.04 79.25 39.90
CA VAL A 387 -33.06 79.13 40.98
C VAL A 387 -33.11 80.41 41.80
N ALA A 388 -33.29 80.25 43.10
CA ALA A 388 -33.38 81.40 43.99
C ALA A 388 -32.04 82.08 44.06
N GLN A 389 -32.07 83.42 44.09
CA GLN A 389 -30.86 84.21 44.23
C GLN A 389 -31.11 85.35 45.21
N ALA A 390 -30.28 85.40 46.25
CA ALA A 390 -30.40 86.43 47.28
C ALA A 390 -29.33 87.50 47.14
N SER A 391 -29.77 88.76 47.09
CA SER A 391 -28.87 89.88 46.93
C SER A 391 -27.94 90.09 48.12
N ALA A 392 -26.73 90.55 47.82
CA ALA A 392 -25.78 90.96 48.83
C ALA A 392 -25.89 92.47 49.08
N GLY A 393 -26.84 93.11 48.39
CA GLY A 393 -27.12 94.51 48.62
C GLY A 393 -26.22 95.44 47.83
N LYS A 394 -25.96 96.60 48.42
CA LYS A 394 -25.19 97.66 47.77
C LYS A 394 -23.75 97.68 48.29
N VAL A 395 -22.79 98.02 47.43
CA VAL A 395 -21.37 98.03 47.79
C VAL A 395 -21.08 99.06 48.89
N GLY A 396 -20.12 98.77 49.75
CA GLY A 396 -19.80 99.64 50.86
C GLY A 396 -19.22 100.96 50.40
N ILE A 397 -19.05 101.89 51.32
CA ILE A 397 -18.56 103.22 50.98
C ILE A 397 -17.09 103.22 50.56
N ALA A 398 -16.78 104.05 49.58
CA ALA A 398 -15.40 104.28 49.14
C ALA A 398 -14.67 103.02 48.69
N GLU A 399 -15.44 102.02 48.24
CA GLU A 399 -14.86 100.82 47.66
C GLU A 399 -15.73 100.44 46.46
N TRP A 400 -15.13 99.76 45.49
CA TRP A 400 -15.83 99.45 44.24
C TRP A 400 -15.74 97.99 43.83
N ALA A 401 -16.86 97.49 43.33
CA ALA A 401 -16.96 96.14 42.79
C ALA A 401 -17.50 96.19 41.37
N VAL A 402 -16.82 95.51 40.47
CA VAL A 402 -17.21 95.47 39.06
C VAL A 402 -17.23 94.05 38.54
N ILE A 403 -18.10 93.82 37.55
CA ILE A 403 -18.19 92.53 36.89
C ILE A 403 -17.37 92.59 35.61
N VAL A 404 -16.40 91.70 35.50
CA VAL A 404 -15.37 91.80 34.46
C VAL A 404 -15.30 90.53 33.65
N ASP A 405 -14.78 90.64 32.44
CA ASP A 405 -14.42 89.46 31.66
C ASP A 405 -12.95 89.14 31.97
N ALA A 406 -12.76 88.13 32.81
CA ALA A 406 -11.43 87.76 33.31
C ALA A 406 -10.35 87.77 32.25
N GLU A 407 -10.68 87.27 31.07
CA GLU A 407 -9.73 87.15 29.97
C GLU A 407 -9.45 88.52 29.32
N SER A 408 -10.51 89.29 29.11
CA SER A 408 -10.40 90.60 28.45
C SER A 408 -10.22 91.80 29.39
N ALA A 409 -10.40 91.58 30.69
CA ALA A 409 -10.29 92.65 31.68
C ALA A 409 -11.14 93.89 31.36
N THR A 410 -12.34 93.65 30.82
CA THR A 410 -13.26 94.73 30.46
C THR A 410 -14.54 94.61 31.30
N GLU A 411 -15.05 95.75 31.75
CA GLU A 411 -16.25 95.74 32.59
C GLU A 411 -17.48 95.31 31.79
N LEU A 412 -18.24 94.37 32.35
CA LEU A 412 -19.45 93.85 31.72
C LEU A 412 -20.70 94.63 32.10
N PRO A 413 -21.73 94.58 31.25
CA PRO A 413 -22.98 95.26 31.58
C PRO A 413 -23.73 94.56 32.69
N ASP A 414 -24.61 95.31 33.34
CA ASP A 414 -25.43 94.79 34.42
C ASP A 414 -26.31 93.65 33.92
N GLY A 415 -26.46 92.61 34.74
CA GLY A 415 -27.33 91.50 34.40
C GLY A 415 -26.61 90.28 33.87
N GLN A 416 -25.39 90.49 33.36
CA GLN A 416 -24.55 89.40 32.86
C GLN A 416 -23.48 89.03 33.88
N VAL A 417 -23.23 87.73 34.01
CA VAL A 417 -22.33 87.20 35.04
C VAL A 417 -20.88 87.22 34.59
N GLY A 418 -20.00 87.57 35.51
CA GLY A 418 -18.57 87.55 35.27
C GLY A 418 -17.82 87.45 36.58
N GLU A 419 -16.50 87.52 36.51
CA GLU A 419 -15.70 87.49 37.71
C GLU A 419 -15.80 88.84 38.42
N ILE A 420 -15.95 88.80 39.74
CA ILE A 420 -16.02 90.02 40.54
C ILE A 420 -14.60 90.52 40.78
N TRP A 421 -14.36 91.79 40.46
CA TRP A 421 -13.12 92.46 40.82
C TRP A 421 -13.43 93.53 41.86
N ILE A 422 -12.53 93.72 42.81
CA ILE A 422 -12.73 94.69 43.88
C ILE A 422 -11.54 95.63 43.98
N SER A 423 -11.81 96.88 44.35
CA SER A 423 -10.75 97.87 44.54
C SER A 423 -11.13 98.81 45.66
N GLY A 424 -10.15 99.21 46.45
CA GLY A 424 -10.40 100.11 47.56
C GLY A 424 -9.23 100.21 48.52
N GLN A 425 -9.30 101.18 49.41
CA GLN A 425 -8.21 101.41 50.36
C GLN A 425 -8.18 100.34 51.44
N ASN A 426 -9.24 99.54 51.51
CA ASN A 426 -9.33 98.46 52.47
C ASN A 426 -8.70 97.18 51.95
N MET A 427 -8.30 97.18 50.69
CA MET A 427 -7.76 95.98 50.06
C MET A 427 -6.35 95.67 50.54
N GLY A 428 -6.07 94.39 50.77
CA GLY A 428 -4.78 93.99 51.27
C GLY A 428 -3.68 94.25 50.26
N THR A 429 -2.44 94.20 50.72
CA THR A 429 -1.31 94.53 49.85
C THR A 429 -0.72 93.29 49.17
N GLY A 430 -1.24 92.11 49.48
CA GLY A 430 -0.75 90.88 48.88
C GLY A 430 -0.78 89.70 49.84
N TYR A 431 -0.23 88.57 49.40
CA TYR A 431 -0.11 87.40 50.25
C TYR A 431 1.30 87.30 50.84
N TRP A 432 1.40 86.94 52.12
CA TRP A 432 2.71 86.88 52.77
C TRP A 432 3.58 85.77 52.18
N GLY A 433 4.77 86.16 51.73
CA GLY A 433 5.76 85.23 51.23
C GLY A 433 5.41 84.59 49.89
N LYS A 434 4.34 85.06 49.26
CA LYS A 434 3.95 84.54 47.95
C LYS A 434 3.91 85.70 46.96
N PRO A 435 5.08 86.11 46.45
CA PRO A 435 5.17 87.31 45.59
C PRO A 435 4.44 87.18 44.25
N GLU A 436 4.60 86.05 43.56
CA GLU A 436 4.04 85.91 42.22
C GLU A 436 2.51 85.93 42.26
N GLU A 437 1.94 85.10 43.13
CA GLU A 437 0.50 85.03 43.27
C GLU A 437 -0.07 86.36 43.73
N SER A 438 0.70 87.07 44.55
CA SER A 438 0.24 88.35 45.07
C SER A 438 0.00 89.34 43.95
N VAL A 439 0.94 89.41 43.00
CA VAL A 439 0.83 90.35 41.91
C VAL A 439 -0.35 90.01 41.02
N ALA A 440 -0.52 88.73 40.72
CA ALA A 440 -1.57 88.32 39.80
C ALA A 440 -2.94 88.61 40.39
N THR A 441 -3.09 88.38 41.69
CA THR A 441 -4.35 88.59 42.35
C THR A 441 -4.64 90.06 42.71
N PHE A 442 -3.68 90.72 43.37
CA PHE A 442 -3.94 92.04 43.93
C PHE A 442 -3.64 93.20 43.00
N GLN A 443 -2.87 92.95 41.95
CA GLN A 443 -2.58 94.00 40.98
C GLN A 443 -3.18 93.68 39.62
N ASN A 444 -4.28 94.35 39.33
CA ASN A 444 -4.96 94.25 38.05
C ASN A 444 -5.60 95.58 37.76
N ILE A 445 -5.52 96.01 36.52
CA ILE A 445 -6.15 97.26 36.15
C ILE A 445 -7.32 96.93 35.23
N LEU A 446 -8.39 97.70 35.38
CA LEU A 446 -9.59 97.50 34.59
C LEU A 446 -9.39 98.28 33.31
N LYS A 447 -9.32 97.56 32.19
CA LYS A 447 -8.91 98.13 30.91
C LYS A 447 -10.03 98.90 30.25
N SER A 448 -11.27 98.51 30.51
CA SER A 448 -12.41 99.18 29.91
C SER A 448 -13.59 99.26 30.86
N ARG A 449 -14.29 100.38 30.80
CA ARG A 449 -15.45 100.64 31.64
C ARG A 449 -16.69 100.55 30.76
N THR A 450 -17.86 100.64 31.38
CA THR A 450 -19.14 100.57 30.66
C THR A 450 -20.12 101.64 31.12
N ASN A 451 -21.37 101.53 30.65
CA ASN A 451 -22.32 102.63 30.72
C ASN A 451 -22.52 103.28 32.09
N PRO A 452 -23.09 102.58 33.11
CA PRO A 452 -22.90 103.30 34.36
C PRO A 452 -21.72 102.79 35.19
N SER A 453 -20.63 102.35 34.57
CA SER A 453 -19.33 102.21 35.23
C SER A 453 -19.39 101.98 36.75
N HIS A 454 -19.69 100.78 37.24
CA HIS A 454 -19.71 100.56 38.70
C HIS A 454 -18.38 100.91 39.38
N ALA A 455 -17.36 101.25 38.58
CA ALA A 455 -16.08 101.72 39.09
C ALA A 455 -16.01 103.25 39.23
N GLU A 456 -17.12 103.94 38.97
CA GLU A 456 -17.15 105.41 39.04
C GLU A 456 -16.77 105.91 40.42
N GLY A 457 -15.85 106.87 40.45
CA GLY A 457 -15.36 107.44 41.71
C GLY A 457 -13.96 106.95 41.99
N ALA A 458 -13.55 105.91 41.27
CA ALA A 458 -12.21 105.35 41.44
C ALA A 458 -11.30 105.81 40.31
N THR A 459 -10.03 106.04 40.64
CA THR A 459 -9.06 106.52 39.68
C THR A 459 -8.87 105.53 38.53
N ASP A 460 -8.58 106.05 37.35
CA ASP A 460 -8.37 105.23 36.17
C ASP A 460 -7.13 104.38 36.38
N ASP A 461 -6.25 104.81 37.28
CA ASP A 461 -4.98 104.13 37.53
C ASP A 461 -4.98 103.15 38.72
N ALA A 462 -6.15 102.80 39.24
CA ALA A 462 -6.22 102.04 40.49
C ALA A 462 -6.16 100.53 40.29
N THR A 463 -5.60 99.84 41.28
CA THR A 463 -5.43 98.38 41.24
C THR A 463 -6.71 97.70 41.67
N TRP A 464 -7.04 96.62 41.00
CA TRP A 464 -8.22 95.83 41.33
C TRP A 464 -7.78 94.46 41.80
N VAL A 465 -8.52 93.91 42.76
CA VAL A 465 -8.21 92.59 43.31
C VAL A 465 -9.18 91.58 42.73
N ARG A 466 -8.65 90.50 42.16
CA ARG A 466 -9.49 89.44 41.63
C ARG A 466 -9.97 88.57 42.77
N THR A 467 -11.28 88.55 42.94
CA THR A 467 -11.88 87.92 44.10
C THR A 467 -11.95 86.40 43.89
N GLY A 468 -12.07 86.00 42.63
CA GLY A 468 -12.18 84.59 42.29
C GLY A 468 -13.61 84.07 42.35
N ASP A 469 -14.57 84.99 42.34
CA ASP A 469 -15.99 84.67 42.44
C ASP A 469 -16.73 85.16 41.22
N TYR A 470 -17.66 84.36 40.74
CA TYR A 470 -18.60 84.79 39.69
C TYR A 470 -19.74 85.54 40.34
N GLY A 471 -20.21 86.59 39.68
CA GLY A 471 -21.32 87.38 40.17
C GLY A 471 -21.89 88.26 39.09
N ALA A 472 -22.91 89.04 39.44
CA ALA A 472 -23.53 89.96 38.50
C ALA A 472 -24.27 91.07 39.25
N PHE A 473 -24.53 92.18 38.56
CA PHE A 473 -25.33 93.26 39.10
C PHE A 473 -26.73 93.18 38.50
N TYR A 474 -27.75 93.32 39.35
CA TYR A 474 -29.13 93.35 38.85
C TYR A 474 -29.97 94.40 39.62
N ASP A 475 -30.76 95.17 38.88
CA ASP A 475 -31.68 96.21 39.38
C ASP A 475 -31.19 96.93 40.65
N GLY A 476 -29.87 97.15 40.72
CA GLY A 476 -29.24 97.90 41.80
C GLY A 476 -28.60 97.10 42.93
N ASP A 477 -28.74 95.78 42.89
CA ASP A 477 -28.16 94.91 43.90
C ASP A 477 -27.08 93.98 43.33
N LEU A 478 -26.10 93.63 44.16
CA LEU A 478 -25.03 92.70 43.75
C LEU A 478 -25.37 91.27 44.12
N TYR A 479 -25.27 90.38 43.14
CA TYR A 479 -25.53 88.95 43.36
C TYR A 479 -24.28 88.11 43.17
N ILE A 480 -24.03 87.21 44.11
CA ILE A 480 -22.88 86.32 44.03
C ILE A 480 -23.36 84.93 43.65
N THR A 481 -22.97 84.49 42.45
CA THR A 481 -23.38 83.20 41.92
C THR A 481 -22.45 82.08 42.39
N GLY A 482 -21.36 82.44 43.06
CA GLY A 482 -20.42 81.44 43.56
C GLY A 482 -19.03 81.49 42.95
N ARG A 483 -18.21 80.49 43.28
CA ARG A 483 -16.81 80.50 42.89
C ARG A 483 -16.49 79.89 41.54
N VAL A 484 -15.52 80.51 40.86
CA VAL A 484 -15.10 80.07 39.55
C VAL A 484 -14.45 78.69 39.67
N LYS A 485 -13.72 78.49 40.76
CA LYS A 485 -12.98 77.25 41.01
C LYS A 485 -13.89 76.06 41.26
N ASP A 486 -15.08 76.32 41.78
CA ASP A 486 -16.02 75.25 42.12
C ASP A 486 -17.02 74.98 41.00
N LEU A 487 -16.94 75.74 39.91
CA LEU A 487 -17.89 75.59 38.81
C LEU A 487 -17.82 74.20 38.19
N VAL A 488 -18.99 73.61 37.94
CA VAL A 488 -19.07 72.24 37.44
C VAL A 488 -19.39 72.23 35.95
N ILE A 489 -18.35 72.13 35.12
CA ILE A 489 -18.55 71.98 33.69
C ILE A 489 -18.54 70.52 33.25
N ILE A 490 -19.66 70.03 32.70
CA ILE A 490 -19.75 68.65 32.21
C ILE A 490 -20.41 68.59 30.82
N ASP A 491 -19.69 68.05 29.84
CA ASP A 491 -20.18 67.83 28.48
C ASP A 491 -20.63 69.09 27.72
N GLY A 492 -20.12 70.25 28.12
CA GLY A 492 -20.37 71.49 27.40
C GLY A 492 -21.35 72.45 28.05
N ARG A 493 -22.14 71.94 28.99
CA ARG A 493 -23.06 72.78 29.74
C ARG A 493 -22.51 73.08 31.14
N ASN A 494 -22.73 74.31 31.60
CA ASN A 494 -22.28 74.76 32.92
C ASN A 494 -23.32 74.47 34.01
N HIS A 495 -22.83 74.17 35.21
CA HIS A 495 -23.68 73.96 36.38
C HIS A 495 -23.07 74.60 37.60
N TYR A 496 -23.89 75.29 38.38
CA TYR A 496 -23.43 75.84 39.65
C TYR A 496 -23.58 74.73 40.70
N PRO A 497 -22.50 74.45 41.46
CA PRO A 497 -22.53 73.29 42.35
C PRO A 497 -23.58 73.35 43.44
N GLN A 498 -23.92 74.54 43.93
CA GLN A 498 -24.88 74.64 45.04
C GLN A 498 -26.24 74.19 44.55
N ASP A 499 -26.51 74.46 43.28
CA ASP A 499 -27.78 74.12 42.67
C ASP A 499 -27.92 72.62 42.59
N LEU A 500 -26.87 71.94 42.18
CA LEU A 500 -26.91 70.50 42.08
C LEU A 500 -27.13 69.84 43.44
N GLU A 501 -26.38 70.26 44.46
CA GLU A 501 -26.49 69.62 45.76
C GLU A 501 -27.84 69.91 46.41
N TYR A 502 -28.43 71.05 46.08
CA TYR A 502 -29.77 71.36 46.59
C TYR A 502 -30.79 70.37 46.03
N SER A 503 -30.69 70.09 44.75
CA SER A 503 -31.57 69.12 44.10
C SER A 503 -31.30 67.71 44.63
N ALA A 504 -30.04 67.44 44.94
CA ALA A 504 -29.64 66.14 45.46
C ALA A 504 -30.15 65.86 46.85
N GLN A 505 -30.03 66.84 47.73
CA GLN A 505 -30.46 66.67 49.11
C GLN A 505 -31.98 66.60 49.20
N GLU A 506 -32.66 67.27 48.27
CA GLU A 506 -34.11 67.30 48.28
C GLU A 506 -34.64 66.02 47.65
N ALA A 507 -33.75 65.21 47.11
CA ALA A 507 -34.14 63.96 46.45
C ALA A 507 -34.40 62.89 47.49
N SER A 508 -33.52 62.82 48.49
CA SER A 508 -33.64 61.81 49.53
C SER A 508 -33.49 62.43 50.92
N LYS A 509 -34.32 61.98 51.84
CA LYS A 509 -34.33 62.52 53.19
C LYS A 509 -33.22 61.89 54.00
N ALA A 510 -32.49 60.98 53.38
CA ALA A 510 -31.40 60.28 54.05
C ALA A 510 -30.16 61.14 54.12
N ILE A 511 -30.16 62.21 53.33
CA ILE A 511 -29.03 63.10 53.21
C ILE A 511 -29.07 64.21 54.25
N ARG A 512 -28.06 64.24 55.12
CA ARG A 512 -27.95 65.32 56.10
C ARG A 512 -27.95 66.65 55.36
N THR A 513 -28.49 67.69 55.98
CA THR A 513 -28.81 68.89 55.21
C THR A 513 -27.63 69.85 55.21
N GLY A 514 -27.13 70.11 54.01
CA GLY A 514 -25.96 70.94 53.78
C GLY A 514 -24.71 70.14 54.08
N TYR A 515 -24.79 68.83 53.87
CA TYR A 515 -23.66 67.94 54.05
C TYR A 515 -23.11 67.47 52.70
N VAL A 516 -23.71 67.96 51.63
CA VAL A 516 -23.41 67.50 50.28
C VAL A 516 -22.38 68.34 49.54
N ALA A 517 -21.57 67.68 48.73
CA ALA A 517 -20.57 68.33 47.91
C ALA A 517 -20.62 67.80 46.48
N ALA A 518 -20.84 68.69 45.52
CA ALA A 518 -20.90 68.34 44.11
C ALA A 518 -19.68 68.82 43.33
N PHE A 519 -19.11 67.95 42.51
CA PHE A 519 -17.96 68.32 41.69
C PHE A 519 -17.83 67.43 40.44
N SER A 520 -16.80 67.70 39.64
CA SER A 520 -16.56 66.95 38.40
C SER A 520 -15.18 66.30 38.40
N VAL A 521 -15.11 65.09 37.88
CA VAL A 521 -13.84 64.36 37.77
C VAL A 521 -13.62 63.81 36.36
N PRO A 522 -12.36 63.85 35.88
CA PRO A 522 -12.07 63.28 34.57
C PRO A 522 -12.36 61.78 34.55
N ALA A 523 -13.14 61.34 33.57
CA ALA A 523 -13.57 59.94 33.42
C ALA A 523 -12.47 58.89 33.65
N ASN A 524 -11.25 59.17 33.18
CA ASN A 524 -10.16 58.21 33.34
C ASN A 524 -9.74 58.05 34.79
N GLN A 525 -10.01 59.08 35.58
CA GLN A 525 -9.67 59.10 37.01
C GLN A 525 -10.72 58.43 37.91
N LEU A 526 -11.95 58.33 37.42
CA LEU A 526 -13.04 57.69 38.18
C LEU A 526 -12.63 56.30 38.67
N PRO A 527 -13.08 55.91 39.88
CA PRO A 527 -12.65 54.61 40.42
C PRO A 527 -13.19 53.42 39.64
N ASP A 528 -12.48 52.30 39.71
CA ASP A 528 -12.83 51.09 38.96
C ASP A 528 -14.23 50.60 39.30
N GLU A 529 -14.64 50.87 40.54
CA GLU A 529 -15.95 50.47 41.02
C GLU A 529 -17.06 51.06 40.17
N VAL A 530 -16.87 52.29 39.71
CA VAL A 530 -17.89 53.02 38.95
C VAL A 530 -18.19 52.33 37.64
N PHE A 531 -17.15 51.86 36.96
CA PHE A 531 -17.32 51.20 35.67
C PHE A 531 -17.88 49.79 35.83
N GLU A 532 -17.61 49.17 36.98
CA GLU A 532 -18.14 47.83 37.25
C GLU A 532 -19.60 47.93 37.61
N ASN A 533 -20.01 49.09 38.10
CA ASN A 533 -21.40 49.36 38.40
C ASN A 533 -22.16 49.62 37.11
N ALA A 534 -23.28 48.92 36.93
CA ALA A 534 -24.05 49.01 35.70
C ALA A 534 -24.81 50.34 35.62
N HIS A 535 -25.36 50.75 36.76
CA HIS A 535 -26.28 51.88 36.86
C HIS A 535 -25.62 53.24 36.63
N SER A 536 -24.29 53.25 36.47
CA SER A 536 -23.55 54.49 36.23
C SER A 536 -23.93 55.03 34.85
N GLY A 537 -23.50 54.34 33.80
CA GLY A 537 -23.85 54.72 32.45
C GLY A 537 -22.64 55.19 31.66
N ILE A 538 -21.47 54.95 32.22
CA ILE A 538 -20.21 55.28 31.57
C ILE A 538 -19.33 54.03 31.69
N LYS A 539 -18.53 53.77 30.66
CA LYS A 539 -17.65 52.60 30.63
C LYS A 539 -16.19 53.04 30.58
N ARG A 540 -15.26 52.13 30.86
CA ARG A 540 -13.89 52.53 31.12
C ARG A 540 -13.01 52.58 29.87
N ASP A 541 -12.67 53.81 29.48
CA ASP A 541 -11.70 54.10 28.42
C ASP A 541 -10.58 54.93 29.07
N PRO A 542 -9.34 54.41 29.10
CA PRO A 542 -8.24 55.13 29.74
C PRO A 542 -7.85 56.42 29.00
N ASP A 543 -8.31 56.56 27.76
CA ASP A 543 -7.98 57.72 26.95
C ASP A 543 -9.04 58.82 27.08
N ASP A 544 -10.03 58.61 27.94
CA ASP A 544 -11.12 59.58 28.13
C ASP A 544 -10.83 60.56 29.27
N THR A 545 -10.62 61.82 28.88
CA THR A 545 -10.26 62.89 29.80
C THR A 545 -11.46 63.73 30.21
N SER A 546 -12.66 63.24 29.99
CA SER A 546 -13.85 64.08 30.09
C SER A 546 -14.37 64.16 31.51
N GLU A 547 -14.74 65.37 31.92
CA GLU A 547 -15.24 65.62 33.28
C GLU A 547 -16.57 64.92 33.50
N GLN A 548 -16.68 64.24 34.64
CA GLN A 548 -17.88 63.51 35.00
C GLN A 548 -18.33 63.90 36.40
N LEU A 549 -19.64 64.04 36.57
CA LEU A 549 -20.21 64.52 37.83
C LEU A 549 -20.11 63.50 38.95
N VAL A 550 -19.61 63.95 40.10
CA VAL A 550 -19.60 63.15 41.30
C VAL A 550 -20.30 63.93 42.41
N ILE A 551 -21.09 63.22 43.22
CA ILE A 551 -21.80 63.83 44.33
C ILE A 551 -21.53 63.04 45.63
N VAL A 552 -21.02 63.74 46.64
CA VAL A 552 -20.73 63.13 47.95
C VAL A 552 -21.62 63.71 49.03
N ALA A 553 -22.18 62.85 49.88
CA ALA A 553 -23.13 63.31 50.90
C ALA A 553 -23.06 62.50 52.19
N GLU A 554 -23.21 63.20 53.32
CA GLU A 554 -23.21 62.55 54.62
C GLU A 554 -24.57 61.94 54.94
N ARG A 555 -24.57 60.94 55.82
CA ARG A 555 -25.77 60.18 56.16
C ARG A 555 -26.30 60.57 57.54
N ALA A 556 -27.40 61.33 57.55
CA ALA A 556 -28.02 61.83 58.77
C ALA A 556 -28.34 60.73 59.78
N PRO A 557 -28.43 61.08 61.08
CA PRO A 557 -28.75 60.09 62.11
C PRO A 557 -30.21 59.63 62.04
N ASP A 563 -29.39 51.31 52.94
CA ASP A 563 -29.63 50.84 51.58
C ASP A 563 -29.26 51.92 50.57
N ILE A 564 -28.03 51.83 50.07
CA ILE A 564 -27.51 52.82 49.13
C ILE A 564 -28.26 52.79 47.80
N GLY A 565 -28.57 51.58 47.31
CA GLY A 565 -29.19 51.39 46.01
C GLY A 565 -30.37 52.28 45.65
N PRO A 566 -31.41 52.33 46.50
CA PRO A 566 -32.53 53.23 46.19
C PRO A 566 -32.19 54.71 46.35
N ILE A 567 -31.40 55.04 47.38
CA ILE A 567 -31.02 56.41 47.65
C ILE A 567 -30.24 57.03 46.50
N THR A 568 -29.30 56.26 45.95
CA THR A 568 -28.48 56.72 44.84
C THR A 568 -29.33 56.91 43.58
N ASP A 569 -30.30 56.03 43.37
CA ASP A 569 -31.15 56.11 42.18
C ASP A 569 -32.09 57.32 42.22
N ASP A 570 -32.60 57.64 43.40
CA ASP A 570 -33.48 58.79 43.54
C ASP A 570 -32.70 60.04 43.21
N ILE A 571 -31.48 60.11 43.71
CA ILE A 571 -30.61 61.25 43.46
C ILE A 571 -30.26 61.32 42.00
N ARG A 572 -29.92 60.16 41.43
CA ARG A 572 -29.54 60.09 40.03
C ARG A 572 -30.69 60.61 39.17
N ALA A 573 -31.90 60.18 39.51
CA ALA A 573 -33.09 60.52 38.74
C ALA A 573 -33.43 61.99 38.86
N ALA A 574 -33.43 62.52 40.07
CA ALA A 574 -33.86 63.89 40.32
C ALA A 574 -32.93 64.90 39.65
N ILE A 575 -31.63 64.67 39.70
CA ILE A 575 -30.67 65.58 39.08
C ILE A 575 -30.74 65.45 37.57
N ALA A 576 -30.92 64.23 37.09
CA ALA A 576 -31.01 63.96 35.67
C ALA A 576 -32.18 64.69 35.05
N VAL A 577 -33.28 64.76 35.79
CA VAL A 577 -34.50 65.38 35.28
C VAL A 577 -34.48 66.92 35.32
N ARG A 578 -33.96 67.49 36.41
CA ARG A 578 -33.95 68.95 36.63
C ARG A 578 -32.83 69.68 35.89
N HIS A 579 -31.77 68.94 35.60
CA HIS A 579 -30.52 69.54 35.13
C HIS A 579 -30.19 69.01 33.74
N GLY A 580 -30.12 67.69 33.61
CA GLY A 580 -29.76 67.08 32.35
C GLY A 580 -28.38 66.48 32.34
N VAL A 581 -27.84 66.28 33.53
CA VAL A 581 -26.58 65.54 33.71
C VAL A 581 -26.79 64.24 34.48
N THR A 582 -26.03 63.22 34.10
CA THR A 582 -26.10 61.93 34.76
C THR A 582 -25.03 61.83 35.85
N VAL A 583 -25.46 61.52 37.07
CA VAL A 583 -24.52 61.32 38.18
C VAL A 583 -23.87 59.96 38.05
N ARG A 584 -22.55 59.94 37.94
CA ARG A 584 -21.81 58.69 37.73
C ARG A 584 -21.56 57.91 39.02
N ASP A 585 -21.31 58.63 40.10
CA ASP A 585 -21.06 58.00 41.39
C ASP A 585 -21.70 58.84 42.50
N VAL A 586 -22.37 58.17 43.42
CA VAL A 586 -22.87 58.81 44.62
C VAL A 586 -22.23 58.14 45.83
N LEU A 587 -21.46 58.91 46.58
CA LEU A 587 -20.71 58.38 47.71
C LEU A 587 -21.29 58.83 49.03
N LEU A 588 -21.89 57.90 49.76
CA LEU A 588 -22.40 58.17 51.11
C LEU A 588 -21.40 57.85 52.19
N THR A 589 -21.13 58.83 53.05
CA THR A 589 -20.17 58.69 54.12
C THR A 589 -20.88 58.86 55.47
N ALA A 590 -20.16 58.65 56.56
CA ALA A 590 -20.72 58.86 57.88
C ALA A 590 -20.81 60.36 58.16
N ALA A 591 -21.69 60.75 59.08
CA ALA A 591 -21.86 62.15 59.42
C ALA A 591 -20.56 62.76 59.95
N GLY A 592 -20.20 63.93 59.44
CA GLY A 592 -19.01 64.64 59.89
C GLY A 592 -17.75 64.22 59.15
N ALA A 593 -17.90 63.33 58.19
CA ALA A 593 -16.76 62.79 57.45
C ALA A 593 -16.28 63.76 56.39
N ILE A 594 -17.22 64.48 55.78
CA ILE A 594 -16.91 65.38 54.67
C ILE A 594 -15.95 66.51 55.07
N PRO A 595 -14.90 66.75 54.26
CA PRO A 595 -13.95 67.80 54.61
C PRO A 595 -14.55 69.19 54.69
N ARG A 596 -14.20 69.91 55.74
CA ARG A 596 -14.65 71.27 55.94
C ARG A 596 -13.44 72.16 56.17
N THR A 597 -13.69 73.43 56.51
CA THR A 597 -12.62 74.39 56.72
C THR A 597 -12.81 75.09 58.05
N SER A 598 -11.85 75.96 58.38
CA SER A 598 -11.90 76.78 59.58
C SER A 598 -13.30 77.34 59.86
N SER A 599 -13.88 78.01 58.88
CA SER A 599 -15.15 78.70 59.07
C SER A 599 -16.38 77.79 59.22
N GLY A 600 -16.24 76.52 58.86
CA GLY A 600 -17.31 75.55 58.98
C GLY A 600 -17.99 75.27 57.64
N LYS A 601 -17.49 75.90 56.59
CA LYS A 601 -18.00 75.74 55.23
C LYS A 601 -17.42 74.49 54.58
N ILE A 602 -18.13 73.91 53.62
CA ILE A 602 -17.62 72.73 52.92
C ILE A 602 -16.45 73.09 52.03
N GLY A 603 -15.33 72.36 52.16
CA GLY A 603 -14.26 72.48 51.20
C GLY A 603 -14.70 71.71 49.98
N ARG A 604 -14.99 72.37 48.87
CA ARG A 604 -15.43 71.65 47.68
C ARG A 604 -14.31 70.90 47.02
N ARG A 605 -13.43 71.62 46.35
CA ARG A 605 -12.28 71.01 45.69
C ARG A 605 -11.48 70.10 46.64
N ALA A 606 -11.47 70.41 47.94
CA ALA A 606 -10.77 69.57 48.90
C ALA A 606 -11.49 68.25 49.11
N CYS A 607 -12.81 68.29 49.04
CA CYS A 607 -13.65 67.10 49.10
C CYS A 607 -13.46 66.22 47.86
N ARG A 608 -13.25 66.87 46.72
CA ARG A 608 -12.95 66.18 45.47
C ARG A 608 -11.69 65.33 45.62
N ALA A 609 -10.65 65.96 46.15
CA ALA A 609 -9.37 65.31 46.39
C ALA A 609 -9.54 64.11 47.31
N ALA A 610 -10.37 64.28 48.33
CA ALA A 610 -10.66 63.23 49.29
C ALA A 610 -11.39 62.06 48.62
N TYR A 611 -12.09 62.35 47.53
CA TYR A 611 -12.77 61.31 46.76
C TYR A 611 -11.76 60.57 45.88
N LEU A 612 -10.86 61.33 45.27
CA LEU A 612 -9.86 60.77 44.36
C LEU A 612 -8.73 60.00 45.07
N ASP A 613 -8.27 60.48 46.22
CA ASP A 613 -7.22 59.78 46.98
C ASP A 613 -7.86 58.61 47.74
N GLY A 614 -9.19 58.58 47.70
CA GLY A 614 -10.00 57.55 48.31
C GLY A 614 -10.16 57.80 49.78
N SER A 615 -11.35 57.49 50.31
CA SER A 615 -11.61 57.57 51.74
C SER A 615 -12.61 56.49 52.16
N LEU A 616 -12.24 55.74 53.19
CA LEU A 616 -13.09 54.69 53.78
C LEU A 616 -13.97 53.96 52.76
N GLN B 12 49.77 -101.80 -41.74
CA GLN B 12 49.68 -100.35 -41.80
C GLN B 12 51.02 -99.74 -42.21
N ILE B 13 51.31 -98.54 -41.70
CA ILE B 13 52.60 -97.88 -41.92
C ILE B 13 53.44 -97.85 -40.63
N LYS B 14 54.69 -98.32 -40.76
CA LYS B 14 55.63 -98.36 -39.65
C LYS B 14 57.06 -98.06 -40.11
N PHE B 15 57.59 -96.92 -39.68
CA PHE B 15 58.95 -96.51 -40.03
C PHE B 15 59.96 -97.05 -39.03
N PRO B 16 61.20 -97.34 -39.47
CA PRO B 16 62.16 -97.88 -38.50
C PRO B 16 62.53 -96.88 -37.40
N ASP B 17 63.13 -97.40 -36.32
CA ASP B 17 63.54 -96.59 -35.17
C ASP B 17 64.83 -95.82 -35.44
N GLY B 18 64.72 -94.49 -35.47
CA GLY B 18 65.87 -93.64 -35.75
C GLY B 18 65.99 -93.24 -37.20
N SER B 19 64.90 -93.41 -37.94
CA SER B 19 64.85 -92.99 -39.33
C SER B 19 64.71 -91.48 -39.41
N SER B 20 65.04 -90.91 -40.56
CA SER B 20 64.89 -89.47 -40.76
C SER B 20 64.74 -89.17 -42.23
N ILE B 21 64.09 -88.05 -42.53
CA ILE B 21 63.76 -87.69 -43.90
C ILE B 21 65.00 -87.23 -44.66
N VAL B 22 65.69 -86.23 -44.11
CA VAL B 22 66.91 -85.70 -44.70
C VAL B 22 67.89 -86.79 -45.09
N ALA B 23 68.00 -87.81 -44.24
CA ALA B 23 68.91 -88.93 -44.49
C ALA B 23 68.42 -89.82 -45.65
N HIS B 24 67.10 -89.93 -45.78
CA HIS B 24 66.48 -90.72 -46.85
C HIS B 24 66.72 -90.07 -48.20
N VAL B 25 66.57 -88.74 -48.25
CA VAL B 25 66.77 -88.01 -49.48
C VAL B 25 68.26 -88.05 -49.82
N GLU B 26 69.10 -88.00 -48.79
CA GLU B 26 70.54 -88.07 -48.97
C GLU B 26 70.92 -89.45 -49.49
N ARG B 27 70.23 -90.47 -48.99
CA ARG B 27 70.44 -91.84 -49.45
C ARG B 27 70.13 -91.97 -50.94
N TRP B 28 68.99 -91.42 -51.36
CA TRP B 28 68.62 -91.40 -52.78
C TRP B 28 69.59 -90.55 -53.58
N ALA B 29 70.09 -89.49 -52.94
CA ALA B 29 71.01 -88.59 -53.58
C ALA B 29 72.33 -89.29 -53.85
N LYS B 30 72.66 -90.28 -53.02
CA LYS B 30 73.91 -91.02 -53.18
C LYS B 30 73.80 -91.99 -54.35
N VAL B 31 72.63 -92.59 -54.53
CA VAL B 31 72.50 -93.59 -55.58
C VAL B 31 72.42 -92.93 -56.95
N ARG B 32 71.66 -91.83 -57.04
CA ARG B 32 71.58 -91.07 -58.30
C ARG B 32 72.44 -89.81 -58.27
N GLY B 33 73.57 -89.82 -58.97
CA GLY B 33 74.48 -88.69 -58.92
C GLY B 33 74.00 -87.47 -59.70
N ASP B 34 74.03 -87.60 -61.02
CA ASP B 34 73.72 -86.50 -61.94
C ASP B 34 72.28 -86.47 -62.43
N LYS B 35 71.45 -87.40 -61.97
CA LYS B 35 70.08 -87.51 -62.48
C LYS B 35 69.17 -86.40 -61.94
N LEU B 36 68.12 -86.13 -62.70
CA LEU B 36 67.21 -85.03 -62.42
C LEU B 36 66.41 -85.24 -61.13
N ALA B 37 66.36 -84.20 -60.30
CA ALA B 37 65.54 -84.18 -59.09
C ALA B 37 64.28 -83.36 -59.33
N TYR B 38 64.47 -82.08 -59.63
CA TYR B 38 63.37 -81.18 -59.94
C TYR B 38 63.61 -80.45 -61.27
N ARG B 39 62.54 -80.19 -62.02
CA ARG B 39 62.62 -79.40 -63.25
C ARG B 39 61.60 -78.28 -63.23
N PHE B 40 62.09 -77.04 -63.36
CA PHE B 40 61.23 -75.86 -63.32
C PHE B 40 61.05 -75.24 -64.71
N LEU B 41 59.81 -75.11 -65.14
CA LEU B 41 59.50 -74.53 -66.44
C LEU B 41 59.30 -73.03 -66.26
N ASP B 42 60.22 -72.24 -66.78
CA ASP B 42 60.17 -70.80 -66.59
C ASP B 42 59.53 -70.17 -67.83
N PHE B 43 58.31 -69.67 -67.66
CA PHE B 43 57.55 -69.05 -68.74
C PHE B 43 57.63 -67.53 -68.74
N SER B 44 58.46 -66.96 -67.84
CA SER B 44 58.60 -65.52 -67.74
C SER B 44 59.12 -64.93 -69.05
N THR B 45 60.29 -65.39 -69.48
CA THR B 45 60.89 -64.92 -70.73
C THR B 45 60.17 -65.54 -71.93
N GLY B 49 59.17 -71.46 -72.50
CA GLY B 49 59.16 -72.55 -71.53
C GLY B 49 60.49 -73.26 -71.45
N VAL B 50 61.56 -72.49 -71.27
CA VAL B 50 62.90 -73.04 -71.09
C VAL B 50 63.08 -73.65 -69.70
N PRO B 51 63.11 -75.00 -69.60
CA PRO B 51 63.20 -75.69 -68.31
C PRO B 51 64.49 -75.47 -67.51
N ARG B 52 64.33 -75.03 -66.27
CA ARG B 52 65.44 -74.97 -65.32
C ARG B 52 65.54 -76.29 -64.54
N ASP B 53 66.64 -77.02 -64.72
CA ASP B 53 66.79 -78.35 -64.13
C ASP B 53 67.82 -78.37 -63.01
N LEU B 54 67.59 -79.27 -62.05
CA LEU B 54 68.45 -79.45 -60.91
C LEU B 54 68.71 -80.93 -60.67
N THR B 55 69.96 -81.36 -60.72
CA THR B 55 70.28 -82.78 -60.53
C THR B 55 70.32 -83.15 -59.05
N TRP B 56 70.43 -84.44 -58.77
CA TRP B 56 70.48 -84.92 -57.40
C TRP B 56 71.76 -84.47 -56.72
N ALA B 57 72.85 -84.42 -57.46
CA ALA B 57 74.13 -83.96 -56.92
C ALA B 57 74.01 -82.51 -56.48
N GLN B 58 73.44 -81.68 -57.36
CA GLN B 58 73.20 -80.29 -57.04
C GLN B 58 72.19 -80.15 -55.91
N PHE B 59 71.13 -80.94 -55.97
CA PHE B 59 70.06 -80.88 -55.00
C PHE B 59 70.56 -81.14 -53.58
N SER B 60 71.29 -82.25 -53.41
CA SER B 60 71.84 -82.61 -52.12
C SER B 60 72.89 -81.60 -51.68
N ALA B 61 73.69 -81.13 -52.63
CA ALA B 61 74.78 -80.19 -52.36
C ALA B 61 74.23 -78.87 -51.83
N ARG B 62 73.14 -78.42 -52.44
CA ARG B 62 72.53 -77.14 -52.09
C ARG B 62 71.82 -77.18 -50.74
N ASN B 63 71.11 -78.27 -50.46
CA ASN B 63 70.40 -78.43 -49.20
C ASN B 63 71.30 -78.37 -47.97
N ARG B 64 72.46 -79.02 -48.04
CA ARG B 64 73.38 -79.02 -46.91
C ARG B 64 74.08 -77.66 -46.76
N ALA B 65 74.34 -77.00 -47.88
CA ALA B 65 75.01 -75.70 -47.86
C ALA B 65 74.13 -74.67 -47.15
N VAL B 66 72.85 -74.65 -47.51
CA VAL B 66 71.88 -73.76 -46.89
C VAL B 66 71.73 -74.11 -45.42
N ALA B 67 71.66 -75.41 -45.13
CA ALA B 67 71.47 -75.88 -43.76
C ALA B 67 72.64 -75.46 -42.88
N ALA B 68 73.85 -75.55 -43.43
CA ALA B 68 75.06 -75.20 -42.69
C ALA B 68 75.02 -73.73 -42.30
N ARG B 69 74.58 -72.89 -43.22
CA ARG B 69 74.47 -71.47 -42.92
C ARG B 69 73.33 -71.22 -41.96
N LEU B 70 72.26 -72.01 -42.09
CA LEU B 70 71.10 -71.85 -41.22
C LEU B 70 71.46 -72.30 -39.80
N GLN B 71 72.22 -73.38 -39.70
CA GLN B 71 72.66 -73.88 -38.40
C GLN B 71 73.57 -72.87 -37.70
N GLN B 72 74.20 -71.99 -38.47
CA GLN B 72 75.09 -70.99 -37.91
C GLN B 72 74.29 -69.84 -37.30
N VAL B 73 73.23 -69.43 -37.99
CA VAL B 73 72.43 -68.27 -37.60
C VAL B 73 71.18 -68.61 -36.76
N THR B 74 70.86 -69.90 -36.62
CA THR B 74 69.67 -70.32 -35.89
C THR B 74 69.92 -71.46 -34.93
N GLN B 75 69.20 -71.46 -33.82
CA GLN B 75 69.27 -72.54 -32.84
C GLN B 75 68.21 -73.60 -33.18
N PRO B 76 68.46 -74.87 -32.81
CA PRO B 76 67.52 -75.97 -33.05
C PRO B 76 66.18 -75.83 -32.33
N GLY B 77 65.10 -76.15 -33.02
CA GLY B 77 63.76 -76.05 -32.47
C GLY B 77 63.09 -74.73 -32.81
N ASP B 78 63.87 -73.77 -33.27
CA ASP B 78 63.35 -72.49 -33.74
C ASP B 78 62.65 -72.67 -35.08
N ARG B 79 61.77 -71.75 -35.44
CA ARG B 79 61.02 -71.88 -36.70
C ARG B 79 61.54 -70.92 -37.75
N VAL B 80 61.74 -71.45 -38.96
CA VAL B 80 62.32 -70.72 -40.08
C VAL B 80 61.30 -70.56 -41.21
N ALA B 81 60.95 -69.31 -41.48
CA ALA B 81 59.97 -68.99 -42.52
C ALA B 81 60.62 -68.90 -43.89
N ILE B 82 59.95 -69.46 -44.90
CA ILE B 82 60.41 -69.36 -46.27
C ILE B 82 59.60 -68.32 -47.03
N LEU B 83 60.18 -67.15 -47.29
CA LEU B 83 59.52 -66.17 -48.15
C LEU B 83 60.27 -66.04 -49.48
N CYS B 84 59.77 -66.76 -50.49
CA CYS B 84 60.37 -66.75 -51.81
C CYS B 84 59.30 -67.06 -52.84
N PRO B 85 59.52 -66.63 -54.09
CA PRO B 85 58.60 -66.99 -55.16
C PRO B 85 58.67 -68.49 -55.44
N GLN B 86 58.00 -68.91 -56.49
CA GLN B 86 57.96 -70.32 -56.88
C GLN B 86 59.35 -70.65 -57.45
N ASN B 87 59.43 -71.65 -58.31
CA ASN B 87 60.62 -72.30 -58.86
C ASN B 87 61.42 -73.19 -57.90
N LEU B 88 62.73 -73.31 -58.15
CA LEU B 88 63.57 -74.28 -57.47
C LEU B 88 64.00 -73.91 -56.05
N ASP B 89 64.25 -72.64 -55.82
CA ASP B 89 64.83 -72.21 -54.56
C ASP B 89 63.86 -72.39 -53.39
N TYR B 90 62.57 -72.48 -53.70
CA TYR B 90 61.57 -72.74 -52.67
C TYR B 90 61.84 -74.12 -52.08
N LEU B 91 62.09 -75.10 -52.95
CA LEU B 91 62.32 -76.47 -52.53
C LEU B 91 63.66 -76.62 -51.80
N VAL B 92 64.66 -75.91 -52.27
CA VAL B 92 65.99 -75.93 -51.66
C VAL B 92 65.91 -75.26 -50.29
N ALA B 93 65.04 -74.26 -50.18
CA ALA B 93 64.85 -73.55 -48.93
C ALA B 93 64.14 -74.43 -47.93
N PHE B 94 63.12 -75.15 -48.40
CA PHE B 94 62.36 -76.04 -47.55
C PHE B 94 63.20 -77.18 -47.04
N PHE B 95 63.80 -77.92 -47.96
CA PHE B 95 64.68 -79.03 -47.61
C PHE B 95 65.87 -78.54 -46.78
N GLY B 96 66.39 -77.37 -47.14
CA GLY B 96 67.45 -76.76 -46.36
C GLY B 96 67.03 -76.57 -44.90
N ALA B 97 65.78 -76.20 -44.68
CA ALA B 97 65.28 -75.99 -43.33
C ALA B 97 65.20 -77.28 -42.52
N LEU B 98 64.75 -78.35 -43.15
CA LEU B 98 64.70 -79.66 -42.48
C LEU B 98 66.10 -80.21 -42.24
N TYR B 99 66.97 -80.07 -43.22
CA TYR B 99 68.37 -80.49 -43.10
C TYR B 99 69.05 -79.83 -41.90
N ALA B 100 68.71 -78.57 -41.65
CA ALA B 100 69.30 -77.82 -40.56
C ALA B 100 68.79 -78.31 -39.20
N GLY B 101 67.60 -78.91 -39.20
CA GLY B 101 66.98 -79.38 -37.96
C GLY B 101 66.03 -78.35 -37.38
N ARG B 102 65.68 -77.36 -38.20
CA ARG B 102 64.74 -76.31 -37.80
C ARG B 102 63.32 -76.66 -38.23
N ILE B 103 62.36 -75.79 -37.89
CA ILE B 103 60.97 -75.96 -38.28
C ILE B 103 60.65 -75.04 -39.45
N ALA B 104 60.37 -75.61 -40.62
CA ALA B 104 60.07 -74.81 -41.81
C ALA B 104 58.66 -74.23 -41.78
N VAL B 105 58.50 -73.08 -42.41
CA VAL B 105 57.16 -72.48 -42.57
C VAL B 105 56.95 -72.00 -44.01
N PRO B 106 56.40 -72.88 -44.88
CA PRO B 106 56.21 -72.46 -46.27
C PRO B 106 55.25 -71.28 -46.38
N LEU B 107 55.70 -70.28 -47.11
CA LEU B 107 54.96 -69.04 -47.28
C LEU B 107 55.18 -68.55 -48.70
N PHE B 108 54.82 -67.30 -48.97
CA PHE B 108 54.87 -66.76 -50.32
C PHE B 108 55.71 -65.49 -50.35
N ASP B 109 56.02 -65.02 -51.56
CA ASP B 109 56.82 -63.82 -51.78
C ASP B 109 56.06 -62.55 -51.43
N PRO B 110 56.59 -61.73 -50.52
CA PRO B 110 55.88 -60.48 -50.22
C PRO B 110 56.08 -59.44 -51.33
N SER B 111 56.00 -59.87 -52.59
CA SER B 111 56.08 -58.97 -53.73
C SER B 111 54.69 -58.75 -54.30
N GLY B 114 49.70 -57.34 -53.69
CA GLY B 114 48.63 -58.31 -53.68
C GLY B 114 48.08 -58.55 -52.29
N HIS B 115 48.10 -59.80 -51.85
CA HIS B 115 47.74 -60.16 -50.49
C HIS B 115 48.98 -60.23 -49.61
N VAL B 116 49.12 -59.24 -48.73
CA VAL B 116 50.26 -59.12 -47.82
C VAL B 116 49.84 -59.23 -46.35
N GLY B 117 48.90 -58.38 -45.93
CA GLY B 117 48.42 -58.34 -44.56
C GLY B 117 48.12 -59.70 -43.96
N ARG B 118 47.71 -60.66 -44.78
CA ARG B 118 47.46 -62.00 -44.28
C ARG B 118 48.82 -62.61 -43.89
N LEU B 119 49.84 -62.31 -44.68
CA LEU B 119 51.18 -62.83 -44.41
C LEU B 119 51.77 -62.14 -43.18
N HIS B 120 51.43 -60.88 -43.01
CA HIS B 120 51.87 -60.12 -41.85
C HIS B 120 51.35 -60.79 -40.58
N ALA B 121 50.11 -61.25 -40.63
CA ALA B 121 49.42 -61.83 -39.48
C ALA B 121 50.09 -63.14 -39.06
N VAL B 122 50.62 -63.88 -40.04
CA VAL B 122 51.24 -65.17 -39.77
C VAL B 122 52.56 -65.02 -39.01
N LEU B 123 53.39 -64.06 -39.42
CA LEU B 123 54.66 -63.86 -38.74
C LEU B 123 54.46 -63.47 -37.29
N ASP B 124 53.35 -62.80 -37.01
CA ASP B 124 53.06 -62.46 -35.63
C ASP B 124 52.75 -63.71 -34.81
N ASN B 125 52.22 -64.75 -35.45
CA ASN B 125 51.90 -65.98 -34.73
C ASN B 125 53.10 -66.89 -34.46
N CYS B 126 53.88 -67.19 -35.50
CA CYS B 126 54.96 -68.17 -35.36
C CYS B 126 56.34 -67.59 -35.14
N HIS B 127 56.43 -66.27 -35.00
CA HIS B 127 57.69 -65.56 -34.74
C HIS B 127 58.95 -66.23 -35.34
N PRO B 128 59.09 -66.21 -36.67
CA PRO B 128 60.24 -66.90 -37.30
C PRO B 128 61.59 -66.30 -36.93
N SER B 129 62.58 -67.15 -36.69
CA SER B 129 63.93 -66.69 -36.33
C SER B 129 64.78 -66.29 -37.53
N ALA B 130 64.43 -66.83 -38.70
CA ALA B 130 65.13 -66.53 -39.94
C ALA B 130 64.16 -66.55 -41.12
N ILE B 131 64.51 -65.84 -42.19
CA ILE B 131 63.67 -65.81 -43.38
C ILE B 131 64.51 -66.23 -44.58
N LEU B 132 64.02 -67.25 -45.30
CA LEU B 132 64.72 -67.77 -46.46
C LEU B 132 64.07 -67.23 -47.71
N THR B 133 64.90 -66.62 -48.54
CA THR B 133 64.41 -66.01 -49.77
C THR B 133 65.46 -66.17 -50.85
N THR B 134 65.23 -65.53 -51.99
CA THR B 134 66.16 -65.58 -53.10
C THR B 134 66.67 -64.16 -53.37
N THR B 135 67.82 -64.07 -54.03
CA THR B 135 68.47 -62.80 -54.31
C THR B 135 67.55 -61.85 -55.08
N GLU B 136 66.72 -62.42 -55.94
CA GLU B 136 65.77 -61.61 -56.71
C GLU B 136 64.76 -60.93 -55.80
N ALA B 137 64.17 -61.71 -54.90
CA ALA B 137 63.07 -61.26 -54.05
C ALA B 137 63.52 -60.72 -52.70
N ALA B 138 64.81 -60.46 -52.53
CA ALA B 138 65.36 -60.26 -51.20
C ALA B 138 65.07 -58.86 -50.65
N GLU B 139 65.29 -57.82 -51.46
CA GLU B 139 65.01 -56.47 -50.99
C GLU B 139 63.53 -56.30 -50.65
N GLY B 140 62.66 -56.98 -51.39
CA GLY B 140 61.24 -56.92 -51.14
C GLY B 140 60.94 -57.46 -49.76
N VAL B 141 61.66 -58.51 -49.39
CA VAL B 141 61.50 -59.10 -48.07
C VAL B 141 62.07 -58.15 -47.03
N ARG B 142 63.18 -57.49 -47.36
CA ARG B 142 63.79 -56.57 -46.41
C ARG B 142 62.88 -55.38 -46.10
N LYS B 143 62.31 -54.76 -47.12
CA LYS B 143 61.42 -53.62 -46.94
C LYS B 143 60.16 -54.02 -46.20
N PHE B 144 59.70 -55.25 -46.45
CA PHE B 144 58.54 -55.80 -45.77
C PHE B 144 58.76 -55.74 -44.26
N PHE B 145 59.96 -56.14 -43.85
CA PHE B 145 60.28 -56.20 -42.42
C PHE B 145 60.61 -54.83 -41.84
N ARG B 146 60.91 -53.87 -42.71
CA ARG B 146 61.17 -52.51 -42.24
C ARG B 146 59.90 -51.91 -41.65
N THR B 147 58.74 -52.44 -42.04
CA THR B 147 57.47 -51.96 -41.51
C THR B 147 57.19 -52.58 -40.14
N ARG B 148 57.89 -53.66 -39.84
CA ARG B 148 57.75 -54.35 -38.57
C ARG B 148 58.69 -53.72 -37.54
N PRO B 149 58.43 -53.93 -36.24
CA PRO B 149 59.29 -53.34 -35.20
C PRO B 149 60.74 -53.80 -35.30
N ALA B 150 61.66 -53.02 -34.74
CA ALA B 150 63.08 -53.35 -34.82
C ALA B 150 63.42 -54.58 -33.99
N ASN B 151 62.68 -54.78 -32.89
CA ASN B 151 62.92 -55.91 -32.01
C ASN B 151 62.68 -57.25 -32.70
N GLN B 152 61.70 -57.30 -33.58
CA GLN B 152 61.53 -58.48 -34.42
C GLN B 152 62.08 -58.19 -35.80
N ARG B 153 63.29 -58.69 -36.04
CA ARG B 153 63.98 -58.56 -37.32
C ARG B 153 64.82 -59.80 -37.57
N PRO B 154 64.19 -60.90 -37.99
CA PRO B 154 64.93 -62.15 -38.14
C PRO B 154 65.96 -62.06 -39.25
N ARG B 155 67.01 -62.88 -39.17
CA ARG B 155 68.05 -62.82 -40.19
C ARG B 155 67.48 -63.23 -41.53
N VAL B 156 67.93 -62.56 -42.59
CA VAL B 156 67.49 -62.87 -43.93
C VAL B 156 68.65 -63.50 -44.66
N ILE B 157 68.41 -64.68 -45.22
CA ILE B 157 69.44 -65.42 -45.94
C ILE B 157 68.95 -65.64 -47.35
N ALA B 158 69.74 -65.20 -48.33
CA ALA B 158 69.40 -65.42 -49.73
C ALA B 158 69.89 -66.83 -50.07
N VAL B 159 68.95 -67.71 -50.37
CA VAL B 159 69.24 -69.12 -50.46
C VAL B 159 70.14 -69.41 -51.67
N ASP B 160 69.94 -68.68 -52.75
CA ASP B 160 70.75 -68.88 -53.95
C ASP B 160 72.16 -68.34 -53.76
N ALA B 161 72.35 -67.51 -52.74
CA ALA B 161 73.61 -66.82 -52.54
C ALA B 161 74.60 -67.54 -51.61
N VAL B 162 74.15 -68.60 -50.93
CA VAL B 162 75.05 -69.28 -50.01
C VAL B 162 75.99 -70.19 -50.78
N PRO B 163 77.31 -70.01 -50.60
CA PRO B 163 78.24 -70.85 -51.34
C PRO B 163 78.12 -72.33 -51.00
N ASP B 164 78.36 -73.21 -51.97
CA ASP B 164 78.24 -74.64 -51.76
C ASP B 164 79.33 -75.18 -50.84
N ASP B 165 80.36 -74.36 -50.63
CA ASP B 165 81.52 -74.80 -49.85
C ASP B 165 81.25 -74.67 -48.36
N VAL B 166 80.18 -73.97 -48.00
CA VAL B 166 79.82 -73.81 -46.60
C VAL B 166 79.21 -75.11 -46.05
N ALA B 167 78.82 -76.00 -46.95
CA ALA B 167 78.20 -77.27 -46.60
C ALA B 167 79.09 -78.16 -45.72
N SER B 168 80.40 -77.93 -45.77
CA SER B 168 81.36 -78.77 -45.03
C SER B 168 81.14 -78.76 -43.52
N THR B 169 80.62 -77.66 -43.00
CA THR B 169 80.45 -77.50 -41.55
C THR B 169 79.06 -77.93 -41.10
N TRP B 170 78.29 -78.46 -42.03
CA TRP B 170 76.96 -78.99 -41.74
C TRP B 170 77.05 -80.20 -40.83
N VAL B 171 76.18 -80.27 -39.84
CA VAL B 171 76.11 -81.43 -38.97
C VAL B 171 74.74 -82.10 -39.13
N ASN B 172 74.73 -83.41 -39.37
CA ASN B 172 73.49 -84.15 -39.54
C ASN B 172 72.62 -83.96 -38.30
N PRO B 173 71.36 -83.52 -38.48
CA PRO B 173 70.55 -83.21 -37.29
C PRO B 173 70.10 -84.43 -36.53
N ASP B 174 69.70 -84.21 -35.29
CA ASP B 174 69.33 -85.28 -34.37
C ASP B 174 68.14 -86.07 -34.87
N GLU B 175 68.16 -87.38 -34.64
CA GLU B 175 67.09 -88.26 -35.10
C GLU B 175 65.78 -87.81 -34.44
N PRO B 176 64.69 -87.76 -35.22
CA PRO B 176 63.40 -87.23 -34.73
C PRO B 176 62.61 -88.22 -33.87
N ASP B 177 61.72 -87.69 -33.05
CA ASP B 177 60.88 -88.50 -32.16
C ASP B 177 59.44 -88.41 -32.62
N GLU B 178 58.54 -89.01 -31.85
CA GLU B 178 57.15 -89.11 -32.23
C GLU B 178 56.49 -87.74 -32.36
N THR B 179 56.99 -86.80 -31.58
CA THR B 179 56.45 -85.45 -31.54
C THR B 179 57.26 -84.40 -32.31
N THR B 180 58.38 -84.78 -32.92
CA THR B 180 59.28 -83.77 -33.47
C THR B 180 58.67 -83.20 -34.74
N ILE B 181 58.42 -81.90 -34.69
CA ILE B 181 57.73 -81.17 -35.75
C ILE B 181 58.61 -80.82 -36.95
N ALA B 182 58.17 -81.22 -38.13
CA ALA B 182 58.89 -80.90 -39.38
C ALA B 182 58.61 -79.47 -39.88
N TYR B 183 57.32 -79.11 -39.97
CA TYR B 183 56.95 -77.78 -40.47
C TYR B 183 55.53 -77.36 -40.05
N LEU B 184 55.22 -76.07 -40.22
CA LEU B 184 53.86 -75.55 -39.99
C LEU B 184 53.12 -75.29 -41.30
N GLN B 185 52.01 -75.99 -41.48
CA GLN B 185 51.16 -75.83 -42.66
C GLN B 185 49.99 -74.95 -42.29
N TYR B 186 49.98 -73.73 -42.79
CA TYR B 186 48.90 -72.81 -42.48
C TYR B 186 47.76 -73.05 -43.44
N THR B 187 46.58 -73.29 -42.88
CA THR B 187 45.39 -73.57 -43.68
C THR B 187 44.61 -72.29 -43.99
N SER B 188 43.59 -72.42 -44.83
CA SER B 188 42.78 -71.31 -45.28
C SER B 188 41.69 -70.94 -44.27
N GLY B 189 40.66 -70.25 -44.74
CA GLY B 189 39.57 -69.86 -43.87
C GLY B 189 39.98 -68.78 -42.89
N SER B 190 40.34 -67.59 -43.39
CA SER B 190 40.95 -66.57 -42.54
C SER B 190 40.08 -66.38 -41.31
N THR B 191 40.71 -66.65 -40.17
CA THR B 191 40.06 -66.79 -38.88
C THR B 191 40.13 -65.61 -37.91
N ARG B 192 40.62 -64.44 -38.34
CA ARG B 192 40.99 -63.39 -37.39
C ARG B 192 42.09 -64.03 -36.55
N ILE B 193 43.26 -63.99 -37.19
CA ILE B 193 44.51 -64.62 -36.81
C ILE B 193 44.51 -66.03 -37.41
N PRO B 194 45.69 -66.46 -37.89
CA PRO B 194 45.85 -67.70 -38.67
C PRO B 194 45.93 -68.96 -37.85
N THR B 195 45.61 -70.10 -38.47
CA THR B 195 45.75 -71.39 -37.82
C THR B 195 46.81 -72.19 -38.58
N GLY B 196 48.00 -72.28 -37.99
CA GLY B 196 49.03 -73.19 -38.45
C GLY B 196 48.77 -74.62 -38.02
N VAL B 197 48.84 -75.57 -38.95
CA VAL B 197 48.79 -76.98 -38.58
C VAL B 197 50.21 -77.48 -38.26
N GLN B 198 50.35 -78.25 -37.18
CA GLN B 198 51.65 -78.79 -36.81
C GLN B 198 51.84 -80.17 -37.45
N ILE B 199 52.75 -80.23 -38.42
CA ILE B 199 53.02 -81.48 -39.12
C ILE B 199 54.37 -82.04 -38.69
N THR B 200 54.35 -83.23 -38.10
CA THR B 200 55.57 -83.85 -37.61
C THR B 200 56.29 -84.55 -38.75
N HIS B 201 57.46 -85.09 -38.46
CA HIS B 201 58.23 -85.84 -39.44
C HIS B 201 57.48 -87.12 -39.77
N LEU B 202 56.71 -87.60 -38.81
CA LEU B 202 55.95 -88.83 -39.00
C LEU B 202 54.76 -88.57 -39.91
N ASN B 203 54.07 -87.45 -39.67
CA ASN B 203 52.92 -87.08 -40.47
C ASN B 203 53.28 -86.93 -41.95
N LEU B 204 54.46 -86.35 -42.21
CA LEU B 204 54.89 -86.09 -43.57
C LEU B 204 55.13 -87.39 -44.32
N ALA B 205 55.99 -88.23 -43.75
CA ALA B 205 56.39 -89.47 -44.41
C ALA B 205 55.25 -90.47 -44.52
N THR B 206 54.44 -90.59 -43.48
CA THR B 206 53.34 -91.55 -43.51
C THR B 206 52.38 -91.19 -44.65
N ASN B 207 52.01 -89.92 -44.75
CA ASN B 207 51.06 -89.44 -45.75
C ASN B 207 51.67 -89.57 -47.13
N VAL B 208 52.99 -89.44 -47.20
CA VAL B 208 53.72 -89.59 -48.45
C VAL B 208 53.55 -91.03 -48.93
N VAL B 209 53.59 -91.95 -47.98
CA VAL B 209 53.45 -93.37 -48.29
C VAL B 209 52.01 -93.67 -48.63
N GLN B 210 51.09 -92.98 -47.96
CA GLN B 210 49.67 -93.16 -48.16
C GLN B 210 49.25 -92.78 -49.58
N VAL B 211 49.83 -91.70 -50.11
CA VAL B 211 49.52 -91.24 -51.45
C VAL B 211 50.02 -92.21 -52.52
N ILE B 212 51.27 -92.63 -52.40
CA ILE B 212 51.88 -93.49 -53.42
C ILE B 212 51.14 -94.81 -53.53
N GLU B 213 50.63 -95.31 -52.42
CA GLU B 213 49.87 -96.54 -52.42
C GLU B 213 48.60 -96.35 -53.25
N ALA B 214 48.07 -95.13 -53.22
CA ALA B 214 46.86 -94.80 -53.96
C ALA B 214 47.08 -94.56 -55.46
N LEU B 215 48.26 -94.05 -55.82
CA LEU B 215 48.54 -93.72 -57.23
C LEU B 215 48.90 -94.93 -58.10
N GLU B 216 49.47 -95.97 -57.49
CA GLU B 216 49.85 -97.19 -58.22
C GLU B 216 50.88 -96.90 -59.31
N GLY B 217 51.59 -95.79 -59.13
CA GLY B 217 52.70 -95.37 -59.97
C GLY B 217 53.68 -96.44 -60.42
N GLU B 218 53.87 -96.53 -61.74
CA GLU B 218 54.85 -97.43 -62.33
C GLU B 218 56.18 -96.70 -62.36
N GLU B 219 57.23 -97.36 -62.88
CA GLU B 219 58.56 -96.78 -62.80
C GLU B 219 58.84 -95.91 -64.03
N GLY B 220 57.79 -95.70 -64.82
CA GLY B 220 57.86 -94.87 -66.00
C GLY B 220 56.96 -93.66 -65.93
N ASP B 221 56.13 -93.59 -64.88
CA ASP B 221 55.17 -92.49 -64.76
C ASP B 221 55.87 -91.20 -64.39
N ARG B 222 55.36 -90.10 -64.94
CA ARG B 222 55.88 -88.77 -64.69
C ARG B 222 54.90 -87.94 -63.88
N GLY B 223 55.42 -87.09 -63.00
CA GLY B 223 54.59 -86.20 -62.20
C GLY B 223 54.66 -84.78 -62.70
N LEU B 224 53.58 -84.04 -62.49
CA LEU B 224 53.52 -82.64 -62.90
C LEU B 224 52.56 -81.87 -62.00
N SER B 225 52.91 -80.63 -61.68
CA SER B 225 51.99 -79.77 -60.95
C SER B 225 52.29 -78.29 -61.22
N TRP B 226 51.23 -77.47 -61.33
CA TRP B 226 51.38 -76.02 -61.34
C TRP B 226 51.01 -75.38 -60.00
N LEU B 227 50.60 -76.18 -59.03
CA LEU B 227 50.08 -75.67 -57.76
C LEU B 227 51.11 -74.93 -56.91
N PRO B 228 50.66 -73.91 -56.15
CA PRO B 228 51.56 -73.13 -55.28
C PRO B 228 52.09 -73.96 -54.11
N PHE B 229 53.37 -73.82 -53.80
CA PHE B 229 54.01 -74.63 -52.77
C PHE B 229 53.61 -74.26 -51.34
N PHE B 230 53.05 -73.07 -51.15
CA PHE B 230 52.58 -72.67 -49.82
C PHE B 230 51.19 -73.25 -49.54
N HIS B 231 50.60 -73.91 -50.54
CA HIS B 231 49.34 -74.60 -50.36
C HIS B 231 49.61 -76.09 -50.16
N ASP B 232 48.88 -76.72 -49.23
CA ASP B 232 49.16 -78.10 -48.85
C ASP B 232 49.00 -79.06 -50.03
N MET B 233 48.04 -78.77 -50.91
CA MET B 233 47.81 -79.61 -52.10
C MET B 233 49.01 -79.50 -53.05
N GLY B 234 49.60 -78.32 -53.13
CA GLY B 234 50.74 -78.10 -53.99
C GLY B 234 52.03 -78.60 -53.37
N LEU B 235 52.16 -78.46 -52.05
CA LEU B 235 53.40 -78.77 -51.36
C LEU B 235 53.78 -80.25 -51.40
N ILE B 236 52.92 -81.12 -50.91
CA ILE B 236 53.28 -82.54 -50.85
C ILE B 236 53.46 -83.07 -52.26
N THR B 237 52.76 -82.46 -53.21
CA THR B 237 52.89 -82.87 -54.60
C THR B 237 54.30 -82.56 -55.09
N ALA B 238 54.88 -81.46 -54.61
CA ALA B 238 56.24 -81.07 -54.98
C ALA B 238 57.19 -81.99 -54.24
N LEU B 239 56.78 -82.34 -53.04
CA LEU B 239 57.49 -83.32 -52.23
C LEU B 239 57.12 -84.64 -52.89
N LEU B 240 57.40 -85.75 -52.21
CA LEU B 240 57.08 -87.08 -52.70
C LEU B 240 58.09 -87.57 -53.73
N ALA B 241 58.58 -86.65 -54.56
CA ALA B 241 59.47 -87.04 -55.65
C ALA B 241 60.84 -87.44 -55.10
N PRO B 242 61.44 -86.60 -54.25
CA PRO B 242 62.76 -86.91 -53.71
C PRO B 242 62.69 -88.09 -52.75
N MET B 243 61.48 -88.45 -52.33
CA MET B 243 61.29 -89.53 -51.38
C MET B 243 61.42 -90.87 -52.07
N ILE B 244 60.98 -90.94 -53.32
CA ILE B 244 61.08 -92.17 -54.11
C ILE B 244 62.31 -92.20 -55.02
N GLY B 245 62.97 -91.05 -55.19
CA GLY B 245 64.13 -91.00 -56.06
C GLY B 245 63.83 -90.24 -57.34
N HIS B 246 62.54 -90.17 -57.66
CA HIS B 246 62.11 -89.74 -58.98
C HIS B 246 62.26 -88.25 -59.25
N TYR B 247 62.22 -87.89 -60.53
CA TYR B 247 62.22 -86.50 -60.97
C TYR B 247 60.81 -85.92 -60.91
N PHE B 248 60.72 -84.60 -60.75
CA PHE B 248 59.44 -83.89 -60.68
C PHE B 248 59.49 -82.58 -61.47
N THR B 249 58.52 -82.36 -62.37
CA THR B 249 58.48 -81.12 -63.17
C THR B 249 57.30 -80.23 -62.76
N PHE B 250 57.56 -78.94 -62.53
CA PHE B 250 56.50 -78.00 -62.12
C PHE B 250 56.60 -76.62 -62.79
N MET B 251 55.52 -75.86 -62.69
CA MET B 251 55.49 -74.47 -63.17
C MET B 251 54.87 -73.57 -62.10
N THR B 252 54.80 -72.28 -62.38
CA THR B 252 54.18 -71.34 -61.46
C THR B 252 52.66 -71.33 -61.70
N PRO B 253 51.85 -71.09 -60.64
CA PRO B 253 50.40 -71.04 -60.82
C PRO B 253 49.93 -69.97 -61.80
N ALA B 254 50.62 -68.83 -61.82
CA ALA B 254 50.27 -67.75 -62.72
C ALA B 254 50.35 -68.21 -64.18
N ALA B 255 51.30 -69.09 -64.46
CA ALA B 255 51.51 -69.60 -65.81
C ALA B 255 50.31 -70.40 -66.31
N PHE B 256 49.67 -71.15 -65.42
CA PHE B 256 48.50 -71.93 -65.80
C PHE B 256 47.32 -71.00 -66.03
N VAL B 257 47.19 -70.00 -65.15
CA VAL B 257 46.11 -69.02 -65.24
C VAL B 257 46.20 -68.20 -66.53
N ARG B 258 47.43 -67.84 -66.93
CA ARG B 258 47.65 -67.03 -68.13
C ARG B 258 47.48 -67.80 -69.44
N ARG B 259 48.06 -69.00 -69.52
CA ARG B 259 47.95 -69.85 -70.71
C ARG B 259 47.78 -71.32 -70.31
N PRO B 260 46.55 -71.73 -69.95
CA PRO B 260 46.30 -73.08 -69.42
C PRO B 260 46.70 -74.22 -70.35
N GLU B 261 46.87 -73.94 -71.63
CA GLU B 261 47.27 -74.98 -72.58
C GLU B 261 48.62 -75.58 -72.19
N ARG B 262 49.43 -74.79 -71.49
CA ARG B 262 50.75 -75.24 -71.05
C ARG B 262 50.65 -76.50 -70.19
N TRP B 263 49.69 -76.51 -69.27
CA TRP B 263 49.48 -77.64 -68.39
C TRP B 263 49.08 -78.86 -69.20
N ILE B 264 48.19 -78.67 -70.17
CA ILE B 264 47.73 -79.75 -71.01
C ILE B 264 48.91 -80.38 -71.77
N ARG B 265 49.86 -79.54 -72.19
CA ARG B 265 51.02 -80.02 -72.94
C ARG B 265 51.92 -80.95 -72.12
N GLU B 266 52.11 -80.63 -70.84
CA GLU B 266 52.92 -81.47 -69.97
C GLU B 266 52.21 -82.78 -69.65
N LEU B 267 50.88 -82.75 -69.66
CA LEU B 267 50.08 -83.94 -69.43
C LEU B 267 50.10 -84.83 -70.67
N ALA B 268 50.17 -84.20 -71.84
CA ALA B 268 50.14 -84.90 -73.11
C ALA B 268 51.39 -85.76 -73.27
N ARG B 269 51.29 -86.82 -74.06
CA ARG B 269 52.42 -87.73 -74.26
C ARG B 269 53.59 -86.94 -74.81
N LYS B 270 54.73 -86.99 -74.10
CA LYS B 270 55.96 -86.41 -74.60
C LYS B 270 56.57 -87.37 -75.59
N GLU B 271 57.60 -86.93 -76.32
CA GLU B 271 58.20 -87.81 -77.32
C GLU B 271 59.09 -88.81 -76.63
N GLY B 272 58.76 -90.09 -76.78
CA GLY B 272 59.60 -91.16 -76.28
C GLY B 272 59.48 -91.41 -74.80
N ASP B 273 58.30 -91.17 -74.22
CA ASP B 273 58.10 -91.40 -72.80
C ASP B 273 57.57 -92.81 -72.56
N THR B 274 58.01 -93.44 -71.47
CA THR B 274 57.64 -94.82 -71.18
C THR B 274 56.28 -95.01 -70.52
N GLY B 275 55.96 -94.15 -69.55
CA GLY B 275 54.77 -94.33 -68.73
C GLY B 275 53.76 -93.21 -68.87
N GLY B 276 52.74 -93.22 -68.02
CA GLY B 276 51.68 -92.22 -68.08
C GLY B 276 51.97 -91.02 -67.19
N THR B 277 51.19 -89.96 -67.34
CA THR B 277 51.41 -88.73 -66.57
C THR B 277 50.44 -88.65 -65.39
N ILE B 278 50.93 -88.16 -64.26
CA ILE B 278 50.12 -87.98 -63.06
C ILE B 278 50.15 -86.53 -62.58
N SER B 279 49.01 -86.01 -62.17
CA SER B 279 48.93 -84.64 -61.70
C SER B 279 47.76 -84.47 -60.74
N VAL B 280 47.58 -83.24 -60.27
CA VAL B 280 46.50 -82.93 -59.34
C VAL B 280 46.10 -81.46 -59.57
N ALA B 281 44.87 -81.11 -59.20
CA ALA B 281 44.36 -79.76 -59.44
C ALA B 281 42.98 -79.55 -58.81
N PRO B 282 42.63 -78.27 -58.50
CA PRO B 282 41.30 -77.98 -57.95
C PRO B 282 40.20 -78.11 -59.01
N ASN B 283 38.95 -78.20 -58.58
CA ASN B 283 37.84 -78.37 -59.52
C ASN B 283 37.76 -77.26 -60.55
N PHE B 284 37.97 -76.02 -60.12
CA PHE B 284 37.83 -74.88 -61.00
C PHE B 284 38.89 -74.87 -62.08
N ALA B 285 39.99 -75.58 -61.84
CA ALA B 285 41.09 -75.62 -62.80
C ALA B 285 40.70 -76.44 -64.02
N PHE B 286 39.87 -77.45 -63.81
CA PHE B 286 39.38 -78.26 -64.90
C PHE B 286 38.49 -77.41 -65.79
N ASP B 287 37.69 -76.55 -65.17
CA ASP B 287 36.82 -75.64 -65.90
C ASP B 287 37.59 -74.62 -66.73
N HIS B 288 38.64 -74.08 -66.14
CA HIS B 288 39.46 -73.06 -66.78
C HIS B 288 40.18 -73.64 -67.99
N ALA B 289 40.80 -74.80 -67.78
CA ALA B 289 41.54 -75.49 -68.84
C ALA B 289 40.63 -76.07 -69.91
N ALA B 290 39.37 -76.29 -69.59
CA ALA B 290 38.43 -76.85 -70.56
C ALA B 290 38.01 -75.81 -71.58
N ALA B 291 37.64 -74.62 -71.10
CA ALA B 291 37.19 -73.54 -71.97
C ALA B 291 38.34 -72.88 -72.70
N ARG B 292 39.36 -72.46 -71.95
CA ARG B 292 40.46 -71.69 -72.50
C ARG B 292 41.73 -72.51 -72.82
N GLY B 293 41.73 -73.80 -72.52
CA GLY B 293 42.94 -74.59 -72.66
C GLY B 293 43.03 -75.47 -73.90
N VAL B 294 41.99 -75.48 -74.72
CA VAL B 294 42.01 -76.26 -75.96
C VAL B 294 42.89 -75.54 -76.99
N PRO B 295 43.80 -76.26 -77.67
CA PRO B 295 44.74 -75.60 -78.59
C PRO B 295 44.08 -75.02 -79.85
N LYS B 296 44.66 -73.93 -80.35
CA LYS B 296 44.21 -73.30 -81.59
C LYS B 296 44.60 -74.20 -82.77
N PRO B 297 44.01 -73.94 -83.95
CA PRO B 297 44.26 -74.79 -85.12
C PRO B 297 45.71 -74.73 -85.59
N GLY B 298 46.42 -73.67 -85.20
CA GLY B 298 47.80 -73.47 -85.62
C GLY B 298 48.83 -74.09 -84.71
N SER B 299 48.40 -75.02 -83.85
CA SER B 299 49.29 -75.67 -82.89
C SER B 299 49.61 -77.12 -83.29
N PRO B 300 50.75 -77.66 -82.80
CA PRO B 300 51.11 -79.04 -83.10
C PRO B 300 50.11 -80.04 -82.52
N PRO B 301 50.12 -81.30 -83.00
CA PRO B 301 49.17 -82.32 -82.52
C PRO B 301 49.30 -82.60 -81.03
N LEU B 302 48.17 -82.83 -80.36
CA LEU B 302 48.16 -83.11 -78.92
C LEU B 302 47.51 -84.46 -78.61
N ASP B 303 48.27 -85.37 -78.00
CA ASP B 303 47.76 -86.68 -77.61
C ASP B 303 47.71 -86.82 -76.11
N LEU B 304 46.51 -86.87 -75.54
CA LEU B 304 46.31 -87.00 -74.10
C LEU B 304 46.10 -88.45 -73.66
N SER B 305 46.25 -89.38 -74.60
CA SER B 305 45.97 -90.79 -74.33
C SER B 305 46.82 -91.36 -73.20
N ASN B 306 47.91 -90.67 -72.89
CA ASN B 306 48.86 -91.16 -71.90
C ASN B 306 48.46 -90.87 -70.45
N VAL B 307 47.52 -89.96 -70.24
CA VAL B 307 47.19 -89.51 -68.88
C VAL B 307 46.70 -90.66 -68.00
N LYS B 308 47.39 -90.86 -66.88
CA LYS B 308 47.08 -91.94 -65.95
C LYS B 308 46.03 -91.49 -64.94
N ALA B 309 46.39 -90.51 -64.12
CA ALA B 309 45.47 -89.94 -63.13
C ALA B 309 45.68 -88.43 -62.98
N VAL B 310 44.58 -87.68 -63.06
CA VAL B 310 44.58 -86.26 -62.72
C VAL B 310 43.55 -86.02 -61.62
N LEU B 311 44.01 -85.68 -60.43
CA LEU B 311 43.14 -85.59 -59.26
C LEU B 311 42.36 -84.28 -59.19
N ASN B 312 41.11 -84.37 -58.73
CA ASN B 312 40.23 -83.23 -58.55
C ASN B 312 39.83 -83.10 -57.08
N GLY B 313 40.26 -82.02 -56.43
CA GLY B 313 40.01 -81.86 -55.01
C GLY B 313 40.09 -80.45 -54.43
N SER B 314 40.00 -80.39 -53.11
CA SER B 314 40.09 -79.17 -52.29
C SER B 314 38.81 -78.35 -52.31
N GLU B 315 37.96 -78.59 -53.30
CA GLU B 315 36.62 -78.00 -53.34
C GLU B 315 35.70 -79.02 -54.00
N PRO B 316 34.39 -78.93 -53.71
CA PRO B 316 33.45 -79.89 -54.28
C PRO B 316 33.46 -79.96 -55.80
N ILE B 317 33.56 -81.18 -56.34
CA ILE B 317 33.66 -81.40 -57.77
C ILE B 317 32.26 -81.48 -58.40
N SER B 318 32.04 -80.67 -59.44
CA SER B 318 30.75 -80.63 -60.13
C SER B 318 30.71 -81.61 -61.29
N ALA B 319 29.63 -82.39 -61.36
CA ALA B 319 29.45 -83.35 -62.44
C ALA B 319 29.39 -82.64 -63.79
N ALA B 320 28.96 -81.38 -63.76
CA ALA B 320 28.89 -80.59 -64.97
C ALA B 320 30.29 -80.24 -65.49
N THR B 321 31.13 -79.77 -64.57
CA THR B 321 32.47 -79.32 -64.91
C THR B 321 33.37 -80.44 -65.44
N VAL B 322 33.17 -81.66 -64.93
CA VAL B 322 33.96 -82.78 -65.39
C VAL B 322 33.55 -83.14 -66.82
N ARG B 323 32.26 -83.06 -67.10
CA ARG B 323 31.73 -83.38 -68.42
C ARG B 323 32.31 -82.42 -69.45
N ARG B 324 32.42 -81.16 -69.05
CA ARG B 324 32.99 -80.13 -69.92
C ARG B 324 34.42 -80.49 -70.27
N PHE B 325 35.17 -80.95 -69.27
CA PHE B 325 36.57 -81.28 -69.44
C PHE B 325 36.73 -82.48 -70.38
N ASN B 326 35.96 -83.53 -70.13
CA ASN B 326 35.99 -84.73 -70.97
C ASN B 326 35.49 -84.46 -72.38
N GLU B 327 34.50 -83.58 -72.49
CA GLU B 327 33.94 -83.23 -73.79
C GLU B 327 34.96 -82.49 -74.65
N ALA B 328 35.74 -81.62 -74.02
CA ALA B 328 36.72 -80.82 -74.74
C ALA B 328 37.97 -81.63 -75.11
N PHE B 329 38.53 -82.35 -74.14
CA PHE B 329 39.77 -83.08 -74.33
C PHE B 329 39.59 -84.57 -74.63
N GLY B 330 38.34 -85.03 -74.65
CA GLY B 330 38.04 -86.41 -75.01
C GLY B 330 38.53 -86.87 -76.37
N PRO B 331 38.28 -86.09 -77.44
CA PRO B 331 38.70 -86.52 -78.77
C PRO B 331 40.21 -86.70 -78.91
N PHE B 332 40.95 -86.15 -77.97
CA PHE B 332 42.40 -86.25 -77.98
C PHE B 332 42.91 -87.44 -77.16
N GLY B 333 41.99 -88.25 -76.64
CA GLY B 333 42.33 -89.48 -75.96
C GLY B 333 42.29 -89.46 -74.44
N PHE B 334 41.83 -88.36 -73.85
CA PHE B 334 41.76 -88.27 -72.39
C PHE B 334 40.82 -89.34 -71.85
N PRO B 335 41.33 -90.25 -71.01
CA PRO B 335 40.45 -91.31 -70.49
C PRO B 335 39.45 -90.77 -69.48
N PRO B 336 38.25 -91.38 -69.43
CA PRO B 336 37.23 -90.91 -68.48
C PRO B 336 37.58 -91.24 -67.03
N LYS B 337 38.43 -92.25 -66.86
CA LYS B 337 38.83 -92.68 -65.52
C LYS B 337 40.03 -91.87 -65.03
N ALA B 338 40.46 -90.92 -65.86
CA ALA B 338 41.65 -90.15 -65.57
C ALA B 338 41.32 -89.17 -64.47
N ILE B 339 40.13 -88.58 -64.55
CA ILE B 339 39.73 -87.65 -63.53
C ILE B 339 39.41 -88.48 -62.29
N LYS B 340 40.13 -88.21 -61.21
CA LYS B 340 40.04 -88.99 -59.98
C LYS B 340 39.64 -88.09 -58.82
N PRO B 341 38.32 -87.94 -58.60
CA PRO B 341 37.84 -87.12 -57.48
C PRO B 341 38.47 -87.56 -56.17
N SER B 342 39.00 -86.61 -55.41
CA SER B 342 39.70 -86.92 -54.18
C SER B 342 39.38 -85.92 -53.08
N TYR B 343 39.47 -86.39 -51.85
CA TYR B 343 39.21 -85.58 -50.67
C TYR B 343 40.40 -85.57 -49.73
N GLY B 344 40.57 -84.45 -49.06
CA GLY B 344 41.69 -84.28 -48.18
C GLY B 344 41.57 -83.03 -47.34
N LEU B 345 42.45 -82.91 -46.36
CA LEU B 345 42.45 -81.78 -45.46
C LEU B 345 43.91 -81.43 -45.15
N ALA B 346 44.15 -80.21 -44.70
CA ALA B 346 45.50 -79.79 -44.34
C ALA B 346 45.84 -80.31 -42.94
N GLU B 347 44.80 -80.49 -42.13
CA GLU B 347 44.90 -81.05 -40.78
C GLU B 347 45.21 -82.55 -40.83
N ALA B 348 44.90 -83.17 -41.97
CA ALA B 348 45.21 -84.57 -42.26
C ALA B 348 46.57 -84.69 -43.01
N THR B 349 47.23 -83.54 -43.06
CA THR B 349 48.50 -83.27 -43.72
C THR B 349 48.44 -83.18 -45.24
N LEU B 350 47.74 -84.06 -45.93
CA LEU B 350 47.13 -83.72 -47.21
C LEU B 350 45.88 -84.55 -47.47
N PHE B 351 46.18 -85.84 -47.65
CA PHE B 351 45.31 -86.81 -48.30
C PHE B 351 44.50 -87.64 -47.29
N VAL B 352 43.21 -87.78 -47.57
CA VAL B 352 42.30 -88.58 -46.75
C VAL B 352 41.76 -89.73 -47.59
N SER B 353 41.06 -89.37 -48.66
CA SER B 353 40.46 -90.35 -49.56
C SER B 353 40.59 -89.92 -51.04
N THR B 354 40.57 -90.91 -51.93
CA THR B 354 40.57 -90.66 -53.36
C THR B 354 39.88 -91.77 -54.13
N THR B 355 39.44 -91.44 -55.35
CA THR B 355 38.89 -92.47 -56.22
C THR B 355 40.02 -93.40 -56.64
N PRO B 356 39.79 -94.73 -56.54
CA PRO B 356 40.82 -95.70 -56.91
C PRO B 356 41.29 -95.54 -58.34
N SER B 357 42.52 -95.94 -58.62
CA SER B 357 43.17 -95.70 -59.91
C SER B 357 42.44 -96.48 -61.01
N ALA B 358 41.69 -97.49 -60.59
CA ALA B 358 40.94 -98.34 -61.51
C ALA B 358 39.58 -97.73 -61.81
N GLU B 359 38.79 -97.50 -60.77
CA GLU B 359 37.43 -96.96 -60.91
C GLU B 359 37.39 -95.65 -61.69
N GLU B 360 36.25 -95.39 -62.30
CA GLU B 360 35.97 -94.12 -62.97
C GLU B 360 35.32 -93.20 -61.95
N PRO B 361 35.41 -91.88 -62.19
CA PRO B 361 34.81 -90.96 -61.22
C PRO B 361 33.35 -91.28 -61.01
N LYS B 362 32.94 -91.46 -59.75
CA LYS B 362 31.56 -91.81 -59.46
C LYS B 362 30.76 -90.57 -59.04
N ILE B 363 29.79 -90.19 -59.87
CA ILE B 363 28.89 -89.09 -59.57
C ILE B 363 27.46 -89.66 -59.58
N ILE B 364 26.71 -89.40 -58.52
CA ILE B 364 25.35 -89.90 -58.40
C ILE B 364 24.38 -88.74 -58.46
N THR B 365 23.08 -89.04 -58.40
CA THR B 365 22.06 -88.02 -58.30
C THR B 365 21.08 -88.35 -57.17
N VAL B 366 20.93 -87.42 -56.24
CA VAL B 366 20.15 -87.63 -55.03
C VAL B 366 19.04 -86.58 -54.90
N ASP B 367 17.96 -86.94 -54.22
CA ASP B 367 16.84 -86.02 -54.01
C ASP B 367 17.28 -84.83 -53.16
N ARG B 368 17.04 -83.62 -53.65
CA ARG B 368 17.47 -82.41 -52.95
C ARG B 368 16.77 -82.26 -51.59
N ASP B 369 15.48 -82.54 -51.53
CA ASP B 369 14.70 -82.36 -50.30
C ASP B 369 15.16 -83.33 -49.22
N GLN B 370 15.58 -84.53 -49.64
CA GLN B 370 16.06 -85.53 -48.70
C GLN B 370 17.50 -85.23 -48.26
N LEU B 371 18.29 -84.61 -49.13
CA LEU B 371 19.67 -84.26 -48.82
C LEU B 371 19.76 -83.20 -47.74
N ASN B 372 18.91 -82.19 -47.84
CA ASN B 372 18.86 -81.09 -46.87
C ASN B 372 18.32 -81.57 -45.54
N SER B 373 17.77 -82.77 -45.55
CA SER B 373 17.27 -83.41 -44.35
C SER B 373 18.33 -84.19 -43.59
N GLY B 374 18.96 -85.14 -44.27
CA GLY B 374 19.27 -86.40 -43.64
C GLY B 374 19.76 -87.42 -44.64
N ARG B 375 19.22 -88.63 -44.47
CA ARG B 375 19.50 -89.78 -45.32
C ARG B 375 19.66 -89.41 -46.80
N ILE B 376 20.59 -90.11 -47.45
CA ILE B 376 20.90 -89.97 -48.87
C ILE B 376 20.20 -91.04 -49.70
N VAL B 377 19.28 -90.62 -50.56
CA VAL B 377 18.54 -91.56 -51.40
C VAL B 377 18.67 -91.17 -52.87
N GLU B 378 19.20 -92.09 -53.67
CA GLU B 378 19.45 -91.83 -55.08
C GLU B 378 18.15 -91.55 -55.83
N VAL B 379 18.20 -90.67 -56.83
CA VAL B 379 17.02 -90.34 -57.64
C VAL B 379 17.40 -90.24 -59.11
N ASP B 380 16.39 -90.26 -59.98
CA ASP B 380 16.62 -90.17 -61.42
C ASP B 380 17.23 -88.82 -61.75
N ALA B 381 18.10 -88.81 -62.76
CA ALA B 381 18.87 -87.62 -63.12
C ALA B 381 18.01 -86.48 -63.63
N ASP B 382 16.98 -86.80 -64.40
CA ASP B 382 16.11 -85.78 -64.97
C ASP B 382 15.09 -85.23 -63.97
N SER B 383 14.98 -85.87 -62.80
CA SER B 383 14.02 -85.45 -61.78
C SER B 383 14.19 -83.99 -61.39
N PRO B 384 13.06 -83.28 -61.16
CA PRO B 384 13.15 -81.86 -60.83
C PRO B 384 13.83 -81.58 -59.49
N LYS B 385 13.68 -82.49 -58.52
CA LYS B 385 14.44 -82.37 -57.29
C LYS B 385 15.59 -83.37 -57.38
N ALA B 386 16.70 -82.90 -57.92
CA ALA B 386 17.89 -83.71 -58.08
C ALA B 386 19.14 -82.91 -57.78
N VAL B 387 20.08 -83.51 -57.06
CA VAL B 387 21.36 -82.88 -56.77
C VAL B 387 22.50 -83.79 -57.19
N ALA B 388 23.41 -83.26 -58.02
CA ALA B 388 24.56 -84.04 -58.43
C ALA B 388 25.50 -84.20 -57.24
N GLN B 389 26.06 -85.39 -57.06
CA GLN B 389 26.99 -85.65 -55.96
C GLN B 389 28.16 -86.50 -56.44
N ALA B 390 29.38 -86.05 -56.20
CA ALA B 390 30.57 -86.80 -56.63
C ALA B 390 31.23 -87.56 -55.48
N SER B 391 31.44 -88.86 -55.66
CA SER B 391 32.10 -89.68 -54.64
C SER B 391 33.56 -89.28 -54.49
N ALA B 392 34.05 -89.28 -53.25
CA ALA B 392 35.46 -88.98 -52.99
C ALA B 392 36.29 -90.26 -52.88
N GLY B 393 35.64 -91.40 -53.05
CA GLY B 393 36.33 -92.68 -53.08
C GLY B 393 36.56 -93.31 -51.72
N LYS B 394 37.66 -94.07 -51.62
CA LYS B 394 37.98 -94.84 -50.42
C LYS B 394 39.09 -94.20 -49.58
N VAL B 395 39.00 -94.34 -48.26
CA VAL B 395 40.03 -93.80 -47.37
C VAL B 395 41.35 -94.53 -47.58
N GLY B 396 42.45 -93.81 -47.39
CA GLY B 396 43.80 -94.34 -47.57
C GLY B 396 44.23 -95.38 -46.53
N ILE B 397 45.41 -95.98 -46.77
CA ILE B 397 45.94 -97.00 -45.86
C ILE B 397 46.35 -96.33 -44.55
N ALA B 398 46.20 -97.06 -43.46
CA ALA B 398 46.58 -96.56 -42.13
C ALA B 398 45.78 -95.30 -41.80
N GLU B 399 44.59 -95.20 -42.39
CA GLU B 399 43.68 -94.09 -42.13
C GLU B 399 42.25 -94.56 -41.99
N TRP B 400 41.49 -93.82 -41.19
CA TRP B 400 40.07 -94.09 -40.97
C TRP B 400 39.29 -92.79 -41.04
N ALA B 401 38.15 -92.82 -41.74
CA ALA B 401 37.25 -91.68 -41.77
C ALA B 401 35.86 -92.19 -41.47
N VAL B 402 35.21 -91.58 -40.49
CA VAL B 402 33.88 -91.99 -40.08
C VAL B 402 32.94 -90.80 -39.95
N ILE B 403 31.64 -91.05 -40.17
CA ILE B 403 30.62 -90.03 -39.96
C ILE B 403 29.92 -90.23 -38.62
N VAL B 404 30.00 -89.20 -37.78
CA VAL B 404 29.59 -89.28 -36.38
C VAL B 404 28.58 -88.17 -36.06
N ASP B 405 27.83 -88.35 -34.97
CA ASP B 405 26.97 -87.30 -34.46
C ASP B 405 27.80 -86.42 -33.53
N ALA B 406 27.55 -85.11 -33.58
CA ALA B 406 28.40 -84.16 -32.86
C ALA B 406 28.22 -84.17 -31.34
N GLU B 407 26.98 -84.22 -30.88
CA GLU B 407 26.69 -84.17 -29.44
C GLU B 407 26.98 -85.49 -28.74
N SER B 408 26.54 -86.60 -29.35
CA SER B 408 26.65 -87.93 -28.77
C SER B 408 27.92 -88.70 -29.17
N ALA B 409 28.68 -88.17 -30.12
CA ALA B 409 29.89 -88.83 -30.60
C ALA B 409 29.63 -90.27 -31.03
N THR B 410 28.49 -90.49 -31.68
CA THR B 410 28.11 -91.83 -32.11
C THR B 410 28.08 -91.94 -33.64
N GLU B 411 28.58 -93.06 -34.14
CA GLU B 411 28.62 -93.33 -35.57
C GLU B 411 27.24 -93.52 -36.17
N LEU B 412 27.02 -92.89 -37.32
CA LEU B 412 25.78 -93.05 -38.07
C LEU B 412 25.89 -94.18 -39.08
N PRO B 413 24.76 -94.77 -39.48
CA PRO B 413 24.73 -95.81 -40.51
C PRO B 413 24.95 -95.23 -41.89
N ASP B 414 25.36 -96.04 -42.85
CA ASP B 414 25.59 -95.56 -44.21
C ASP B 414 24.29 -94.99 -44.77
N GLY B 415 24.41 -93.89 -45.51
CA GLY B 415 23.28 -93.24 -46.13
C GLY B 415 22.81 -92.00 -45.39
N GLN B 416 23.15 -91.88 -44.10
CA GLN B 416 22.77 -90.69 -43.32
C GLN B 416 23.94 -89.72 -43.20
N VAL B 417 23.67 -88.43 -43.37
CA VAL B 417 24.73 -87.43 -43.38
C VAL B 417 25.01 -86.95 -41.96
N GLY B 418 26.30 -86.75 -41.67
CA GLY B 418 26.74 -86.21 -40.40
C GLY B 418 28.10 -85.60 -40.61
N GLU B 419 28.70 -85.13 -39.52
CA GLU B 419 30.04 -84.57 -39.59
C GLU B 419 31.08 -85.67 -39.71
N ILE B 420 32.07 -85.46 -40.55
CA ILE B 420 33.18 -86.39 -40.75
C ILE B 420 34.27 -86.29 -39.67
N TRP B 421 34.61 -87.41 -39.05
CA TRP B 421 35.77 -87.48 -38.16
C TRP B 421 36.83 -88.37 -38.81
N ILE B 422 38.10 -88.00 -38.64
CA ILE B 422 39.20 -88.75 -39.23
C ILE B 422 40.29 -89.08 -38.21
N SER B 423 40.95 -90.22 -38.40
CA SER B 423 42.04 -90.65 -37.51
C SER B 423 43.13 -91.41 -38.26
N GLY B 424 44.38 -91.20 -37.87
CA GLY B 424 45.51 -91.84 -38.52
C GLY B 424 46.82 -91.23 -38.07
N GLN B 425 47.93 -91.88 -38.41
CA GLN B 425 49.26 -91.42 -37.99
C GLN B 425 49.68 -90.15 -38.72
N ASN B 426 48.91 -89.77 -39.74
CA ASN B 426 49.19 -88.57 -40.54
C ASN B 426 48.59 -87.30 -39.96
N MET B 427 47.80 -87.43 -38.91
CA MET B 427 47.12 -86.28 -38.33
C MET B 427 48.08 -85.40 -37.53
N GLY B 428 47.93 -84.08 -37.68
CA GLY B 428 48.80 -83.12 -37.01
C GLY B 428 48.68 -83.13 -35.51
N THR B 429 49.60 -82.43 -34.84
CA THR B 429 49.66 -82.42 -33.38
C THR B 429 48.82 -81.30 -32.78
N GLY B 430 48.25 -80.47 -33.65
CA GLY B 430 47.43 -79.37 -33.18
C GLY B 430 47.60 -78.12 -34.02
N TYR B 431 47.01 -77.03 -33.55
CA TYR B 431 47.21 -75.74 -34.19
C TYR B 431 48.29 -74.99 -33.41
N TRP B 432 49.19 -74.31 -34.13
CA TRP B 432 50.28 -73.61 -33.49
C TRP B 432 49.78 -72.42 -32.68
N GLY B 433 50.18 -72.37 -31.41
CA GLY B 433 49.85 -71.25 -30.54
C GLY B 433 48.40 -71.14 -30.11
N LYS B 434 47.62 -72.19 -30.38
CA LYS B 434 46.22 -72.26 -29.97
C LYS B 434 45.97 -73.52 -29.13
N PRO B 435 46.30 -73.45 -27.83
CA PRO B 435 46.24 -74.66 -27.00
C PRO B 435 44.82 -75.22 -26.82
N GLU B 436 43.85 -74.34 -26.53
CA GLU B 436 42.48 -74.77 -26.25
C GLU B 436 41.78 -75.34 -27.48
N GLU B 437 41.79 -74.59 -28.58
CA GLU B 437 41.13 -75.02 -29.81
C GLU B 437 41.75 -76.31 -30.35
N SER B 438 43.05 -76.45 -30.19
CA SER B 438 43.76 -77.61 -30.71
C SER B 438 43.26 -78.92 -30.10
N VAL B 439 43.06 -78.92 -28.79
CA VAL B 439 42.59 -80.13 -28.10
C VAL B 439 41.19 -80.45 -28.57
N ALA B 440 40.36 -79.41 -28.72
CA ALA B 440 38.98 -79.59 -29.10
C ALA B 440 38.87 -80.16 -30.51
N THR B 441 39.76 -79.71 -31.41
CA THR B 441 39.76 -80.21 -32.78
C THR B 441 40.44 -81.57 -32.95
N PHE B 442 41.66 -81.72 -32.45
CA PHE B 442 42.47 -82.90 -32.75
C PHE B 442 42.34 -84.09 -31.79
N GLN B 443 41.78 -83.86 -30.60
CA GLN B 443 41.55 -84.95 -29.64
C GLN B 443 40.06 -85.17 -29.42
N ASN B 444 39.55 -86.27 -29.98
CA ASN B 444 38.16 -86.66 -29.81
C ASN B 444 38.05 -88.17 -29.79
N ILE B 445 37.20 -88.70 -28.90
CA ILE B 445 37.04 -90.14 -28.78
C ILE B 445 35.67 -90.53 -29.32
N LEU B 446 35.62 -91.66 -30.05
CA LEU B 446 34.38 -92.13 -30.63
C LEU B 446 33.66 -93.02 -29.63
N LYS B 447 32.49 -92.56 -29.19
CA LYS B 447 31.77 -93.21 -28.12
C LYS B 447 31.01 -94.44 -28.59
N SER B 448 30.54 -94.42 -29.85
CA SER B 448 29.79 -95.55 -30.38
C SER B 448 30.05 -95.79 -31.87
N ARG B 449 30.10 -97.06 -32.23
CA ARG B 449 30.30 -97.51 -33.61
C ARG B 449 29.11 -98.36 -34.02
N THR B 450 28.98 -98.63 -35.31
CA THR B 450 27.92 -99.50 -35.80
C THR B 450 28.46 -100.92 -35.91
N ASN B 451 27.60 -101.88 -36.25
CA ASN B 451 28.00 -103.28 -36.28
C ASN B 451 29.13 -103.48 -37.28
N PRO B 452 28.92 -103.05 -38.54
CA PRO B 452 29.98 -102.98 -39.56
C PRO B 452 30.71 -101.63 -39.52
N SER B 453 31.15 -101.22 -38.33
CA SER B 453 31.77 -99.91 -38.12
C SER B 453 32.92 -99.60 -39.06
N HIS B 454 33.06 -98.32 -39.36
CA HIS B 454 34.14 -97.81 -40.22
C HIS B 454 35.41 -97.52 -39.43
N ALA B 455 35.33 -97.69 -38.12
CA ALA B 455 36.48 -97.47 -37.25
C ALA B 455 37.26 -98.77 -37.06
N GLU B 456 36.84 -99.83 -37.74
CA GLU B 456 37.50 -101.12 -37.63
C GLU B 456 38.97 -101.03 -38.03
N GLY B 457 39.84 -101.54 -37.16
CA GLY B 457 41.28 -101.50 -37.38
C GLY B 457 41.99 -100.48 -36.52
N ALA B 458 41.21 -99.55 -35.97
CA ALA B 458 41.75 -98.50 -35.12
C ALA B 458 41.48 -98.79 -33.65
N THR B 459 42.42 -98.41 -32.80
CA THR B 459 42.28 -98.64 -31.37
C THR B 459 41.06 -97.92 -30.82
N ASP B 460 40.45 -98.53 -29.80
CA ASP B 460 39.27 -97.96 -29.17
C ASP B 460 39.63 -96.64 -28.49
N ASP B 461 40.91 -96.50 -28.15
CA ASP B 461 41.43 -95.33 -27.44
C ASP B 461 42.02 -94.28 -28.37
N ALA B 462 41.71 -94.35 -29.66
CA ALA B 462 42.36 -93.48 -30.63
C ALA B 462 41.66 -92.13 -30.76
N THR B 463 42.46 -91.11 -31.04
CA THR B 463 41.99 -89.74 -31.16
C THR B 463 41.49 -89.48 -32.57
N TRP B 464 40.39 -88.74 -32.67
CA TRP B 464 39.82 -88.37 -33.96
C TRP B 464 39.87 -86.88 -34.18
N VAL B 465 40.07 -86.47 -35.43
CA VAL B 465 40.15 -85.07 -35.79
C VAL B 465 38.84 -84.65 -36.45
N ARG B 466 38.23 -83.62 -35.89
CA ARG B 466 37.00 -83.06 -36.43
C ARG B 466 37.33 -82.16 -37.64
N THR B 467 36.84 -82.54 -38.82
CA THR B 467 37.21 -81.85 -40.05
C THR B 467 36.43 -80.56 -40.21
N GLY B 468 35.21 -80.56 -39.70
CA GLY B 468 34.30 -79.44 -39.87
C GLY B 468 33.48 -79.57 -41.14
N ASP B 469 33.42 -80.79 -41.68
CA ASP B 469 32.70 -81.06 -42.93
C ASP B 469 31.58 -82.07 -42.73
N TYR B 470 30.44 -81.82 -43.35
CA TYR B 470 29.37 -82.80 -43.41
C TYR B 470 29.59 -83.74 -44.59
N GLY B 471 29.29 -85.02 -44.39
CA GLY B 471 29.46 -86.02 -45.45
C GLY B 471 28.71 -87.28 -45.10
N ALA B 472 28.82 -88.29 -45.96
CA ALA B 472 28.17 -89.58 -45.72
C ALA B 472 28.83 -90.70 -46.51
N PHE B 473 28.58 -91.94 -46.08
CA PHE B 473 28.99 -93.13 -46.82
C PHE B 473 27.80 -93.68 -47.61
N TYR B 474 28.00 -93.95 -48.89
CA TYR B 474 26.99 -94.59 -49.71
C TYR B 474 27.68 -95.57 -50.64
N ASP B 475 27.04 -96.70 -50.92
CA ASP B 475 27.53 -97.73 -51.86
C ASP B 475 29.05 -97.99 -51.82
N GLY B 476 29.67 -97.79 -50.65
CA GLY B 476 31.09 -98.09 -50.46
C GLY B 476 32.04 -96.93 -50.67
N ASP B 477 31.48 -95.79 -51.08
CA ASP B 477 32.25 -94.57 -51.33
C ASP B 477 31.88 -93.47 -50.36
N LEU B 478 32.83 -92.56 -50.13
CA LEU B 478 32.60 -91.41 -49.26
C LEU B 478 32.14 -90.20 -50.08
N TYR B 479 31.02 -89.60 -49.68
CA TYR B 479 30.49 -88.39 -50.32
C TYR B 479 30.54 -87.24 -49.35
N ILE B 480 31.05 -86.11 -49.82
CA ILE B 480 31.13 -84.90 -49.01
C ILE B 480 30.14 -83.85 -49.48
N THR B 481 29.16 -83.57 -48.64
CA THR B 481 28.06 -82.71 -49.01
C THR B 481 28.35 -81.22 -48.83
N GLY B 482 29.39 -80.89 -48.08
CA GLY B 482 29.79 -79.51 -47.89
C GLY B 482 30.34 -79.22 -46.51
N ARG B 483 30.59 -77.94 -46.23
CA ARG B 483 31.21 -77.54 -44.98
C ARG B 483 30.14 -77.21 -43.95
N VAL B 484 30.38 -77.57 -42.70
CA VAL B 484 29.38 -77.39 -41.64
C VAL B 484 29.12 -75.92 -41.40
N LYS B 485 30.20 -75.13 -41.46
CA LYS B 485 30.15 -73.70 -41.21
C LYS B 485 29.38 -72.99 -42.32
N ASP B 486 29.38 -73.61 -43.50
CA ASP B 486 28.84 -72.98 -44.70
C ASP B 486 27.36 -73.31 -44.98
N LEU B 487 26.73 -74.16 -44.19
CA LEU B 487 25.34 -74.51 -44.43
C LEU B 487 24.41 -73.31 -44.25
N VAL B 488 23.44 -73.17 -45.16
CA VAL B 488 22.54 -72.01 -45.17
C VAL B 488 21.18 -72.37 -44.57
N ILE B 489 20.98 -71.99 -43.32
CA ILE B 489 19.69 -72.18 -42.65
C ILE B 489 18.74 -71.00 -42.85
N ILE B 490 17.62 -71.22 -43.52
CA ILE B 490 16.64 -70.14 -43.72
C ILE B 490 15.22 -70.61 -43.41
N ASP B 491 14.59 -69.95 -42.44
CA ASP B 491 13.19 -70.21 -42.10
C ASP B 491 12.94 -71.65 -41.67
N GLY B 492 13.98 -72.35 -41.25
CA GLY B 492 13.85 -73.70 -40.73
C GLY B 492 14.32 -74.79 -41.67
N ARG B 493 14.50 -74.44 -42.94
CA ARG B 493 14.98 -75.39 -43.95
C ARG B 493 16.47 -75.21 -44.22
N ASN B 494 17.15 -76.32 -44.44
CA ASN B 494 18.58 -76.35 -44.69
C ASN B 494 18.87 -76.15 -46.18
N HIS B 495 19.95 -75.45 -46.51
CA HIS B 495 20.36 -75.29 -47.91
C HIS B 495 21.88 -75.35 -48.07
N TYR B 496 22.31 -76.10 -49.07
CA TYR B 496 23.73 -76.17 -49.42
C TYR B 496 24.13 -75.05 -50.40
N PRO B 497 25.21 -74.33 -50.10
CA PRO B 497 25.53 -73.14 -50.92
C PRO B 497 25.86 -73.45 -52.38
N GLN B 498 26.51 -74.58 -52.62
CA GLN B 498 26.94 -74.94 -53.97
C GLN B 498 25.70 -75.23 -54.82
N ASP B 499 24.67 -75.75 -54.18
CA ASP B 499 23.42 -76.05 -54.84
C ASP B 499 22.75 -74.76 -55.28
N LEU B 500 22.73 -73.79 -54.36
CA LEU B 500 22.16 -72.48 -54.64
C LEU B 500 22.95 -71.77 -55.73
N GLU B 501 24.26 -71.83 -55.63
CA GLU B 501 25.14 -71.11 -56.54
C GLU B 501 25.06 -71.68 -57.94
N TYR B 502 24.85 -72.98 -58.06
CA TYR B 502 24.69 -73.60 -59.37
C TYR B 502 23.38 -73.13 -59.98
N SER B 503 22.33 -73.12 -59.18
CA SER B 503 21.01 -72.73 -59.65
C SER B 503 20.99 -71.26 -60.04
N ALA B 504 21.73 -70.46 -59.29
CA ALA B 504 21.86 -69.03 -59.57
C ALA B 504 22.63 -68.80 -60.86
N GLN B 505 23.70 -69.56 -61.04
CA GLN B 505 24.56 -69.41 -62.19
C GLN B 505 23.86 -69.82 -63.47
N GLU B 506 22.98 -70.80 -63.38
CA GLU B 506 22.29 -71.31 -64.56
C GLU B 506 21.09 -70.43 -64.90
N ALA B 507 20.80 -69.45 -64.06
CA ALA B 507 19.66 -68.56 -64.27
C ALA B 507 19.97 -67.46 -65.29
N SER B 508 21.15 -66.85 -65.18
CA SER B 508 21.56 -65.78 -66.09
C SER B 508 23.01 -65.94 -66.54
N LYS B 509 23.27 -65.62 -67.81
CA LYS B 509 24.61 -65.77 -68.38
C LYS B 509 25.52 -64.59 -68.02
N ALA B 510 24.96 -63.61 -67.30
CA ALA B 510 25.71 -62.43 -66.90
C ALA B 510 26.56 -62.70 -65.67
N ILE B 511 26.28 -63.80 -64.97
CA ILE B 511 26.99 -64.13 -63.75
C ILE B 511 28.22 -64.92 -64.14
N ARG B 512 29.39 -64.34 -63.84
CA ARG B 512 30.66 -65.00 -64.12
C ARG B 512 30.69 -66.37 -63.47
N THR B 513 31.41 -67.30 -64.09
CA THR B 513 31.28 -68.71 -63.77
C THR B 513 32.30 -69.13 -62.71
N GLY B 514 31.79 -69.67 -61.61
CA GLY B 514 32.61 -70.08 -60.50
C GLY B 514 32.93 -68.92 -59.56
N TYR B 515 32.36 -67.76 -59.87
CA TYR B 515 32.56 -66.55 -59.09
C TYR B 515 31.44 -66.22 -58.11
N VAL B 516 30.45 -67.11 -57.99
CA VAL B 516 29.27 -66.86 -57.18
C VAL B 516 29.37 -67.42 -55.75
N ALA B 517 28.81 -66.69 -54.79
CA ALA B 517 28.83 -67.09 -53.38
C ALA B 517 27.48 -66.89 -52.70
N ALA B 518 26.94 -67.96 -52.09
CA ALA B 518 25.67 -67.90 -51.38
C ALA B 518 25.87 -68.04 -49.85
N PHE B 519 25.20 -67.18 -49.09
CA PHE B 519 25.30 -67.21 -47.62
C PHE B 519 24.07 -66.60 -46.97
N SER B 520 24.05 -66.58 -45.64
CA SER B 520 22.91 -66.03 -44.90
C SER B 520 23.33 -64.94 -43.93
N VAL B 521 22.53 -63.88 -43.85
CA VAL B 521 22.74 -62.79 -42.89
C VAL B 521 21.44 -62.47 -42.15
N PRO B 522 21.54 -62.14 -40.86
CA PRO B 522 20.34 -61.79 -40.09
C PRO B 522 19.67 -60.54 -40.65
N ALA B 523 18.36 -60.63 -40.88
CA ALA B 523 17.57 -59.54 -41.43
C ALA B 523 17.89 -58.18 -40.81
N ASN B 524 18.15 -58.16 -39.49
CA ASN B 524 18.46 -56.93 -38.80
C ASN B 524 19.78 -56.36 -39.30
N GLN B 525 20.62 -57.23 -39.84
CA GLN B 525 21.94 -56.89 -40.38
C GLN B 525 21.89 -56.37 -41.81
N LEU B 526 20.89 -56.82 -42.58
CA LEU B 526 20.76 -56.44 -43.99
C LEU B 526 20.86 -54.94 -44.22
N PRO B 527 21.53 -54.53 -45.31
CA PRO B 527 21.71 -53.10 -45.61
C PRO B 527 20.40 -52.42 -46.01
N ASP B 528 20.34 -51.11 -45.80
CA ASP B 528 19.13 -50.33 -46.07
C ASP B 528 18.67 -50.44 -47.52
N GLU B 529 19.62 -50.65 -48.44
CA GLU B 529 19.32 -50.74 -49.87
C GLU B 529 18.31 -51.85 -50.19
N VAL B 530 18.40 -52.96 -49.45
CA VAL B 530 17.54 -54.11 -49.68
C VAL B 530 16.08 -53.74 -49.40
N PHE B 531 15.87 -52.97 -48.33
CA PHE B 531 14.53 -52.56 -47.94
C PHE B 531 13.97 -51.51 -48.87
N GLU B 532 14.86 -50.78 -49.54
CA GLU B 532 14.45 -49.76 -50.49
C GLU B 532 13.94 -50.41 -51.76
N ASN B 533 14.40 -51.63 -52.02
CA ASN B 533 13.88 -52.38 -53.15
C ASN B 533 12.51 -52.89 -52.76
N ALA B 534 11.52 -52.67 -53.62
CA ALA B 534 10.14 -53.02 -53.32
C ALA B 534 9.91 -54.52 -53.40
N HIS B 535 10.47 -55.12 -54.44
CA HIS B 535 10.23 -56.53 -54.74
C HIS B 535 10.92 -57.50 -53.78
N SER B 536 11.79 -57.00 -52.91
CA SER B 536 12.40 -57.88 -51.91
C SER B 536 11.29 -58.31 -50.95
N GLY B 537 11.40 -59.52 -50.41
CA GLY B 537 10.39 -60.02 -49.49
C GLY B 537 10.57 -59.55 -48.06
N ILE B 538 11.39 -58.52 -47.86
CA ILE B 538 11.64 -58.00 -46.51
C ILE B 538 11.50 -56.50 -46.39
N LYS B 539 10.97 -56.07 -45.25
CA LYS B 539 10.78 -54.68 -44.89
C LYS B 539 11.63 -54.48 -43.63
N ARG B 540 11.91 -53.25 -43.24
CA ARG B 540 12.94 -53.03 -42.22
C ARG B 540 12.36 -53.10 -40.82
N ASP B 541 12.72 -54.19 -40.13
CA ASP B 541 12.39 -54.42 -38.73
C ASP B 541 13.66 -54.55 -37.88
N PRO B 542 13.87 -53.62 -36.95
CA PRO B 542 15.07 -53.76 -36.11
C PRO B 542 14.98 -54.95 -35.17
N ASP B 543 13.77 -55.46 -34.94
CA ASP B 543 13.57 -56.55 -34.00
C ASP B 543 13.57 -57.93 -34.67
N ASP B 544 13.74 -57.96 -35.99
CA ASP B 544 13.74 -59.25 -36.70
C ASP B 544 15.17 -59.73 -36.78
N THR B 545 15.45 -60.82 -36.07
CA THR B 545 16.79 -61.35 -35.96
C THR B 545 17.09 -62.49 -36.95
N SER B 546 16.20 -62.69 -37.92
CA SER B 546 16.28 -63.88 -38.78
C SER B 546 17.05 -63.61 -40.08
N GLN B 548 18.56 -64.83 -43.53
CA GLN B 548 18.03 -64.45 -44.84
C GLN B 548 19.09 -64.62 -45.94
N LEU B 549 18.63 -65.10 -47.10
CA LEU B 549 19.52 -65.46 -48.22
C LEU B 549 20.11 -64.27 -48.98
N VAL B 550 21.42 -64.29 -49.16
CA VAL B 550 22.12 -63.32 -50.00
C VAL B 550 22.98 -64.06 -51.01
N ILE B 551 22.98 -63.56 -52.26
CA ILE B 551 23.79 -64.16 -53.31
C ILE B 551 24.66 -63.08 -53.97
N VAL B 552 25.97 -63.30 -53.95
CA VAL B 552 26.91 -62.37 -54.55
C VAL B 552 27.63 -63.02 -55.73
N ALA B 553 27.71 -62.31 -56.85
CA ALA B 553 28.26 -62.86 -58.09
C ALA B 553 29.03 -61.82 -58.90
N GLU B 554 30.15 -62.27 -59.46
CA GLU B 554 30.99 -61.43 -60.30
C GLU B 554 30.48 -61.29 -61.73
N ARG B 555 30.88 -60.22 -62.41
CA ARG B 555 30.38 -59.90 -63.74
C ARG B 555 31.42 -60.20 -64.83
N LEU B 562 25.72 -53.22 -68.10
CA LEU B 562 24.64 -54.16 -68.37
C LEU B 562 23.37 -53.78 -67.59
N ASP B 563 22.35 -54.63 -67.71
CA ASP B 563 21.04 -54.37 -67.10
C ASP B 563 21.08 -54.22 -65.57
N ILE B 564 21.41 -55.31 -64.89
CA ILE B 564 21.46 -55.39 -63.42
C ILE B 564 20.09 -55.54 -62.75
N GLY B 565 19.04 -55.03 -63.39
CA GLY B 565 17.70 -55.13 -62.84
C GLY B 565 17.07 -56.49 -63.12
N PRO B 566 17.10 -56.92 -64.40
CA PRO B 566 16.62 -58.24 -64.87
C PRO B 566 17.47 -59.41 -64.42
N ILE B 567 18.79 -59.22 -64.32
CA ILE B 567 19.69 -60.28 -63.88
C ILE B 567 19.23 -60.76 -62.50
N THR B 568 18.81 -59.81 -61.66
CA THR B 568 18.27 -60.11 -60.34
C THR B 568 16.96 -60.90 -60.43
N ASP B 569 16.13 -60.56 -61.42
CA ASP B 569 14.83 -61.21 -61.59
C ASP B 569 14.98 -62.66 -62.04
N ASP B 570 15.97 -62.92 -62.88
CA ASP B 570 16.24 -64.27 -63.35
C ASP B 570 16.68 -65.15 -62.19
N ILE B 571 17.58 -64.61 -61.38
CA ILE B 571 18.11 -65.30 -60.21
C ILE B 571 17.07 -65.53 -59.12
N ARG B 572 16.27 -64.51 -58.83
CA ARG B 572 15.24 -64.59 -57.80
C ARG B 572 14.24 -65.69 -58.09
N ALA B 573 13.75 -65.72 -59.32
CA ALA B 573 12.73 -66.68 -59.72
C ALA B 573 13.28 -68.10 -59.74
N ALA B 574 14.47 -68.26 -60.31
CA ALA B 574 15.05 -69.59 -60.49
C ALA B 574 15.30 -70.26 -59.15
N ILE B 575 15.77 -69.49 -58.19
CA ILE B 575 16.03 -70.01 -56.86
C ILE B 575 14.71 -70.25 -56.15
N ALA B 576 13.76 -69.35 -56.36
CA ALA B 576 12.45 -69.45 -55.73
C ALA B 576 11.72 -70.73 -56.11
N VAL B 577 11.80 -71.12 -57.38
CA VAL B 577 11.06 -72.27 -57.88
C VAL B 577 11.69 -73.61 -57.49
N ARG B 578 13.02 -73.67 -57.55
CA ARG B 578 13.75 -74.93 -57.33
C ARG B 578 13.96 -75.28 -55.85
N HIS B 579 13.97 -74.26 -55.00
CA HIS B 579 14.44 -74.39 -53.61
C HIS B 579 13.32 -74.07 -52.62
N GLY B 580 12.72 -72.89 -52.74
CA GLY B 580 11.65 -72.49 -51.86
C GLY B 580 12.04 -71.43 -50.85
N VAL B 581 13.17 -70.79 -51.11
CA VAL B 581 13.59 -69.62 -50.34
C VAL B 581 13.66 -68.39 -51.25
N THR B 582 13.27 -67.24 -50.69
CA THR B 582 13.29 -65.99 -51.43
C THR B 582 14.62 -65.29 -51.15
N VAL B 583 15.39 -65.00 -52.20
CA VAL B 583 16.63 -64.27 -52.03
C VAL B 583 16.28 -62.80 -51.84
N ARG B 584 16.70 -62.26 -50.70
CA ARG B 584 16.34 -60.90 -50.32
C ARG B 584 17.26 -59.88 -51.00
N ASP B 585 18.52 -60.23 -51.19
CA ASP B 585 19.46 -59.33 -51.85
C ASP B 585 20.43 -60.12 -52.75
N VAL B 586 20.61 -59.63 -53.97
CA VAL B 586 21.64 -60.13 -54.87
C VAL B 586 22.57 -58.99 -55.27
N LEU B 587 23.85 -59.15 -54.97
CA LEU B 587 24.84 -58.11 -55.22
C LEU B 587 25.76 -58.49 -56.36
N LEU B 588 25.65 -57.79 -57.49
CA LEU B 588 26.50 -58.05 -58.63
C LEU B 588 27.74 -57.17 -58.55
N THR B 589 28.92 -57.80 -58.58
CA THR B 589 30.19 -57.09 -58.43
C THR B 589 31.06 -57.31 -59.66
N ALA B 590 32.13 -56.54 -59.76
CA ALA B 590 33.07 -56.69 -60.87
C ALA B 590 33.93 -57.93 -60.66
N ALA B 591 34.49 -58.46 -61.74
CA ALA B 591 35.33 -59.64 -61.70
C ALA B 591 36.57 -59.45 -60.83
N GLY B 592 36.85 -60.44 -60.00
CA GLY B 592 38.02 -60.42 -59.13
C GLY B 592 37.75 -59.74 -57.80
N ALA B 593 36.52 -59.29 -57.61
CA ALA B 593 36.17 -58.54 -56.40
C ALA B 593 35.96 -59.49 -55.23
N ILE B 594 35.39 -60.65 -55.51
CA ILE B 594 35.09 -61.64 -54.48
C ILE B 594 36.38 -62.11 -53.80
N PRO B 595 36.37 -62.18 -52.45
CA PRO B 595 37.57 -62.68 -51.78
C PRO B 595 37.84 -64.14 -52.10
N ARG B 596 39.11 -64.45 -52.35
CA ARG B 596 39.55 -65.81 -52.61
C ARG B 596 40.62 -66.15 -51.58
N THR B 597 41.28 -67.29 -51.77
CA THR B 597 42.27 -67.76 -50.83
C THR B 597 43.57 -67.95 -51.59
N SER B 598 44.63 -68.28 -50.84
CA SER B 598 45.92 -68.61 -51.42
C SER B 598 45.77 -69.51 -52.65
N SER B 599 45.07 -70.62 -52.47
CA SER B 599 44.91 -71.64 -53.52
C SER B 599 43.93 -71.28 -54.64
N GLY B 600 43.09 -70.25 -54.43
CA GLY B 600 42.17 -69.82 -55.47
C GLY B 600 40.69 -70.17 -55.34
N LYS B 601 40.30 -70.82 -54.24
CA LYS B 601 38.90 -71.15 -54.03
C LYS B 601 38.20 -69.94 -53.44
N ILE B 602 36.91 -69.75 -53.72
CA ILE B 602 36.20 -68.60 -53.17
C ILE B 602 35.94 -68.79 -51.67
N GLY B 603 36.41 -67.84 -50.86
CA GLY B 603 36.06 -67.84 -49.44
C GLY B 603 34.70 -67.22 -49.17
N ARG B 604 33.72 -68.04 -48.82
CA ARG B 604 32.39 -67.54 -48.45
C ARG B 604 32.38 -66.66 -47.20
N ARG B 605 32.75 -67.25 -46.06
CA ARG B 605 32.81 -66.53 -44.79
C ARG B 605 33.41 -65.13 -44.91
N ALA B 606 34.43 -64.98 -45.76
CA ALA B 606 35.05 -63.68 -45.99
C ALA B 606 34.15 -62.82 -46.89
N CYS B 607 33.49 -63.48 -47.84
CA CYS B 607 32.58 -62.82 -48.73
C CYS B 607 31.39 -62.29 -47.94
N ARG B 608 30.96 -63.06 -46.95
CA ARG B 608 29.91 -62.61 -46.05
C ARG B 608 30.40 -61.37 -45.31
N ALA B 609 31.62 -61.45 -44.78
CA ALA B 609 32.24 -60.34 -44.05
C ALA B 609 32.36 -59.10 -44.93
N ALA B 610 32.77 -59.30 -46.18
CA ALA B 610 32.92 -58.19 -47.11
C ALA B 610 31.58 -57.59 -47.51
N TYR B 611 30.53 -58.40 -47.49
CA TYR B 611 29.19 -57.92 -47.81
C TYR B 611 28.57 -57.18 -46.63
N LEU B 612 28.74 -57.75 -45.44
CA LEU B 612 28.16 -57.16 -44.22
C LEU B 612 28.91 -55.90 -43.80
N ASP B 613 30.23 -55.91 -43.96
CA ASP B 613 31.07 -54.75 -43.63
C ASP B 613 30.98 -53.71 -44.74
N GLY B 614 30.38 -54.12 -45.85
CA GLY B 614 30.17 -53.25 -47.00
C GLY B 614 31.48 -52.93 -47.68
N SER B 615 32.28 -53.96 -47.91
CA SER B 615 33.52 -53.82 -48.66
C SER B 615 33.24 -54.08 -50.14
N LEU B 616 32.51 -55.16 -50.40
CA LEU B 616 32.09 -55.54 -51.75
C LEU B 616 31.30 -54.44 -52.42
N ARG B 617 30.46 -53.77 -51.65
CA ARG B 617 29.54 -52.77 -52.19
C ARG B 617 30.26 -51.46 -52.44
N ASN C 5 9.38 -8.12 -15.49
CA ASN C 5 8.97 -9.44 -15.96
C ASN C 5 8.18 -10.21 -14.91
N PRO C 6 6.89 -10.51 -15.18
CA PRO C 6 6.08 -11.12 -14.12
C PRO C 6 6.43 -12.58 -13.81
N PHE C 7 7.12 -13.25 -14.71
CA PHE C 7 7.39 -14.68 -14.57
C PHE C 7 8.61 -14.94 -13.72
N ILE C 8 9.45 -13.92 -13.57
CA ILE C 8 10.62 -14.01 -12.71
C ILE C 8 10.35 -13.36 -11.37
N LYS C 9 10.21 -14.19 -10.35
CA LYS C 9 9.93 -13.70 -9.00
C LYS C 9 11.08 -14.01 -8.06
N ASP C 10 11.86 -12.99 -7.71
CA ASP C 10 12.92 -13.12 -6.71
C ASP C 10 13.74 -14.40 -6.89
N GLY C 11 14.68 -14.41 -7.84
CA GLY C 11 15.36 -15.64 -8.18
C GLY C 11 14.64 -16.46 -9.24
N GLN C 12 14.22 -17.68 -8.92
CA GLN C 12 13.75 -18.61 -9.95
C GLN C 12 12.54 -18.12 -10.73
N ILE C 13 12.07 -18.96 -11.66
CA ILE C 13 10.93 -18.62 -12.51
C ILE C 13 9.69 -19.40 -12.13
N LYS C 14 8.63 -18.66 -11.85
CA LYS C 14 7.38 -19.22 -11.36
C LYS C 14 6.18 -18.81 -12.23
N PHE C 15 5.57 -19.79 -12.90
CA PHE C 15 4.36 -19.54 -13.69
C PHE C 15 3.14 -19.72 -12.80
N PRO C 16 2.08 -18.91 -13.01
CA PRO C 16 0.92 -19.07 -12.14
C PRO C 16 0.21 -20.41 -12.27
N ASP C 17 -0.66 -20.69 -11.31
CA ASP C 17 -1.40 -21.95 -11.26
C ASP C 17 -2.48 -21.98 -12.34
N GLY C 18 -2.38 -22.96 -13.25
CA GLY C 18 -3.36 -23.11 -14.31
C GLY C 18 -2.86 -22.66 -15.66
N SER C 19 -1.83 -21.81 -15.63
CA SER C 19 -1.19 -21.30 -16.84
C SER C 19 -0.82 -22.42 -17.82
N SER C 20 -0.97 -22.11 -19.11
CA SER C 20 -0.65 -23.07 -20.16
C SER C 20 -0.21 -22.35 -21.42
N ILE C 21 0.55 -23.06 -22.26
CA ILE C 21 1.15 -22.50 -23.47
C ILE C 21 0.06 -22.27 -24.51
N VAL C 22 -0.71 -23.32 -24.76
CA VAL C 22 -1.81 -23.27 -25.71
C VAL C 22 -2.70 -22.07 -25.46
N ALA C 23 -2.99 -21.81 -24.19
CA ALA C 23 -3.87 -20.71 -23.81
C ALA C 23 -3.18 -19.36 -24.01
N HIS C 24 -1.87 -19.35 -23.81
CA HIS C 24 -1.09 -18.13 -23.90
C HIS C 24 -1.06 -17.57 -25.32
N VAL C 25 -0.84 -18.44 -26.30
CA VAL C 25 -0.79 -18.00 -27.68
C VAL C 25 -2.19 -17.58 -28.15
N GLU C 26 -3.21 -18.23 -27.62
CA GLU C 26 -4.59 -17.91 -27.98
C GLU C 26 -4.97 -16.51 -27.53
N ARG C 27 -4.48 -16.11 -26.36
CA ARG C 27 -4.70 -14.77 -25.86
C ARG C 27 -4.05 -13.76 -26.81
N TRP C 28 -2.81 -14.04 -27.21
CA TRP C 28 -2.12 -13.16 -28.15
C TRP C 28 -2.84 -13.15 -29.50
N ALA C 29 -3.42 -14.28 -29.89
CA ALA C 29 -4.10 -14.36 -31.17
C ALA C 29 -5.34 -13.48 -31.15
N LYS C 30 -5.94 -13.33 -29.98
CA LYS C 30 -7.09 -12.46 -29.83
C LYS C 30 -6.61 -11.02 -29.77
N VAL C 31 -5.47 -10.82 -29.12
CA VAL C 31 -4.89 -9.48 -28.89
C VAL C 31 -4.27 -8.92 -30.16
N ARG C 32 -3.68 -9.80 -30.98
CA ARG C 32 -3.10 -9.40 -32.26
C ARG C 32 -4.13 -9.40 -33.40
N GLY C 33 -5.07 -10.34 -33.37
CA GLY C 33 -6.03 -10.43 -34.46
C GLY C 33 -5.40 -10.73 -35.81
N ASP C 34 -5.54 -9.77 -36.73
CA ASP C 34 -5.11 -9.93 -38.11
C ASP C 34 -3.65 -9.52 -38.31
N LYS C 35 -2.97 -9.18 -37.21
CA LYS C 35 -1.58 -8.74 -37.27
C LYS C 35 -0.67 -9.91 -37.64
N LEU C 36 0.50 -9.61 -38.20
CA LEU C 36 1.43 -10.63 -38.71
C LEU C 36 2.07 -11.51 -37.62
N ALA C 37 2.04 -12.82 -37.85
CA ALA C 37 2.68 -13.79 -36.97
C ALA C 37 4.00 -14.33 -37.54
N TYR C 38 3.94 -15.03 -38.68
CA TYR C 38 5.12 -15.59 -39.33
C TYR C 38 5.25 -15.20 -40.79
N ARG C 39 6.49 -15.01 -41.23
CA ARG C 39 6.81 -14.68 -42.62
C ARG C 39 7.89 -15.62 -43.18
N PHE C 40 7.58 -16.31 -44.27
CA PHE C 40 8.51 -17.26 -44.89
C PHE C 40 9.02 -16.71 -46.23
N LEU C 41 10.33 -16.59 -46.36
CA LEU C 41 10.92 -16.08 -47.60
C LEU C 41 11.26 -17.25 -48.50
N ASP C 42 10.51 -17.39 -49.58
CA ASP C 42 10.67 -18.53 -50.49
C ASP C 42 11.49 -18.15 -51.71
N PHE C 43 12.69 -18.70 -51.82
CA PHE C 43 13.58 -18.42 -52.93
C PHE C 43 13.47 -19.47 -54.04
N SER C 44 12.55 -20.43 -53.88
CA SER C 44 12.40 -21.51 -54.86
C SER C 44 11.97 -21.03 -56.25
N THR C 45 10.80 -20.40 -56.36
CA THR C 45 10.33 -19.93 -57.67
C THR C 45 11.05 -18.67 -58.14
N GLU C 46 10.94 -17.57 -57.40
CA GLU C 46 11.66 -16.35 -57.73
C GLU C 46 13.07 -16.40 -57.17
N ARG C 47 13.97 -15.63 -57.77
CA ARG C 47 15.36 -15.55 -57.33
C ARG C 47 15.54 -14.67 -56.11
N ASP C 48 14.76 -13.60 -56.03
CA ASP C 48 14.90 -12.60 -54.97
C ASP C 48 14.02 -12.87 -53.76
N GLY C 49 13.12 -13.85 -53.88
CA GLY C 49 12.31 -14.30 -52.77
C GLY C 49 10.89 -13.78 -52.89
N VAL C 50 9.95 -14.62 -52.49
CA VAL C 50 8.53 -14.27 -52.47
C VAL C 50 7.96 -14.49 -51.07
N PRO C 51 7.73 -13.41 -50.31
CA PRO C 51 7.28 -13.61 -48.92
C PRO C 51 5.91 -14.30 -48.78
N ARG C 52 5.92 -15.43 -48.07
CA ARG C 52 4.71 -16.13 -47.64
C ARG C 52 4.34 -15.76 -46.20
N ASP C 53 3.16 -15.17 -46.00
CA ASP C 53 2.77 -14.65 -44.69
C ASP C 53 1.64 -15.43 -44.02
N LEU C 54 1.69 -15.47 -42.70
CA LEU C 54 0.67 -16.10 -41.88
C LEU C 54 0.34 -15.17 -40.72
N THR C 55 -0.90 -14.71 -40.64
CA THR C 55 -1.30 -13.82 -39.56
C THR C 55 -1.63 -14.56 -38.27
N TRP C 56 -1.84 -13.81 -37.20
CA TRP C 56 -2.20 -14.39 -35.92
C TRP C 56 -3.57 -15.04 -35.98
N ALA C 57 -4.48 -14.40 -36.70
CA ALA C 57 -5.84 -14.90 -36.87
C ALA C 57 -5.83 -16.24 -37.58
N GLN C 58 -5.10 -16.29 -38.69
CA GLN C 58 -4.91 -17.52 -39.42
C GLN C 58 -4.17 -18.53 -38.55
N PHE C 59 -3.15 -18.05 -37.86
CA PHE C 59 -2.28 -18.91 -37.05
C PHE C 59 -3.10 -19.69 -36.04
N SER C 60 -3.93 -19.00 -35.28
CA SER C 60 -4.75 -19.65 -34.27
C SER C 60 -5.76 -20.59 -34.93
N ALA C 61 -6.31 -20.14 -36.06
CA ALA C 61 -7.33 -20.91 -36.77
C ALA C 61 -6.79 -22.24 -37.27
N ARG C 62 -5.55 -22.21 -37.75
CA ARG C 62 -4.93 -23.39 -38.32
C ARG C 62 -4.53 -24.36 -37.21
N ASN C 63 -4.02 -23.82 -36.11
CA ASN C 63 -3.61 -24.63 -34.98
C ASN C 63 -4.77 -25.43 -34.42
N ARG C 64 -5.92 -24.77 -34.28
CA ARG C 64 -7.11 -25.41 -33.73
C ARG C 64 -7.69 -26.41 -34.73
N ALA C 65 -7.55 -26.09 -36.01
CA ALA C 65 -8.07 -26.94 -37.08
C ALA C 65 -7.31 -28.25 -37.15
N VAL C 66 -5.99 -28.16 -37.14
CA VAL C 66 -5.12 -29.33 -37.18
C VAL C 66 -5.26 -30.14 -35.90
N ALA C 67 -5.37 -29.43 -34.78
CA ALA C 67 -5.47 -30.08 -33.47
C ALA C 67 -6.69 -30.98 -33.41
N ALA C 68 -7.78 -30.52 -33.99
CA ALA C 68 -9.03 -31.26 -33.97
C ALA C 68 -8.84 -32.61 -34.68
N ARG C 69 -8.09 -32.61 -35.78
CA ARG C 69 -7.89 -33.84 -36.53
C ARG C 69 -7.04 -34.82 -35.72
N LEU C 70 -6.09 -34.31 -34.94
CA LEU C 70 -5.28 -35.18 -34.12
C LEU C 70 -6.06 -35.76 -32.95
N GLN C 71 -6.88 -34.91 -32.32
CA GLN C 71 -7.65 -35.31 -31.15
C GLN C 71 -8.63 -36.41 -31.52
N GLN C 72 -8.97 -36.48 -32.79
CA GLN C 72 -9.85 -37.51 -33.30
C GLN C 72 -9.08 -38.81 -33.56
N VAL C 73 -7.88 -38.71 -34.11
CA VAL C 73 -7.10 -39.87 -34.51
C VAL C 73 -6.04 -40.38 -33.51
N THR C 74 -5.82 -39.65 -32.43
CA THR C 74 -4.78 -40.04 -31.46
C THR C 74 -5.26 -39.92 -30.02
N GLN C 75 -4.80 -40.83 -29.17
CA GLN C 75 -5.12 -40.79 -27.74
C GLN C 75 -4.07 -39.96 -27.02
N PRO C 76 -4.43 -39.36 -25.87
CA PRO C 76 -3.46 -38.57 -25.11
C PRO C 76 -2.25 -39.39 -24.65
N GLY C 77 -1.06 -38.80 -24.70
CA GLY C 77 0.16 -39.51 -24.38
C GLY C 77 0.84 -40.07 -25.62
N ASP C 78 0.12 -40.06 -26.74
CA ASP C 78 0.69 -40.48 -28.02
C ASP C 78 1.70 -39.47 -28.52
N ARG C 79 2.58 -39.92 -29.41
CA ARG C 79 3.63 -39.08 -29.97
C ARG C 79 3.31 -38.74 -31.40
N VAL C 80 3.50 -37.47 -31.73
CA VAL C 80 3.21 -36.97 -33.08
C VAL C 80 4.48 -36.45 -33.76
N ALA C 81 4.91 -37.14 -34.82
CA ALA C 81 6.09 -36.74 -35.58
C ALA C 81 5.71 -35.76 -36.67
N ILE C 82 6.53 -34.73 -36.82
CA ILE C 82 6.33 -33.76 -37.89
C ILE C 82 7.40 -34.02 -38.95
N LEU C 83 7.01 -34.58 -40.10
CA LEU C 83 7.94 -34.72 -41.22
C LEU C 83 7.52 -33.79 -42.35
N CYS C 84 8.11 -32.60 -42.40
CA CYS C 84 7.83 -31.64 -43.44
C CYS C 84 9.04 -30.73 -43.59
N PRO C 85 9.23 -30.13 -44.77
CA PRO C 85 10.32 -29.16 -44.93
C PRO C 85 10.06 -27.85 -44.20
N GLN C 86 10.96 -26.88 -44.32
CA GLN C 86 10.82 -25.60 -43.65
C GLN C 86 9.70 -24.79 -44.28
N ASN C 87 8.74 -24.40 -43.46
CA ASN C 87 7.54 -23.73 -43.95
C ASN C 87 6.78 -23.10 -42.81
N LEU C 88 5.66 -22.49 -43.14
CA LEU C 88 4.77 -21.96 -42.15
C LEU C 88 4.06 -23.16 -41.55
N ASP C 89 3.85 -24.15 -42.40
CA ASP C 89 3.11 -25.36 -42.05
C ASP C 89 3.87 -26.25 -41.07
N TYR C 90 5.18 -26.09 -40.99
CA TYR C 90 5.95 -26.80 -39.99
C TYR C 90 5.51 -26.32 -38.62
N LEU C 91 5.39 -25.00 -38.49
CA LEU C 91 5.02 -24.36 -37.24
C LEU C 91 3.56 -24.64 -36.87
N VAL C 92 2.69 -24.69 -37.87
CA VAL C 92 1.29 -25.01 -37.66
C VAL C 92 1.16 -26.45 -37.15
N ALA C 93 2.07 -27.31 -37.62
CA ALA C 93 2.07 -28.70 -37.20
C ALA C 93 2.53 -28.84 -35.74
N PHE C 94 3.57 -28.10 -35.39
CA PHE C 94 4.14 -28.15 -34.03
C PHE C 94 3.13 -27.61 -33.05
N PHE C 95 2.67 -26.40 -33.29
CA PHE C 95 1.68 -25.77 -32.43
C PHE C 95 0.39 -26.58 -32.43
N GLY C 96 0.02 -27.10 -33.60
CA GLY C 96 -1.11 -27.98 -33.73
C GLY C 96 -0.99 -29.19 -32.83
N ALA C 97 0.23 -29.73 -32.75
CA ALA C 97 0.48 -30.89 -31.90
C ALA C 97 0.31 -30.53 -30.42
N LEU C 98 0.80 -29.35 -30.05
CA LEU C 98 0.66 -28.83 -28.69
C LEU C 98 -0.80 -28.49 -28.39
N TYR C 99 -1.47 -27.87 -29.36
CA TYR C 99 -2.91 -27.60 -29.27
C TYR C 99 -3.70 -28.88 -29.06
N ALA C 100 -3.25 -29.96 -29.68
CA ALA C 100 -3.95 -31.24 -29.59
C ALA C 100 -3.80 -31.86 -28.20
N GLY C 101 -2.70 -31.52 -27.54
CA GLY C 101 -2.40 -32.07 -26.24
C GLY C 101 -1.51 -33.30 -26.36
N ARG C 102 -0.93 -33.51 -27.54
CA ARG C 102 -0.01 -34.63 -27.74
C ARG C 102 1.44 -34.20 -27.55
N ILE C 103 2.34 -35.17 -27.65
CA ILE C 103 3.76 -34.91 -27.50
C ILE C 103 4.36 -34.86 -28.90
N ALA C 104 4.82 -33.67 -29.29
CA ALA C 104 5.41 -33.47 -30.61
C ALA C 104 6.84 -33.99 -30.65
N VAL C 105 7.27 -34.48 -31.81
CA VAL C 105 8.66 -34.83 -32.03
C VAL C 105 9.06 -34.28 -33.41
N PRO C 106 9.58 -33.04 -33.44
CA PRO C 106 9.98 -32.41 -34.70
C PRO C 106 11.08 -33.16 -35.42
N LEU C 107 10.86 -33.38 -36.72
CA LEU C 107 11.78 -34.12 -37.56
C LEU C 107 11.76 -33.42 -38.92
N PHE C 108 12.32 -34.06 -39.94
CA PHE C 108 12.47 -33.42 -41.24
C PHE C 108 11.85 -34.20 -42.39
N ASP C 109 11.89 -33.57 -43.56
CA ASP C 109 11.34 -34.15 -44.79
C ASP C 109 12.20 -35.31 -45.27
N PRO C 110 11.60 -36.50 -45.42
CA PRO C 110 12.46 -37.60 -45.89
C PRO C 110 12.78 -37.53 -47.39
N SER C 111 13.06 -36.33 -47.89
CA SER C 111 13.55 -36.14 -49.24
C SER C 111 15.03 -35.82 -49.17
N GLU C 112 15.88 -36.77 -49.55
CA GLU C 112 17.33 -36.58 -49.51
C GLU C 112 17.83 -36.19 -48.12
N HIS C 115 19.26 -38.07 -46.17
CA HIS C 115 19.69 -39.04 -45.16
C HIS C 115 18.51 -39.62 -44.42
N VAL C 116 17.87 -40.63 -45.03
CA VAL C 116 16.72 -41.29 -44.42
C VAL C 116 17.16 -42.46 -43.53
N GLY C 117 18.46 -42.63 -43.36
CA GLY C 117 18.95 -43.71 -42.51
C GLY C 117 18.86 -43.35 -41.04
N ARG C 118 19.03 -42.07 -40.74
CA ARG C 118 18.94 -41.60 -39.37
C ARG C 118 17.48 -41.60 -38.90
N LEU C 119 16.58 -41.29 -39.83
CA LEU C 119 15.17 -41.13 -39.50
C LEU C 119 14.48 -42.43 -39.10
N HIS C 120 14.85 -43.54 -39.74
CA HIS C 120 14.28 -44.82 -39.37
C HIS C 120 14.61 -45.12 -37.92
N ALA C 121 15.85 -44.83 -37.53
CA ALA C 121 16.32 -45.16 -36.20
C ALA C 121 15.58 -44.31 -35.17
N VAL C 122 15.27 -43.07 -35.53
CA VAL C 122 14.57 -42.17 -34.62
C VAL C 122 13.16 -42.67 -34.45
N LEU C 123 12.54 -43.03 -35.56
CA LEU C 123 11.18 -43.53 -35.54
C LEU C 123 11.15 -44.88 -34.82
N ASP C 124 12.27 -45.59 -34.82
CA ASP C 124 12.33 -46.84 -34.07
C ASP C 124 12.26 -46.59 -32.56
N ASN C 125 12.77 -45.44 -32.11
CA ASN C 125 12.82 -45.14 -30.67
C ASN C 125 11.44 -44.75 -30.14
N CYS C 126 10.86 -43.74 -30.80
CA CYS C 126 9.55 -43.23 -30.43
C CYS C 126 8.55 -43.85 -31.40
N HIS C 127 7.36 -44.21 -30.92
CA HIS C 127 6.37 -44.88 -31.76
C HIS C 127 5.14 -44.03 -31.99
N PRO C 128 5.25 -43.04 -32.89
CA PRO C 128 4.16 -42.09 -33.14
C PRO C 128 2.90 -42.71 -33.72
N SER C 129 1.73 -42.26 -33.26
CA SER C 129 0.47 -42.75 -33.77
C SER C 129 0.10 -42.02 -35.05
N ALA C 130 0.68 -40.83 -35.23
CA ALA C 130 0.39 -40.00 -36.40
C ALA C 130 1.61 -39.23 -36.91
N ILE C 131 1.59 -38.91 -38.20
CA ILE C 131 2.64 -38.15 -38.86
C ILE C 131 2.02 -36.96 -39.63
N LEU C 132 2.58 -35.77 -39.42
CA LEU C 132 2.16 -34.57 -40.14
C LEU C 132 3.14 -34.16 -41.23
N THR C 133 2.62 -33.97 -42.44
CA THR C 133 3.44 -33.54 -43.58
C THR C 133 2.64 -32.63 -44.48
N THR C 134 3.19 -32.30 -45.65
CA THR C 134 2.52 -31.43 -46.61
C THR C 134 2.20 -32.15 -47.90
N THR C 135 1.22 -31.62 -48.64
CA THR C 135 0.77 -32.22 -49.89
C THR C 135 1.92 -32.37 -50.88
N GLU C 136 2.86 -31.44 -50.84
CA GLU C 136 4.01 -31.51 -51.72
C GLU C 136 4.84 -32.76 -51.41
N ALA C 137 5.13 -32.95 -50.11
CA ALA C 137 6.03 -34.00 -49.63
C ALA C 137 5.33 -35.31 -49.22
N ALA C 138 4.07 -35.49 -49.61
CA ALA C 138 3.26 -36.54 -49.03
C ALA C 138 3.56 -37.90 -49.64
N GLU C 139 3.61 -37.97 -50.97
CA GLU C 139 3.91 -39.24 -51.63
C GLU C 139 5.28 -39.73 -51.19
N GLY C 140 6.19 -38.79 -50.95
CA GLY C 140 7.53 -39.12 -50.49
C GLY C 140 7.55 -39.76 -49.11
N VAL C 141 6.69 -39.26 -48.22
CA VAL C 141 6.59 -39.79 -46.86
C VAL C 141 5.97 -41.17 -46.90
N ARG C 142 5.02 -41.36 -47.80
CA ARG C 142 4.35 -42.63 -47.95
C ARG C 142 5.37 -43.68 -48.38
N LYS C 143 6.23 -43.33 -49.32
CA LYS C 143 7.24 -44.26 -49.81
C LYS C 143 8.18 -44.67 -48.70
N PHE C 144 8.54 -43.71 -47.85
CA PHE C 144 9.41 -43.98 -46.71
C PHE C 144 8.80 -45.01 -45.78
N PHE C 145 7.51 -44.86 -45.48
CA PHE C 145 6.81 -45.75 -44.57
C PHE C 145 6.40 -47.06 -45.23
N ARG C 146 6.37 -47.05 -46.55
CA ARG C 146 6.11 -48.27 -47.32
C ARG C 146 7.30 -49.23 -47.20
N THR C 147 8.45 -48.71 -46.77
CA THR C 147 9.63 -49.55 -46.52
C THR C 147 9.56 -50.24 -45.15
N ARG C 148 8.71 -49.73 -44.26
CA ARG C 148 8.52 -50.35 -42.96
C ARG C 148 7.48 -51.46 -43.01
N PRO C 149 7.51 -52.38 -42.03
CA PRO C 149 6.54 -53.47 -41.95
C PRO C 149 5.10 -52.98 -41.82
N ALA C 150 4.15 -53.85 -42.12
CA ALA C 150 2.73 -53.51 -42.05
C ALA C 150 2.29 -53.24 -40.62
N ASN C 151 2.97 -53.86 -39.67
CA ASN C 151 2.63 -53.70 -38.26
C ASN C 151 2.78 -52.25 -37.79
N GLN C 152 3.82 -51.56 -38.26
CA GLN C 152 3.97 -50.13 -37.98
C GLN C 152 3.61 -49.29 -39.21
N ARG C 153 2.43 -48.68 -39.18
CA ARG C 153 2.00 -47.77 -40.24
C ARG C 153 1.11 -46.65 -39.71
N PRO C 154 1.71 -45.63 -39.09
CA PRO C 154 0.90 -44.58 -38.46
C PRO C 154 0.14 -43.77 -39.49
N ARG C 155 -0.97 -43.17 -39.08
CA ARG C 155 -1.78 -42.38 -40.00
C ARG C 155 -1.00 -41.15 -40.45
N VAL C 156 -1.17 -40.77 -41.70
CA VAL C 156 -0.49 -39.60 -42.24
C VAL C 156 -1.52 -38.51 -42.51
N ILE C 157 -1.25 -37.31 -41.98
CA ILE C 157 -2.14 -36.15 -42.13
C ILE C 157 -1.44 -34.98 -42.79
N ALA C 158 -2.02 -34.51 -43.90
CA ALA C 158 -1.49 -33.35 -44.59
C ALA C 158 -2.01 -32.07 -43.93
N VAL C 159 -1.10 -31.29 -43.39
CA VAL C 159 -1.47 -30.14 -42.57
C VAL C 159 -2.15 -29.05 -43.38
N ASP C 160 -1.70 -28.84 -44.62
CA ASP C 160 -2.30 -27.83 -45.47
C ASP C 160 -3.66 -28.26 -46.02
N ALA C 161 -3.94 -29.57 -45.95
CA ALA C 161 -5.15 -30.12 -46.56
C ALA C 161 -6.34 -30.26 -45.61
N VAL C 162 -6.13 -30.06 -44.31
CA VAL C 162 -7.23 -30.21 -43.36
C VAL C 162 -8.11 -28.96 -43.38
N PRO C 163 -9.41 -29.13 -43.66
CA PRO C 163 -10.26 -27.92 -43.74
C PRO C 163 -10.33 -27.18 -42.41
N ASP C 164 -10.44 -25.85 -42.49
CA ASP C 164 -10.47 -25.02 -41.30
C ASP C 164 -11.75 -25.18 -40.49
N ASP C 165 -12.75 -25.83 -41.08
CA ASP C 165 -14.05 -25.96 -40.42
C ASP C 165 -14.02 -27.06 -39.37
N VAL C 166 -12.96 -27.86 -39.38
CA VAL C 166 -12.80 -28.94 -38.41
C VAL C 166 -12.44 -28.40 -37.04
N ALA C 167 -12.03 -27.13 -36.99
CA ALA C 167 -11.64 -26.47 -35.76
C ALA C 167 -12.79 -26.46 -34.76
N SER C 168 -14.01 -26.57 -35.28
CA SER C 168 -15.21 -26.53 -34.46
C SER C 168 -15.23 -27.66 -33.41
N THR C 169 -14.57 -28.77 -33.72
CA THR C 169 -14.58 -29.93 -32.83
C THR C 169 -13.38 -29.93 -31.87
N TRP C 170 -12.57 -28.87 -31.92
CA TRP C 170 -11.39 -28.81 -31.05
C TRP C 170 -11.79 -28.68 -29.59
N VAL C 171 -11.13 -29.48 -28.76
CA VAL C 171 -11.38 -29.44 -27.31
C VAL C 171 -10.08 -29.00 -26.68
N ASN C 172 -10.12 -27.95 -25.87
CA ASN C 172 -8.90 -27.45 -25.23
C ASN C 172 -8.29 -28.57 -24.37
N PRO C 173 -7.00 -28.88 -24.58
CA PRO C 173 -6.46 -30.01 -23.82
C PRO C 173 -6.25 -29.65 -22.36
N ASP C 174 -6.10 -30.65 -21.50
CA ASP C 174 -5.97 -30.43 -20.06
C ASP C 174 -4.72 -29.63 -19.71
N GLU C 175 -4.86 -28.74 -18.72
CA GLU C 175 -3.75 -27.91 -18.30
C GLU C 175 -2.60 -28.80 -17.84
N PRO C 176 -1.37 -28.49 -18.27
CA PRO C 176 -0.23 -29.35 -17.98
C PRO C 176 0.30 -29.16 -16.57
N ASP C 177 1.01 -30.17 -16.06
CA ASP C 177 1.62 -30.10 -14.74
C ASP C 177 3.13 -30.08 -14.90
N GLU C 178 3.86 -30.12 -13.79
CA GLU C 178 5.31 -29.97 -13.81
C GLU C 178 6.05 -31.07 -14.56
N THR C 179 5.41 -32.22 -14.72
CA THR C 179 6.01 -33.36 -15.42
C THR C 179 5.58 -33.54 -16.87
N THR C 180 4.67 -32.70 -17.37
CA THR C 180 4.04 -32.95 -18.67
C THR C 180 4.96 -32.66 -19.85
N ILE C 181 5.22 -33.70 -20.66
CA ILE C 181 6.16 -33.58 -21.77
C ILE C 181 5.53 -32.81 -22.91
N ALA C 182 6.18 -31.72 -23.32
CA ALA C 182 5.69 -30.96 -24.45
C ALA C 182 6.11 -31.57 -25.78
N TYR C 183 7.41 -31.82 -25.94
CA TYR C 183 7.93 -32.39 -27.18
C TYR C 183 9.27 -33.08 -26.97
N LEU C 184 9.69 -33.84 -27.99
CA LEU C 184 10.98 -34.52 -28.00
C LEU C 184 11.98 -33.87 -28.96
N GLN C 185 13.08 -33.36 -28.41
CA GLN C 185 14.15 -32.75 -29.21
C GLN C 185 15.28 -33.75 -29.34
N TYR C 186 15.48 -34.27 -30.54
CA TYR C 186 16.52 -35.27 -30.78
C TYR C 186 17.92 -34.72 -31.06
N THR C 187 18.89 -35.28 -30.36
CA THR C 187 20.31 -34.95 -30.55
C THR C 187 21.13 -36.20 -30.86
N ARG C 192 24.75 -46.62 -30.87
CA ARG C 192 23.48 -47.16 -31.33
C ARG C 192 22.30 -46.37 -30.77
N ILE C 193 21.27 -46.26 -31.62
CA ILE C 193 19.95 -45.63 -31.36
C ILE C 193 20.06 -44.12 -31.04
N PRO C 194 19.08 -43.31 -31.49
CA PRO C 194 19.12 -41.86 -31.24
C PRO C 194 18.66 -41.51 -29.83
N THR C 195 19.06 -40.34 -29.33
CA THR C 195 18.62 -39.91 -28.01
C THR C 195 17.74 -38.67 -28.13
N GLY C 196 16.43 -38.85 -27.96
CA GLY C 196 15.49 -37.76 -27.80
C GLY C 196 15.52 -37.20 -26.39
N VAL C 197 15.66 -35.89 -26.27
CA VAL C 197 15.57 -35.24 -24.96
C VAL C 197 14.12 -34.94 -24.68
N GLN C 198 13.68 -35.19 -23.45
CA GLN C 198 12.31 -34.94 -23.08
C GLN C 198 12.21 -33.53 -22.52
N ILE C 199 11.56 -32.66 -23.28
CA ILE C 199 11.39 -31.28 -22.85
C ILE C 199 9.96 -31.11 -22.40
N THR C 200 9.77 -30.75 -21.13
CA THR C 200 8.42 -30.59 -20.61
C THR C 200 7.91 -29.21 -20.99
N HIS C 201 6.65 -28.97 -20.66
CA HIS C 201 6.03 -27.70 -20.95
C HIS C 201 6.66 -26.60 -20.10
N LEU C 202 7.21 -27.00 -18.96
CA LEU C 202 7.85 -26.03 -18.07
C LEU C 202 9.20 -25.62 -18.67
N ASN C 203 9.96 -26.59 -19.17
CA ASN C 203 11.24 -26.31 -19.81
C ASN C 203 11.08 -25.34 -20.95
N LEU C 204 9.98 -25.50 -21.68
CA LEU C 204 9.73 -24.70 -22.85
C LEU C 204 9.59 -23.25 -22.46
N ALA C 205 8.67 -22.98 -21.54
CA ALA C 205 8.39 -21.62 -21.15
C ALA C 205 9.56 -21.02 -20.40
N THR C 206 10.20 -21.81 -19.53
CA THR C 206 11.31 -21.31 -18.72
C THR C 206 12.48 -20.89 -19.61
N ASN C 207 12.84 -21.71 -20.58
CA ASN C 207 13.96 -21.37 -21.44
C ASN C 207 13.58 -20.20 -22.34
N VAL C 208 12.30 -20.13 -22.69
CA VAL C 208 11.79 -19.03 -23.51
C VAL C 208 11.88 -17.68 -22.78
N VAL C 209 11.52 -17.67 -21.50
CA VAL C 209 11.55 -16.43 -20.73
C VAL C 209 12.98 -16.04 -20.37
N GLN C 210 13.80 -17.05 -20.11
CA GLN C 210 15.22 -16.84 -19.81
C GLN C 210 15.94 -16.29 -21.03
N VAL C 211 15.55 -16.78 -22.20
CA VAL C 211 16.14 -16.32 -23.45
C VAL C 211 15.82 -14.85 -23.71
N ILE C 212 14.55 -14.49 -23.58
CA ILE C 212 14.13 -13.11 -23.84
C ILE C 212 14.78 -12.14 -22.85
N GLU C 213 14.92 -12.56 -21.60
CA GLU C 213 15.54 -11.73 -20.57
C GLU C 213 17.01 -11.45 -20.89
N ALA C 214 17.67 -12.42 -21.52
CA ALA C 214 19.08 -12.28 -21.91
C ALA C 214 19.22 -11.40 -23.16
N LEU C 215 18.21 -11.45 -24.03
CA LEU C 215 18.26 -10.72 -25.29
C LEU C 215 17.99 -9.23 -25.13
N GLU C 216 17.21 -8.88 -24.11
CA GLU C 216 16.86 -7.48 -23.84
C GLU C 216 16.09 -6.86 -25.01
N GLY C 217 15.52 -7.74 -25.83
CA GLY C 217 14.63 -7.36 -26.92
C GLY C 217 13.56 -6.33 -26.61
N GLU C 218 13.58 -5.23 -27.34
CA GLU C 218 12.55 -4.21 -27.23
C GLU C 218 11.42 -4.49 -28.22
N GLU C 219 10.42 -3.62 -28.27
CA GLU C 219 9.21 -3.89 -29.04
C GLU C 219 9.27 -3.43 -30.51
N GLY C 220 10.44 -3.00 -30.96
CA GLY C 220 10.62 -2.57 -32.34
C GLY C 220 11.58 -3.45 -33.11
N ASP C 221 12.18 -4.39 -32.39
CA ASP C 221 13.19 -5.29 -32.94
C ASP C 221 12.61 -6.43 -33.79
N ARG C 222 13.35 -6.89 -34.81
CA ARG C 222 12.94 -8.02 -35.63
C ARG C 222 13.84 -9.23 -35.38
N GLY C 223 13.29 -10.44 -35.44
CA GLY C 223 14.10 -11.65 -35.32
C GLY C 223 14.25 -12.35 -36.66
N LEU C 224 15.36 -13.04 -36.88
CA LEU C 224 15.59 -13.74 -38.13
C LEU C 224 16.50 -14.94 -37.93
N SER C 225 16.20 -16.03 -38.63
CA SER C 225 17.07 -17.20 -38.65
C SER C 225 16.87 -18.00 -39.92
N TRP C 226 17.96 -18.56 -40.42
CA TRP C 226 17.91 -19.54 -41.51
C TRP C 226 18.03 -20.96 -40.97
N LEU C 227 18.18 -21.09 -39.65
CA LEU C 227 18.41 -22.39 -39.03
C LEU C 227 17.19 -23.31 -39.16
N PRO C 228 17.44 -24.63 -39.32
CA PRO C 228 16.38 -25.63 -39.46
C PRO C 228 15.57 -25.85 -38.19
N PHE C 229 14.26 -26.05 -38.35
CA PHE C 229 13.37 -26.23 -37.21
C PHE C 229 13.52 -27.57 -36.48
N PHE C 230 14.15 -28.55 -37.11
CA PHE C 230 14.37 -29.83 -36.45
C PHE C 230 15.56 -29.76 -35.50
N HIS C 231 16.28 -28.64 -35.54
CA HIS C 231 17.39 -28.41 -34.63
C HIS C 231 16.96 -27.48 -33.50
N ASP C 232 17.47 -27.75 -32.29
CA ASP C 232 17.04 -27.04 -31.10
C ASP C 232 17.25 -25.53 -31.21
N MET C 233 18.34 -25.13 -31.86
CA MET C 233 18.67 -23.72 -32.06
C MET C 233 17.68 -23.02 -33.01
N GLY C 234 17.20 -23.74 -34.01
CA GLY C 234 16.25 -23.18 -34.95
C GLY C 234 14.82 -23.16 -34.44
N LEU C 235 14.44 -24.21 -33.73
CA LEU C 235 13.08 -24.38 -33.24
C LEU C 235 12.73 -23.36 -32.17
N ILE C 236 13.50 -23.32 -31.09
CA ILE C 236 13.20 -22.46 -29.96
C ILE C 236 13.24 -21.00 -30.40
N THR C 237 14.02 -20.73 -31.44
CA THR C 237 14.12 -19.39 -31.97
C THR C 237 12.78 -19.00 -32.62
N ALA C 238 12.13 -19.98 -33.24
CA ALA C 238 10.84 -19.74 -33.88
C ALA C 238 9.67 -19.68 -32.90
N LEU C 239 9.72 -20.50 -31.85
CA LEU C 239 8.69 -20.48 -30.81
C LEU C 239 8.77 -19.25 -29.91
N LEU C 240 9.86 -18.49 -30.04
CA LEU C 240 10.08 -17.33 -29.20
C LEU C 240 9.05 -16.23 -29.43
N ALA C 241 8.78 -15.94 -30.70
CA ALA C 241 7.97 -14.79 -31.06
C ALA C 241 6.51 -14.89 -30.64
N PRO C 242 5.87 -16.05 -30.86
CA PRO C 242 4.46 -16.09 -30.50
C PRO C 242 4.22 -15.96 -29.00
N MET C 243 5.23 -16.22 -28.19
CA MET C 243 5.07 -16.10 -26.74
C MET C 243 5.17 -14.66 -26.28
N ILE C 244 5.83 -13.81 -27.07
CA ILE C 244 5.95 -12.40 -26.76
C ILE C 244 4.88 -11.57 -27.46
N GLY C 245 4.20 -12.18 -28.44
CA GLY C 245 3.18 -11.48 -29.21
C GLY C 245 3.72 -11.20 -30.60
N HIS C 246 5.04 -11.25 -30.70
CA HIS C 246 5.78 -10.73 -31.84
C HIS C 246 5.69 -11.58 -33.11
N TYR C 247 5.99 -10.95 -34.25
CA TYR C 247 6.11 -11.66 -35.51
C TYR C 247 7.53 -12.22 -35.69
N PHE C 248 7.68 -13.28 -36.48
CA PHE C 248 8.99 -13.87 -36.75
C PHE C 248 9.14 -14.22 -38.22
N THR C 249 10.22 -13.72 -38.82
CA THR C 249 10.53 -13.95 -40.24
C THR C 249 11.75 -14.87 -40.39
N PHE C 250 11.61 -15.91 -41.22
CA PHE C 250 12.66 -16.90 -41.44
C PHE C 250 12.76 -17.31 -42.90
N MET C 251 13.85 -17.98 -43.23
CA MET C 251 14.02 -18.60 -44.55
C MET C 251 14.56 -20.02 -44.39
N THR C 252 14.70 -20.73 -45.50
CA THR C 252 15.20 -22.11 -45.48
C THR C 252 16.73 -22.13 -45.44
N PRO C 253 17.32 -23.14 -44.77
CA PRO C 253 18.78 -23.25 -44.68
C PRO C 253 19.47 -23.39 -46.02
N ALA C 254 18.82 -24.09 -46.95
CA ALA C 254 19.38 -24.26 -48.27
C ALA C 254 19.59 -22.91 -48.94
N ALA C 255 18.67 -21.97 -48.69
CA ALA C 255 18.75 -20.64 -49.29
C ALA C 255 19.96 -19.86 -48.78
N PHE C 256 20.27 -20.01 -47.50
CA PHE C 256 21.41 -19.32 -46.91
C PHE C 256 22.72 -19.88 -47.42
N VAL C 257 22.79 -21.21 -47.49
CA VAL C 257 24.00 -21.86 -47.97
C VAL C 257 24.25 -21.45 -49.43
N ARG C 258 23.17 -21.37 -50.22
CA ARG C 258 23.26 -21.03 -51.63
C ARG C 258 23.58 -19.55 -51.84
N ARG C 259 22.90 -18.68 -51.11
CA ARG C 259 23.11 -17.23 -51.22
C ARG C 259 23.13 -16.57 -49.84
N PRO C 260 24.27 -16.67 -49.12
CA PRO C 260 24.35 -16.15 -47.74
C PRO C 260 24.08 -14.65 -47.62
N GLU C 261 24.18 -13.91 -48.72
CA GLU C 261 23.87 -12.49 -48.72
C GLU C 261 22.40 -12.31 -48.35
N ARG C 262 21.61 -13.34 -48.63
CA ARG C 262 20.18 -13.34 -48.31
C ARG C 262 19.96 -13.12 -46.82
N TRP C 263 20.78 -13.78 -46.01
CA TRP C 263 20.73 -13.65 -44.56
C TRP C 263 21.15 -12.24 -44.14
N ILE C 264 22.25 -11.76 -44.74
CA ILE C 264 22.78 -10.44 -44.44
C ILE C 264 21.81 -9.32 -44.79
N ARG C 265 21.12 -9.46 -45.93
CA ARG C 265 20.17 -8.45 -46.38
C ARG C 265 18.99 -8.28 -45.41
N GLU C 266 18.48 -9.39 -44.92
CA GLU C 266 17.37 -9.36 -43.96
C GLU C 266 17.87 -8.82 -42.65
N LEU C 267 19.16 -8.98 -42.40
CA LEU C 267 19.76 -8.44 -41.20
C LEU C 267 19.86 -6.92 -41.34
N ALA C 268 20.05 -6.46 -42.57
CA ALA C 268 20.25 -5.04 -42.84
C ALA C 268 19.00 -4.22 -42.53
N ARG C 269 19.22 -2.95 -42.20
CA ARG C 269 18.15 -2.05 -41.79
C ARG C 269 17.09 -1.95 -42.89
N LYS C 270 15.85 -2.30 -42.56
CA LYS C 270 14.73 -2.08 -43.46
C LYS C 270 14.26 -0.65 -43.32
N GLU C 271 13.37 -0.22 -44.21
CA GLU C 271 12.87 1.15 -44.19
C GLU C 271 11.84 1.34 -43.07
N GLY C 272 12.09 2.30 -42.18
CA GLY C 272 11.14 2.64 -41.15
C GLY C 272 11.14 1.75 -39.92
N ASP C 273 12.31 1.27 -39.51
CA ASP C 273 12.37 0.39 -38.35
C ASP C 273 12.53 1.17 -37.05
N THR C 274 11.89 0.63 -36.00
CA THR C 274 11.92 1.20 -34.66
C THR C 274 13.19 0.75 -33.94
N GLY C 275 13.59 -0.49 -34.20
CA GLY C 275 14.67 -1.14 -33.46
C GLY C 275 15.55 -2.06 -34.31
N GLY C 276 16.47 -2.75 -33.64
CA GLY C 276 17.46 -3.61 -34.28
C GLY C 276 17.03 -5.04 -34.51
N THR C 277 17.87 -5.80 -35.23
CA THR C 277 17.56 -7.19 -35.58
C THR C 277 18.29 -8.17 -34.67
N ILE C 278 17.63 -9.30 -34.38
CA ILE C 278 18.22 -10.34 -33.54
C ILE C 278 18.28 -11.67 -34.31
N SER C 279 19.38 -12.39 -34.17
CA SER C 279 19.53 -13.68 -34.86
C SER C 279 20.51 -14.63 -34.17
N VAL C 280 20.67 -15.82 -34.77
CA VAL C 280 21.57 -16.84 -34.27
C VAL C 280 22.09 -17.69 -35.42
N ALA C 281 23.26 -18.30 -35.22
CA ALA C 281 23.92 -19.10 -36.27
C ALA C 281 25.20 -19.75 -35.72
N PRO C 282 25.63 -20.87 -36.32
CA PRO C 282 26.88 -21.52 -35.90
C PRO C 282 28.09 -20.73 -36.31
N ASN C 283 29.23 -21.03 -35.70
CA ASN C 283 30.47 -20.31 -35.98
C ASN C 283 30.83 -20.35 -37.47
N PHE C 284 30.62 -21.49 -38.12
CA PHE C 284 31.00 -21.66 -39.52
C PHE C 284 30.16 -20.81 -40.45
N ALA C 285 28.97 -20.41 -40.01
CA ALA C 285 28.07 -19.62 -40.82
C ALA C 285 28.60 -18.20 -41.00
N PHE C 286 29.28 -17.72 -39.97
CA PHE C 286 29.88 -16.39 -40.03
C PHE C 286 31.01 -16.37 -41.05
N ASP C 287 31.83 -17.41 -41.07
CA ASP C 287 32.90 -17.51 -42.04
C ASP C 287 32.31 -17.61 -43.44
N HIS C 288 31.21 -18.35 -43.56
CA HIS C 288 30.57 -18.56 -44.84
C HIS C 288 30.01 -17.25 -45.37
N ALA C 289 29.31 -16.54 -44.50
CA ALA C 289 28.72 -15.26 -44.86
C ALA C 289 29.80 -14.21 -45.07
N ALA C 290 30.98 -14.43 -44.50
CA ALA C 290 32.05 -13.46 -44.63
C ALA C 290 32.66 -13.53 -46.02
N ALA C 291 32.95 -14.75 -46.47
CA ALA C 291 33.59 -14.94 -47.77
C ALA C 291 32.64 -14.75 -48.95
N ARG C 292 31.54 -15.48 -48.95
CA ARG C 292 30.61 -15.50 -50.09
C ARG C 292 29.41 -14.58 -49.91
N GLY C 293 29.30 -13.94 -48.75
CA GLY C 293 28.11 -13.17 -48.41
C GLY C 293 28.24 -11.67 -48.57
N VAL C 294 29.42 -11.19 -48.97
CA VAL C 294 29.60 -9.76 -49.21
C VAL C 294 28.88 -9.39 -50.50
N PRO C 295 28.10 -8.30 -50.49
CA PRO C 295 27.31 -7.94 -51.67
C PRO C 295 28.15 -7.51 -52.88
N LYS C 296 27.64 -7.78 -54.09
CA LYS C 296 28.31 -7.37 -55.31
C LYS C 296 28.21 -5.85 -55.49
N PRO C 297 29.08 -5.28 -56.36
CA PRO C 297 29.11 -3.84 -56.59
C PRO C 297 27.86 -3.30 -57.29
N GLY C 298 27.15 -4.18 -57.98
CA GLY C 298 25.97 -3.80 -58.74
C GLY C 298 24.68 -3.90 -57.93
N SER C 299 24.82 -4.00 -56.61
CA SER C 299 23.68 -4.14 -55.72
C SER C 299 23.39 -2.84 -54.95
N PRO C 300 22.14 -2.67 -54.48
CA PRO C 300 21.73 -1.49 -53.71
C PRO C 300 22.44 -1.38 -52.36
N PRO C 301 22.39 -0.19 -51.73
CA PRO C 301 23.10 0.05 -50.46
C PRO C 301 22.72 -0.94 -49.34
N LEU C 302 23.70 -1.32 -48.52
CA LEU C 302 23.45 -2.23 -47.40
C LEU C 302 23.87 -1.58 -46.07
N ASP C 303 22.90 -1.37 -45.19
CA ASP C 303 23.14 -0.79 -43.87
C ASP C 303 22.90 -1.79 -42.74
N LEU C 304 23.98 -2.25 -42.11
CA LEU C 304 23.89 -3.22 -41.02
C LEU C 304 23.95 -2.57 -39.64
N SER C 305 23.98 -1.24 -39.60
CA SER C 305 24.18 -0.52 -38.35
C SER C 305 23.11 -0.76 -37.29
N ASN C 306 21.94 -1.25 -37.70
CA ASN C 306 20.83 -1.40 -36.77
C ASN C 306 20.87 -2.68 -35.94
N VAL C 307 21.67 -3.65 -36.37
CA VAL C 307 21.64 -4.97 -35.75
C VAL C 307 21.97 -4.91 -34.25
N LYS C 308 21.11 -5.52 -33.44
CA LYS C 308 21.27 -5.53 -31.98
C LYS C 308 22.20 -6.65 -31.55
N ALA C 309 21.79 -7.89 -31.80
CA ALA C 309 22.59 -9.06 -31.46
C ALA C 309 22.46 -10.18 -32.49
N VAL C 310 23.59 -10.71 -32.95
CA VAL C 310 23.59 -11.93 -33.76
C VAL C 310 24.39 -12.95 -32.97
N LEU C 311 23.72 -13.96 -32.45
CA LEU C 311 24.35 -14.89 -31.53
C LEU C 311 25.16 -15.95 -32.24
N ASN C 312 26.28 -16.32 -31.62
CA ASN C 312 27.19 -17.32 -32.16
C ASN C 312 27.28 -18.48 -31.19
N GLY C 313 26.80 -19.66 -31.61
CA GLY C 313 26.81 -20.82 -30.74
C GLY C 313 26.71 -22.13 -31.48
N SER C 314 26.58 -23.23 -30.73
CA SER C 314 26.41 -24.58 -31.27
C SER C 314 27.71 -25.18 -31.84
N GLU C 315 28.71 -24.33 -32.03
CA GLU C 315 30.04 -24.77 -32.43
C GLU C 315 31.07 -23.89 -31.73
N PRO C 316 32.31 -24.39 -31.57
CA PRO C 316 33.36 -23.57 -30.94
C PRO C 316 33.60 -22.28 -31.71
N ILE C 317 33.61 -21.15 -31.01
CA ILE C 317 33.75 -19.85 -31.68
C ILE C 317 35.22 -19.59 -31.90
N SER C 318 35.58 -19.34 -33.16
CA SER C 318 36.97 -19.10 -33.55
C SER C 318 37.30 -17.61 -33.54
N ALA C 319 38.43 -17.27 -32.96
CA ALA C 319 38.87 -15.87 -32.93
C ALA C 319 39.10 -15.34 -34.34
N ALA C 320 39.46 -16.23 -35.25
CA ALA C 320 39.68 -15.84 -36.64
C ALA C 320 38.37 -15.49 -37.36
N THR C 321 37.37 -16.35 -37.22
CA THR C 321 36.09 -16.14 -37.90
C THR C 321 35.43 -14.87 -37.38
N VAL C 322 35.65 -14.56 -36.11
CA VAL C 322 35.07 -13.35 -35.52
C VAL C 322 35.73 -12.13 -36.13
N ARG C 323 37.03 -12.19 -36.30
CA ARG C 323 37.78 -11.09 -36.89
C ARG C 323 37.43 -10.93 -38.36
N ARG C 324 37.33 -12.05 -39.07
CA ARG C 324 37.03 -12.00 -40.49
C ARG C 324 35.65 -11.39 -40.75
N PHE C 325 34.64 -11.80 -39.98
CA PHE C 325 33.27 -11.35 -40.19
C PHE C 325 33.13 -9.85 -39.93
N ASN C 326 33.66 -9.39 -38.80
CA ASN C 326 33.60 -7.98 -38.45
C ASN C 326 34.41 -7.12 -39.42
N GLU C 327 35.52 -7.68 -39.91
CA GLU C 327 36.38 -6.98 -40.85
C GLU C 327 35.69 -6.76 -42.18
N ALA C 328 34.92 -7.76 -42.61
CA ALA C 328 34.22 -7.70 -43.88
C ALA C 328 32.97 -6.82 -43.82
N PHE C 329 32.17 -7.01 -42.78
CA PHE C 329 30.88 -6.32 -42.64
C PHE C 329 30.98 -5.06 -41.78
N GLY C 330 32.15 -4.81 -41.23
CA GLY C 330 32.38 -3.59 -40.48
C GLY C 330 32.08 -2.31 -41.25
N PRO C 331 32.59 -2.20 -42.50
CA PRO C 331 32.37 -0.98 -43.29
C PRO C 331 30.90 -0.64 -43.58
N PHE C 332 30.00 -1.59 -43.42
CA PHE C 332 28.57 -1.36 -43.67
C PHE C 332 27.86 -0.90 -42.40
N GLY C 333 28.63 -0.73 -41.34
CA GLY C 333 28.10 -0.20 -40.09
C GLY C 333 27.85 -1.29 -39.08
N PHE C 334 28.20 -2.52 -39.42
CA PHE C 334 27.98 -3.63 -38.51
C PHE C 334 28.80 -3.39 -37.25
N PRO C 335 28.13 -3.27 -36.10
CA PRO C 335 28.91 -3.01 -34.89
C PRO C 335 29.64 -4.26 -34.40
N PRO C 336 30.83 -4.09 -33.80
CA PRO C 336 31.59 -5.24 -33.29
C PRO C 336 30.92 -5.87 -32.07
N LYS C 337 30.03 -5.11 -31.42
CA LYS C 337 29.35 -5.59 -30.22
C LYS C 337 28.13 -6.42 -30.61
N ALA C 338 27.90 -6.60 -31.89
CA ALA C 338 26.72 -7.33 -32.39
C ALA C 338 26.87 -8.83 -32.22
N ILE C 339 28.09 -9.34 -32.45
CA ILE C 339 28.34 -10.79 -32.35
C ILE C 339 28.37 -11.21 -30.89
N LYS C 340 27.49 -12.16 -30.56
CA LYS C 340 27.27 -12.60 -29.18
C LYS C 340 27.54 -14.08 -29.00
N PRO C 341 28.79 -14.43 -28.69
CA PRO C 341 29.14 -15.83 -28.43
C PRO C 341 28.25 -16.44 -27.34
N SER C 342 27.70 -17.62 -27.60
CA SER C 342 26.74 -18.24 -26.69
C SER C 342 26.92 -19.76 -26.58
N TYR C 343 26.55 -20.31 -25.42
CA TYR C 343 26.65 -21.74 -25.16
C TYR C 343 25.31 -22.35 -24.74
N GLY C 344 25.08 -23.59 -25.14
CA GLY C 344 23.82 -24.25 -24.84
C GLY C 344 23.80 -25.71 -25.23
N LEU C 345 22.77 -26.42 -24.76
CA LEU C 345 22.61 -27.84 -25.05
C LEU C 345 21.11 -28.15 -25.16
N ALA C 346 20.80 -29.33 -25.70
CA ALA C 346 19.41 -29.74 -25.85
C ALA C 346 18.85 -30.20 -24.52
N GLU C 347 19.73 -30.64 -23.63
CA GLU C 347 19.31 -31.04 -22.31
C GLU C 347 18.90 -29.80 -21.50
N ALA C 348 19.37 -28.63 -21.92
CA ALA C 348 18.96 -27.34 -21.33
C ALA C 348 17.81 -26.73 -22.14
N THR C 349 17.35 -27.51 -23.09
CA THR C 349 16.32 -27.21 -24.08
C THR C 349 16.76 -26.27 -25.20
N LEU C 350 17.46 -25.19 -24.86
CA LEU C 350 18.36 -24.54 -25.80
C LEU C 350 19.52 -23.90 -25.06
N PHE C 351 19.14 -22.85 -24.33
CA PHE C 351 20.02 -21.78 -23.88
C PHE C 351 20.60 -21.99 -22.48
N VAL C 352 21.92 -21.79 -22.37
CA VAL C 352 22.63 -21.86 -21.09
C VAL C 352 23.28 -20.52 -20.73
N SER C 353 24.20 -20.05 -21.57
CA SER C 353 24.87 -18.78 -21.37
C SER C 353 25.10 -18.03 -22.67
N THR C 354 25.19 -16.70 -22.58
CA THR C 354 25.51 -15.86 -23.72
C THR C 354 26.21 -14.60 -23.23
N THR C 355 26.94 -13.92 -24.11
CA THR C 355 27.58 -12.67 -23.75
C THR C 355 26.51 -11.60 -23.54
N PRO C 356 26.62 -10.79 -22.47
CA PRO C 356 25.58 -9.79 -22.18
C PRO C 356 25.30 -8.85 -23.36
N SER C 357 24.06 -8.38 -23.43
CA SER C 357 23.57 -7.65 -24.61
C SER C 357 24.19 -6.27 -24.77
N ALA C 358 24.58 -5.66 -23.67
CA ALA C 358 25.17 -4.32 -23.71
C ALA C 358 26.70 -4.34 -23.80
N GLU C 359 27.29 -5.54 -23.79
CA GLU C 359 28.74 -5.71 -23.81
C GLU C 359 29.25 -6.14 -25.19
N GLU C 360 30.57 -6.19 -25.33
CA GLU C 360 31.21 -6.69 -26.54
C GLU C 360 31.80 -8.08 -26.27
N PRO C 361 31.93 -8.92 -27.32
CA PRO C 361 32.55 -10.24 -27.11
C PRO C 361 33.98 -10.20 -26.59
N LYS C 362 34.21 -10.95 -25.52
CA LYS C 362 35.54 -11.06 -24.89
C LYS C 362 36.28 -12.31 -25.37
N ILE C 363 37.44 -12.13 -26.00
CA ILE C 363 38.28 -13.26 -26.43
C ILE C 363 39.67 -13.20 -25.79
N ILE C 364 40.12 -14.31 -25.19
CA ILE C 364 41.45 -14.35 -24.57
C ILE C 364 42.38 -15.26 -25.36
N THR C 365 43.64 -15.23 -24.97
CA THR C 365 44.66 -16.14 -25.46
C THR C 365 45.40 -16.69 -24.24
N VAL C 366 45.46 -18.01 -24.14
CA VAL C 366 45.99 -18.68 -22.96
C VAL C 366 47.17 -19.57 -23.34
N ASP C 367 48.05 -19.83 -22.38
CA ASP C 367 49.22 -20.68 -22.63
C ASP C 367 48.75 -22.08 -22.99
N ARG C 368 49.28 -22.57 -24.11
CA ARG C 368 48.88 -23.85 -24.68
C ARG C 368 49.13 -24.99 -23.70
N ASP C 369 50.31 -24.98 -23.10
CA ASP C 369 50.71 -26.03 -22.18
C ASP C 369 49.90 -26.01 -20.89
N GLN C 370 49.50 -24.82 -20.45
CA GLN C 370 48.72 -24.72 -19.21
C GLN C 370 47.29 -25.15 -19.46
N LEU C 371 46.80 -24.86 -20.66
CA LEU C 371 45.44 -25.24 -21.02
C LEU C 371 45.36 -26.76 -21.13
N ASN C 372 46.39 -27.37 -21.70
CA ASN C 372 46.45 -28.82 -21.85
C ASN C 372 46.68 -29.52 -20.52
N SER C 373 47.15 -28.76 -19.53
CA SER C 373 47.31 -29.28 -18.17
C SER C 373 45.98 -29.15 -17.41
N GLY C 374 45.17 -28.18 -17.84
CA GLY C 374 43.85 -27.94 -17.27
C GLY C 374 43.68 -26.56 -16.67
N ARG C 375 44.77 -25.84 -16.44
CA ARG C 375 44.70 -24.46 -15.96
C ARG C 375 44.52 -23.46 -17.12
N ILE C 376 43.66 -22.45 -16.94
CA ILE C 376 43.57 -21.35 -17.90
C ILE C 376 44.25 -20.10 -17.32
N VAL C 377 45.42 -19.77 -17.86
CA VAL C 377 46.15 -18.60 -17.41
C VAL C 377 46.60 -17.77 -18.62
N GLU C 378 46.15 -16.52 -18.67
CA GLU C 378 46.36 -15.65 -19.82
C GLU C 378 47.83 -15.37 -20.11
N VAL C 379 48.15 -15.23 -21.39
CA VAL C 379 49.48 -14.86 -21.85
C VAL C 379 49.36 -13.88 -23.01
N ASP C 380 50.46 -13.22 -23.39
CA ASP C 380 50.42 -12.26 -24.49
C ASP C 380 50.03 -12.98 -25.77
N ALA C 381 49.28 -12.28 -26.62
CA ALA C 381 48.70 -12.86 -27.83
C ALA C 381 49.74 -13.28 -28.89
N ASP C 382 50.85 -12.55 -28.99
CA ASP C 382 51.85 -12.85 -30.01
C ASP C 382 52.66 -14.06 -29.62
N SER C 383 52.51 -14.52 -28.39
CA SER C 383 53.26 -15.68 -27.91
C SER C 383 53.03 -16.94 -28.75
N PRO C 384 54.11 -17.71 -29.01
CA PRO C 384 54.06 -18.94 -29.78
C PRO C 384 53.25 -20.02 -29.06
N LYS C 385 53.21 -19.92 -27.73
CA LYS C 385 52.50 -20.88 -26.90
C LYS C 385 51.07 -20.45 -26.59
N ALA C 386 50.61 -19.38 -27.23
CA ALA C 386 49.25 -18.90 -27.04
C ALA C 386 48.21 -19.62 -27.90
N VAL C 387 47.07 -19.93 -27.27
CA VAL C 387 45.90 -20.46 -27.96
C VAL C 387 44.70 -19.59 -27.60
N ALA C 388 44.00 -19.08 -28.60
CA ALA C 388 42.84 -18.21 -28.38
C ALA C 388 41.64 -18.97 -27.84
N GLN C 389 40.93 -18.35 -26.90
CA GLN C 389 39.72 -18.92 -26.30
C GLN C 389 38.65 -17.85 -26.19
N ALA C 390 37.47 -18.14 -26.72
CA ALA C 390 36.36 -17.19 -26.72
C ALA C 390 35.34 -17.51 -25.61
N SER C 391 35.00 -16.49 -24.83
CA SER C 391 34.03 -16.62 -23.74
C SER C 391 32.61 -16.83 -24.25
N ALA C 392 31.83 -17.64 -23.52
CA ALA C 392 30.41 -17.81 -23.80
C ALA C 392 29.56 -16.86 -22.95
N GLY C 393 30.24 -16.01 -22.17
CA GLY C 393 29.59 -14.97 -21.40
C GLY C 393 29.14 -15.41 -20.01
N LYS C 394 28.07 -14.80 -19.53
CA LYS C 394 27.57 -15.05 -18.19
C LYS C 394 26.33 -15.96 -18.27
N VAL C 395 26.18 -16.85 -17.29
CA VAL C 395 25.05 -17.77 -17.26
C VAL C 395 23.72 -17.05 -17.05
N GLY C 396 22.66 -17.59 -17.63
CA GLY C 396 21.34 -16.98 -17.57
C GLY C 396 20.68 -17.00 -16.21
N ILE C 397 19.55 -16.30 -16.09
CA ILE C 397 18.82 -16.22 -14.83
C ILE C 397 18.20 -17.56 -14.49
N ALA C 398 18.12 -17.86 -13.20
CA ALA C 398 17.47 -19.09 -12.73
C ALA C 398 18.16 -20.30 -13.34
N GLU C 399 19.43 -20.15 -13.68
CA GLU C 399 20.22 -21.25 -14.21
C GLU C 399 21.62 -21.24 -13.59
N TRP C 400 22.22 -22.42 -13.44
CA TRP C 400 23.52 -22.55 -12.79
C TRP C 400 24.47 -23.42 -13.58
N ALA C 401 25.73 -22.97 -13.65
CA ALA C 401 26.78 -23.74 -14.29
C ALA C 401 27.98 -23.83 -13.36
N VAL C 402 28.49 -25.05 -13.18
CA VAL C 402 29.64 -25.27 -12.33
C VAL C 402 30.67 -26.14 -13.04
N ILE C 403 31.94 -25.92 -12.69
CA ILE C 403 33.03 -26.73 -13.19
C ILE C 403 33.40 -27.75 -12.12
N VAL C 404 33.32 -29.03 -12.46
CA VAL C 404 33.43 -30.09 -11.46
C VAL C 404 34.51 -31.10 -11.81
N ASP C 405 35.04 -31.79 -10.80
CA ASP C 405 35.91 -32.94 -11.02
C ASP C 405 35.05 -34.21 -11.02
N ALA C 406 34.78 -34.73 -12.21
CA ALA C 406 33.88 -35.86 -12.43
C ALA C 406 34.01 -37.00 -11.43
N GLU C 407 35.25 -37.35 -11.08
CA GLU C 407 35.48 -38.52 -10.24
C GLU C 407 35.06 -38.26 -8.79
N SER C 408 35.42 -37.10 -8.28
CA SER C 408 35.11 -36.75 -6.92
C SER C 408 33.79 -36.01 -6.84
N ALA C 409 33.23 -35.65 -8.00
CA ALA C 409 32.00 -34.87 -8.07
C ALA C 409 32.12 -33.58 -7.25
N THR C 410 33.30 -32.97 -7.31
CA THR C 410 33.60 -31.74 -6.55
C THR C 410 33.86 -30.54 -7.46
N GLU C 411 33.32 -29.40 -7.08
CA GLU C 411 33.48 -28.17 -7.84
C GLU C 411 34.94 -27.72 -7.80
N LEU C 412 35.47 -27.36 -8.96
CA LEU C 412 36.85 -26.87 -9.06
C LEU C 412 36.92 -25.35 -8.88
N PRO C 413 38.08 -24.83 -8.46
CA PRO C 413 38.22 -23.37 -8.35
C PRO C 413 38.33 -22.71 -9.71
N ASP C 414 38.01 -21.41 -9.80
CA ASP C 414 38.07 -20.69 -11.06
C ASP C 414 39.49 -20.68 -11.62
N GLY C 415 39.57 -20.81 -12.94
CA GLY C 415 40.83 -20.79 -13.65
C GLY C 415 41.30 -22.17 -14.04
N GLN C 416 40.80 -23.18 -13.33
CA GLN C 416 41.12 -24.57 -13.61
C GLN C 416 39.97 -25.22 -14.38
N VAL C 417 40.32 -26.01 -15.39
CA VAL C 417 39.33 -26.62 -16.30
C VAL C 417 38.84 -27.95 -15.77
N GLY C 418 37.53 -28.17 -15.93
CA GLY C 418 36.88 -29.40 -15.55
C GLY C 418 35.62 -29.59 -16.37
N GLU C 419 34.87 -30.64 -16.08
CA GLU C 419 33.62 -30.91 -16.79
C GLU C 419 32.54 -29.96 -16.31
N ILE C 420 31.77 -29.44 -17.27
CA ILE C 420 30.66 -28.54 -16.98
C ILE C 420 29.40 -29.29 -16.57
N TRP C 421 28.84 -28.93 -15.41
CA TRP C 421 27.54 -29.42 -15.00
C TRP C 421 26.54 -28.27 -14.93
N ILE C 422 25.28 -28.54 -15.31
CA ILE C 422 24.23 -27.53 -15.30
C ILE C 422 22.98 -28.01 -14.54
N SER C 423 22.27 -27.06 -13.94
CA SER C 423 21.03 -27.35 -13.23
C SER C 423 20.09 -26.16 -13.44
N GLY C 424 18.80 -26.42 -13.52
CA GLY C 424 17.85 -25.36 -13.75
C GLY C 424 16.48 -25.89 -14.14
N GLN C 425 15.49 -25.02 -14.22
CA GLN C 425 14.15 -25.43 -14.58
C GLN C 425 14.08 -25.78 -16.07
N ASN C 426 15.17 -25.52 -16.80
CA ASN C 426 15.24 -25.80 -18.23
C ASN C 426 15.61 -27.24 -18.50
N MET C 427 15.97 -27.98 -17.46
CA MET C 427 16.48 -29.32 -17.65
C MET C 427 15.37 -30.31 -17.93
N GLY C 428 15.61 -31.19 -18.89
CA GLY C 428 14.65 -32.20 -19.31
C GLY C 428 14.39 -33.24 -18.26
N THR C 429 13.36 -34.06 -18.49
CA THR C 429 12.97 -35.07 -17.53
C THR C 429 13.72 -36.36 -17.81
N GLY C 430 14.49 -36.36 -18.90
CA GLY C 430 15.27 -37.53 -19.26
C GLY C 430 15.34 -37.76 -20.76
N TYR C 431 15.91 -38.89 -21.12
CA TYR C 431 15.92 -39.32 -22.51
C TYR C 431 14.76 -40.29 -22.72
N TRP C 432 14.10 -40.18 -23.86
CA TRP C 432 13.01 -41.08 -24.18
C TRP C 432 13.53 -42.49 -24.36
N GLY C 433 12.98 -43.43 -23.61
CA GLY C 433 13.29 -44.84 -23.78
C GLY C 433 14.69 -45.29 -23.38
N LYS C 434 15.46 -44.41 -22.75
CA LYS C 434 16.79 -44.77 -22.28
C LYS C 434 16.88 -44.50 -20.78
N PRO C 435 16.32 -45.41 -19.96
CA PRO C 435 16.19 -45.17 -18.52
C PRO C 435 17.55 -45.07 -17.82
N GLU C 436 18.47 -45.96 -18.16
CA GLU C 436 19.76 -45.99 -17.51
C GLU C 436 20.50 -44.71 -17.86
N GLU C 437 20.56 -44.43 -19.15
CA GLU C 437 21.26 -43.25 -19.65
C GLU C 437 20.66 -41.97 -19.08
N SER C 438 19.34 -41.96 -18.87
CA SER C 438 18.65 -40.78 -18.35
C SER C 438 19.18 -40.45 -16.96
N VAL C 439 19.35 -41.48 -16.15
CA VAL C 439 19.83 -41.31 -14.78
C VAL C 439 21.28 -40.83 -14.79
N ALA C 440 22.09 -41.43 -15.66
CA ALA C 440 23.50 -41.12 -15.71
C ALA C 440 23.73 -39.68 -16.14
N THR C 441 22.97 -39.23 -17.13
CA THR C 441 23.09 -37.87 -17.64
C THR C 441 22.36 -36.82 -16.81
N PHE C 442 21.08 -37.05 -16.53
CA PHE C 442 20.26 -35.99 -15.96
C PHE C 442 20.21 -35.96 -14.44
N GLN C 443 20.61 -37.04 -13.78
CA GLN C 443 20.64 -37.09 -12.33
C GLN C 443 22.07 -37.21 -11.83
N ASN C 444 22.59 -36.11 -11.31
CA ASN C 444 23.92 -36.08 -10.74
C ASN C 444 23.89 -35.11 -9.56
N ILE C 445 24.54 -35.48 -8.46
CA ILE C 445 24.53 -34.64 -7.25
C ILE C 445 25.90 -34.00 -7.02
N LEU C 446 25.90 -32.72 -6.64
CA LEU C 446 27.14 -31.99 -6.41
C LEU C 446 27.59 -32.14 -4.96
N LYS C 447 28.71 -32.82 -4.76
CA LYS C 447 29.15 -33.19 -3.42
C LYS C 447 29.89 -32.08 -2.66
N SER C 448 30.60 -31.24 -3.40
CA SER C 448 31.38 -30.16 -2.77
C SER C 448 31.42 -28.91 -3.64
N ARG C 449 31.37 -27.76 -2.99
CA ARG C 449 31.41 -26.47 -3.68
C ARG C 449 32.61 -25.68 -3.23
N THR C 450 32.93 -24.62 -3.96
CA THR C 450 34.02 -23.73 -3.59
C THR C 450 33.37 -22.57 -2.84
N ASN C 451 34.18 -21.68 -2.27
CA ASN C 451 33.65 -20.58 -1.47
C ASN C 451 32.79 -19.60 -2.29
N PRO C 452 33.36 -19.07 -3.40
CA PRO C 452 32.61 -18.23 -4.34
C PRO C 452 31.87 -19.08 -5.38
N SER C 453 31.16 -20.09 -4.91
CA SER C 453 30.49 -21.07 -5.76
C SER C 453 29.61 -20.45 -6.83
N HIS C 454 29.57 -21.12 -7.98
CA HIS C 454 28.72 -20.74 -9.09
C HIS C 454 27.36 -21.42 -8.96
N ALA C 455 27.24 -22.28 -7.95
CA ALA C 455 26.00 -22.98 -7.65
C ALA C 455 25.15 -22.22 -6.62
N GLU C 456 25.60 -21.04 -6.23
CA GLU C 456 24.89 -20.26 -5.23
C GLU C 456 23.46 -19.98 -5.68
N GLY C 457 22.50 -20.32 -4.82
CA GLY C 457 21.10 -20.13 -5.14
C GLY C 457 20.36 -21.42 -5.44
N ALA C 458 21.10 -22.48 -5.73
CA ALA C 458 20.48 -23.78 -6.02
C ALA C 458 20.58 -24.67 -4.78
N THR C 459 19.55 -25.48 -4.53
CA THR C 459 19.52 -26.34 -3.36
C THR C 459 20.66 -27.36 -3.39
N ASP C 460 21.15 -27.71 -2.21
CA ASP C 460 22.27 -28.65 -2.08
C ASP C 460 21.90 -30.04 -2.58
N ASP C 461 20.60 -30.35 -2.57
CA ASP C 461 20.10 -31.67 -2.97
C ASP C 461 19.67 -31.69 -4.44
N ALA C 462 20.06 -30.68 -5.21
CA ALA C 462 19.56 -30.51 -6.57
C ALA C 462 20.34 -31.29 -7.60
N THR C 463 19.63 -31.67 -8.67
CA THR C 463 20.18 -32.48 -9.74
C THR C 463 20.94 -31.63 -10.74
N TRP C 464 22.06 -32.17 -11.21
CA TRP C 464 22.87 -31.51 -12.23
C TRP C 464 22.92 -32.38 -13.49
N VAL C 465 22.96 -31.74 -14.66
CA VAL C 465 23.06 -32.49 -15.91
C VAL C 465 24.49 -32.37 -16.42
N ARG C 466 25.18 -33.50 -16.56
CA ARG C 466 26.53 -33.47 -17.09
C ARG C 466 26.46 -33.36 -18.60
N THR C 467 27.03 -32.29 -19.13
CA THR C 467 26.89 -31.96 -20.54
C THR C 467 27.79 -32.81 -21.40
N GLY C 468 28.93 -33.22 -20.85
CA GLY C 468 29.93 -33.95 -21.60
C GLY C 468 30.86 -32.97 -22.26
N ASP C 469 30.89 -31.75 -21.73
CA ASP C 469 31.74 -30.67 -22.24
C ASP C 469 32.73 -30.19 -21.17
N TYR C 470 33.98 -29.96 -21.57
CA TYR C 470 34.97 -29.35 -20.70
C TYR C 470 34.93 -27.81 -20.77
N GLY C 471 35.16 -27.16 -19.64
CA GLY C 471 35.18 -25.71 -19.58
C GLY C 471 35.81 -25.18 -18.31
N ALA C 472 35.82 -23.86 -18.17
CA ALA C 472 36.33 -23.22 -16.94
C ALA C 472 35.75 -21.82 -16.77
N PHE C 473 35.82 -21.29 -15.55
CA PHE C 473 35.47 -19.88 -15.31
C PHE C 473 36.72 -19.03 -15.13
N TYR C 474 36.77 -17.91 -15.86
CA TYR C 474 37.87 -16.95 -15.74
C TYR C 474 37.38 -15.51 -15.79
N ASP C 475 37.67 -14.75 -14.73
CA ASP C 475 37.32 -13.34 -14.66
C ASP C 475 35.82 -13.12 -14.90
N GLY C 476 35.03 -14.12 -14.51
CA GLY C 476 33.57 -14.00 -14.54
C GLY C 476 32.88 -14.51 -15.79
N ASP C 477 33.65 -14.99 -16.75
CA ASP C 477 33.10 -15.49 -17.99
C ASP C 477 33.24 -17.00 -18.06
N LEU C 478 32.31 -17.65 -18.75
CA LEU C 478 32.34 -19.10 -18.94
C LEU C 478 33.00 -19.44 -20.29
N TYR C 479 33.98 -20.33 -20.28
CA TYR C 479 34.65 -20.78 -21.50
C TYR C 479 34.43 -22.26 -21.76
N ILE C 480 34.07 -22.61 -23.00
CA ILE C 480 33.87 -24.00 -23.38
C ILE C 480 35.08 -24.46 -24.20
N THR C 481 35.88 -25.35 -23.62
CA THR C 481 37.12 -25.78 -24.24
C THR C 481 36.96 -26.94 -25.24
N GLY C 482 35.84 -27.65 -25.17
CA GLY C 482 35.52 -28.71 -26.10
C GLY C 482 34.80 -29.87 -25.46
N ARG C 483 34.59 -30.95 -26.21
CA ARG C 483 33.89 -32.12 -25.71
C ARG C 483 34.90 -33.13 -25.17
N VAL C 484 34.56 -33.75 -24.04
CA VAL C 484 35.46 -34.70 -23.39
C VAL C 484 35.70 -35.93 -24.24
N LYS C 485 34.66 -36.40 -24.92
CA LYS C 485 34.76 -37.60 -25.73
C LYS C 485 35.65 -37.39 -26.96
N ASP C 486 35.75 -36.14 -27.42
CA ASP C 486 36.54 -35.80 -28.61
C ASP C 486 37.97 -35.37 -28.25
N LEU C 487 38.27 -35.31 -26.96
CA LEU C 487 39.58 -34.88 -26.50
C LEU C 487 40.65 -35.88 -26.93
N VAL C 488 41.81 -35.38 -27.37
CA VAL C 488 42.87 -36.26 -27.88
C VAL C 488 44.03 -36.48 -26.88
N ILE C 489 43.91 -37.58 -26.13
CA ILE C 489 44.98 -38.05 -25.24
C ILE C 489 45.87 -39.02 -25.99
N ILE C 490 47.18 -38.74 -26.04
CA ILE C 490 48.08 -39.62 -26.79
C ILE C 490 49.20 -40.23 -25.92
N ASP C 491 50.23 -39.44 -25.62
CA ASP C 491 51.33 -39.92 -24.79
C ASP C 491 51.18 -39.56 -23.32
N GLY C 492 49.97 -39.18 -22.94
CA GLY C 492 49.70 -38.81 -21.57
C GLY C 492 49.51 -37.32 -21.49
N ARG C 493 49.85 -36.62 -22.56
CA ARG C 493 49.61 -35.20 -22.65
C ARG C 493 48.33 -34.97 -23.43
N ASN C 494 47.53 -34.01 -22.97
CA ASN C 494 46.23 -33.73 -23.54
C ASN C 494 46.33 -32.78 -24.73
N HIS C 495 45.48 -32.99 -25.72
CA HIS C 495 45.43 -32.12 -26.90
C HIS C 495 44.00 -31.85 -27.31
N TYR C 496 43.69 -30.58 -27.55
CA TYR C 496 42.36 -30.20 -28.03
C TYR C 496 42.27 -30.31 -29.54
N PRO C 497 41.20 -30.94 -30.07
CA PRO C 497 41.13 -31.16 -31.51
C PRO C 497 41.07 -29.86 -32.30
N GLN C 498 40.42 -28.84 -31.74
CA GLN C 498 40.27 -27.58 -32.45
C GLN C 498 41.64 -26.93 -32.59
N ASP C 499 42.48 -27.14 -31.58
CA ASP C 499 43.84 -26.61 -31.58
C ASP C 499 44.65 -27.31 -32.67
N LEU C 500 44.51 -28.63 -32.70
CA LEU C 500 45.18 -29.46 -33.68
C LEU C 500 44.71 -29.12 -35.09
N GLU C 501 43.40 -28.96 -35.25
CA GLU C 501 42.80 -28.71 -36.55
C GLU C 501 43.17 -27.33 -37.09
N TYR C 502 43.37 -26.37 -36.19
CA TYR C 502 43.81 -25.04 -36.57
C TYR C 502 45.24 -25.08 -37.10
N SER C 503 46.12 -25.78 -36.39
CA SER C 503 47.51 -25.89 -36.79
C SER C 503 47.62 -26.67 -38.10
N ALA C 504 46.74 -27.65 -38.26
CA ALA C 504 46.70 -28.45 -39.48
C ALA C 504 46.22 -27.61 -40.66
N GLN C 505 45.19 -26.81 -40.42
CA GLN C 505 44.58 -26.02 -41.47
C GLN C 505 45.50 -24.91 -41.99
N GLU C 506 46.35 -24.38 -41.11
CA GLU C 506 47.25 -23.29 -41.48
C GLU C 506 48.50 -23.81 -42.19
N ALA C 507 48.62 -25.13 -42.30
CA ALA C 507 49.80 -25.76 -42.89
C ALA C 507 49.80 -25.77 -44.42
N SER C 508 48.66 -26.09 -45.03
CA SER C 508 48.56 -26.17 -46.48
C SER C 508 47.32 -25.45 -47.00
N LYS C 509 47.45 -24.76 -48.13
CA LYS C 509 46.35 -24.00 -48.71
C LYS C 509 45.43 -24.93 -49.47
N ALA C 510 45.80 -26.21 -49.52
CA ALA C 510 45.03 -27.23 -50.20
C ALA C 510 43.85 -27.66 -49.34
N ILE C 511 43.90 -27.28 -48.07
CA ILE C 511 42.90 -27.71 -47.11
C ILE C 511 41.70 -26.75 -47.07
N ARG C 512 40.53 -27.25 -47.46
CA ARG C 512 39.29 -26.50 -47.32
C ARG C 512 39.12 -26.13 -45.85
N THR C 513 38.51 -24.97 -45.59
CA THR C 513 38.58 -24.39 -44.26
C THR C 513 37.40 -24.82 -43.39
N GLY C 514 37.73 -25.42 -42.25
CA GLY C 514 36.76 -25.97 -41.32
C GLY C 514 36.31 -27.39 -41.64
N TYR C 515 36.96 -28.03 -42.60
CA TYR C 515 36.66 -29.40 -42.98
C TYR C 515 37.61 -30.43 -42.36
N VAL C 516 38.50 -29.98 -41.47
CA VAL C 516 39.52 -30.84 -40.90
C VAL C 516 39.04 -31.47 -39.58
N ALA C 517 39.43 -32.72 -39.35
CA ALA C 517 39.06 -33.44 -38.12
C ALA C 517 40.25 -34.18 -37.52
N ALA C 518 40.57 -33.87 -36.26
CA ALA C 518 41.69 -34.51 -35.56
C ALA C 518 41.23 -35.43 -34.44
N PHE C 519 41.79 -36.64 -34.41
CA PHE C 519 41.46 -37.61 -33.37
C PHE C 519 42.59 -38.63 -33.19
N SER C 520 42.40 -39.53 -32.24
CA SER C 520 43.40 -40.54 -31.93
C SER C 520 42.82 -41.95 -32.06
N VAL C 521 43.60 -42.87 -32.62
CA VAL C 521 43.20 -44.26 -32.77
C VAL C 521 44.29 -45.20 -32.28
N PRO C 522 43.90 -46.36 -31.71
CA PRO C 522 44.89 -47.34 -31.23
C PRO C 522 45.76 -47.85 -32.39
N ALA C 523 47.08 -47.75 -32.21
CA ALA C 523 48.04 -48.10 -33.26
C ALA C 523 47.77 -49.41 -34.02
N ASN C 524 47.37 -50.47 -33.32
CA ASN C 524 47.14 -51.76 -33.98
C ASN C 524 45.93 -51.73 -34.92
N GLN C 525 45.06 -50.75 -34.70
CA GLN C 525 43.86 -50.56 -35.52
C GLN C 525 44.18 -49.78 -36.80
N LEU C 526 45.23 -48.96 -36.76
CA LEU C 526 45.66 -48.19 -37.93
C LEU C 526 45.79 -49.09 -39.16
N PRO C 527 45.41 -48.58 -40.34
CA PRO C 527 45.46 -49.41 -41.55
C PRO C 527 46.88 -49.77 -41.98
N ASP C 528 47.01 -50.88 -42.72
CA ASP C 528 48.32 -51.36 -43.17
C ASP C 528 49.06 -50.32 -44.02
N GLU C 529 48.29 -49.49 -44.72
CA GLU C 529 48.86 -48.43 -45.56
C GLU C 529 49.74 -47.49 -44.76
N VAL C 530 49.34 -47.22 -43.51
CA VAL C 530 50.06 -46.29 -42.65
C VAL C 530 51.47 -46.78 -42.30
N PHE C 531 51.58 -48.08 -42.05
CA PHE C 531 52.87 -48.67 -41.68
C PHE C 531 53.82 -48.79 -42.87
N GLU C 532 53.25 -48.83 -44.08
CA GLU C 532 54.05 -48.92 -45.30
C GLU C 532 54.68 -47.58 -45.61
N ASN C 533 54.06 -46.51 -45.11
CA ASN C 533 54.61 -45.17 -45.28
C ASN C 533 55.78 -44.96 -44.33
N ALA C 534 56.90 -44.49 -44.87
CA ALA C 534 58.13 -44.36 -44.11
C ALA C 534 58.08 -43.21 -43.12
N HIS C 535 57.54 -42.08 -43.57
CA HIS C 535 57.54 -40.86 -42.79
C HIS C 535 56.57 -40.92 -41.61
N SER C 536 55.83 -42.01 -41.50
CA SER C 536 54.87 -42.20 -40.42
C SER C 536 55.57 -42.14 -39.06
N GLY C 537 56.33 -43.18 -38.74
CA GLY C 537 57.09 -43.23 -37.50
C GLY C 537 56.55 -44.30 -36.57
N ILE C 538 55.70 -45.15 -37.12
CA ILE C 538 55.14 -46.27 -36.37
C ILE C 538 55.29 -47.55 -37.19
N LYS C 539 55.52 -48.65 -36.49
CA LYS C 539 55.70 -49.96 -37.11
C LYS C 539 54.55 -50.85 -36.68
N ARG C 540 54.32 -51.95 -37.39
CA ARG C 540 53.06 -52.68 -37.21
C ARG C 540 53.18 -53.72 -36.11
N ASP C 541 52.52 -53.41 -35.00
CA ASP C 541 52.38 -54.29 -33.85
C ASP C 541 50.91 -54.59 -33.61
N PRO C 542 50.48 -55.86 -33.72
CA PRO C 542 49.06 -56.12 -33.41
C PRO C 542 48.75 -55.95 -31.92
N ASP C 543 49.78 -55.98 -31.07
CA ASP C 543 49.58 -55.87 -29.63
C ASP C 543 49.75 -54.46 -29.09
N ASP C 544 50.04 -53.49 -29.95
CA ASP C 544 50.26 -52.12 -29.49
C ASP C 544 48.94 -51.36 -29.52
N THR C 545 48.43 -51.06 -28.34
CA THR C 545 47.12 -50.44 -28.17
C THR C 545 47.15 -48.92 -27.95
N SER C 546 48.29 -48.27 -28.23
CA SER C 546 48.46 -46.89 -27.81
C SER C 546 47.93 -45.90 -28.86
N GLU C 547 47.26 -44.87 -28.37
CA GLU C 547 46.56 -43.91 -29.20
C GLU C 547 47.52 -43.09 -30.05
N GLN C 548 47.19 -42.92 -31.32
CA GLN C 548 48.00 -42.14 -32.26
C GLN C 548 47.18 -41.10 -33.03
N LEU C 549 47.73 -39.91 -33.24
CA LEU C 549 46.99 -38.81 -33.86
C LEU C 549 46.77 -39.03 -35.36
N VAL C 550 45.52 -38.87 -35.79
CA VAL C 550 45.15 -38.91 -37.21
C VAL C 550 44.38 -37.65 -37.60
N ILE C 551 44.63 -37.16 -38.81
CA ILE C 551 43.96 -35.96 -39.32
C ILE C 551 43.30 -36.22 -40.68
N VAL C 552 42.02 -35.89 -40.77
CA VAL C 552 41.26 -35.99 -42.02
C VAL C 552 40.85 -34.59 -42.49
N ALA C 553 41.08 -34.28 -43.77
CA ALA C 553 40.83 -32.93 -44.30
C ALA C 553 40.36 -32.90 -45.76
N GLU C 554 39.43 -31.99 -46.07
CA GLU C 554 38.92 -31.81 -47.44
C GLU C 554 39.80 -30.96 -48.38
N ARG C 555 39.69 -31.21 -49.68
CA ARG C 555 40.49 -30.52 -50.71
C ARG C 555 39.61 -29.56 -51.53
N ALA C 556 39.72 -28.25 -51.28
CA ALA C 556 38.84 -27.30 -51.95
C ALA C 556 38.86 -27.29 -53.49
N PRO C 557 39.94 -26.80 -54.16
CA PRO C 557 39.81 -26.97 -55.62
C PRO C 557 39.95 -28.40 -56.13
N GLY C 558 40.94 -29.12 -55.60
CA GLY C 558 41.30 -30.42 -56.12
C GLY C 558 41.70 -30.36 -57.58
N LEU C 562 46.44 -30.94 -56.31
CA LEU C 562 47.90 -30.97 -56.25
C LEU C 562 48.39 -32.39 -55.90
N ASP C 563 49.41 -32.47 -55.04
CA ASP C 563 49.99 -33.74 -54.63
C ASP C 563 49.83 -33.93 -53.12
N ILE C 564 49.46 -35.13 -52.71
CA ILE C 564 49.23 -35.42 -51.30
C ILE C 564 50.54 -35.39 -50.51
N GLY C 565 51.59 -35.93 -51.12
CA GLY C 565 52.88 -36.04 -50.46
C GLY C 565 53.40 -34.82 -49.72
N PRO C 566 53.46 -33.66 -50.39
CA PRO C 566 53.93 -32.46 -49.68
C PRO C 566 52.95 -31.93 -48.64
N ILE C 567 51.66 -31.96 -48.94
CA ILE C 567 50.65 -31.45 -48.03
C ILE C 567 50.72 -32.18 -46.69
N THR C 568 50.92 -33.49 -46.76
CA THR C 568 51.00 -34.33 -45.56
C THR C 568 52.21 -33.98 -44.70
N ASP C 569 53.36 -33.73 -45.32
CA ASP C 569 54.57 -33.39 -44.58
C ASP C 569 54.47 -32.00 -43.97
N ASP C 570 53.83 -31.06 -44.68
CA ASP C 570 53.68 -29.72 -44.15
C ASP C 570 52.85 -29.80 -42.88
N ILE C 571 51.76 -30.56 -42.95
CA ILE C 571 50.86 -30.75 -41.81
C ILE C 571 51.59 -31.51 -40.71
N ARG C 572 52.33 -32.55 -41.09
CA ARG C 572 53.07 -33.36 -40.12
C ARG C 572 54.03 -32.47 -39.36
N ALA C 573 54.73 -31.62 -40.09
CA ALA C 573 55.75 -30.73 -39.55
C ALA C 573 55.15 -29.62 -38.69
N ALA C 574 54.10 -29.00 -39.18
CA ALA C 574 53.51 -27.86 -38.49
C ALA C 574 52.97 -28.29 -37.13
N ILE C 575 52.34 -29.46 -37.08
CA ILE C 575 51.80 -29.97 -35.83
C ILE C 575 52.94 -30.45 -34.93
N ALA C 576 53.93 -31.10 -35.54
CA ALA C 576 55.07 -31.61 -34.79
C ALA C 576 55.83 -30.49 -34.09
N VAL C 577 56.00 -29.36 -34.77
CA VAL C 577 56.78 -28.24 -34.25
C VAL C 577 55.99 -27.44 -33.21
N ARG C 578 54.70 -27.23 -33.46
CA ARG C 578 53.87 -26.40 -32.59
C ARG C 578 53.36 -27.17 -31.36
N HIS C 579 53.23 -28.48 -31.49
CA HIS C 579 52.55 -29.31 -30.48
C HIS C 579 53.47 -30.37 -29.88
N GLY C 580 54.07 -31.19 -30.73
CA GLY C 580 54.96 -32.24 -30.24
C GLY C 580 54.36 -33.63 -30.35
N VAL C 581 53.31 -33.73 -31.15
CA VAL C 581 52.75 -35.02 -31.50
C VAL C 581 52.96 -35.27 -32.99
N THR C 582 53.24 -36.52 -33.34
CA THR C 582 53.50 -36.91 -34.71
C THR C 582 52.23 -37.42 -35.37
N VAL C 583 51.88 -36.82 -36.50
CA VAL C 583 50.72 -37.25 -37.26
C VAL C 583 51.07 -38.54 -37.99
N ARG C 584 50.33 -39.61 -37.71
CA ARG C 584 50.63 -40.91 -38.29
C ARG C 584 50.04 -41.08 -39.69
N ASP C 585 48.84 -40.53 -39.90
CA ASP C 585 48.19 -40.59 -41.20
C ASP C 585 47.42 -39.30 -41.47
N VAL C 586 47.60 -38.77 -42.68
CA VAL C 586 46.80 -37.65 -43.15
C VAL C 586 46.04 -38.09 -44.38
N LEU C 587 44.72 -38.15 -44.27
CA LEU C 587 43.89 -38.61 -45.36
C LEU C 587 43.13 -37.44 -45.96
N LEU C 588 43.52 -37.03 -47.15
CA LEU C 588 42.86 -35.91 -47.83
C LEU C 588 41.74 -36.44 -48.70
N THR C 589 40.53 -35.95 -48.46
CA THR C 589 39.34 -36.39 -49.19
C THR C 589 38.72 -35.23 -49.96
N ALA C 590 37.69 -35.54 -50.75
CA ALA C 590 36.94 -34.51 -51.46
C ALA C 590 36.02 -33.79 -50.47
N ALA C 591 35.59 -32.59 -50.82
CA ALA C 591 34.74 -31.78 -49.96
C ALA C 591 33.42 -32.48 -49.65
N GLY C 592 33.02 -32.44 -48.38
CA GLY C 592 31.76 -33.02 -47.96
C GLY C 592 31.87 -34.49 -47.57
N ALA C 593 33.08 -35.05 -47.64
CA ALA C 593 33.28 -36.46 -47.36
C ALA C 593 33.27 -36.69 -45.85
N ILE C 594 33.89 -35.76 -45.12
CA ILE C 594 33.94 -35.88 -43.67
C ILE C 594 32.53 -35.78 -43.15
N PRO C 595 32.14 -36.68 -42.23
CA PRO C 595 30.76 -36.66 -41.72
C PRO C 595 30.41 -35.36 -40.99
N ARG C 596 29.19 -34.88 -41.23
CA ARG C 596 28.66 -33.68 -40.59
C ARG C 596 27.35 -34.10 -39.92
N THR C 597 26.59 -33.13 -39.41
CA THR C 597 25.35 -33.46 -38.71
C THR C 597 24.20 -32.72 -39.33
N SER C 598 22.99 -33.03 -38.86
CA SER C 598 21.77 -32.35 -39.29
C SER C 598 21.97 -30.83 -39.39
N SER C 599 22.43 -30.24 -38.29
CA SER C 599 22.63 -28.80 -38.20
C SER C 599 23.84 -28.27 -38.98
N GLY C 600 24.73 -29.17 -39.40
CA GLY C 600 25.90 -28.80 -40.19
C GLY C 600 27.27 -28.82 -39.51
N LYS C 601 27.34 -29.24 -38.25
CA LYS C 601 28.62 -29.31 -37.54
C LYS C 601 29.35 -30.59 -37.91
N ILE C 602 30.69 -30.55 -37.90
CA ILE C 602 31.49 -31.73 -38.24
C ILE C 602 31.49 -32.79 -37.13
N GLY C 603 31.25 -34.04 -37.51
CA GLY C 603 31.36 -35.16 -36.59
C GLY C 603 32.77 -35.68 -36.42
N ARG C 604 33.30 -35.62 -35.21
CA ARG C 604 34.62 -36.18 -34.94
C ARG C 604 34.55 -37.71 -34.95
N ARG C 605 33.98 -38.26 -33.86
CA ARG C 605 33.79 -39.70 -33.70
C ARG C 605 33.20 -40.38 -34.94
N ALA C 606 32.35 -39.67 -35.68
CA ALA C 606 31.77 -40.22 -36.90
C ALA C 606 32.84 -40.30 -37.97
N CYS C 607 33.71 -39.30 -38.00
CA CYS C 607 34.83 -39.29 -38.92
C CYS C 607 35.80 -40.41 -38.54
N ARG C 608 35.94 -40.63 -37.24
CA ARG C 608 36.73 -41.75 -36.72
C ARG C 608 36.17 -43.09 -37.18
N ALA C 609 34.87 -43.27 -37.03
CA ALA C 609 34.22 -44.52 -37.42
C ALA C 609 34.40 -44.78 -38.91
N ALA C 610 34.25 -43.73 -39.72
CA ALA C 610 34.38 -43.85 -41.17
C ALA C 610 35.83 -44.12 -41.57
N TYR C 611 36.77 -43.63 -40.76
CA TYR C 611 38.18 -43.86 -41.00
C TYR C 611 38.55 -45.28 -40.57
N LEU C 612 38.03 -45.68 -39.42
CA LEU C 612 38.33 -47.00 -38.87
C LEU C 612 37.64 -48.05 -39.71
N ASP C 613 36.44 -47.75 -40.18
CA ASP C 613 35.68 -48.67 -41.02
C ASP C 613 36.22 -48.63 -42.46
N GLY C 614 37.07 -47.65 -42.74
CA GLY C 614 37.74 -47.51 -44.03
C GLY C 614 36.79 -47.19 -45.16
N SER C 615 35.88 -46.25 -44.93
CA SER C 615 35.00 -45.76 -45.98
C SER C 615 35.62 -44.54 -46.64
N LEU C 616 36.20 -43.69 -45.81
CA LEU C 616 36.90 -42.47 -46.22
C LEU C 616 38.04 -42.69 -47.21
N ARG C 617 38.77 -43.79 -47.07
CA ARG C 617 39.98 -44.01 -47.88
C ARG C 617 39.68 -44.54 -49.28
N ALA C 618 38.39 -44.59 -49.64
CA ALA C 618 37.98 -44.90 -51.01
C ALA C 618 38.17 -43.69 -51.91
N PHE D 7 17.79 21.19 18.21
CA PHE D 7 18.74 20.56 19.11
C PHE D 7 20.14 20.59 18.51
N ILE D 8 20.86 21.68 18.77
CA ILE D 8 22.23 21.82 18.28
C ILE D 8 23.29 21.43 19.30
N LYS D 9 24.54 21.72 18.95
CA LYS D 9 25.71 21.33 19.73
C LYS D 9 26.45 22.52 20.35
N ASP D 10 27.64 22.22 20.88
CA ASP D 10 28.51 23.20 21.54
C ASP D 10 28.79 24.50 20.77
N GLY D 11 28.93 25.56 21.55
CA GLY D 11 29.13 26.92 21.07
C GLY D 11 27.86 27.76 20.92
N GLN D 12 26.71 27.13 20.71
CA GLN D 12 25.47 27.86 20.50
C GLN D 12 24.26 26.92 20.41
N ILE D 13 23.08 27.50 20.22
CA ILE D 13 21.87 26.74 19.91
C ILE D 13 21.52 27.12 18.47
N LYS D 14 21.43 26.13 17.60
CA LYS D 14 21.17 26.35 16.18
C LYS D 14 20.14 25.36 15.65
N PHE D 15 18.99 25.90 15.28
CA PHE D 15 17.90 25.09 14.75
C PHE D 15 17.93 24.93 13.23
N PRO D 16 17.47 23.77 12.72
CA PRO D 16 17.37 23.53 11.28
C PRO D 16 16.31 24.44 10.63
N ASP D 17 16.27 24.50 9.31
CA ASP D 17 15.28 25.34 8.60
C ASP D 17 13.92 24.72 8.87
N GLY D 18 12.84 25.44 8.60
CA GLY D 18 11.53 24.91 8.99
C GLY D 18 11.41 24.90 10.50
N SER D 19 11.34 23.72 11.12
CA SER D 19 11.19 23.64 12.57
C SER D 19 9.78 24.14 12.91
N SER D 20 9.64 25.26 13.62
CA SER D 20 8.29 25.72 13.95
C SER D 20 7.59 24.76 14.89
N ILE D 21 7.84 24.94 16.19
CA ILE D 21 7.42 24.01 17.24
C ILE D 21 6.04 23.40 17.03
N VAL D 22 5.14 24.12 16.38
CA VAL D 22 3.81 23.58 16.05
C VAL D 22 3.97 22.22 15.36
N ALA D 23 4.92 22.13 14.43
CA ALA D 23 5.18 20.90 13.70
C ALA D 23 5.89 19.88 14.58
N HIS D 24 6.73 20.38 15.49
CA HIS D 24 7.50 19.51 16.37
C HIS D 24 6.58 18.76 17.32
N VAL D 25 5.64 19.47 17.92
CA VAL D 25 4.71 18.87 18.87
C VAL D 25 3.81 17.92 18.10
N GLU D 26 3.51 18.27 16.85
CA GLU D 26 2.67 17.44 16.01
C GLU D 26 3.37 16.11 15.70
N ARG D 27 4.68 16.17 15.47
CA ARG D 27 5.46 14.96 15.26
C ARG D 27 5.39 14.07 16.48
N TRP D 28 5.58 14.66 17.66
CA TRP D 28 5.51 13.92 18.91
C TRP D 28 4.12 13.33 19.17
N ALA D 29 3.09 14.09 18.81
CA ALA D 29 1.71 13.67 19.06
C ALA D 29 1.35 12.48 18.20
N LYS D 30 1.95 12.41 17.02
CA LYS D 30 1.69 11.32 16.11
C LYS D 30 2.44 10.10 16.61
N VAL D 31 3.65 10.33 17.11
CA VAL D 31 4.50 9.23 17.55
C VAL D 31 4.09 8.66 18.89
N ARG D 32 3.68 9.52 19.82
CA ARG D 32 3.22 9.03 21.11
C ARG D 32 1.70 8.93 20.98
N GLY D 33 1.16 7.72 20.84
CA GLY D 33 -0.26 7.64 20.53
C GLY D 33 -1.22 7.93 21.67
N ASP D 34 -1.30 6.97 22.59
CA ASP D 34 -2.21 7.02 23.72
C ASP D 34 -1.51 7.53 24.95
N LYS D 35 -0.23 7.87 24.79
CA LYS D 35 0.59 8.21 25.93
C LYS D 35 0.18 9.54 26.55
N LEU D 36 0.47 9.67 27.84
CA LEU D 36 0.09 10.85 28.61
C LEU D 36 0.84 12.09 28.16
N ALA D 37 0.09 13.16 27.94
CA ALA D 37 0.68 14.45 27.62
C ALA D 37 0.66 15.30 28.87
N TYR D 38 -0.55 15.60 29.34
CA TYR D 38 -0.73 16.37 30.56
C TYR D 38 -1.68 15.65 31.52
N ARG D 39 -1.41 15.78 32.81
CA ARG D 39 -2.31 15.27 33.84
C ARG D 39 -2.58 16.37 34.86
N PHE D 40 -3.86 16.68 35.06
CA PHE D 40 -4.25 17.74 35.98
C PHE D 40 -4.83 17.14 37.24
N LEU D 41 -4.25 17.50 38.39
CA LEU D 41 -4.73 16.97 39.65
C LEU D 41 -5.80 17.90 40.19
N ASP D 42 -7.04 17.44 40.17
CA ASP D 42 -8.17 18.28 40.55
C ASP D 42 -8.59 18.03 41.99
N PHE D 43 -8.32 19.02 42.84
CA PHE D 43 -8.64 18.96 44.26
C PHE D 43 -9.97 19.64 44.57
N SER D 44 -10.66 20.10 43.54
CA SER D 44 -11.92 20.81 43.72
C SER D 44 -12.97 19.94 44.41
N THR D 45 -13.29 18.80 43.80
CA THR D 45 -14.29 17.90 44.36
C THR D 45 -13.82 17.11 45.58
N GLU D 46 -12.97 16.11 45.33
CA GLU D 46 -12.42 15.32 46.43
C GLU D 46 -11.28 16.03 47.13
N ARG D 47 -11.03 15.64 48.38
CA ARG D 47 -9.95 16.21 49.18
C ARG D 47 -8.62 15.62 48.76
N ASP D 48 -8.66 14.37 48.33
CA ASP D 48 -7.45 13.65 47.96
C ASP D 48 -7.09 13.90 46.50
N GLY D 49 -8.09 14.20 45.67
CA GLY D 49 -7.85 14.58 44.29
C GLY D 49 -8.19 13.49 43.28
N VAL D 50 -8.69 13.92 42.13
CA VAL D 50 -9.00 13.03 41.00
C VAL D 50 -8.26 13.46 39.74
N PRO D 51 -7.24 12.72 39.33
CA PRO D 51 -6.47 13.18 38.17
C PRO D 51 -7.29 13.25 36.88
N ARG D 52 -7.34 14.45 36.28
CA ARG D 52 -7.91 14.64 34.95
C ARG D 52 -6.77 14.61 33.91
N ASP D 53 -6.80 13.62 33.03
CA ASP D 53 -5.71 13.39 32.07
C ASP D 53 -6.10 13.64 30.60
N LEU D 54 -5.11 14.06 29.80
CA LEU D 54 -5.27 14.29 28.36
C LEU D 54 -4.11 13.65 27.61
N THR D 55 -4.43 12.71 26.73
CA THR D 55 -3.41 12.00 25.97
C THR D 55 -2.89 12.84 24.81
N TRP D 56 -1.78 12.40 24.23
CA TRP D 56 -1.16 13.12 23.13
C TRP D 56 -2.08 13.19 21.92
N ALA D 57 -2.81 12.11 21.68
CA ALA D 57 -3.76 12.07 20.58
C ALA D 57 -4.82 13.13 20.79
N GLN D 58 -5.34 13.17 22.01
CA GLN D 58 -6.32 14.17 22.39
C GLN D 58 -5.70 15.56 22.32
N PHE D 59 -4.47 15.68 22.79
CA PHE D 59 -3.79 16.97 22.86
C PHE D 59 -3.74 17.61 21.49
N SER D 60 -3.26 16.86 20.51
CA SER D 60 -3.12 17.37 19.15
C SER D 60 -4.47 17.71 18.52
N ALA D 61 -5.47 16.87 18.77
CA ALA D 61 -6.78 17.05 18.16
C ALA D 61 -7.44 18.33 18.64
N ARG D 62 -7.34 18.61 19.94
CA ARG D 62 -7.99 19.78 20.51
C ARG D 62 -7.27 21.05 20.09
N ASN D 63 -5.94 20.97 20.03
CA ASN D 63 -5.15 22.09 19.57
C ASN D 63 -5.54 22.48 18.16
N ARG D 64 -5.79 21.48 17.31
CA ARG D 64 -6.17 21.74 15.93
C ARG D 64 -7.59 22.31 15.85
N ALA D 65 -8.46 21.84 16.74
CA ALA D 65 -9.85 22.29 16.77
C ALA D 65 -9.97 23.76 17.18
N VAL D 66 -9.28 24.14 18.24
CA VAL D 66 -9.27 25.52 18.73
C VAL D 66 -8.58 26.44 17.73
N ALA D 67 -7.48 25.96 17.17
CA ALA D 67 -6.68 26.75 16.24
C ALA D 67 -7.49 27.13 15.01
N ALA D 68 -8.31 26.20 14.55
CA ALA D 68 -9.16 26.43 13.38
C ALA D 68 -10.17 27.55 13.66
N ARG D 69 -10.76 27.56 14.85
CA ARG D 69 -11.73 28.60 15.21
C ARG D 69 -11.04 29.94 15.39
N LEU D 70 -9.80 29.92 15.86
CA LEU D 70 -9.04 31.14 16.06
C LEU D 70 -8.72 31.74 14.71
N GLN D 71 -8.31 30.88 13.79
CA GLN D 71 -7.96 31.30 12.43
C GLN D 71 -9.18 31.85 11.71
N GLN D 72 -10.36 31.41 12.13
CA GLN D 72 -11.59 31.83 11.50
C GLN D 72 -11.99 33.24 11.94
N VAL D 73 -11.82 33.53 13.22
CA VAL D 73 -12.26 34.82 13.78
C VAL D 73 -11.15 35.87 13.88
N THR D 74 -9.90 35.48 13.60
CA THR D 74 -8.77 36.40 13.77
C THR D 74 -7.80 36.36 12.60
N GLN D 75 -7.21 37.52 12.30
CA GLN D 75 -6.17 37.64 11.27
C GLN D 75 -4.78 37.47 11.88
N PRO D 76 -3.80 37.03 11.07
CA PRO D 76 -2.42 36.85 11.55
C PRO D 76 -1.82 38.15 12.06
N GLY D 77 -1.07 38.07 13.16
CA GLY D 77 -0.50 39.25 13.77
C GLY D 77 -1.37 39.77 14.91
N ASP D 78 -2.61 39.27 14.98
CA ASP D 78 -3.49 39.60 16.09
C ASP D 78 -3.01 38.94 17.37
N ARG D 79 -3.44 39.51 18.49
CA ARG D 79 -3.03 39.05 19.80
C ARG D 79 -4.21 38.37 20.46
N VAL D 80 -3.97 37.19 21.02
CA VAL D 80 -5.06 36.39 21.59
C VAL D 80 -4.87 36.27 23.09
N ALA D 81 -5.82 36.82 23.85
CA ALA D 81 -5.74 36.79 25.30
C ALA D 81 -6.30 35.47 25.79
N ILE D 82 -5.57 34.86 26.72
CA ILE D 82 -6.03 33.65 27.38
C ILE D 82 -6.49 33.99 28.79
N LEU D 83 -7.80 33.98 29.00
CA LEU D 83 -8.36 34.15 30.33
C LEU D 83 -8.92 32.80 30.74
N CYS D 84 -8.16 32.06 31.53
CA CYS D 84 -8.54 30.71 31.95
C CYS D 84 -7.98 30.43 33.32
N PRO D 85 -8.70 29.60 34.09
CA PRO D 85 -8.10 29.14 35.35
C PRO D 85 -7.02 28.11 35.06
N GLN D 86 -6.39 27.59 36.10
CA GLN D 86 -5.37 26.59 35.90
C GLN D 86 -6.08 25.29 35.56
N ASN D 87 -5.81 24.75 34.39
CA ASN D 87 -6.53 23.59 33.87
C ASN D 87 -5.84 23.07 32.63
N LEU D 88 -6.42 22.03 32.05
CA LEU D 88 -5.89 21.46 30.83
C LEU D 88 -6.26 22.38 29.69
N ASP D 89 -7.42 23.00 29.83
CA ASP D 89 -7.98 23.81 28.78
C ASP D 89 -7.13 25.06 28.58
N TYR D 90 -6.36 25.42 29.61
CA TYR D 90 -5.44 26.54 29.51
C TYR D 90 -4.37 26.19 28.48
N LEU D 91 -3.86 24.97 28.58
CA LEU D 91 -2.82 24.49 27.70
C LEU D 91 -3.35 24.28 26.30
N VAL D 92 -4.60 23.84 26.22
CA VAL D 92 -5.26 23.65 24.93
C VAL D 92 -5.43 25.01 24.26
N ALA D 93 -5.67 26.03 25.09
CA ALA D 93 -5.84 27.38 24.59
C ALA D 93 -4.50 27.98 24.11
N PHE D 94 -3.45 27.78 24.91
CA PHE D 94 -2.13 28.33 24.56
C PHE D 94 -1.57 27.68 23.30
N PHE D 95 -1.46 26.36 23.32
CA PHE D 95 -0.96 25.65 22.15
C PHE D 95 -1.91 25.87 20.97
N GLY D 96 -3.21 25.89 21.26
CA GLY D 96 -4.20 26.19 20.25
C GLY D 96 -3.91 27.52 19.58
N ALA D 97 -3.46 28.49 20.36
CA ALA D 97 -3.10 29.80 19.83
C ALA D 97 -1.85 29.72 18.97
N LEU D 98 -0.88 28.90 19.36
CA LEU D 98 0.34 28.73 18.59
C LEU D 98 0.07 28.01 17.26
N TYR D 99 -0.75 26.98 17.32
CA TYR D 99 -1.15 26.24 16.13
C TYR D 99 -1.76 27.18 15.10
N ALA D 100 -2.56 28.13 15.60
CA ALA D 100 -3.28 29.08 14.76
C ALA D 100 -2.35 30.11 14.13
N GLY D 101 -1.20 30.33 14.76
CA GLY D 101 -0.23 31.28 14.23
C GLY D 101 -0.37 32.69 14.79
N ARG D 102 -1.14 32.83 15.86
CA ARG D 102 -1.28 34.13 16.52
C ARG D 102 -0.31 34.27 17.68
N ILE D 103 -0.31 35.45 18.30
CA ILE D 103 0.53 35.69 19.47
C ILE D 103 -0.34 35.57 20.70
N ALA D 104 -0.05 34.56 21.51
CA ALA D 104 -0.78 34.33 22.75
C ALA D 104 -0.31 35.29 23.84
N VAL D 105 -1.20 35.66 24.76
CA VAL D 105 -0.82 36.43 25.94
C VAL D 105 -1.49 35.79 27.17
N PRO D 106 -0.77 34.88 27.85
CA PRO D 106 -1.33 34.18 29.00
C PRO D 106 -1.73 35.13 30.14
N LEU D 107 -2.95 34.92 30.64
CA LEU D 107 -3.53 35.73 31.69
C LEU D 107 -4.37 34.83 32.58
N PHE D 108 -5.22 35.43 33.41
CA PHE D 108 -5.99 34.70 34.40
C PHE D 108 -7.50 34.94 34.28
N ASP D 109 -8.29 34.14 35.00
CA ASP D 109 -9.74 34.27 35.00
C ASP D 109 -10.15 35.51 35.77
N PRO D 110 -10.93 36.42 35.15
CA PRO D 110 -11.26 37.59 35.97
C PRO D 110 -12.34 37.33 37.02
N SER D 111 -12.33 36.15 37.64
CA SER D 111 -13.24 35.84 38.74
C SER D 111 -12.56 35.90 40.10
N GLU D 112 -11.28 36.25 40.13
CA GLU D 112 -10.51 36.30 41.38
C GLU D 112 -10.42 37.71 41.95
N HIS D 115 -7.24 40.44 41.39
CA HIS D 115 -7.66 41.78 41.00
C HIS D 115 -7.90 41.90 39.49
N VAL D 116 -9.08 42.42 39.13
CA VAL D 116 -9.43 42.60 37.73
C VAL D 116 -9.00 43.96 37.19
N GLY D 117 -8.29 44.73 38.01
CA GLY D 117 -7.79 46.02 37.57
C GLY D 117 -6.49 45.92 36.78
N ARG D 118 -5.67 44.94 37.14
CA ARG D 118 -4.39 44.72 36.45
C ARG D 118 -4.66 44.16 35.07
N LEU D 119 -5.71 43.35 34.98
CA LEU D 119 -6.10 42.71 33.74
C LEU D 119 -6.66 43.72 32.74
N HIS D 120 -7.33 44.74 33.25
CA HIS D 120 -7.82 45.80 32.37
C HIS D 120 -6.66 46.48 31.67
N ALA D 121 -5.61 46.77 32.43
CA ALA D 121 -4.49 47.55 31.92
C ALA D 121 -3.73 46.77 30.86
N VAL D 122 -3.65 45.46 31.05
CA VAL D 122 -2.94 44.60 30.10
C VAL D 122 -3.72 44.51 28.80
N LEU D 123 -5.03 44.35 28.93
CA LEU D 123 -5.88 44.30 27.75
C LEU D 123 -5.87 45.65 27.04
N ASP D 124 -5.69 46.72 27.82
CA ASP D 124 -5.55 48.06 27.26
C ASP D 124 -4.25 48.21 26.49
N ASN D 125 -3.23 47.45 26.88
CA ASN D 125 -1.92 47.56 26.24
C ASN D 125 -1.79 46.91 24.87
N CYS D 126 -2.16 45.64 24.77
CA CYS D 126 -1.97 44.91 23.52
C CYS D 126 -3.22 44.81 22.63
N HIS D 127 -4.37 45.26 23.14
CA HIS D 127 -5.61 45.22 22.37
C HIS D 127 -5.86 43.87 21.66
N PRO D 128 -6.17 42.82 22.44
CA PRO D 128 -6.38 41.49 21.85
C PRO D 128 -7.61 41.41 20.94
N SER D 129 -7.48 40.66 19.83
CA SER D 129 -8.58 40.46 18.88
C SER D 129 -9.56 39.34 19.29
N ALA D 130 -9.11 38.43 20.14
CA ALA D 130 -9.93 37.30 20.59
C ALA D 130 -9.63 36.93 22.03
N ILE D 131 -10.60 36.31 22.70
CA ILE D 131 -10.42 35.85 24.09
C ILE D 131 -10.76 34.36 24.23
N LEU D 132 -9.82 33.59 24.76
CA LEU D 132 -9.98 32.16 24.99
C LEU D 132 -10.26 31.85 26.46
N THR D 133 -11.35 31.16 26.74
CA THR D 133 -11.72 30.79 28.10
C THR D 133 -12.42 29.45 28.10
N THR D 134 -12.97 29.08 29.25
CA THR D 134 -13.69 27.82 29.39
C THR D 134 -15.16 28.11 29.74
N THR D 135 -16.04 27.17 29.47
CA THR D 135 -17.48 27.35 29.70
C THR D 135 -17.79 27.70 31.14
N GLU D 136 -17.01 27.16 32.07
CA GLU D 136 -17.18 27.46 33.48
C GLU D 136 -16.90 28.95 33.75
N ALA D 137 -15.78 29.42 33.21
CA ALA D 137 -15.26 30.75 33.49
C ALA D 137 -15.73 31.79 32.47
N ALA D 138 -16.76 31.46 31.71
CA ALA D 138 -17.11 32.24 30.53
C ALA D 138 -17.90 33.49 30.88
N GLU D 139 -18.87 33.35 31.77
CA GLU D 139 -19.70 34.49 32.16
C GLU D 139 -18.86 35.59 32.80
N GLY D 140 -17.85 35.18 33.56
CA GLY D 140 -16.98 36.13 34.22
C GLY D 140 -16.22 36.98 33.21
N VAL D 141 -15.80 36.36 32.12
CA VAL D 141 -15.07 37.07 31.08
C VAL D 141 -15.98 38.06 30.37
N ARG D 142 -17.22 37.67 30.11
CA ARG D 142 -18.19 38.57 29.49
C ARG D 142 -18.55 39.73 30.41
N LYS D 143 -18.80 39.42 31.68
CA LYS D 143 -19.15 40.46 32.65
C LYS D 143 -18.00 41.44 32.78
N PHE D 144 -16.79 40.91 32.75
CA PHE D 144 -15.57 41.71 32.80
C PHE D 144 -15.59 42.71 31.64
N PHE D 145 -15.96 42.19 30.47
CA PHE D 145 -15.98 42.96 29.24
C PHE D 145 -17.20 43.86 29.13
N ARG D 146 -18.23 43.58 29.92
CA ARG D 146 -19.40 44.43 29.93
C ARG D 146 -19.06 45.81 30.50
N THR D 147 -17.97 45.88 31.26
CA THR D 147 -17.51 47.13 31.83
C THR D 147 -16.69 47.96 30.83
N ARG D 148 -16.18 47.31 29.80
CA ARG D 148 -15.40 47.97 28.75
C ARG D 148 -16.34 48.47 27.65
N PRO D 149 -15.87 49.43 26.82
CA PRO D 149 -16.71 50.04 25.78
C PRO D 149 -17.26 49.05 24.76
N ALA D 150 -18.33 49.41 24.08
CA ALA D 150 -18.91 48.55 23.06
C ALA D 150 -17.95 48.47 21.89
N ASN D 151 -17.20 49.55 21.67
CA ASN D 151 -16.24 49.65 20.58
C ASN D 151 -15.12 48.62 20.74
N GLN D 152 -14.71 48.38 21.98
CA GLN D 152 -13.75 47.33 22.28
C GLN D 152 -14.51 46.14 22.87
N ARG D 153 -14.75 45.13 22.04
CA ARG D 153 -15.46 43.94 22.47
C ARG D 153 -14.94 42.70 21.76
N PRO D 154 -13.83 42.13 22.23
CA PRO D 154 -13.24 41.03 21.46
C PRO D 154 -14.14 39.80 21.43
N ARG D 155 -14.02 38.98 20.39
CA ARG D 155 -14.81 37.78 20.32
C ARG D 155 -14.32 36.83 21.40
N VAL D 156 -15.25 36.16 22.08
CA VAL D 156 -14.90 35.22 23.14
C VAL D 156 -15.24 33.81 22.71
N ILE D 157 -14.29 32.90 22.83
CA ILE D 157 -14.51 31.51 22.45
C ILE D 157 -14.24 30.60 23.63
N ALA D 158 -15.21 29.77 23.99
CA ALA D 158 -14.99 28.80 25.05
C ALA D 158 -14.24 27.63 24.47
N VAL D 159 -13.03 27.43 24.98
CA VAL D 159 -12.08 26.52 24.36
C VAL D 159 -12.54 25.08 24.45
N ASP D 160 -13.21 24.74 25.53
CA ASP D 160 -13.72 23.39 25.74
C ASP D 160 -14.96 23.09 24.88
N ALA D 161 -15.57 24.14 24.34
CA ALA D 161 -16.84 23.99 23.63
C ALA D 161 -16.71 23.77 22.12
N VAL D 162 -15.51 23.92 21.56
CA VAL D 162 -15.35 23.73 20.11
C VAL D 162 -15.27 22.24 19.77
N PRO D 163 -16.19 21.76 18.92
CA PRO D 163 -16.20 20.33 18.58
C PRO D 163 -14.91 19.90 17.89
N ASP D 164 -14.54 18.64 18.05
CA ASP D 164 -13.31 18.12 17.43
C ASP D 164 -13.45 18.06 15.92
N ASP D 165 -14.67 18.21 15.42
CA ASP D 165 -14.92 18.09 13.99
C ASP D 165 -14.58 19.37 13.24
N VAL D 166 -14.41 20.47 13.97
CA VAL D 166 -14.06 21.74 13.35
C VAL D 166 -12.58 21.71 12.97
N ALA D 167 -11.85 20.77 13.55
CA ALA D 167 -10.42 20.64 13.33
C ALA D 167 -10.04 20.42 11.86
N SER D 168 -10.98 19.89 11.08
CA SER D 168 -10.71 19.57 9.68
C SER D 168 -10.31 20.80 8.89
N THR D 169 -10.75 21.97 9.36
CA THR D 169 -10.52 23.21 8.65
C THR D 169 -9.21 23.85 9.07
N TRP D 170 -8.45 23.16 9.91
CA TRP D 170 -7.18 23.69 10.38
C TRP D 170 -6.18 23.79 9.24
N VAL D 171 -5.51 24.94 9.16
CA VAL D 171 -4.46 25.17 8.18
C VAL D 171 -3.15 25.42 8.93
N ASN D 172 -2.11 24.66 8.56
CA ASN D 172 -0.80 24.78 9.20
C ASN D 172 -0.28 26.22 9.08
N PRO D 173 0.16 26.81 10.20
CA PRO D 173 0.56 28.21 10.14
C PRO D 173 1.86 28.40 9.37
N ASP D 174 2.10 29.61 8.89
CA ASP D 174 3.32 29.86 8.13
C ASP D 174 4.50 29.63 9.07
N GLU D 175 5.55 28.99 8.57
CA GLU D 175 6.73 28.72 9.37
C GLU D 175 7.37 30.05 9.80
N PRO D 176 7.85 30.11 11.05
CA PRO D 176 8.31 31.34 11.71
C PRO D 176 9.68 31.85 11.28
N ASP D 177 9.89 33.14 11.54
CA ASP D 177 11.15 33.82 11.23
C ASP D 177 11.83 34.19 12.54
N GLU D 178 13.03 34.77 12.45
CA GLU D 178 13.80 35.14 13.63
C GLU D 178 13.10 36.26 14.39
N THR D 179 12.22 36.99 13.70
CA THR D 179 11.52 38.12 14.30
C THR D 179 10.10 37.80 14.77
N THR D 180 9.63 36.59 14.54
CA THR D 180 8.22 36.26 14.82
C THR D 180 7.91 36.00 16.29
N ILE D 181 7.03 36.81 16.85
CA ILE D 181 6.67 36.71 18.26
C ILE D 181 5.75 35.53 18.50
N ALA D 182 6.14 34.67 19.43
CA ALA D 182 5.30 33.53 19.83
C ALA D 182 4.21 33.94 20.81
N TYR D 183 4.59 34.66 21.86
CA TYR D 183 3.64 35.09 22.88
C TYR D 183 4.18 36.28 23.66
N LEU D 184 3.30 36.96 24.42
CA LEU D 184 3.72 38.06 25.29
C LEU D 184 3.72 37.65 26.76
N GLN D 185 4.89 37.74 27.38
CA GLN D 185 5.05 37.44 28.79
C GLN D 185 5.11 38.74 29.58
N TYR D 186 4.06 39.01 30.35
CA TYR D 186 3.99 40.23 31.13
C TYR D 186 4.69 40.10 32.49
N THR D 187 5.57 41.04 32.79
CA THR D 187 6.29 41.07 34.07
C THR D 187 6.04 42.38 34.78
N SER D 188 6.56 42.49 36.01
CA SER D 188 6.42 43.68 36.85
C SER D 188 6.47 45.00 36.06
N SER D 190 8.49 48.63 34.96
CA SER D 190 9.20 49.83 35.42
C SER D 190 8.25 51.02 35.51
N THR D 191 7.39 51.16 34.51
CA THR D 191 6.52 52.32 34.39
C THR D 191 5.14 51.92 34.91
N ARG D 192 4.18 52.84 34.90
CA ARG D 192 2.90 52.57 35.53
C ARG D 192 2.10 51.65 34.62
N ILE D 193 2.30 51.79 33.32
CA ILE D 193 1.66 50.90 32.34
C ILE D 193 2.37 49.55 32.39
N PRO D 194 1.63 48.45 32.13
CA PRO D 194 2.27 47.15 32.29
C PRO D 194 3.28 46.92 31.18
N THR D 195 4.27 46.05 31.41
CA THR D 195 5.30 45.76 30.40
C THR D 195 5.23 44.32 29.91
N GLY D 196 4.71 44.13 28.70
CA GLY D 196 4.82 42.86 28.01
C GLY D 196 6.18 42.60 27.37
N VAL D 197 6.77 41.45 27.63
CA VAL D 197 8.01 41.07 26.95
C VAL D 197 7.66 40.33 25.67
N GLN D 198 8.38 40.64 24.59
CA GLN D 198 8.17 39.98 23.31
C GLN D 198 9.05 38.74 23.24
N ILE D 199 8.41 37.59 23.29
CA ILE D 199 9.08 36.30 23.26
C ILE D 199 8.92 35.66 21.91
N THR D 200 10.05 35.39 21.25
CA THR D 200 10.02 34.87 19.90
C THR D 200 9.76 33.37 19.94
N HIS D 201 9.55 32.78 18.77
CA HIS D 201 9.42 31.34 18.64
C HIS D 201 10.80 30.72 18.88
N LEU D 202 11.81 31.53 18.56
CA LEU D 202 13.20 31.14 18.73
C LEU D 202 13.56 31.19 20.21
N ASN D 203 13.11 32.25 20.88
CA ASN D 203 13.33 32.41 22.31
C ASN D 203 12.74 31.25 23.08
N LEU D 204 11.57 30.81 22.65
CA LEU D 204 10.87 29.75 23.35
C LEU D 204 11.67 28.47 23.24
N ALA D 205 11.99 28.07 22.01
CA ALA D 205 12.70 26.82 21.77
C ALA D 205 14.11 26.89 22.33
N THR D 206 14.74 28.04 22.20
CA THR D 206 16.11 28.21 22.68
C THR D 206 16.19 28.00 24.20
N ASN D 207 15.30 28.64 24.95
CA ASN D 207 15.35 28.53 26.40
C ASN D 207 14.93 27.13 26.81
N VAL D 208 14.07 26.50 26.02
CA VAL D 208 13.59 25.15 26.34
C VAL D 208 14.74 24.14 26.33
N VAL D 209 15.63 24.24 25.35
CA VAL D 209 16.75 23.31 25.29
C VAL D 209 17.82 23.65 26.33
N GLN D 210 17.98 24.94 26.63
CA GLN D 210 18.94 25.41 27.61
C GLN D 210 18.61 24.87 29.00
N VAL D 211 17.32 24.86 29.32
CA VAL D 211 16.84 24.31 30.58
C VAL D 211 17.00 22.78 30.60
N ILE D 212 16.59 22.12 29.52
CA ILE D 212 16.64 20.67 29.45
C ILE D 212 18.07 20.18 29.58
N GLU D 213 19.00 20.93 28.97
CA GLU D 213 20.42 20.61 29.07
C GLU D 213 20.90 20.81 30.50
N ALA D 214 20.33 21.79 31.18
CA ALA D 214 20.70 22.10 32.55
C ALA D 214 20.13 21.08 33.53
N LEU D 215 18.98 20.50 33.19
CA LEU D 215 18.31 19.57 34.09
C LEU D 215 18.91 18.16 34.08
N GLU D 216 19.53 17.77 32.97
CA GLU D 216 20.11 16.42 32.84
C GLU D 216 18.99 15.37 32.96
N GLY D 217 17.76 15.81 32.74
CA GLY D 217 16.60 14.94 32.70
C GLY D 217 16.73 13.63 31.95
N GLU D 218 16.50 12.53 32.65
CA GLU D 218 16.46 11.20 32.04
C GLU D 218 15.05 10.90 31.57
N GLU D 219 14.86 9.72 30.98
CA GLU D 219 13.58 9.37 30.37
C GLU D 219 12.63 8.70 31.37
N GLY D 220 13.03 8.66 32.63
CA GLY D 220 12.19 8.07 33.67
C GLY D 220 11.76 9.12 34.67
N ASP D 221 12.35 10.29 34.59
CA ASP D 221 12.04 11.36 35.52
C ASP D 221 10.70 11.96 35.13
N ARG D 222 9.90 12.34 36.12
CA ARG D 222 8.65 13.03 35.85
C ARG D 222 8.72 14.45 36.40
N GLY D 223 8.05 15.38 35.73
CA GLY D 223 7.95 16.75 36.19
C GLY D 223 6.60 17.05 36.82
N LEU D 224 6.59 17.98 37.77
CA LEU D 224 5.36 18.40 38.44
C LEU D 224 5.50 19.83 38.92
N SER D 225 4.39 20.58 38.88
CA SER D 225 4.39 21.95 39.38
C SER D 225 3.02 22.41 39.84
N TRP D 226 2.99 23.24 40.88
CA TRP D 226 1.79 23.97 41.28
C TRP D 226 1.82 25.44 40.82
N LEU D 227 2.89 25.86 40.16
CA LEU D 227 3.05 27.27 39.79
C LEU D 227 1.99 27.69 38.77
N PRO D 228 1.52 28.95 38.86
CA PRO D 228 0.49 29.47 37.94
C PRO D 228 1.02 29.67 36.53
N PHE D 229 0.21 29.34 35.53
CA PHE D 229 0.68 29.42 34.15
C PHE D 229 0.83 30.86 33.65
N PHE D 230 0.21 31.81 34.35
CA PHE D 230 0.31 33.21 33.93
C PHE D 230 1.63 33.80 34.42
N HIS D 231 2.37 33.03 35.19
CA HIS D 231 3.71 33.41 35.62
C HIS D 231 4.73 32.66 34.75
N ASP D 232 5.81 33.34 34.39
CA ASP D 232 6.81 32.76 33.48
C ASP D 232 7.44 31.47 34.04
N MET D 233 7.63 31.40 35.35
CA MET D 233 8.19 30.20 35.98
C MET D 233 7.22 29.02 35.82
N GLY D 234 5.92 29.32 35.87
CA GLY D 234 4.89 28.31 35.72
C GLY D 234 4.61 27.96 34.27
N LEU D 235 4.68 28.95 33.38
CA LEU D 235 4.39 28.75 31.95
C LEU D 235 5.42 27.89 31.24
N ILE D 236 6.67 28.32 31.29
CA ILE D 236 7.73 27.64 30.56
C ILE D 236 7.94 26.25 31.14
N THR D 237 7.65 26.11 32.42
CA THR D 237 7.81 24.83 33.12
C THR D 237 6.84 23.77 32.57
N ALA D 238 5.66 24.21 32.16
CA ALA D 238 4.66 23.32 31.57
C ALA D 238 5.00 23.03 30.12
N LEU D 239 5.56 24.02 29.45
CA LEU D 239 5.89 23.94 28.03
C LEU D 239 7.07 23.01 27.73
N LEU D 240 7.87 22.69 28.75
CA LEU D 240 9.01 21.80 28.56
C LEU D 240 8.65 20.40 28.12
N ALA D 241 7.63 19.83 28.75
CA ALA D 241 7.33 18.42 28.57
C ALA D 241 6.92 18.06 27.14
N PRO D 242 6.00 18.83 26.54
CA PRO D 242 5.60 18.43 25.18
C PRO D 242 6.73 18.58 24.15
N MET D 243 7.74 19.37 24.49
CA MET D 243 8.88 19.58 23.60
C MET D 243 9.85 18.40 23.67
N ILE D 244 9.88 17.72 24.82
CA ILE D 244 10.76 16.57 24.98
C ILE D 244 10.03 15.26 24.67
N GLY D 245 8.70 15.31 24.59
CA GLY D 245 7.92 14.11 24.35
C GLY D 245 7.19 13.68 25.61
N HIS D 246 7.75 14.05 26.75
CA HIS D 246 7.34 13.53 28.06
C HIS D 246 5.99 14.04 28.61
N TYR D 247 5.46 13.34 29.61
CA TYR D 247 4.25 13.74 30.32
C TYR D 247 4.53 14.79 31.41
N PHE D 248 3.52 15.60 31.73
CA PHE D 248 3.64 16.63 32.77
C PHE D 248 2.40 16.67 33.66
N THR D 249 2.60 16.60 34.97
CA THR D 249 1.49 16.60 35.93
C THR D 249 1.46 17.91 36.73
N PHE D 250 0.31 18.58 36.79
CA PHE D 250 0.22 19.85 37.51
C PHE D 250 -1.06 20.00 38.33
N MET D 251 -1.03 20.96 39.25
CA MET D 251 -2.22 21.36 39.99
C MET D 251 -2.30 22.88 40.06
N THR D 252 -3.36 23.38 40.68
CA THR D 252 -3.54 24.82 40.80
C THR D 252 -2.75 25.31 41.99
N PRO D 253 -2.28 26.57 41.92
CA PRO D 253 -1.50 27.11 43.04
C PRO D 253 -2.28 27.15 44.35
N ALA D 254 -3.59 27.40 44.28
CA ALA D 254 -4.41 27.48 45.47
C ALA D 254 -4.42 26.17 46.27
N ALA D 255 -4.39 25.05 45.56
CA ALA D 255 -4.41 23.72 46.18
C ALA D 255 -3.16 23.49 46.99
N PHE D 256 -2.04 24.02 46.51
CA PHE D 256 -0.78 23.88 47.20
C PHE D 256 -0.78 24.68 48.50
N VAL D 257 -1.32 25.89 48.44
CA VAL D 257 -1.36 26.77 49.60
C VAL D 257 -2.20 26.19 50.73
N ARG D 258 -3.33 25.59 50.39
CA ARG D 258 -4.25 25.04 51.39
C ARG D 258 -3.71 23.76 52.00
N ARG D 259 -3.16 22.88 51.17
CA ARG D 259 -2.56 21.64 51.65
C ARG D 259 -1.26 21.36 50.90
N PRO D 260 -0.16 22.01 51.32
CA PRO D 260 1.15 21.87 50.67
C PRO D 260 1.66 20.43 50.67
N GLU D 261 1.10 19.57 51.53
CA GLU D 261 1.49 18.18 51.58
C GLU D 261 1.24 17.52 50.23
N ARG D 262 0.27 18.06 49.49
CA ARG D 262 -0.07 17.56 48.17
C ARG D 262 1.14 17.63 47.23
N TRP D 263 1.87 18.73 47.30
CA TRP D 263 3.07 18.92 46.50
C TRP D 263 4.15 17.93 46.91
N ILE D 264 4.40 17.87 48.22
CA ILE D 264 5.43 17.00 48.75
C ILE D 264 5.11 15.53 48.47
N ARG D 265 3.84 15.16 48.62
CA ARG D 265 3.43 13.77 48.38
C ARG D 265 3.61 13.40 46.91
N GLU D 266 3.35 14.36 46.03
CA GLU D 266 3.51 14.11 44.59
C GLU D 266 4.99 14.01 44.27
N LEU D 267 5.82 14.67 45.08
CA LEU D 267 7.26 14.58 44.91
C LEU D 267 7.78 13.23 45.40
N ALA D 268 7.11 12.64 46.39
CA ALA D 268 7.54 11.39 47.01
C ALA D 268 7.50 10.24 46.02
N ARG D 269 8.28 9.20 46.27
CA ARG D 269 8.42 8.09 45.32
C ARG D 269 7.10 7.44 44.96
N LYS D 270 6.84 7.44 43.65
CA LYS D 270 5.70 6.72 43.09
C LYS D 270 6.08 5.27 42.94
N GLU D 271 5.08 4.41 42.83
CA GLU D 271 5.33 2.98 42.71
C GLU D 271 5.77 2.62 41.29
N GLY D 272 6.96 2.06 41.16
CA GLY D 272 7.46 1.53 39.91
C GLY D 272 7.98 2.57 38.92
N ASP D 273 8.51 3.67 39.42
CA ASP D 273 9.10 4.69 38.54
C ASP D 273 10.60 4.46 38.40
N THR D 274 11.14 4.73 37.22
CA THR D 274 12.55 4.49 36.96
C THR D 274 13.43 5.61 37.50
N GLY D 275 12.99 6.85 37.33
CA GLY D 275 13.81 8.01 37.65
C GLY D 275 13.30 8.87 38.80
N GLY D 276 13.95 10.01 38.99
CA GLY D 276 13.62 10.92 40.09
C GLY D 276 12.62 12.00 39.71
N THR D 277 12.15 12.73 40.73
CA THR D 277 11.15 13.77 40.51
C THR D 277 11.81 15.14 40.44
N ILE D 278 11.28 15.97 39.54
CA ILE D 278 11.76 17.34 39.36
C ILE D 278 10.63 18.31 39.56
N SER D 279 10.92 19.42 40.22
CA SER D 279 9.93 20.44 40.47
C SER D 279 10.64 21.77 40.57
N VAL D 280 9.87 22.82 40.77
CA VAL D 280 10.41 24.16 40.89
C VAL D 280 9.43 24.94 41.75
N ALA D 281 9.91 25.98 42.42
CA ALA D 281 9.08 26.74 43.34
C ALA D 281 9.81 27.95 43.87
N PRO D 282 9.06 28.98 44.27
CA PRO D 282 9.70 30.16 44.86
C PRO D 282 10.18 29.89 46.29
N ASN D 283 11.07 30.73 46.79
CA ASN D 283 11.66 30.54 48.11
C ASN D 283 10.63 30.43 49.24
N PHE D 284 9.58 31.24 49.19
CA PHE D 284 8.61 31.25 50.27
C PHE D 284 7.84 29.95 50.37
N ALA D 285 7.77 29.20 49.27
CA ALA D 285 7.02 27.96 49.24
C ALA D 285 7.70 26.87 50.04
N PHE D 286 9.03 26.88 50.07
CA PHE D 286 9.77 25.86 50.80
C PHE D 286 9.51 25.98 52.28
N ASP D 287 9.47 27.21 52.78
CA ASP D 287 9.14 27.43 54.17
C ASP D 287 7.69 27.05 54.47
N HIS D 288 6.79 27.33 53.53
CA HIS D 288 5.37 27.01 53.70
C HIS D 288 5.16 25.51 53.79
N ALA D 289 5.76 24.79 52.84
CA ALA D 289 5.60 23.34 52.80
C ALA D 289 6.35 22.70 53.97
N ALA D 290 7.31 23.43 54.53
CA ALA D 290 8.08 22.91 55.65
C ALA D 290 7.23 22.98 56.91
N ALA D 291 6.58 24.13 57.12
CA ALA D 291 5.79 24.33 58.32
C ALA D 291 4.46 23.59 58.30
N ARG D 292 3.64 23.84 57.28
CA ARG D 292 2.29 23.31 57.23
C ARG D 292 2.16 22.04 56.37
N GLY D 293 3.25 21.65 55.72
CA GLY D 293 3.20 20.57 54.74
C GLY D 293 3.70 19.21 55.20
N VAL D 294 4.15 19.12 56.45
CA VAL D 294 4.64 17.85 56.99
C VAL D 294 3.47 16.90 57.22
N PRO D 295 3.63 15.62 56.87
CA PRO D 295 2.50 14.70 56.93
C PRO D 295 1.97 14.49 58.34
N LYS D 296 0.68 14.20 58.46
CA LYS D 296 0.09 13.94 59.76
C LYS D 296 0.60 12.61 60.31
N PRO D 297 0.45 12.39 61.62
CA PRO D 297 1.00 11.17 62.22
C PRO D 297 0.29 9.88 61.80
N GLY D 298 -0.98 9.97 61.40
CA GLY D 298 -1.73 8.79 61.01
C GLY D 298 -1.74 8.51 59.52
N SER D 299 -0.87 9.20 58.78
CA SER D 299 -0.82 9.07 57.33
C SER D 299 0.22 8.02 56.92
N PRO D 300 0.09 7.49 55.70
CA PRO D 300 1.05 6.50 55.17
C PRO D 300 2.45 7.09 55.00
N PRO D 301 3.48 6.23 54.86
CA PRO D 301 4.89 6.63 54.74
C PRO D 301 5.22 7.54 53.57
N LEU D 302 6.19 8.44 53.77
CA LEU D 302 6.62 9.39 52.74
C LEU D 302 8.11 9.21 52.44
N ASP D 303 8.42 8.82 51.20
CA ASP D 303 9.80 8.64 50.77
C ASP D 303 10.19 9.72 49.77
N LEU D 304 11.03 10.65 50.20
CA LEU D 304 11.48 11.76 49.36
C LEU D 304 12.82 11.46 48.72
N SER D 305 13.31 10.24 48.91
CA SER D 305 14.63 9.84 48.43
C SER D 305 14.76 9.89 46.92
N ASN D 306 13.65 9.82 46.21
CA ASN D 306 13.70 9.75 44.76
C ASN D 306 13.87 11.12 44.12
N VAL D 307 13.58 12.17 44.90
CA VAL D 307 13.56 13.53 44.37
C VAL D 307 14.90 13.90 43.75
N LYS D 308 14.85 14.34 42.50
CA LYS D 308 16.03 14.67 41.72
C LYS D 308 16.48 16.11 41.95
N ALA D 309 15.64 17.05 41.56
CA ALA D 309 15.93 18.47 41.74
C ALA D 309 14.67 19.27 42.10
N VAL D 310 14.76 20.09 43.13
CA VAL D 310 13.69 21.04 43.42
C VAL D 310 14.29 22.43 43.32
N LEU D 311 13.91 23.17 42.28
CA LEU D 311 14.54 24.44 42.01
C LEU D 311 13.90 25.57 42.82
N ASN D 312 14.77 26.47 43.27
CA ASN D 312 14.38 27.60 44.12
C ASN D 312 14.70 28.91 43.43
N GLY D 313 13.69 29.73 43.16
CA GLY D 313 13.90 30.96 42.43
C GLY D 313 12.85 32.04 42.60
N SER D 314 13.01 33.09 41.80
CA SER D 314 12.12 34.25 41.71
C SER D 314 12.28 35.26 42.85
N GLU D 315 12.90 34.85 43.96
CA GLU D 315 13.24 35.79 45.04
C GLU D 315 14.53 35.33 45.70
N PRO D 316 15.22 36.23 46.42
CA PRO D 316 16.47 35.78 47.06
C PRO D 316 16.22 34.58 47.94
N ILE D 317 17.05 33.55 47.76
CA ILE D 317 16.86 32.29 48.45
C ILE D 317 17.53 32.36 49.83
N SER D 318 16.78 32.00 50.85
CA SER D 318 17.23 32.09 52.25
C SER D 318 17.93 30.82 52.73
N ALA D 319 19.07 31.00 53.38
CA ALA D 319 19.80 29.90 53.95
C ALA D 319 18.99 29.21 55.05
N ALA D 320 18.18 30.00 55.74
CA ALA D 320 17.32 29.48 56.80
C ALA D 320 16.24 28.59 56.22
N THR D 321 15.62 29.06 55.15
CA THR D 321 14.54 28.31 54.51
C THR D 321 15.08 26.97 54.03
N VAL D 322 16.34 26.97 53.60
CA VAL D 322 16.97 25.75 53.13
C VAL D 322 17.19 24.77 54.29
N ARG D 323 17.64 25.29 55.44
CA ARG D 323 17.89 24.44 56.61
C ARG D 323 16.62 23.86 57.21
N ARG D 324 15.58 24.69 57.31
CA ARG D 324 14.30 24.28 57.87
C ARG D 324 13.68 23.19 57.01
N PHE D 325 13.75 23.36 55.69
CA PHE D 325 13.15 22.42 54.76
C PHE D 325 13.89 21.10 54.88
N ASN D 326 15.22 21.17 54.86
CA ASN D 326 16.04 19.98 55.00
C ASN D 326 15.86 19.37 56.40
N GLU D 327 15.69 20.22 57.40
CA GLU D 327 15.47 19.74 58.76
C GLU D 327 14.15 19.01 58.84
N ALA D 328 13.14 19.52 58.13
CA ALA D 328 11.81 18.96 58.19
C ALA D 328 11.63 17.67 57.38
N PHE D 329 12.05 17.69 56.11
CA PHE D 329 11.83 16.56 55.22
C PHE D 329 13.04 15.64 55.08
N GLY D 330 14.13 15.98 55.75
CA GLY D 330 15.31 15.13 55.76
C GLY D 330 15.05 13.72 56.27
N PRO D 331 14.36 13.58 57.42
CA PRO D 331 14.09 12.23 57.97
C PRO D 331 13.28 11.32 57.05
N PHE D 332 12.64 11.90 56.04
CA PHE D 332 11.86 11.13 55.06
C PHE D 332 12.68 10.73 53.84
N GLY D 333 13.97 11.05 53.86
CA GLY D 333 14.88 10.61 52.82
C GLY D 333 15.21 11.66 51.79
N PHE D 334 14.69 12.87 51.98
CA PHE D 334 14.92 13.96 51.04
C PHE D 334 16.40 14.31 50.91
N PRO D 335 16.95 14.20 49.68
CA PRO D 335 18.37 14.53 49.57
C PRO D 335 18.65 16.02 49.68
N PRO D 336 19.75 16.40 50.33
CA PRO D 336 20.07 17.82 50.48
C PRO D 336 20.51 18.45 49.16
N LYS D 337 20.97 17.62 48.23
CA LYS D 337 21.44 18.12 46.96
C LYS D 337 20.28 18.33 46.00
N ALA D 338 19.07 18.05 46.48
CA ALA D 338 17.88 18.14 45.65
C ALA D 338 17.44 19.59 45.44
N ILE D 339 17.54 20.40 46.49
CA ILE D 339 17.13 21.80 46.38
C ILE D 339 18.17 22.58 45.58
N LYS D 340 17.74 23.18 44.48
CA LYS D 340 18.63 23.80 43.50
C LYS D 340 18.37 25.28 43.28
N PRO D 341 19.02 26.16 44.07
CA PRO D 341 18.84 27.61 43.87
C PRO D 341 19.17 28.03 42.45
N SER D 342 18.28 28.80 41.83
CA SER D 342 18.41 29.19 40.42
C SER D 342 18.04 30.65 40.21
N TYR D 343 18.57 31.24 39.13
CA TYR D 343 18.27 32.63 38.79
C TYR D 343 17.69 32.76 37.38
N GLY D 344 16.77 33.70 37.22
CA GLY D 344 16.13 33.93 35.94
C GLY D 344 15.22 35.14 35.98
N LEU D 345 14.80 35.60 34.81
CA LEU D 345 13.88 36.71 34.67
C LEU D 345 13.03 36.51 33.41
N ALA D 346 12.04 37.37 33.19
CA ALA D 346 11.16 37.26 32.03
C ALA D 346 11.81 37.75 30.75
N GLU D 347 12.79 38.64 30.90
CA GLU D 347 13.50 39.15 29.74
C GLU D 347 14.42 38.10 29.11
N ALA D 348 14.82 37.09 29.89
CA ALA D 348 15.60 35.96 29.40
C ALA D 348 14.68 34.80 28.99
N THR D 349 13.40 35.12 29.01
CA THR D 349 12.25 34.25 28.78
C THR D 349 11.89 33.31 29.93
N LEU D 350 12.87 32.67 30.57
CA LEU D 350 12.74 32.22 31.95
C LEU D 350 14.08 32.27 32.65
N PHE D 351 14.92 31.35 32.16
CA PHE D 351 16.11 30.83 32.82
C PHE D 351 17.41 31.51 32.42
N VAL D 352 18.24 31.81 33.42
CA VAL D 352 19.56 32.37 33.20
C VAL D 352 20.61 31.43 33.75
N SER D 353 20.57 31.16 35.04
CA SER D 353 21.55 30.28 35.70
C SER D 353 20.90 29.40 36.76
N THR D 354 21.52 28.27 37.06
CA THR D 354 21.04 27.37 38.09
C THR D 354 22.19 26.60 38.69
N THR D 355 21.98 26.07 39.89
CA THR D 355 23.00 25.26 40.54
C THR D 355 23.15 23.96 39.77
N PRO D 356 24.40 23.52 39.51
CA PRO D 356 24.62 22.30 38.75
C PRO D 356 23.93 21.08 39.35
N SER D 357 23.58 20.12 38.50
CA SER D 357 22.76 19.00 38.90
C SER D 357 23.49 18.06 39.86
N ALA D 358 24.80 17.98 39.72
CA ALA D 358 25.61 17.11 40.55
C ALA D 358 26.16 17.80 41.80
N GLU D 359 25.82 19.09 41.96
CA GLU D 359 26.31 19.87 43.08
C GLU D 359 25.23 20.18 44.12
N GLU D 360 25.67 20.42 45.35
CA GLU D 360 24.79 20.87 46.43
C GLU D 360 24.74 22.39 46.45
N PRO D 361 23.66 22.96 47.01
CA PRO D 361 23.57 24.43 47.11
C PRO D 361 24.72 25.05 47.90
N LYS D 362 25.37 26.05 47.31
CA LYS D 362 26.50 26.73 47.96
C LYS D 362 26.04 27.99 48.67
N ILE D 363 26.18 28.01 49.99
CA ILE D 363 25.82 29.17 50.80
C ILE D 363 27.05 29.72 51.52
N ILE D 364 27.35 31.01 51.35
CA ILE D 364 28.49 31.59 52.05
C ILE D 364 28.01 32.64 53.04
N THR D 365 28.93 33.18 53.82
CA THR D 365 28.65 34.28 54.72
C THR D 365 29.70 35.35 54.49
N VAL D 366 29.23 36.57 54.23
CA VAL D 366 30.10 37.66 53.80
C VAL D 366 30.05 38.77 54.81
N ASP D 367 31.13 39.53 54.88
CA ASP D 367 31.20 40.64 55.80
C ASP D 367 30.15 41.66 55.43
N ARG D 368 29.32 42.00 56.40
CA ARG D 368 28.16 42.87 56.20
C ARG D 368 28.59 44.24 55.70
N ASP D 369 29.66 44.76 56.29
CA ASP D 369 30.16 46.09 55.97
C ASP D 369 30.73 46.12 54.56
N GLN D 370 31.29 45.00 54.11
CA GLN D 370 31.88 44.92 52.78
C GLN D 370 30.87 44.75 51.65
N LEU D 371 29.78 44.04 51.93
CA LEU D 371 28.74 43.82 50.93
C LEU D 371 28.04 45.13 50.57
N ASN D 372 27.81 45.98 51.57
CA ASN D 372 27.18 47.28 51.38
C ASN D 372 28.10 48.25 50.65
N SER D 373 29.39 47.94 50.66
CA SER D 373 30.38 48.68 49.88
C SER D 373 30.47 48.15 48.44
N GLY D 374 30.12 46.88 48.26
CA GLY D 374 30.14 46.26 46.94
C GLY D 374 31.16 45.14 46.80
N ARG D 375 32.10 45.08 47.72
CA ARG D 375 33.07 43.99 47.77
C ARG D 375 32.50 42.77 48.49
N ILE D 376 32.76 41.57 47.99
CA ILE D 376 32.40 40.34 48.70
C ILE D 376 33.60 39.67 49.36
N VAL D 377 33.65 39.71 50.69
CA VAL D 377 34.74 39.09 51.45
C VAL D 377 34.18 38.17 52.53
N GLU D 378 34.48 36.88 52.43
CA GLU D 378 33.91 35.90 53.36
C GLU D 378 34.33 36.15 54.80
N VAL D 379 33.43 35.83 55.73
CA VAL D 379 33.71 35.96 57.15
C VAL D 379 33.14 34.74 57.88
N ASP D 380 33.56 34.53 59.12
CA ASP D 380 33.08 33.40 59.92
C ASP D 380 31.58 33.50 60.15
N ALA D 381 30.92 32.36 60.25
CA ALA D 381 29.47 32.35 60.39
C ALA D 381 29.05 32.96 61.73
N ASP D 382 29.85 32.75 62.76
CA ASP D 382 29.54 33.28 64.09
C ASP D 382 29.88 34.77 64.20
N SER D 383 30.55 35.32 63.20
CA SER D 383 30.91 36.75 63.23
C SER D 383 29.68 37.61 63.40
N PRO D 384 29.78 38.69 64.20
CA PRO D 384 28.58 39.49 64.40
C PRO D 384 28.11 40.19 63.13
N LYS D 385 29.03 40.60 62.25
CA LYS D 385 28.62 41.15 60.96
C LYS D 385 28.86 40.11 59.88
N ALA D 386 27.84 39.30 59.65
CA ALA D 386 27.85 38.27 58.60
C ALA D 386 26.50 38.24 57.92
N VAL D 387 26.50 38.18 56.60
CA VAL D 387 25.27 38.05 55.83
C VAL D 387 25.35 36.85 54.89
N ALA D 388 24.36 35.97 55.00
CA ALA D 388 24.31 34.77 54.15
C ALA D 388 23.99 35.08 52.70
N GLN D 389 24.66 34.38 51.79
CA GLN D 389 24.42 34.52 50.35
C GLN D 389 24.37 33.16 49.67
N ALA D 390 23.31 32.94 48.91
CA ALA D 390 23.12 31.68 48.19
C ALA D 390 23.47 31.87 46.71
N SER D 391 24.32 30.99 46.21
CA SER D 391 24.75 31.03 44.82
C SER D 391 23.61 30.72 43.85
N ALA D 392 23.65 31.35 42.70
CA ALA D 392 22.70 31.08 41.63
C ALA D 392 23.27 30.02 40.69
N GLY D 393 24.45 29.52 41.02
CA GLY D 393 25.03 28.42 40.28
C GLY D 393 25.78 28.83 39.04
N LYS D 394 25.75 27.97 38.04
CA LYS D 394 26.47 28.16 36.80
C LYS D 394 25.50 28.68 35.74
N VAL D 395 25.97 29.58 34.89
CA VAL D 395 25.14 30.12 33.83
C VAL D 395 24.84 29.01 32.82
N GLY D 396 23.65 29.04 32.23
CA GLY D 396 23.23 28.04 31.26
C GLY D 396 23.95 28.11 29.92
N ILE D 397 23.74 27.10 29.09
CA ILE D 397 24.42 27.02 27.79
C ILE D 397 23.94 28.11 26.85
N ALA D 398 24.86 28.56 26.00
CA ALA D 398 24.58 29.54 24.95
C ALA D 398 24.03 30.87 25.48
N GLU D 399 24.31 31.19 26.74
CA GLU D 399 23.96 32.49 27.30
C GLU D 399 25.08 32.93 28.25
N TRP D 400 25.23 34.24 28.41
CA TRP D 400 26.32 34.83 29.19
C TRP D 400 25.80 35.85 30.19
N ALA D 401 26.41 35.89 31.36
CA ALA D 401 26.08 36.89 32.36
C ALA D 401 27.35 37.60 32.81
N VAL D 402 27.30 38.93 32.82
CA VAL D 402 28.44 39.74 33.25
C VAL D 402 28.01 40.77 34.28
N ILE D 403 28.93 41.12 35.17
CA ILE D 403 28.72 42.18 36.16
C ILE D 403 29.42 43.44 35.69
N VAL D 404 28.66 44.52 35.55
CA VAL D 404 29.13 45.72 34.86
C VAL D 404 29.02 46.98 35.71
N ASP D 405 29.84 47.97 35.37
CA ASP D 405 29.71 49.31 35.92
C ASP D 405 28.81 50.07 34.95
N ALA D 406 27.52 50.13 35.28
CA ALA D 406 26.48 50.67 34.41
C ALA D 406 26.85 51.96 33.68
N GLU D 407 27.51 52.89 34.39
CA GLU D 407 27.81 54.18 33.81
C GLU D 407 28.93 54.06 32.78
N SER D 408 29.97 53.29 33.12
CA SER D 408 31.12 53.12 32.24
C SER D 408 30.97 51.92 31.31
N ALA D 409 29.93 51.11 31.53
CA ALA D 409 29.67 49.92 30.73
C ALA D 409 30.88 48.99 30.63
N THR D 410 31.64 48.89 31.72
CA THR D 410 32.84 48.07 31.74
C THR D 410 32.69 46.91 32.73
N GLU D 411 33.13 45.71 32.33
CA GLU D 411 33.01 44.52 33.17
C GLU D 411 33.90 44.62 34.41
N LEU D 412 33.32 44.28 35.55
CA LEU D 412 34.04 44.30 36.81
C LEU D 412 34.68 42.94 37.11
N PRO D 413 35.75 42.92 37.92
CA PRO D 413 36.40 41.68 38.35
C PRO D 413 35.57 40.91 39.37
N ASP D 414 35.80 39.61 39.52
CA ASP D 414 35.05 38.80 40.46
C ASP D 414 35.21 39.29 41.89
N GLY D 415 34.11 39.23 42.64
CA GLY D 415 34.09 39.59 44.04
C GLY D 415 33.53 40.99 44.25
N GLN D 416 33.53 41.78 43.19
CA GLN D 416 33.00 43.13 43.25
C GLN D 416 31.60 43.14 42.65
N VAL D 417 30.70 43.87 43.32
CA VAL D 417 29.29 43.92 42.93
C VAL D 417 29.03 45.00 41.90
N GLY D 418 28.19 44.68 40.92
CA GLY D 418 27.77 45.62 39.89
C GLY D 418 26.43 45.18 39.33
N GLU D 419 25.94 45.87 38.30
CA GLU D 419 24.68 45.49 37.67
C GLU D 419 24.89 44.27 36.77
N ILE D 420 23.97 43.31 36.85
CA ILE D 420 24.03 42.12 36.02
C ILE D 420 23.51 42.37 34.61
N TRP D 421 24.33 42.08 33.61
CA TRP D 421 23.90 42.08 32.22
C TRP D 421 23.93 40.67 31.65
N ILE D 422 22.95 40.37 30.80
CA ILE D 422 22.82 39.05 30.19
C ILE D 422 22.68 39.15 28.67
N SER D 423 23.18 38.15 27.96
CA SER D 423 23.08 38.11 26.50
C SER D 423 22.92 36.69 26.00
N GLY D 424 22.13 36.53 24.94
CA GLY D 424 21.88 35.23 24.34
C GLY D 424 20.71 35.33 23.40
N GLN D 425 20.50 34.31 22.57
CA GLN D 425 19.38 34.30 21.64
C GLN D 425 18.06 33.98 22.35
N ASN D 426 18.12 33.62 23.63
CA ASN D 426 16.89 33.35 24.37
C ASN D 426 16.29 34.63 24.96
N MET D 427 17.02 35.74 24.82
CA MET D 427 16.56 37.02 25.34
C MET D 427 15.47 37.55 24.43
N GLY D 428 14.45 38.18 25.00
CA GLY D 428 13.35 38.71 24.20
C GLY D 428 13.80 39.82 23.26
N THR D 429 12.91 40.19 22.34
CA THR D 429 13.21 41.20 21.34
C THR D 429 12.77 42.61 21.77
N GLY D 430 12.22 42.73 22.97
CA GLY D 430 11.84 44.04 23.49
C GLY D 430 10.57 44.05 24.31
N TYR D 431 10.12 45.25 24.68
CA TYR D 431 8.84 45.41 25.36
C TYR D 431 7.79 45.82 24.36
N TRP D 432 6.60 45.24 24.50
CA TRP D 432 5.49 45.52 23.60
C TRP D 432 5.00 46.96 23.68
N GLY D 433 5.00 47.64 22.53
CA GLY D 433 4.44 48.97 22.41
C GLY D 433 5.18 50.03 23.21
N LYS D 434 6.32 49.64 23.78
CA LYS D 434 7.15 50.55 24.56
C LYS D 434 8.53 50.61 23.91
N PRO D 435 8.64 51.37 22.81
CA PRO D 435 9.87 51.39 22.01
C PRO D 435 11.07 52.01 22.72
N GLU D 436 10.85 53.14 23.38
CA GLU D 436 11.97 53.86 23.99
C GLU D 436 12.57 53.02 25.10
N GLU D 437 11.72 52.58 26.02
CA GLU D 437 12.19 51.76 27.13
C GLU D 437 12.77 50.45 26.59
N SER D 438 12.19 49.96 25.50
CA SER D 438 12.61 48.69 24.91
C SER D 438 14.06 48.74 24.44
N VAL D 439 14.43 49.81 23.76
CA VAL D 439 15.79 49.96 23.26
C VAL D 439 16.76 50.15 24.41
N ALA D 440 16.37 50.96 25.40
CA ALA D 440 17.25 51.29 26.51
C ALA D 440 17.61 50.06 27.34
N THR D 441 16.63 49.18 27.53
CA THR D 441 16.82 47.97 28.31
C THR D 441 17.52 46.86 27.54
N PHE D 442 17.02 46.55 26.34
CA PHE D 442 17.48 45.36 25.63
C PHE D 442 18.69 45.59 24.73
N GLN D 443 19.00 46.85 24.43
CA GLN D 443 20.15 47.18 23.60
C GLN D 443 21.19 47.92 24.39
N ASN D 444 22.24 47.19 24.73
CA ASN D 444 23.37 47.70 25.47
C ASN D 444 24.60 46.99 24.95
N ILE D 445 25.69 47.72 24.80
CA ILE D 445 26.93 47.15 24.29
C ILE D 445 27.95 47.07 25.40
N LEU D 446 28.73 46.01 25.39
CA LEU D 446 29.77 45.82 26.38
C LEU D 446 31.01 46.54 25.88
N LYS D 447 31.39 47.60 26.58
CA LYS D 447 32.47 48.48 26.14
C LYS D 447 33.88 47.97 26.49
N SER D 448 33.99 47.27 27.63
CA SER D 448 35.28 46.74 28.08
C SER D 448 35.10 45.42 28.83
N ARG D 449 36.05 44.51 28.66
CA ARG D 449 36.01 43.22 29.35
C ARG D 449 37.24 43.00 30.21
N THR D 450 37.14 42.03 31.10
CA THR D 450 38.25 41.68 31.97
C THR D 450 39.11 40.66 31.24
N ASN D 451 40.33 40.45 31.70
CA ASN D 451 41.25 39.56 31.00
C ASN D 451 40.65 38.15 30.94
N PRO D 452 40.26 37.59 32.11
CA PRO D 452 39.50 36.33 32.12
C PRO D 452 37.99 36.60 32.01
N SER D 453 37.59 37.40 31.03
CA SER D 453 36.19 37.85 30.88
C SER D 453 35.14 36.75 30.90
N HIS D 454 33.96 37.12 31.42
CA HIS D 454 32.80 36.23 31.45
C HIS D 454 31.99 36.36 30.16
N ALA D 455 32.42 37.27 29.30
CA ALA D 455 31.76 37.47 28.00
C ALA D 455 32.38 36.61 26.91
N GLU D 456 33.35 35.77 27.27
CA GLU D 456 34.02 34.90 26.31
C GLU D 456 33.00 33.99 25.66
N GLY D 457 33.02 33.99 24.33
CA GLY D 457 32.07 33.23 23.54
C GLY D 457 31.04 34.13 22.90
N ALA D 458 30.95 35.37 23.39
CA ALA D 458 30.00 36.32 22.84
C ALA D 458 30.69 37.31 21.92
N THR D 459 30.03 37.67 20.83
CA THR D 459 30.56 38.63 19.87
C THR D 459 30.65 40.02 20.49
N ASP D 460 31.63 40.80 20.05
CA ASP D 460 31.83 42.14 20.58
C ASP D 460 30.66 43.06 20.25
N ASP D 461 29.93 42.74 19.19
CA ASP D 461 28.80 43.57 18.75
C ASP D 461 27.44 43.08 19.26
N ALA D 462 27.42 42.21 20.26
CA ALA D 462 26.18 41.59 20.70
C ALA D 462 25.46 42.44 21.77
N THR D 463 24.13 42.35 21.77
CA THR D 463 23.30 43.14 22.68
C THR D 463 23.20 42.50 24.06
N TRP D 464 23.23 43.34 25.09
CA TRP D 464 23.06 42.89 26.47
C TRP D 464 21.80 43.51 27.06
N VAL D 465 21.14 42.75 27.92
CA VAL D 465 19.91 43.21 28.56
C VAL D 465 20.21 43.66 29.99
N ARG D 466 19.82 44.88 30.31
CA ARG D 466 20.03 45.38 31.67
C ARG D 466 18.94 44.80 32.56
N THR D 467 19.36 44.01 33.54
CA THR D 467 18.44 43.25 34.38
C THR D 467 17.83 44.10 35.50
N GLY D 468 18.60 45.06 35.98
CA GLY D 468 18.14 45.87 37.10
C GLY D 468 18.47 45.18 38.41
N ASP D 469 19.42 44.26 38.36
CA ASP D 469 19.83 43.48 39.53
C ASP D 469 21.29 43.71 39.89
N TYR D 470 21.54 43.88 41.18
CA TYR D 470 22.91 43.91 41.70
C TYR D 470 23.34 42.48 41.96
N GLY D 471 24.59 42.17 41.64
CA GLY D 471 25.11 40.84 41.84
C GLY D 471 26.62 40.82 41.72
N ALA D 472 27.20 39.63 41.82
CA ALA D 472 28.63 39.50 41.68
C ALA D 472 29.00 38.07 41.30
N PHE D 473 30.21 37.91 40.77
CA PHE D 473 30.77 36.58 40.54
C PHE D 473 31.74 36.25 41.66
N TYR D 474 31.62 35.05 42.21
CA TYR D 474 32.56 34.59 43.21
C TYR D 474 32.88 33.12 42.94
N ASP D 475 34.13 32.74 43.18
CA ASP D 475 34.65 31.36 43.02
C ASP D 475 33.95 30.54 41.94
N GLY D 476 33.52 31.18 40.85
CA GLY D 476 32.91 30.48 39.73
C GLY D 476 31.39 30.41 39.78
N ASP D 477 30.79 30.96 40.83
CA ASP D 477 29.35 30.96 40.98
C ASP D 477 28.78 32.39 40.90
N LEU D 478 27.56 32.49 40.41
CA LEU D 478 26.89 33.79 40.31
C LEU D 478 25.97 34.04 41.53
N TYR D 479 26.13 35.21 42.15
CA TYR D 479 25.29 35.63 43.28
C TYR D 479 24.46 36.85 42.92
N ILE D 480 23.17 36.80 43.21
CA ILE D 480 22.27 37.92 42.93
C ILE D 480 22.07 38.62 44.25
N THR D 481 22.60 39.83 44.36
CA THR D 481 22.59 40.55 45.62
C THR D 481 21.27 41.28 45.86
N GLY D 482 20.49 41.47 44.80
CA GLY D 482 19.18 42.07 44.90
C GLY D 482 18.87 42.97 43.73
N ARG D 483 17.73 43.65 43.79
CA ARG D 483 17.29 44.52 42.71
C ARG D 483 17.80 45.92 43.02
N VAL D 484 18.25 46.64 41.99
CA VAL D 484 18.86 47.95 42.22
C VAL D 484 17.84 48.93 42.80
N LYS D 485 16.60 48.81 42.34
CA LYS D 485 15.56 49.73 42.76
C LYS D 485 15.21 49.58 44.23
N ASP D 486 15.44 48.40 44.80
CA ASP D 486 15.04 48.13 46.19
C ASP D 486 16.15 48.41 47.20
N LEU D 487 17.33 48.77 46.72
CA LEU D 487 18.42 49.04 47.65
C LEU D 487 18.05 50.26 48.48
N VAL D 488 18.35 50.20 49.78
CA VAL D 488 17.99 51.28 50.68
C VAL D 488 19.19 52.16 51.04
N ILE D 489 19.29 53.30 50.37
CA ILE D 489 20.21 54.36 50.75
C ILE D 489 19.45 55.26 51.71
N ILE D 490 19.97 55.49 52.92
CA ILE D 490 19.23 56.30 53.90
C ILE D 490 20.00 57.57 54.31
N ASP D 491 21.01 57.42 55.15
CA ASP D 491 21.84 58.56 55.57
C ASP D 491 23.12 58.61 54.73
N GLY D 492 23.12 57.89 53.62
CA GLY D 492 24.25 57.83 52.72
C GLY D 492 24.94 56.49 52.72
N ARG D 493 24.60 55.65 53.69
CA ARG D 493 25.14 54.29 53.75
C ARG D 493 24.12 53.32 53.16
N ASN D 494 24.62 52.31 52.46
CA ASN D 494 23.76 51.35 51.76
C ASN D 494 23.24 50.22 52.63
N HIS D 495 22.01 49.79 52.34
CA HIS D 495 21.41 48.63 53.00
C HIS D 495 20.58 47.79 52.03
N TYR D 496 20.77 46.47 52.07
CA TYR D 496 19.94 45.56 51.29
C TYR D 496 18.68 45.26 52.09
N PRO D 497 17.51 45.39 51.46
CA PRO D 497 16.23 45.29 52.19
C PRO D 497 15.95 43.91 52.78
N GLN D 498 16.41 42.85 52.11
CA GLN D 498 16.15 41.51 52.57
C GLN D 498 16.88 41.25 53.89
N ASP D 499 18.05 41.87 54.03
CA ASP D 499 18.88 41.74 55.22
C ASP D 499 18.25 42.40 56.43
N LEU D 500 17.73 43.61 56.21
CA LEU D 500 17.07 44.39 57.25
C LEU D 500 15.86 43.64 57.79
N GLU D 501 15.12 43.04 56.87
CA GLU D 501 13.87 42.37 57.21
C GLU D 501 14.10 41.13 58.08
N TYR D 502 15.22 40.46 57.87
CA TYR D 502 15.55 39.30 58.68
C TYR D 502 15.83 39.75 60.11
N SER D 503 16.59 40.83 60.24
CA SER D 503 16.94 41.42 61.53
C SER D 503 15.70 41.98 62.23
N ALA D 504 14.75 42.47 61.43
CA ALA D 504 13.46 42.95 61.94
C ALA D 504 12.65 41.79 62.50
N GLN D 505 12.67 40.69 61.76
CA GLN D 505 11.96 39.46 62.12
C GLN D 505 12.59 38.77 63.33
N GLU D 506 13.89 38.94 63.48
CA GLU D 506 14.63 38.27 64.55
C GLU D 506 14.38 38.98 65.88
N ALA D 507 13.70 40.13 65.80
CA ALA D 507 13.45 40.96 66.98
C ALA D 507 12.27 40.48 67.81
N SER D 508 11.11 40.35 67.18
CA SER D 508 9.89 39.97 67.89
C SER D 508 9.12 38.87 67.17
N LYS D 509 8.56 37.97 67.95
CA LYS D 509 7.84 36.81 67.42
C LYS D 509 6.42 37.22 67.02
N ALA D 510 6.09 38.49 67.22
CA ALA D 510 4.77 39.00 66.88
C ALA D 510 4.68 39.21 65.37
N ILE D 511 5.84 39.18 64.72
CA ILE D 511 5.94 39.40 63.28
C ILE D 511 5.77 38.09 62.52
N ARG D 512 4.72 38.01 61.69
CA ARG D 512 4.50 36.87 60.82
C ARG D 512 5.74 36.66 59.94
N THR D 513 6.03 35.42 59.59
CA THR D 513 7.35 35.08 59.03
C THR D 513 7.43 35.14 57.50
N GLY D 514 8.35 35.95 57.01
CA GLY D 514 8.57 36.16 55.60
C GLY D 514 7.61 37.16 54.98
N TYR D 515 6.82 37.80 55.83
CA TYR D 515 5.81 38.75 55.40
C TYR D 515 6.26 40.21 55.54
N VAL D 516 7.52 40.43 55.91
CA VAL D 516 8.00 41.77 56.21
C VAL D 516 8.61 42.47 55.00
N ALA D 517 8.40 43.79 54.94
CA ALA D 517 8.93 44.62 53.86
C ALA D 517 9.54 45.92 54.38
N ALA D 518 10.81 46.15 54.06
CA ALA D 518 11.54 47.35 54.46
C ALA D 518 11.77 48.26 53.26
N PHE D 519 11.54 49.56 53.46
CA PHE D 519 11.74 50.53 52.38
C PHE D 519 12.06 51.90 52.95
N SER D 520 12.24 52.85 52.03
CA SER D 520 12.59 54.23 52.39
C SER D 520 11.61 55.23 51.80
N VAL D 521 11.34 56.28 52.57
CA VAL D 521 10.49 57.39 52.15
C VAL D 521 11.27 58.68 52.37
N PRO D 522 11.02 59.70 51.53
CA PRO D 522 11.83 60.93 51.54
C PRO D 522 11.88 61.71 52.85
N ALA D 523 11.02 61.42 53.83
CA ALA D 523 10.95 62.14 55.11
C ALA D 523 10.28 63.48 54.92
N ASN D 524 10.40 64.01 53.71
CA ASN D 524 9.74 65.23 53.34
C ASN D 524 8.28 64.87 53.38
N GLN D 525 8.00 63.57 53.19
CA GLN D 525 6.63 63.13 53.22
C GLN D 525 6.26 62.61 54.62
N LEU D 526 6.32 61.30 54.83
CA LEU D 526 6.00 60.66 56.13
C LEU D 526 4.60 60.99 56.67
N PRO D 527 3.95 60.05 57.36
CA PRO D 527 2.67 60.47 57.92
C PRO D 527 2.94 61.34 59.15
N ASP D 528 2.01 62.24 59.48
CA ASP D 528 2.22 63.15 60.61
C ASP D 528 2.42 62.39 61.91
N GLU D 529 1.81 61.21 61.96
CA GLU D 529 1.87 60.37 63.16
C GLU D 529 3.30 60.06 63.57
N VAL D 530 4.19 59.92 62.60
CA VAL D 530 5.57 59.60 62.88
C VAL D 530 6.21 60.74 63.64
N PHE D 531 5.92 61.96 63.21
CA PHE D 531 6.49 63.14 63.85
C PHE D 531 5.85 63.36 65.21
N GLU D 532 4.63 62.85 65.36
CA GLU D 532 3.90 62.96 66.62
C GLU D 532 4.51 62.00 67.63
N ASN D 533 5.10 60.93 67.11
CA ASN D 533 5.79 59.96 67.95
C ASN D 533 7.15 60.50 68.38
N ALA D 534 7.44 60.38 69.67
CA ALA D 534 8.68 60.90 70.22
C ALA D 534 9.87 60.03 69.81
N HIS D 535 9.66 58.72 69.89
CA HIS D 535 10.72 57.75 69.69
C HIS D 535 11.19 57.60 68.25
N SER D 536 10.50 58.24 67.32
CA SER D 536 10.87 58.17 65.91
C SER D 536 12.22 58.80 65.62
N GLY D 537 12.51 59.89 66.33
CA GLY D 537 13.78 60.57 66.17
C GLY D 537 13.77 61.50 64.97
N ILE D 538 12.57 61.79 64.48
CA ILE D 538 12.39 62.70 63.35
C ILE D 538 11.30 63.72 63.69
N LYS D 539 11.50 64.95 63.22
CA LYS D 539 10.55 66.05 63.44
C LYS D 539 10.04 66.50 62.08
N ARG D 540 8.94 67.24 62.06
CA ARG D 540 8.25 67.48 60.80
C ARG D 540 8.82 68.71 60.12
N ASP D 541 9.57 68.44 59.04
CA ASP D 541 10.14 69.46 58.18
C ASP D 541 9.62 69.28 56.75
N PRO D 542 8.86 70.27 56.23
CA PRO D 542 8.40 70.09 54.85
C PRO D 542 9.52 70.24 53.85
N ASP D 543 10.62 70.86 54.26
CA ASP D 543 11.72 71.12 53.36
C ASP D 543 12.86 70.09 53.44
N ASP D 544 12.76 69.11 54.33
CA ASP D 544 13.84 68.12 54.45
C ASP D 544 13.56 66.89 53.61
N THR D 545 14.29 66.75 52.50
CA THR D 545 14.10 65.60 51.62
C THR D 545 15.27 64.62 51.75
N SER D 546 15.07 63.55 52.50
CA SER D 546 16.14 62.58 52.72
C SER D 546 15.47 61.26 53.03
N GLU D 547 15.99 60.19 52.45
CA GLU D 547 15.36 58.89 52.59
C GLU D 547 15.49 58.38 54.03
N GLN D 548 14.39 57.90 54.60
CA GLN D 548 14.37 57.37 55.97
C GLN D 548 13.74 55.99 56.05
N LEU D 549 14.29 55.14 56.91
CA LEU D 549 13.85 53.76 57.01
C LEU D 549 12.45 53.57 57.58
N VAL D 550 11.66 52.81 56.84
CA VAL D 550 10.35 52.35 57.27
C VAL D 550 10.27 50.83 57.09
N ILE D 551 9.65 50.14 58.04
CA ILE D 551 9.47 48.69 57.97
C ILE D 551 8.00 48.36 58.18
N VAL D 552 7.40 47.67 57.21
CA VAL D 552 6.01 47.26 57.30
C VAL D 552 5.96 45.74 57.38
N ALA D 553 5.18 45.22 58.32
CA ALA D 553 5.15 43.79 58.59
C ALA D 553 3.76 43.31 59.00
N GLU D 554 3.39 42.12 58.54
CA GLU D 554 2.09 41.56 58.90
C GLU D 554 2.13 40.94 60.31
N ARG D 555 0.96 40.88 60.95
CA ARG D 555 0.85 40.53 62.36
C ARG D 555 0.36 39.10 62.58
N ALA D 556 1.25 38.25 63.07
CA ALA D 556 0.95 36.83 63.30
C ALA D 556 -0.34 36.62 64.08
N ASP D 563 -0.38 44.68 71.54
CA ASP D 563 0.39 45.80 72.03
C ASP D 563 1.44 46.22 71.01
N ILE D 564 1.09 47.20 70.17
CA ILE D 564 1.99 47.63 69.10
C ILE D 564 3.24 48.30 69.65
N GLY D 565 3.09 49.09 70.69
CA GLY D 565 4.19 49.87 71.26
C GLY D 565 5.53 49.22 71.56
N PRO D 566 5.55 48.15 72.37
CA PRO D 566 6.83 47.48 72.68
C PRO D 566 7.45 46.74 71.51
N ILE D 567 6.61 46.11 70.69
CA ILE D 567 7.07 45.36 69.52
C ILE D 567 7.86 46.28 68.60
N THR D 568 7.38 47.51 68.48
CA THR D 568 8.02 48.52 67.64
C THR D 568 9.41 48.85 68.17
N ASP D 569 9.53 48.89 69.49
CA ASP D 569 10.80 49.20 70.13
C ASP D 569 11.82 48.09 69.95
N ASP D 570 11.36 46.85 69.95
CA ASP D 570 12.26 45.69 69.77
C ASP D 570 12.91 45.74 68.40
N ILE D 571 12.12 46.06 67.39
CA ILE D 571 12.61 46.16 66.02
C ILE D 571 13.60 47.31 65.86
N ARG D 572 13.22 48.49 66.36
CA ARG D 572 14.06 49.66 66.21
C ARG D 572 15.42 49.48 66.86
N ALA D 573 15.44 48.91 68.06
CA ALA D 573 16.70 48.72 68.79
C ALA D 573 17.57 47.70 68.09
N ALA D 574 16.98 46.59 67.69
CA ALA D 574 17.74 45.51 67.08
C ALA D 574 18.37 45.92 65.75
N ILE D 575 17.63 46.65 64.92
CA ILE D 575 18.12 47.12 63.63
C ILE D 575 19.14 48.21 63.83
N ALA D 576 18.89 49.09 64.80
CA ALA D 576 19.80 50.16 65.10
C ALA D 576 21.16 49.60 65.46
N VAL D 577 21.15 48.49 66.19
CA VAL D 577 22.40 47.90 66.69
C VAL D 577 23.17 47.16 65.60
N ARG D 578 22.47 46.38 64.79
CA ARG D 578 23.14 45.55 63.79
C ARG D 578 23.49 46.33 62.54
N HIS D 579 22.80 47.44 62.32
CA HIS D 579 22.85 48.14 61.04
C HIS D 579 23.40 49.55 61.24
N GLY D 580 22.73 50.30 62.10
CA GLY D 580 23.16 51.65 62.41
C GLY D 580 22.28 52.68 61.75
N VAL D 581 21.13 52.23 61.26
CA VAL D 581 20.10 53.12 60.76
C VAL D 581 18.87 53.01 61.63
N THR D 582 18.21 54.14 61.86
CA THR D 582 17.04 54.21 62.71
C THR D 582 15.75 54.10 61.90
N VAL D 583 14.91 53.14 62.25
CA VAL D 583 13.61 53.01 61.62
C VAL D 583 12.67 54.07 62.18
N ARG D 584 12.11 54.89 61.29
CA ARG D 584 11.26 56.01 61.69
C ARG D 584 9.83 55.60 62.00
N ASP D 585 9.33 54.61 61.26
CA ASP D 585 7.99 54.10 61.48
C ASP D 585 7.96 52.60 61.28
N VAL D 586 7.32 51.88 62.19
CA VAL D 586 7.03 50.46 62.00
C VAL D 586 5.52 50.27 62.05
N LEU D 587 4.96 49.79 60.94
CA LEU D 587 3.51 49.63 60.82
C LEU D 587 3.11 48.17 60.83
N LEU D 588 2.44 47.74 61.90
CA LEU D 588 1.99 46.36 62.02
C LEU D 588 0.59 46.25 61.44
N THR D 589 0.43 45.34 60.47
CA THR D 589 -0.84 45.19 59.77
C THR D 589 -1.46 43.82 60.00
N ALA D 590 -2.68 43.66 59.49
CA ALA D 590 -3.40 42.39 59.56
C ALA D 590 -2.83 41.41 58.56
N ALA D 591 -3.09 40.13 58.79
CA ALA D 591 -2.61 39.09 57.90
C ALA D 591 -3.19 39.26 56.50
N GLY D 592 -2.33 39.16 55.49
CA GLY D 592 -2.75 39.26 54.10
C GLY D 592 -2.80 40.69 53.59
N ALA D 593 -2.44 41.65 54.44
CA ALA D 593 -2.57 43.07 54.11
C ALA D 593 -1.48 43.60 53.19
N ILE D 594 -0.24 43.16 53.41
CA ILE D 594 0.89 43.64 52.61
C ILE D 594 0.73 43.19 51.16
N PRO D 595 0.90 44.13 50.22
CA PRO D 595 0.76 43.73 48.82
C PRO D 595 1.81 42.71 48.40
N ARG D 596 1.39 41.71 47.63
CA ARG D 596 2.30 40.71 47.09
C ARG D 596 2.18 40.78 45.57
N THR D 597 2.83 39.88 44.86
CA THR D 597 2.79 39.94 43.40
C THR D 597 1.88 38.85 42.87
N SER D 598 1.66 38.88 41.56
CA SER D 598 0.91 37.84 40.87
C SER D 598 1.56 36.48 41.16
N SER D 599 2.89 36.46 41.11
CA SER D 599 3.66 35.23 41.26
C SER D 599 3.58 34.69 42.69
N GLY D 600 3.13 35.53 43.62
CA GLY D 600 2.93 35.13 45.00
C GLY D 600 4.00 35.64 45.96
N LYS D 601 4.97 36.37 45.45
CA LYS D 601 6.03 36.94 46.29
C LYS D 601 5.75 38.40 46.66
N ILE D 602 6.22 38.79 47.84
CA ILE D 602 6.08 40.15 48.35
C ILE D 602 6.93 41.11 47.52
N GLY D 603 6.41 42.31 47.30
CA GLY D 603 7.22 43.32 46.66
C GLY D 603 6.93 44.70 47.21
N ARG D 604 7.96 45.53 47.11
CA ARG D 604 7.91 46.89 47.61
C ARG D 604 7.23 47.88 46.68
N ARG D 605 7.32 47.64 45.37
CA ARG D 605 6.70 48.53 44.39
C ARG D 605 5.31 48.95 44.83
N ALA D 606 4.53 47.97 45.30
CA ALA D 606 3.19 48.23 45.82
C ALA D 606 3.17 48.69 47.27
N CYS D 607 4.05 48.13 48.08
CA CYS D 607 4.08 48.40 49.52
C CYS D 607 4.51 49.80 49.96
N ARG D 608 5.52 50.37 49.30
CA ARG D 608 5.93 51.75 49.60
C ARG D 608 4.81 52.74 49.31
N ALA D 609 4.24 52.62 48.11
CA ALA D 609 3.16 53.48 47.68
C ALA D 609 1.95 53.39 48.61
N ALA D 610 1.60 52.16 48.99
CA ALA D 610 0.44 51.92 49.84
C ALA D 610 0.63 52.52 51.22
N TYR D 611 1.91 52.64 51.62
CA TYR D 611 2.23 53.21 52.91
C TYR D 611 2.00 54.71 52.84
N LEU D 612 2.38 55.29 51.71
CA LEU D 612 2.22 56.72 51.48
C LEU D 612 0.74 57.04 51.27
N ASP D 613 0.02 56.12 50.65
CA ASP D 613 -1.40 56.31 50.39
C ASP D 613 -2.20 56.11 51.67
N GLY D 614 -1.55 55.58 52.70
CA GLY D 614 -2.19 55.42 53.99
C GLY D 614 -3.29 54.39 53.99
N SER D 615 -3.20 53.42 53.07
CA SER D 615 -4.16 52.34 53.02
C SER D 615 -3.70 51.26 53.99
N LEU D 616 -2.39 51.01 53.97
CA LEU D 616 -1.78 50.06 54.88
C LEU D 616 -2.07 50.46 56.33
N ARG D 617 -2.10 51.75 56.60
CA ARG D 617 -2.22 52.24 57.97
C ARG D 617 -3.64 52.13 58.51
N ALA D 618 -4.64 52.23 57.62
CA ALA D 618 -6.03 51.98 57.99
C ALA D 618 -6.58 50.78 57.23
N GLN E 12 -30.26 -13.29 4.33
CA GLN E 12 -28.91 -13.40 3.76
C GLN E 12 -28.07 -12.17 4.10
N ILE E 13 -26.81 -12.39 4.48
CA ILE E 13 -25.91 -11.27 4.77
C ILE E 13 -25.48 -10.63 3.45
N LYS E 14 -25.13 -9.35 3.50
CA LYS E 14 -24.69 -8.62 2.31
C LYS E 14 -23.63 -7.57 2.64
N PHE E 15 -22.41 -7.81 2.16
CA PHE E 15 -21.31 -6.86 2.34
C PHE E 15 -21.26 -5.88 1.16
N PRO E 16 -20.85 -4.63 1.42
CA PRO E 16 -20.73 -3.64 0.34
C PRO E 16 -19.64 -3.99 -0.69
N ILE E 21 -11.38 -9.17 3.91
CA ILE E 21 -11.23 -8.98 5.34
C ILE E 21 -10.03 -8.08 5.65
N VAL E 22 -9.11 -8.01 4.70
CA VAL E 22 -7.90 -7.18 4.79
C VAL E 22 -8.18 -5.71 5.11
N ALA E 23 -9.17 -5.13 4.45
CA ALA E 23 -9.48 -3.73 4.63
C ALA E 23 -10.12 -3.50 5.99
N HIS E 24 -10.91 -4.47 6.43
CA HIS E 24 -11.63 -4.36 7.68
C HIS E 24 -10.66 -4.38 8.87
N VAL E 25 -9.68 -5.30 8.83
CA VAL E 25 -8.72 -5.42 9.92
C VAL E 25 -7.81 -4.20 9.97
N GLU E 26 -7.50 -3.63 8.81
CA GLU E 26 -6.64 -2.45 8.75
C GLU E 26 -7.30 -1.20 9.34
N ARG E 27 -8.60 -1.02 9.11
CA ARG E 27 -9.32 0.11 9.67
C ARG E 27 -9.26 0.09 11.20
N TRP E 28 -9.48 -1.10 11.76
CA TRP E 28 -9.42 -1.30 13.21
C TRP E 28 -8.02 -1.09 13.80
N ALA E 29 -7.00 -1.47 13.05
CA ALA E 29 -5.62 -1.36 13.52
C ALA E 29 -5.14 0.09 13.63
N LYS E 30 -5.67 0.95 12.76
CA LYS E 30 -5.26 2.36 12.77
C LYS E 30 -5.93 3.10 13.91
N VAL E 31 -7.19 2.79 14.17
CA VAL E 31 -7.96 3.47 15.19
C VAL E 31 -7.64 2.96 16.60
N ARG E 32 -7.43 1.65 16.71
CA ARG E 32 -7.13 0.99 17.99
C ARG E 32 -5.64 0.83 18.26
N GLY E 33 -4.81 1.59 17.55
CA GLY E 33 -3.38 1.38 17.49
C GLY E 33 -2.62 0.84 18.69
N ASP E 34 -2.80 1.42 19.89
CA ASP E 34 -2.02 0.96 21.03
C ASP E 34 -2.78 -0.11 21.84
N LYS E 35 -3.99 -0.45 21.43
CA LYS E 35 -4.80 -1.43 22.15
C LYS E 35 -4.32 -2.86 21.85
N LEU E 36 -4.58 -3.79 22.76
CA LEU E 36 -4.14 -5.18 22.59
C LEU E 36 -4.89 -5.91 21.47
N ALA E 37 -4.13 -6.58 20.60
CA ALA E 37 -4.71 -7.39 19.52
C ALA E 37 -4.68 -8.86 19.89
N TYR E 38 -3.48 -9.41 20.08
CA TYR E 38 -3.30 -10.79 20.52
C TYR E 38 -2.39 -10.92 21.73
N ARG E 39 -2.73 -11.88 22.60
CA ARG E 39 -1.96 -12.20 23.79
C ARG E 39 -1.65 -13.68 23.82
N PHE E 40 -0.36 -14.02 23.88
CA PHE E 40 0.07 -15.40 23.94
C PHE E 40 0.65 -15.68 25.32
N LEU E 41 0.10 -16.69 26.00
CA LEU E 41 0.60 -17.07 27.31
C LEU E 41 1.68 -18.12 27.10
N ASP E 42 2.91 -17.75 27.41
CA ASP E 42 4.06 -18.59 27.12
C ASP E 42 4.45 -19.44 28.32
N PHE E 43 4.18 -20.74 28.24
CA PHE E 43 4.51 -21.67 29.30
C PHE E 43 5.82 -22.40 29.00
N SER E 44 6.47 -22.03 27.90
CA SER E 44 7.72 -22.67 27.48
C SER E 44 8.81 -22.48 28.52
N THR E 45 9.14 -21.22 28.81
CA THR E 45 10.20 -20.92 29.76
C THR E 45 9.78 -21.13 31.21
N GLU E 46 10.42 -22.10 31.86
CA GLU E 46 10.28 -22.33 33.29
C GLU E 46 8.83 -22.29 33.77
N ARG E 47 8.53 -21.34 34.65
CA ARG E 47 7.22 -21.21 35.27
C ARG E 47 6.14 -20.70 34.31
N ASP E 48 4.89 -20.92 34.73
CA ASP E 48 3.73 -20.52 33.95
C ASP E 48 3.63 -19.01 33.88
N GLY E 49 2.87 -18.49 32.92
CA GLY E 49 2.65 -17.06 32.82
C GLY E 49 3.49 -16.43 31.72
N VAL E 50 3.88 -15.18 31.93
CA VAL E 50 4.75 -14.47 31.01
C VAL E 50 4.11 -14.27 29.64
N PRO E 51 3.03 -13.50 29.60
CA PRO E 51 2.24 -13.22 28.40
C PRO E 51 3.02 -12.44 27.35
N ARG E 52 3.10 -12.98 26.13
CA ARG E 52 3.68 -12.26 25.00
C ARG E 52 2.53 -11.52 24.29
N ASP E 53 2.62 -10.19 24.25
CA ASP E 53 1.53 -9.37 23.72
C ASP E 53 1.87 -8.71 22.39
N LEU E 54 0.82 -8.53 21.58
CA LEU E 54 0.96 -7.89 20.27
C LEU E 54 -0.13 -6.83 20.09
N THR E 55 0.31 -5.60 19.94
CA THR E 55 -0.59 -4.47 19.80
C THR E 55 -1.15 -4.36 18.40
N TRP E 56 -2.20 -3.57 18.22
CA TRP E 56 -2.79 -3.40 16.89
C TRP E 56 -1.82 -2.72 15.94
N ALA E 57 -1.06 -1.76 16.48
CA ALA E 57 -0.01 -1.08 15.71
C ALA E 57 1.05 -2.10 15.33
N GLN E 58 1.43 -2.91 16.30
CA GLN E 58 2.37 -3.99 16.09
C GLN E 58 1.82 -5.00 15.09
N PHE E 59 0.55 -5.35 15.27
CA PHE E 59 -0.13 -6.38 14.49
C PHE E 59 -0.12 -6.12 12.99
N SER E 60 -0.60 -4.96 12.57
CA SER E 60 -0.67 -4.60 11.16
C SER E 60 0.73 -4.45 10.59
N ALA E 61 1.65 -3.93 11.40
CA ALA E 61 3.01 -3.66 10.95
C ALA E 61 3.71 -4.94 10.54
N ARG E 62 3.54 -5.99 11.34
CA ARG E 62 4.18 -7.26 11.08
C ARG E 62 3.48 -7.93 9.90
N ASN E 63 2.16 -7.80 9.84
CA ASN E 63 1.38 -8.34 8.74
C ASN E 63 1.76 -7.76 7.39
N ARG E 64 1.95 -6.44 7.35
CA ARG E 64 2.29 -5.76 6.10
C ARG E 64 3.73 -6.04 5.67
N ALA E 65 4.62 -6.17 6.66
CA ALA E 65 6.03 -6.44 6.39
C ALA E 65 6.21 -7.85 5.82
N VAL E 66 5.56 -8.81 6.46
CA VAL E 66 5.60 -10.19 5.99
C VAL E 66 4.93 -10.28 4.63
N ALA E 67 3.81 -9.57 4.46
CA ALA E 67 3.05 -9.61 3.21
C ALA E 67 3.88 -9.08 2.05
N ALA E 68 4.60 -7.99 2.30
CA ALA E 68 5.43 -7.38 1.28
C ALA E 68 6.53 -8.33 0.82
N ARG E 69 7.15 -9.02 1.79
CA ARG E 69 8.22 -9.95 1.48
C ARG E 69 7.64 -11.15 0.76
N LEU E 70 6.40 -11.50 1.12
CA LEU E 70 5.68 -12.60 0.49
C LEU E 70 5.30 -12.28 -0.95
N GLN E 71 4.87 -11.05 -1.19
CA GLN E 71 4.46 -10.61 -2.52
C GLN E 71 5.62 -10.69 -3.49
N GLN E 72 6.82 -10.62 -2.95
CA GLN E 72 8.03 -10.63 -3.75
C GLN E 72 8.36 -12.04 -4.21
N VAL E 73 8.17 -13.02 -3.34
CA VAL E 73 8.57 -14.39 -3.67
C VAL E 73 7.43 -15.23 -4.23
N THR E 74 6.19 -14.74 -4.16
CA THR E 74 5.06 -15.52 -4.64
C THR E 74 4.08 -14.70 -5.47
N GLN E 75 3.58 -15.31 -6.54
CA GLN E 75 2.56 -14.71 -7.40
C GLN E 75 1.15 -15.12 -6.99
N PRO E 76 0.14 -14.30 -7.36
CA PRO E 76 -1.26 -14.58 -7.05
C PRO E 76 -1.78 -15.88 -7.62
N GLY E 77 -2.61 -16.55 -6.83
CA GLY E 77 -3.18 -17.83 -7.19
C GLY E 77 -2.35 -18.94 -6.59
N ASP E 78 -1.12 -18.61 -6.22
CA ASP E 78 -0.30 -19.55 -5.48
C ASP E 78 -0.75 -19.55 -4.03
N ARG E 79 -0.53 -20.67 -3.33
CA ARG E 79 -0.90 -20.82 -1.93
C ARG E 79 0.35 -20.97 -1.06
N VAL E 80 0.37 -20.30 0.08
CA VAL E 80 1.53 -20.28 0.98
C VAL E 80 1.19 -21.04 2.26
N ALA E 81 1.97 -22.09 2.51
CA ALA E 81 1.76 -22.97 3.65
C ALA E 81 2.39 -22.43 4.93
N ILE E 82 1.64 -22.56 6.02
CA ILE E 82 2.14 -22.15 7.32
C ILE E 82 2.61 -23.36 8.12
N LEU E 83 3.93 -23.51 8.21
CA LEU E 83 4.52 -24.52 9.10
C LEU E 83 5.13 -23.68 10.21
N CYS E 84 4.40 -23.59 11.29
CA CYS E 84 4.77 -22.75 12.42
C CYS E 84 4.23 -23.37 13.69
N PRO E 85 4.94 -23.19 14.80
CA PRO E 85 4.34 -23.66 16.05
C PRO E 85 3.22 -22.73 16.48
N GLN E 86 2.58 -23.04 17.61
CA GLN E 86 1.55 -22.17 18.12
C GLN E 86 2.25 -20.98 18.75
N ASN E 87 1.91 -19.78 18.25
CA ASN E 87 2.56 -18.53 18.63
C ASN E 87 1.79 -17.38 18.03
N LEU E 88 2.30 -16.17 18.24
CA LEU E 88 1.67 -14.99 17.66
C LEU E 88 2.01 -14.98 16.17
N ASP E 89 3.20 -15.51 15.87
CA ASP E 89 3.73 -15.48 14.52
C ASP E 89 2.95 -16.36 13.57
N TYR E 90 2.21 -17.31 14.12
CA TYR E 90 1.33 -18.14 13.32
C TYR E 90 0.26 -17.23 12.73
N LEU E 91 -0.25 -16.34 13.58
CA LEU E 91 -1.28 -15.38 13.20
C LEU E 91 -0.71 -14.31 12.27
N VAL E 92 0.54 -13.95 12.50
CA VAL E 92 1.22 -12.99 11.64
C VAL E 92 1.42 -13.59 10.25
N ALA E 93 1.66 -14.90 10.23
CA ALA E 93 1.86 -15.64 8.98
C ALA E 93 0.55 -15.79 8.23
N PHE E 94 -0.52 -16.11 8.96
CA PHE E 94 -1.82 -16.30 8.35
C PHE E 94 -2.32 -14.98 7.75
N PHE E 95 -2.39 -13.95 8.59
CA PHE E 95 -2.84 -12.63 8.17
C PHE E 95 -1.94 -12.01 7.10
N GLY E 96 -0.64 -12.19 7.24
CA GLY E 96 0.30 -11.74 6.22
C GLY E 96 0.00 -12.32 4.85
N ALA E 97 -0.38 -13.59 4.83
CA ALA E 97 -0.70 -14.29 3.59
C ALA E 97 -1.94 -13.69 2.94
N LEU E 98 -2.92 -13.32 3.76
CA LEU E 98 -4.13 -12.69 3.26
C LEU E 98 -3.82 -11.30 2.73
N TYR E 99 -2.99 -10.57 3.48
CA TYR E 99 -2.53 -9.25 3.08
C TYR E 99 -1.83 -9.30 1.73
N ALA E 100 -1.05 -10.35 1.52
CA ALA E 100 -0.29 -10.52 0.30
C ALA E 100 -1.21 -10.88 -0.87
N GLY E 101 -2.36 -11.47 -0.55
CA GLY E 101 -3.33 -11.86 -1.56
C GLY E 101 -3.19 -13.29 -2.04
N ARG E 102 -2.40 -14.10 -1.33
CA ARG E 102 -2.26 -15.51 -1.64
C ARG E 102 -3.20 -16.35 -0.77
N ILE E 103 -3.20 -17.66 -1.00
CA ILE E 103 -4.04 -18.59 -0.26
C ILE E 103 -3.27 -19.28 0.86
N ALA E 104 -3.66 -19.01 2.09
CA ALA E 104 -3.00 -19.61 3.22
C ALA E 104 -3.45 -21.05 3.34
N VAL E 105 -2.57 -21.91 3.84
CA VAL E 105 -2.97 -23.26 4.21
C VAL E 105 -2.37 -23.55 5.58
N PRO E 106 -3.15 -23.26 6.65
CA PRO E 106 -2.60 -23.52 7.99
C PRO E 106 -2.26 -24.98 8.23
N LEU E 107 -1.05 -25.20 8.69
CA LEU E 107 -0.51 -26.51 8.95
C LEU E 107 0.28 -26.35 10.22
N PHE E 108 1.08 -27.35 10.59
CA PHE E 108 1.76 -27.32 11.87
C PHE E 108 3.25 -27.49 11.72
N ASP E 109 3.92 -27.36 12.86
CA ASP E 109 5.37 -27.48 12.95
C ASP E 109 5.71 -28.96 12.79
N PRO E 110 6.61 -29.30 11.84
CA PRO E 110 6.97 -30.71 11.66
C PRO E 110 7.86 -31.29 12.77
N SER E 111 7.46 -31.08 14.02
CA SER E 111 8.15 -31.63 15.18
C SER E 111 7.52 -32.92 15.69
N GLU E 112 6.62 -33.51 14.90
CA GLU E 112 5.94 -34.74 15.27
C GLU E 112 6.36 -35.89 14.35
N HIS E 115 3.08 -36.57 13.52
CA HIS E 115 2.71 -37.16 12.23
C HIS E 115 3.13 -36.25 11.08
N VAL E 116 4.39 -36.34 10.68
CA VAL E 116 4.91 -35.53 9.58
C VAL E 116 4.64 -36.23 8.25
N GLY E 117 3.98 -37.39 8.32
CA GLY E 117 3.59 -38.10 7.12
C GLY E 117 2.34 -37.42 6.61
N ARG E 118 1.59 -36.87 7.55
CA ARG E 118 0.38 -36.15 7.22
C ARG E 118 0.78 -34.88 6.48
N LEU E 119 1.92 -34.31 6.86
CA LEU E 119 2.36 -33.07 6.26
C LEU E 119 2.74 -33.28 4.80
N HIS E 120 3.32 -34.45 4.52
CA HIS E 120 3.68 -34.81 3.16
C HIS E 120 2.43 -34.93 2.30
N ALA E 121 1.40 -35.57 2.85
CA ALA E 121 0.19 -35.85 2.09
C ALA E 121 -0.60 -34.60 1.75
N VAL E 122 -0.66 -33.65 2.70
CA VAL E 122 -1.40 -32.42 2.47
C VAL E 122 -0.63 -31.58 1.48
N LEU E 123 0.69 -31.53 1.64
CA LEU E 123 1.56 -30.77 0.76
C LEU E 123 1.54 -31.31 -0.66
N ASP E 124 1.32 -32.62 -0.80
CA ASP E 124 1.23 -33.23 -2.13
C ASP E 124 -0.02 -32.72 -2.84
N ASN E 125 -1.04 -32.41 -2.04
CA ASN E 125 -2.31 -31.91 -2.55
C ASN E 125 -2.28 -30.42 -2.95
N CYS E 126 -1.72 -29.58 -2.06
CA CYS E 126 -1.75 -28.14 -2.27
C CYS E 126 -0.48 -27.50 -2.88
N HIS E 127 0.56 -28.29 -3.11
CA HIS E 127 1.82 -27.81 -3.73
C HIS E 127 2.17 -26.32 -3.55
N PRO E 128 2.47 -25.88 -2.32
CA PRO E 128 2.79 -24.48 -2.00
C PRO E 128 4.11 -23.97 -2.55
N SER E 129 4.16 -22.74 -3.06
CA SER E 129 5.43 -22.15 -3.54
C SER E 129 6.25 -21.51 -2.42
N ALA E 130 5.62 -21.24 -1.27
CA ALA E 130 6.31 -20.63 -0.14
C ALA E 130 5.79 -21.19 1.18
N ILE E 131 6.64 -21.12 2.21
CA ILE E 131 6.29 -21.58 3.55
C ILE E 131 6.57 -20.50 4.58
N LEU E 132 5.60 -20.24 5.45
CA LEU E 132 5.76 -19.29 6.54
C LEU E 132 6.05 -20.07 7.81
N THR E 133 7.14 -19.71 8.48
CA THR E 133 7.55 -20.39 9.70
C THR E 133 8.19 -19.36 10.63
N THR E 134 8.82 -19.83 11.71
CA THR E 134 9.43 -18.93 12.66
C THR E 134 10.95 -19.12 12.69
N THR E 135 11.67 -18.05 13.06
CA THR E 135 13.13 -18.06 13.11
C THR E 135 13.67 -19.12 14.06
N GLU E 136 12.98 -19.35 15.17
CA GLU E 136 13.44 -20.32 16.16
C GLU E 136 13.36 -21.72 15.57
N ALA E 137 12.15 -22.19 15.25
CA ALA E 137 12.00 -23.52 14.68
C ALA E 137 11.88 -23.37 13.18
N ALA E 138 12.99 -23.60 12.50
CA ALA E 138 13.15 -23.29 11.09
C ALA E 138 13.80 -24.47 10.40
N GLU E 139 14.91 -24.89 10.99
CA GLU E 139 15.70 -26.00 10.48
C GLU E 139 14.84 -27.26 10.38
N GLY E 140 13.89 -27.41 11.29
CA GLY E 140 13.01 -28.57 11.26
C GLY E 140 12.21 -28.56 9.97
N VAL E 141 11.78 -27.37 9.56
CA VAL E 141 11.04 -27.23 8.31
C VAL E 141 11.98 -27.46 7.13
N ARG E 142 13.19 -26.93 7.22
CA ARG E 142 14.19 -27.14 6.15
C ARG E 142 14.63 -28.59 6.06
N LYS E 143 14.86 -29.23 7.21
CA LYS E 143 15.22 -30.64 7.24
C LYS E 143 14.07 -31.48 6.67
N PHE E 144 12.84 -31.05 6.96
CA PHE E 144 11.65 -31.73 6.45
C PHE E 144 11.64 -31.75 4.94
N PHE E 145 11.97 -30.61 4.34
CA PHE E 145 11.90 -30.49 2.88
C PHE E 145 13.08 -31.15 2.18
N ARG E 146 14.15 -31.44 2.90
CA ARG E 146 15.26 -32.17 2.30
C ARG E 146 14.80 -33.58 1.93
N THR E 147 13.72 -34.03 2.55
CA THR E 147 13.18 -35.38 2.29
C THR E 147 12.34 -35.41 1.00
N ARG E 148 11.85 -34.24 0.59
CA ARG E 148 11.10 -34.10 -0.65
C ARG E 148 12.07 -33.84 -1.80
N PRO E 149 11.64 -34.07 -3.04
CA PRO E 149 12.54 -33.84 -4.16
C PRO E 149 13.05 -32.41 -4.26
N ALA E 150 14.17 -32.22 -4.94
CA ALA E 150 14.73 -30.89 -5.14
C ALA E 150 13.86 -30.10 -6.11
N ASN E 151 13.19 -30.82 -7.00
CA ASN E 151 12.37 -30.19 -8.01
C ASN E 151 11.23 -29.38 -7.38
N GLN E 152 10.57 -29.95 -6.37
CA GLN E 152 9.64 -29.18 -5.56
C GLN E 152 10.25 -28.89 -4.19
N ARG E 153 10.77 -27.68 -4.03
CA ARG E 153 11.35 -27.25 -2.76
C ARG E 153 11.10 -25.75 -2.58
N PRO E 154 9.89 -25.39 -2.14
CA PRO E 154 9.43 -23.99 -2.06
C PRO E 154 10.21 -23.17 -1.05
N ARG E 155 10.26 -21.86 -1.24
CA ARG E 155 11.03 -20.99 -0.35
C ARG E 155 10.44 -20.94 1.07
N VAL E 156 11.32 -20.90 2.06
CA VAL E 156 10.94 -20.87 3.47
C VAL E 156 11.28 -19.51 4.03
N ILE E 157 10.31 -18.89 4.70
CA ILE E 157 10.49 -17.55 5.25
C ILE E 157 10.33 -17.55 6.75
N ALA E 158 11.33 -17.05 7.47
CA ALA E 158 11.20 -16.90 8.91
C ALA E 158 10.48 -15.59 9.13
N VAL E 159 9.26 -15.65 9.64
CA VAL E 159 8.38 -14.50 9.66
C VAL E 159 8.86 -13.44 10.67
N ASP E 160 9.39 -13.89 11.79
CA ASP E 160 9.87 -12.99 12.83
C ASP E 160 11.16 -12.31 12.40
N ALA E 161 11.78 -12.86 11.35
CA ALA E 161 13.07 -12.38 10.87
C ALA E 161 12.89 -11.32 9.79
N VAL E 162 11.66 -11.11 9.35
CA VAL E 162 11.39 -10.13 8.30
C VAL E 162 11.42 -8.71 8.86
N PRO E 163 12.32 -7.84 8.33
CA PRO E 163 12.39 -6.50 8.91
C PRO E 163 11.10 -5.71 8.73
N ASP E 164 10.77 -4.89 9.72
CA ASP E 164 9.52 -4.14 9.72
C ASP E 164 9.53 -3.01 8.70
N ASP E 165 10.70 -2.64 8.21
CA ASP E 165 10.84 -1.53 7.28
C ASP E 165 10.56 -1.96 5.85
N VAL E 166 10.49 -3.27 5.63
CA VAL E 166 10.21 -3.80 4.31
C VAL E 166 8.74 -3.59 3.96
N ALA E 167 7.94 -3.28 4.96
CA ALA E 167 6.52 -3.05 4.76
C ALA E 167 6.27 -1.91 3.77
N SER E 168 7.26 -1.04 3.59
CA SER E 168 7.13 0.15 2.74
C SER E 168 6.77 -0.22 1.30
N THR E 169 7.17 -1.41 0.88
CA THR E 169 6.95 -1.86 -0.50
C THR E 169 5.65 -2.65 -0.60
N TRP E 170 4.89 -2.71 0.50
CA TRP E 170 3.64 -3.44 0.51
C TRP E 170 2.64 -2.75 -0.41
N VAL E 171 1.98 -3.57 -1.21
CA VAL E 171 1.01 -3.13 -2.18
C VAL E 171 -0.37 -3.68 -1.84
N ASN E 172 -1.38 -2.81 -1.89
CA ASN E 172 -2.75 -3.17 -1.58
C ASN E 172 -3.21 -4.37 -2.41
N PRO E 173 -3.83 -5.36 -1.76
CA PRO E 173 -4.17 -6.62 -2.43
C PRO E 173 -5.28 -6.47 -3.46
N ASP E 174 -5.39 -7.42 -4.38
CA ASP E 174 -6.44 -7.36 -5.39
C ASP E 174 -7.77 -7.46 -4.63
N GLU E 175 -8.77 -6.69 -5.03
CA GLU E 175 -10.06 -6.73 -4.36
C GLU E 175 -10.64 -8.13 -4.54
N PRO E 176 -11.16 -8.74 -3.46
CA PRO E 176 -11.63 -10.11 -3.60
C PRO E 176 -13.02 -10.21 -4.24
N ASP E 177 -13.31 -11.36 -4.85
CA ASP E 177 -14.59 -11.60 -5.49
C ASP E 177 -15.35 -12.67 -4.73
N GLU E 178 -16.53 -13.02 -5.21
CA GLU E 178 -17.36 -14.00 -4.50
C GLU E 178 -16.72 -15.37 -4.54
N THR E 179 -15.86 -15.60 -5.53
CA THR E 179 -15.18 -16.88 -5.70
C THR E 179 -13.72 -16.97 -5.22
N THR E 180 -13.15 -15.86 -4.73
CA THR E 180 -11.71 -15.84 -4.42
C THR E 180 -11.37 -16.51 -3.08
N ILE E 181 -10.53 -17.54 -3.14
CA ILE E 181 -10.20 -18.35 -1.96
C ILE E 181 -9.25 -17.65 -0.98
N ALA E 182 -9.66 -17.57 0.29
CA ALA E 182 -8.81 -17.03 1.35
C ALA E 182 -7.79 -18.04 1.87
N TYR E 183 -8.26 -19.24 2.21
CA TYR E 183 -7.38 -20.29 2.72
C TYR E 183 -7.98 -21.68 2.56
N LEU E 184 -7.14 -22.70 2.70
CA LEU E 184 -7.58 -24.09 2.64
C LEU E 184 -7.62 -24.75 4.01
N GLN E 185 -8.81 -25.21 4.41
CA GLN E 185 -8.97 -25.90 5.70
C GLN E 185 -9.04 -27.41 5.50
N TYR E 186 -8.00 -28.11 5.93
CA TYR E 186 -7.94 -29.56 5.83
C TYR E 186 -8.54 -30.18 7.08
N THR E 187 -9.55 -31.04 6.93
CA THR E 187 -10.15 -31.73 8.07
C THR E 187 -10.43 -33.19 7.70
N SER E 188 -10.84 -33.99 8.67
CA SER E 188 -11.11 -35.42 8.45
C SER E 188 -9.84 -36.18 8.05
N GLY E 189 -9.95 -37.12 7.11
CA GLY E 189 -8.80 -37.87 6.65
C GLY E 189 -8.78 -38.07 5.14
N ARG E 192 -8.15 -41.71 1.72
CA ARG E 192 -6.71 -41.81 1.98
C ARG E 192 -6.03 -40.47 1.75
N ILE E 193 -6.28 -39.89 0.58
CA ILE E 193 -5.72 -38.58 0.24
C ILE E 193 -6.41 -37.51 1.12
N PRO E 194 -5.65 -36.50 1.57
CA PRO E 194 -6.30 -35.54 2.48
C PRO E 194 -7.22 -34.60 1.72
N THR E 195 -8.23 -34.06 2.39
CA THR E 195 -9.17 -33.16 1.73
C THR E 195 -9.12 -31.75 2.31
N GLY E 196 -8.52 -30.83 1.56
CA GLY E 196 -8.62 -29.40 1.84
C GLY E 196 -9.93 -28.81 1.37
N VAL E 197 -10.63 -28.09 2.25
CA VAL E 197 -11.82 -27.33 1.86
C VAL E 197 -11.43 -25.94 1.36
N GLN E 198 -12.07 -25.48 0.29
CA GLN E 198 -11.80 -24.15 -0.24
C GLN E 198 -12.73 -23.13 0.41
N ILE E 199 -12.13 -22.28 1.23
CA ILE E 199 -12.84 -21.26 2.00
C ILE E 199 -12.60 -19.88 1.40
N THR E 200 -13.67 -19.21 1.03
CA THR E 200 -13.60 -17.91 0.37
C THR E 200 -13.33 -16.81 1.38
N HIS E 201 -13.11 -15.59 0.90
CA HIS E 201 -12.99 -14.46 1.79
C HIS E 201 -14.38 -14.21 2.37
N LEU E 202 -15.38 -14.55 1.57
CA LEU E 202 -16.78 -14.36 1.92
C LEU E 202 -17.23 -15.42 2.91
N ASN E 203 -16.82 -16.66 2.69
CA ASN E 203 -17.13 -17.74 3.60
C ASN E 203 -16.63 -17.38 4.98
N LEU E 204 -15.44 -16.78 4.99
CA LEU E 204 -14.80 -16.37 6.23
C LEU E 204 -15.62 -15.27 6.89
N ALA E 205 -15.88 -14.21 6.13
CA ALA E 205 -16.57 -13.04 6.67
C ALA E 205 -18.01 -13.39 7.01
N THR E 206 -18.65 -14.21 6.18
CA THR E 206 -20.03 -14.59 6.42
C THR E 206 -20.15 -15.35 7.73
N ASN E 207 -19.26 -16.33 7.91
CA ASN E 207 -19.30 -17.17 9.10
C ASN E 207 -18.85 -16.45 10.36
N VAL E 208 -17.94 -15.49 10.22
CA VAL E 208 -17.46 -14.73 11.37
C VAL E 208 -18.60 -13.94 11.99
N VAL E 209 -19.45 -13.39 11.14
CA VAL E 209 -20.60 -12.61 11.60
C VAL E 209 -21.67 -13.55 12.17
N GLN E 210 -21.80 -14.73 11.58
CA GLN E 210 -22.75 -15.72 12.06
C GLN E 210 -22.38 -16.19 13.47
N VAL E 211 -21.08 -16.39 13.70
CA VAL E 211 -20.58 -16.82 15.01
C VAL E 211 -20.74 -15.74 16.06
N ILE E 212 -20.30 -14.53 15.73
CA ILE E 212 -20.38 -13.40 16.66
C ILE E 212 -21.84 -13.07 16.97
N GLU E 213 -22.69 -13.17 15.96
CA GLU E 213 -24.11 -12.92 16.12
C GLU E 213 -24.75 -13.98 17.00
N ALA E 214 -24.25 -15.21 16.91
CA ALA E 214 -24.81 -16.31 17.67
C ALA E 214 -24.37 -16.23 19.13
N LEU E 215 -23.19 -15.67 19.36
CA LEU E 215 -22.65 -15.60 20.72
C LEU E 215 -23.30 -14.49 21.53
N GLU E 216 -23.76 -13.44 20.86
CA GLU E 216 -24.41 -12.30 21.52
C GLU E 216 -23.47 -11.60 22.51
N GLY E 217 -22.19 -11.84 22.35
CA GLY E 217 -21.16 -11.17 23.13
C GLY E 217 -21.23 -9.65 23.15
N GLU E 218 -21.41 -9.07 24.33
CA GLU E 218 -21.33 -7.62 24.51
C GLU E 218 -19.89 -7.25 24.82
N GLU E 219 -19.63 -5.97 25.06
CA GLU E 219 -18.26 -5.49 25.20
C GLU E 219 -17.77 -5.69 26.63
N GLY E 220 -16.48 -6.04 26.75
CA GLY E 220 -15.86 -6.25 28.04
C GLY E 220 -15.57 -7.72 28.31
N ASP E 221 -16.09 -8.58 27.44
CA ASP E 221 -15.93 -10.03 27.60
C ASP E 221 -14.51 -10.45 27.21
N ARG E 222 -14.02 -11.51 27.83
CA ARG E 222 -12.71 -12.06 27.52
C ARG E 222 -12.89 -13.36 26.74
N GLY E 223 -12.16 -13.50 25.65
CA GLY E 223 -12.18 -14.74 24.89
C GLY E 223 -10.90 -15.51 25.17
N LEU E 224 -10.99 -16.83 25.12
CA LEU E 224 -9.84 -17.68 25.42
C LEU E 224 -9.92 -18.97 24.64
N SER E 225 -8.76 -19.47 24.20
CA SER E 225 -8.72 -20.78 23.58
C SER E 225 -7.34 -21.42 23.76
N TRP E 226 -7.34 -22.73 24.01
CA TRP E 226 -6.11 -23.53 23.95
C TRP E 226 -6.03 -24.31 22.63
N LEU E 227 -7.07 -24.20 21.81
CA LEU E 227 -7.17 -25.00 20.59
C LEU E 227 -6.13 -24.63 19.55
N PRO E 228 -5.64 -25.63 18.79
CA PRO E 228 -4.64 -25.41 17.74
C PRO E 228 -5.20 -24.68 16.53
N PHE E 229 -4.41 -23.77 15.94
CA PHE E 229 -4.89 -22.94 14.84
C PHE E 229 -5.05 -23.73 13.54
N PHE E 230 -4.41 -24.90 13.43
CA PHE E 230 -4.52 -25.71 12.22
C PHE E 230 -5.82 -26.51 12.18
N HIS E 231 -6.57 -26.47 13.29
CA HIS E 231 -7.89 -27.07 13.38
C HIS E 231 -8.92 -25.95 13.18
N ASP E 232 -10.03 -26.26 12.51
CA ASP E 232 -11.01 -25.24 12.14
C ASP E 232 -11.59 -24.51 13.36
N MET E 233 -11.79 -25.23 14.46
CA MET E 233 -12.29 -24.63 15.69
C MET E 233 -11.30 -23.64 16.32
N GLY E 234 -10.02 -23.93 16.19
CA GLY E 234 -8.99 -23.06 16.74
C GLY E 234 -8.69 -21.85 15.89
N LEU E 235 -8.74 -22.00 14.56
CA LEU E 235 -8.43 -20.89 13.68
C LEU E 235 -9.46 -19.78 13.75
N ILE E 236 -10.71 -20.12 13.46
CA ILE E 236 -11.76 -19.12 13.31
C ILE E 236 -11.95 -18.40 14.63
N THR E 237 -11.68 -19.10 15.72
CA THR E 237 -11.83 -18.52 17.03
C THR E 237 -10.78 -17.42 17.19
N ALA E 238 -9.60 -17.62 16.59
CA ALA E 238 -8.54 -16.63 16.67
C ALA E 238 -8.77 -15.47 15.70
N LEU E 239 -9.29 -15.79 14.51
CA LEU E 239 -9.60 -14.76 13.52
C LEU E 239 -10.86 -14.00 13.87
N LEU E 240 -11.58 -14.49 14.87
CA LEU E 240 -12.84 -13.88 15.26
C LEU E 240 -12.61 -12.47 15.81
N ALA E 241 -11.62 -12.32 16.69
CA ALA E 241 -11.45 -11.09 17.45
C ALA E 241 -11.04 -9.88 16.61
N PRO E 242 -10.05 -10.04 15.72
CA PRO E 242 -9.56 -8.87 14.98
C PRO E 242 -10.60 -8.24 14.08
N MET E 243 -11.66 -8.98 13.79
CA MET E 243 -12.72 -8.49 12.93
C MET E 243 -13.65 -7.56 13.71
N ILE E 244 -13.76 -7.79 15.01
CA ILE E 244 -14.62 -6.99 15.86
C ILE E 244 -13.87 -5.84 16.55
N GLY E 245 -12.54 -5.88 16.52
CA GLY E 245 -11.74 -4.86 17.18
C GLY E 245 -11.08 -5.39 18.43
N HIS E 246 -11.71 -6.41 19.01
CA HIS E 246 -11.39 -6.89 20.35
C HIS E 246 -10.08 -7.68 20.46
N TYR E 247 -9.60 -7.82 21.69
CA TYR E 247 -8.43 -8.65 21.99
C TYR E 247 -8.78 -10.14 22.09
N PHE E 248 -7.79 -10.99 21.83
CA PHE E 248 -7.93 -12.44 21.95
C PHE E 248 -6.70 -13.07 22.61
N THR E 249 -6.92 -13.85 23.67
CA THR E 249 -5.83 -14.50 24.41
C THR E 249 -5.86 -16.01 24.21
N PHE E 250 -4.72 -16.60 23.88
CA PHE E 250 -4.63 -18.04 23.62
C PHE E 250 -3.38 -18.66 24.23
N MET E 251 -3.38 -19.99 24.31
CA MET E 251 -2.20 -20.74 24.70
C MET E 251 -2.00 -21.93 23.78
N THR E 252 -0.92 -22.68 24.00
CA THR E 252 -0.64 -23.85 23.20
C THR E 252 -1.44 -25.04 23.73
N PRO E 253 -1.90 -25.95 22.83
CA PRO E 253 -2.68 -27.10 23.29
C PRO E 253 -1.91 -28.01 24.24
N ALA E 254 -0.61 -28.17 24.02
CA ALA E 254 0.23 -29.00 24.87
C ALA E 254 0.23 -28.50 26.32
N ALA E 255 0.15 -27.19 26.50
CA ALA E 255 0.15 -26.60 27.83
C ALA E 255 -1.09 -27.02 28.60
N PHE E 256 -2.22 -27.11 27.90
CA PHE E 256 -3.47 -27.52 28.51
C PHE E 256 -3.42 -28.97 28.94
N VAL E 257 -2.81 -29.81 28.10
CA VAL E 257 -2.70 -31.23 28.38
C VAL E 257 -1.89 -31.46 29.65
N ARG E 258 -0.84 -30.68 29.84
CA ARG E 258 0.03 -30.85 30.99
C ARG E 258 -0.64 -30.37 32.27
N ARG E 259 -1.21 -29.17 32.22
CA ARG E 259 -1.88 -28.57 33.37
C ARG E 259 -3.19 -27.87 32.98
N PRO E 260 -4.29 -28.63 32.82
CA PRO E 260 -5.58 -28.09 32.36
C PRO E 260 -6.15 -27.01 33.27
N GLU E 261 -5.65 -26.90 34.50
CA GLU E 261 -6.09 -25.86 35.43
C GLU E 261 -5.79 -24.47 34.85
N ARG E 262 -4.82 -24.40 33.94
CA ARG E 262 -4.46 -23.15 33.29
C ARG E 262 -5.62 -22.50 32.55
N TRP E 263 -6.37 -23.31 31.81
CA TRP E 263 -7.54 -22.86 31.06
C TRP E 263 -8.65 -22.39 32.00
N ILE E 264 -8.92 -23.19 33.03
CA ILE E 264 -9.93 -22.87 34.02
C ILE E 264 -9.55 -21.57 34.76
N ARG E 265 -8.27 -21.40 35.04
CA ARG E 265 -7.78 -20.22 35.74
C ARG E 265 -8.04 -18.96 34.90
N GLU E 266 -7.85 -19.09 33.58
CA GLU E 266 -8.12 -17.99 32.65
C GLU E 266 -9.62 -17.77 32.48
N LEU E 267 -10.41 -18.82 32.67
CA LEU E 267 -11.87 -18.72 32.58
C LEU E 267 -12.46 -17.98 33.78
N ALA E 268 -11.82 -18.14 34.94
CA ALA E 268 -12.27 -17.51 36.18
C ALA E 268 -12.12 -16.00 36.08
N ARG E 269 -12.91 -15.26 36.86
CA ARG E 269 -12.89 -13.81 36.80
C ARG E 269 -11.48 -13.30 37.07
N LYS E 270 -10.95 -12.55 36.12
CA LYS E 270 -9.66 -11.90 36.30
C LYS E 270 -9.90 -10.69 37.18
N GLU E 271 -8.85 -10.14 37.76
CA GLU E 271 -9.02 -9.01 38.68
C GLU E 271 -9.36 -7.76 37.88
N GLY E 272 -10.52 -7.18 38.20
CA GLY E 272 -10.94 -5.93 37.60
C GLY E 272 -11.54 -6.09 36.22
N ASP E 273 -12.22 -7.21 35.99
CA ASP E 273 -12.83 -7.45 34.68
C ASP E 273 -14.27 -6.94 34.63
N THR E 274 -14.65 -6.42 33.46
CA THR E 274 -15.97 -5.85 33.25
C THR E 274 -17.03 -6.91 32.97
N GLY E 275 -16.64 -7.95 32.24
CA GLY E 275 -17.58 -8.95 31.74
C GLY E 275 -17.07 -10.38 31.83
N GLY E 276 -17.85 -11.30 31.28
CA GLY E 276 -17.57 -12.73 31.41
C GLY E 276 -16.66 -13.31 30.35
N THR E 277 -16.23 -14.56 30.58
CA THR E 277 -15.28 -15.21 29.68
C THR E 277 -15.97 -16.15 28.71
N ILE E 278 -15.46 -16.19 27.48
CA ILE E 278 -15.98 -17.06 26.42
C ILE E 278 -14.86 -17.96 25.88
N SER E 279 -15.16 -19.24 25.70
CA SER E 279 -14.21 -20.20 25.15
C SER E 279 -14.96 -21.35 24.51
N VAL E 280 -14.21 -22.29 23.94
CA VAL E 280 -14.80 -23.46 23.29
C VAL E 280 -13.79 -24.58 23.41
N ALA E 281 -14.27 -25.81 23.29
CA ALA E 281 -13.39 -26.97 23.44
C ALA E 281 -14.15 -28.26 23.13
N PRO E 282 -13.42 -29.30 22.72
CA PRO E 282 -14.08 -30.58 22.44
C PRO E 282 -14.52 -31.28 23.73
N ASN E 283 -15.43 -32.23 23.59
CA ASN E 283 -16.00 -32.92 24.75
C ASN E 283 -14.95 -33.57 25.65
N PHE E 284 -13.93 -34.18 25.06
CA PHE E 284 -12.94 -34.89 25.86
C PHE E 284 -12.13 -33.93 26.71
N ALA E 285 -12.09 -32.65 26.31
CA ALA E 285 -11.34 -31.66 27.07
C ALA E 285 -12.06 -31.33 28.38
N PHE E 286 -13.39 -31.39 28.35
CA PHE E 286 -14.21 -31.14 29.54
C PHE E 286 -13.99 -32.24 30.59
N ASP E 287 -13.92 -33.48 30.15
CA ASP E 287 -13.60 -34.59 31.05
C ASP E 287 -12.19 -34.43 31.60
N HIS E 288 -11.26 -33.96 30.77
CA HIS E 288 -9.87 -33.78 31.19
C HIS E 288 -9.76 -32.73 32.29
N ALA E 289 -10.41 -31.59 32.08
CA ALA E 289 -10.39 -30.50 33.05
C ALA E 289 -11.16 -30.89 34.30
N ALA E 290 -12.05 -31.86 34.18
CA ALA E 290 -12.82 -32.31 35.33
C ALA E 290 -11.96 -33.17 36.24
N ALA E 291 -11.22 -34.11 35.65
CA ALA E 291 -10.37 -35.00 36.43
C ALA E 291 -9.09 -34.32 36.91
N ARG E 292 -8.31 -33.78 35.98
CA ARG E 292 -7.00 -33.19 36.30
C ARG E 292 -6.99 -31.66 36.42
N GLY E 293 -8.12 -31.02 36.15
CA GLY E 293 -8.17 -29.56 36.06
C GLY E 293 -8.75 -28.87 37.28
N VAL E 294 -9.20 -29.65 38.25
CA VAL E 294 -9.73 -29.11 39.50
C VAL E 294 -8.55 -28.59 40.34
N PRO E 295 -8.70 -27.39 40.96
CA PRO E 295 -7.57 -26.77 41.66
C PRO E 295 -7.08 -27.55 42.88
N LYS E 296 -5.79 -27.42 43.17
CA LYS E 296 -5.20 -28.04 44.36
C LYS E 296 -5.71 -27.34 45.61
N PRO E 297 -5.55 -27.98 46.78
CA PRO E 297 -6.10 -27.40 48.01
C PRO E 297 -5.40 -26.10 48.42
N GLY E 298 -4.15 -25.93 47.99
CA GLY E 298 -3.37 -24.77 48.34
C GLY E 298 -3.44 -23.64 47.35
N SER E 299 -4.41 -23.68 46.45
CA SER E 299 -4.51 -22.66 45.40
C SER E 299 -5.43 -21.53 45.84
N PRO E 300 -5.25 -20.33 45.22
CA PRO E 300 -6.09 -19.17 45.51
C PRO E 300 -7.55 -19.37 45.09
N PRO E 301 -8.46 -18.53 45.60
CA PRO E 301 -9.89 -18.71 45.28
C PRO E 301 -10.15 -18.62 43.79
N LEU E 302 -11.08 -19.43 43.30
CA LEU E 302 -11.43 -19.45 41.88
C LEU E 302 -12.89 -19.11 41.70
N ASP E 303 -13.18 -18.00 41.02
CA ASP E 303 -14.56 -17.60 40.79
C ASP E 303 -14.90 -17.75 39.32
N LEU E 304 -15.70 -18.78 39.03
CA LEU E 304 -16.16 -19.09 37.68
C LEU E 304 -17.55 -18.53 37.42
N SER E 305 -18.06 -17.76 38.37
CA SER E 305 -19.40 -17.21 38.26
C SER E 305 -19.51 -16.31 37.04
N ASN E 306 -18.36 -15.85 36.54
CA ASN E 306 -18.30 -14.91 35.43
C ASN E 306 -18.42 -15.55 34.05
N VAL E 307 -18.22 -16.87 33.94
CA VAL E 307 -18.17 -17.53 32.64
C VAL E 307 -19.46 -17.31 31.87
N LYS E 308 -19.35 -16.79 30.65
CA LYS E 308 -20.49 -16.47 29.80
C LYS E 308 -20.92 -17.67 29.00
N ALA E 309 -20.03 -18.14 28.13
CA ALA E 309 -20.29 -19.31 27.30
C ALA E 309 -19.04 -20.15 27.16
N VAL E 310 -19.17 -21.46 27.38
CA VAL E 310 -18.12 -22.41 27.03
C VAL E 310 -18.71 -23.42 26.05
N LEU E 311 -18.31 -23.35 24.80
CA LEU E 311 -18.93 -24.17 23.77
C LEU E 311 -18.32 -25.58 23.67
N ASN E 312 -19.17 -26.57 23.41
CA ASN E 312 -18.75 -27.96 23.25
C ASN E 312 -19.10 -28.50 21.86
N GLY E 313 -18.09 -28.85 21.06
CA GLY E 313 -18.34 -29.33 19.71
C GLY E 313 -17.25 -30.18 19.08
N SER E 314 -17.46 -30.52 17.81
CA SER E 314 -16.52 -31.31 16.98
C SER E 314 -16.53 -32.82 17.31
N GLU E 315 -17.10 -33.18 18.45
CA GLU E 315 -17.31 -34.58 18.79
C GLU E 315 -18.62 -34.65 19.56
N PRO E 316 -19.27 -35.82 19.54
CA PRO E 316 -20.56 -35.99 20.23
C PRO E 316 -20.48 -35.64 21.72
N ILE E 317 -21.40 -34.79 22.20
CA ILE E 317 -21.34 -34.31 23.58
C ILE E 317 -21.99 -35.32 24.51
N SER E 318 -21.24 -35.73 25.54
CA SER E 318 -21.70 -36.73 26.48
C SER E 318 -22.41 -36.11 27.68
N ALA E 319 -23.58 -36.66 28.02
CA ALA E 319 -24.32 -36.19 29.18
C ALA E 319 -23.52 -36.42 30.46
N ALA E 320 -22.68 -37.46 30.44
CA ALA E 320 -21.84 -37.81 31.58
C ALA E 320 -20.78 -36.73 31.80
N THR E 321 -20.17 -36.27 30.72
CA THR E 321 -19.14 -35.25 30.80
C THR E 321 -19.70 -33.95 31.36
N VAL E 322 -20.96 -33.65 31.04
CA VAL E 322 -21.60 -32.42 31.48
C VAL E 322 -21.82 -32.41 32.99
N ARG E 323 -22.32 -33.50 33.54
CA ARG E 323 -22.54 -33.59 34.97
C ARG E 323 -21.19 -33.63 35.69
N ARG E 324 -20.25 -34.38 35.12
CA ARG E 324 -18.92 -34.52 35.72
C ARG E 324 -18.21 -33.17 35.78
N PHE E 325 -18.28 -32.40 34.69
CA PHE E 325 -17.62 -31.10 34.64
C PHE E 325 -18.31 -30.14 35.60
N ASN E 326 -19.64 -30.12 35.55
CA ASN E 326 -20.42 -29.26 36.43
C ASN E 326 -20.24 -29.66 37.89
N GLU E 327 -20.07 -30.94 38.15
CA GLU E 327 -19.87 -31.42 39.51
C GLU E 327 -18.54 -30.90 40.06
N ALA E 328 -17.54 -30.86 39.19
CA ALA E 328 -16.19 -30.44 39.58
C ALA E 328 -16.04 -28.93 39.75
N PHE E 329 -16.49 -28.16 38.76
CA PHE E 329 -16.30 -26.71 38.79
C PHE E 329 -17.54 -25.96 39.27
N GLY E 330 -18.62 -26.70 39.52
CA GLY E 330 -19.83 -26.10 40.06
C GLY E 330 -19.61 -25.40 41.38
N PRO E 331 -18.94 -26.08 42.32
CA PRO E 331 -18.70 -25.50 43.65
C PRO E 331 -17.89 -24.21 43.58
N PHE E 332 -17.24 -23.96 42.44
CA PHE E 332 -16.46 -22.73 42.27
C PHE E 332 -17.31 -21.63 41.64
N GLY E 333 -18.59 -21.92 41.40
CA GLY E 333 -19.51 -20.92 40.91
C GLY E 333 -19.83 -21.02 39.43
N PHE E 334 -19.31 -22.07 38.78
CA PHE E 334 -19.56 -22.25 37.34
C PHE E 334 -21.05 -22.49 37.09
N PRO E 335 -21.69 -21.61 36.31
CA PRO E 335 -23.11 -21.83 36.03
C PRO E 335 -23.30 -22.95 35.01
N PRO E 336 -24.37 -23.75 35.16
CA PRO E 336 -24.63 -24.87 34.25
C PRO E 336 -25.07 -24.42 32.86
N LYS E 337 -25.58 -23.20 32.79
CA LYS E 337 -26.11 -22.67 31.53
C LYS E 337 -24.98 -22.11 30.68
N ALA E 338 -23.76 -22.23 31.18
CA ALA E 338 -22.58 -21.70 30.50
C ALA E 338 -22.22 -22.58 29.32
N ILE E 339 -22.37 -23.89 29.49
CA ILE E 339 -22.01 -24.84 28.46
C ILE E 339 -23.00 -24.81 27.30
N LYS E 340 -22.46 -24.59 26.10
CA LYS E 340 -23.29 -24.43 24.91
C LYS E 340 -22.91 -25.45 23.83
N PRO E 341 -23.53 -26.65 23.86
CA PRO E 341 -23.27 -27.65 22.83
C PRO E 341 -23.47 -27.09 21.41
N SER E 342 -22.51 -27.33 20.53
CA SER E 342 -22.51 -26.74 19.20
C SER E 342 -22.12 -27.76 18.13
N TYR E 343 -22.59 -27.51 16.91
CA TYR E 343 -22.32 -28.37 15.77
C TYR E 343 -21.69 -27.54 14.65
N GLY E 344 -20.82 -28.16 13.87
CA GLY E 344 -20.13 -27.46 12.80
C GLY E 344 -19.30 -28.36 11.90
N LEU E 345 -18.86 -27.79 10.77
CA LEU E 345 -18.05 -28.52 9.79
C LEU E 345 -17.00 -27.62 9.14
N ALA E 346 -16.04 -28.24 8.47
CA ALA E 346 -15.03 -27.51 7.73
C ALA E 346 -15.63 -27.04 6.41
N GLU E 347 -16.64 -27.78 5.96
CA GLU E 347 -17.35 -27.47 4.72
C GLU E 347 -18.26 -26.25 4.91
N ALA E 348 -18.67 -26.01 6.16
CA ALA E 348 -19.48 -24.84 6.54
C ALA E 348 -18.57 -23.70 7.02
N THR E 349 -17.29 -23.94 6.86
CA THR E 349 -16.16 -23.13 7.29
C THR E 349 -15.92 -23.20 8.78
N LEU E 350 -16.96 -23.13 9.59
CA LEU E 350 -16.94 -23.72 10.92
C LEU E 350 -18.33 -24.16 11.37
N PHE E 351 -19.13 -23.12 11.63
CA PHE E 351 -20.31 -23.15 12.48
C PHE E 351 -21.62 -23.39 11.76
N VAL E 352 -22.44 -24.28 12.33
CA VAL E 352 -23.76 -24.59 11.80
C VAL E 352 -24.82 -24.21 12.82
N SER E 353 -24.77 -24.85 13.99
CA SER E 353 -25.76 -24.62 15.03
C SER E 353 -25.13 -24.55 16.41
N THR E 354 -25.79 -23.86 17.33
CA THR E 354 -25.35 -23.76 18.72
C THR E 354 -26.51 -23.56 19.67
N THR E 355 -26.32 -23.92 20.93
CA THR E 355 -27.34 -23.76 21.96
C THR E 355 -27.57 -22.28 22.26
N PRO E 356 -28.85 -21.87 22.42
CA PRO E 356 -29.17 -20.46 22.67
C PRO E 356 -28.42 -19.89 23.89
N SER E 357 -28.17 -18.59 23.89
CA SER E 357 -27.32 -17.99 24.92
C SER E 357 -27.98 -18.00 26.28
N ALA E 358 -29.32 -17.93 26.29
CA ALA E 358 -30.07 -17.94 27.53
C ALA E 358 -30.41 -19.35 28.01
N GLU E 359 -30.78 -20.22 27.06
CA GLU E 359 -31.21 -21.57 27.38
C GLU E 359 -30.10 -22.41 28.00
N GLU E 360 -30.51 -23.44 28.76
CA GLU E 360 -29.58 -24.44 29.29
C GLU E 360 -29.51 -25.60 28.29
N PRO E 361 -28.41 -26.38 28.31
CA PRO E 361 -28.29 -27.50 27.38
C PRO E 361 -29.44 -28.50 27.46
N LYS E 362 -30.01 -28.81 26.31
CA LYS E 362 -31.11 -29.76 26.25
C LYS E 362 -30.55 -31.13 25.95
N ILE E 363 -30.69 -32.03 26.91
CA ILE E 363 -30.28 -33.41 26.73
C ILE E 363 -31.52 -34.27 26.91
N ILE E 364 -31.80 -35.13 25.93
CA ILE E 364 -32.94 -36.03 25.99
C ILE E 364 -32.41 -37.45 26.07
N THR E 365 -33.32 -38.40 26.24
CA THR E 365 -32.96 -39.82 26.26
C THR E 365 -33.89 -40.54 25.32
N VAL E 366 -33.32 -41.30 24.40
CA VAL E 366 -34.08 -41.92 23.33
C VAL E 366 -33.97 -43.44 23.38
N ASP E 367 -35.01 -44.11 22.91
CA ASP E 367 -34.99 -45.56 22.86
C ASP E 367 -33.91 -45.99 21.89
N ARG E 368 -33.01 -46.84 22.35
CA ARG E 368 -31.88 -47.27 21.54
C ARG E 368 -32.34 -48.08 20.31
N ASP E 369 -33.34 -48.94 20.49
CA ASP E 369 -33.83 -49.76 19.40
C ASP E 369 -34.52 -48.88 18.36
N GLN E 370 -35.14 -47.80 18.80
CA GLN E 370 -35.85 -46.88 17.92
C GLN E 370 -34.88 -45.98 17.16
N LEU E 371 -33.80 -45.62 17.83
CA LEU E 371 -32.78 -44.75 17.24
C LEU E 371 -32.07 -45.45 16.09
N ASN E 372 -31.76 -46.73 16.29
CA ASN E 372 -31.08 -47.50 15.26
C ASN E 372 -31.96 -47.83 14.07
N SER E 373 -33.27 -47.81 14.27
CA SER E 373 -34.20 -48.06 13.17
C SER E 373 -34.55 -46.83 12.35
N GLY E 374 -34.53 -45.65 12.98
CA GLY E 374 -35.49 -44.64 12.59
C GLY E 374 -35.62 -43.50 13.57
N ARG E 375 -36.87 -43.04 13.69
CA ARG E 375 -37.28 -41.94 14.55
C ARG E 375 -36.69 -41.91 15.96
N ILE E 376 -36.44 -40.69 16.42
CA ILE E 376 -35.95 -40.42 17.77
C ILE E 376 -37.12 -40.12 18.71
N VAL E 377 -37.31 -41.04 19.65
CA VAL E 377 -38.43 -41.06 20.57
C VAL E 377 -38.00 -41.05 22.04
N GLU E 378 -38.49 -40.07 22.78
CA GLU E 378 -38.10 -39.87 24.17
C GLU E 378 -38.47 -41.08 25.02
N VAL E 379 -37.62 -41.42 25.99
CA VAL E 379 -37.91 -42.49 26.93
C VAL E 379 -37.39 -42.12 28.32
N ASP E 380 -37.85 -42.82 29.35
CA ASP E 380 -37.39 -42.55 30.72
C ASP E 380 -35.89 -42.80 30.85
N ALA E 381 -35.22 -42.02 31.69
CA ALA E 381 -33.77 -42.06 31.80
C ALA E 381 -33.23 -43.35 32.39
N ASP E 382 -33.93 -43.92 33.36
CA ASP E 382 -33.46 -45.13 34.02
C ASP E 382 -33.68 -46.37 33.17
N SER E 383 -34.42 -46.22 32.07
CA SER E 383 -34.73 -47.36 31.20
C SER E 383 -33.47 -48.07 30.74
N PRO E 384 -33.50 -49.41 30.68
CA PRO E 384 -32.30 -50.16 30.30
C PRO E 384 -31.89 -49.86 28.87
N LYS E 385 -32.85 -49.60 27.99
CA LYS E 385 -32.50 -49.14 26.65
C LYS E 385 -32.76 -47.63 26.59
N ALA E 386 -31.74 -46.88 26.94
CA ALA E 386 -31.80 -45.43 26.89
C ALA E 386 -30.45 -44.90 26.42
N VAL E 387 -30.48 -43.94 25.50
CA VAL E 387 -29.27 -43.30 25.02
C VAL E 387 -29.39 -41.79 25.17
N ALA E 388 -28.42 -41.20 25.84
CA ALA E 388 -28.41 -39.75 26.02
C ALA E 388 -28.12 -39.08 24.68
N GLN E 389 -28.81 -37.98 24.42
CA GLN E 389 -28.60 -37.20 23.20
C GLN E 389 -28.59 -35.72 23.52
N ALA E 390 -27.53 -35.04 23.10
CA ALA E 390 -27.39 -33.61 23.35
C ALA E 390 -27.72 -32.81 22.08
N SER E 391 -28.63 -31.85 22.22
CA SER E 391 -29.02 -31.00 21.10
C SER E 391 -27.85 -30.12 20.69
N ALA E 392 -27.76 -29.84 19.39
CA ALA E 392 -26.74 -28.93 18.91
C ALA E 392 -27.31 -27.51 18.87
N GLY E 393 -28.55 -27.36 19.33
CA GLY E 393 -29.17 -26.05 19.46
C GLY E 393 -29.86 -25.57 18.19
N LYS E 394 -29.85 -24.25 18.01
CA LYS E 394 -30.55 -23.61 16.90
C LYS E 394 -29.58 -23.25 15.78
N VAL E 395 -30.05 -23.37 14.54
CA VAL E 395 -29.25 -23.06 13.36
C VAL E 395 -28.91 -21.58 13.29
N GLY E 396 -27.72 -21.26 12.79
CA GLY E 396 -27.26 -19.89 12.72
C GLY E 396 -28.03 -19.04 11.72
N ILE E 397 -27.78 -17.74 11.74
CA ILE E 397 -28.45 -16.82 10.83
C ILE E 397 -27.99 -17.01 9.39
N ALA E 398 -28.92 -16.82 8.46
CA ALA E 398 -28.65 -16.85 7.02
C ALA E 398 -28.06 -18.18 6.53
N GLU E 399 -28.31 -19.24 7.27
CA GLU E 399 -27.94 -20.59 6.85
C GLU E 399 -29.04 -21.56 7.25
N TRP E 400 -29.16 -22.65 6.51
CA TRP E 400 -30.22 -23.62 6.75
C TRP E 400 -29.69 -25.04 6.80
N ALA E 401 -30.25 -25.82 7.72
CA ALA E 401 -29.92 -27.23 7.84
C ALA E 401 -31.22 -28.00 7.75
N VAL E 402 -31.24 -29.00 6.89
CA VAL E 402 -32.41 -29.81 6.67
C VAL E 402 -32.07 -31.28 6.81
N ILE E 403 -33.06 -32.03 7.24
CA ILE E 403 -32.92 -33.47 7.35
C ILE E 403 -33.59 -34.13 6.15
N VAL E 404 -32.79 -34.89 5.40
CA VAL E 404 -33.21 -35.38 4.09
C VAL E 404 -33.09 -36.89 3.95
N ASP E 405 -33.89 -37.45 3.06
CA ASP E 405 -33.73 -38.83 2.64
C ASP E 405 -32.80 -38.81 1.44
N ALA E 406 -31.53 -39.06 1.70
CA ALA E 406 -30.45 -38.95 0.71
C ALA E 406 -30.75 -39.53 -0.67
N GLU E 407 -31.40 -40.68 -0.72
CA GLU E 407 -31.61 -41.37 -2.00
C GLU E 407 -32.66 -40.64 -2.84
N SER E 408 -33.74 -40.21 -2.20
CA SER E 408 -34.83 -39.52 -2.90
C SER E 408 -34.61 -38.01 -2.90
N ALA E 409 -33.63 -37.55 -2.14
CA ALA E 409 -33.35 -36.13 -1.99
C ALA E 409 -34.61 -35.37 -1.56
N THR E 410 -35.39 -36.00 -0.70
CA THR E 410 -36.64 -35.43 -0.21
C THR E 410 -36.56 -35.19 1.28
N GLU E 411 -37.09 -34.04 1.71
CA GLU E 411 -37.05 -33.68 3.12
C GLU E 411 -37.93 -34.61 3.96
N LEU E 412 -37.39 -35.06 5.08
CA LEU E 412 -38.10 -35.93 6.00
C LEU E 412 -38.84 -35.13 7.06
N PRO E 413 -39.88 -35.73 7.68
CA PRO E 413 -40.56 -35.05 8.79
C PRO E 413 -39.69 -35.01 10.05
N ASP E 414 -39.95 -34.06 10.95
CA ASP E 414 -39.18 -33.97 12.19
C ASP E 414 -39.32 -35.20 13.06
N GLY E 415 -38.20 -35.61 13.65
CA GLY E 415 -38.19 -36.74 14.56
C GLY E 415 -37.66 -38.02 13.94
N GLN E 416 -37.69 -38.10 12.61
CA GLN E 416 -37.18 -39.25 11.88
C GLN E 416 -35.78 -38.90 11.41
N VAL E 417 -34.83 -39.83 11.53
CA VAL E 417 -33.43 -39.52 11.23
C VAL E 417 -33.09 -39.72 9.75
N GLY E 418 -32.26 -38.82 9.24
CA GLY E 418 -31.77 -38.85 7.88
C GLY E 418 -30.47 -38.07 7.82
N GLU E 419 -29.93 -37.89 6.61
CA GLU E 419 -28.70 -37.13 6.43
C GLU E 419 -28.92 -35.64 6.55
N ILE E 420 -28.02 -34.96 7.24
CA ILE E 420 -28.09 -33.50 7.36
C ILE E 420 -27.49 -32.87 6.10
N TRP E 421 -28.27 -32.01 5.46
CA TRP E 421 -27.78 -31.20 4.35
C TRP E 421 -27.78 -29.75 4.82
N ILE E 422 -26.78 -28.97 4.39
CA ILE E 422 -26.67 -27.58 4.82
C ILE E 422 -26.51 -26.61 3.63
N SER E 423 -27.07 -25.41 3.76
CA SER E 423 -26.99 -24.41 2.69
C SER E 423 -26.86 -22.98 3.24
N GLY E 424 -26.06 -22.18 2.57
CA GLY E 424 -25.81 -20.81 2.98
C GLY E 424 -24.60 -20.22 2.28
N GLN E 425 -24.39 -18.92 2.43
CA GLN E 425 -23.27 -18.24 1.79
C GLN E 425 -21.92 -18.54 2.47
N ASN E 426 -21.95 -19.15 3.65
CA ASN E 426 -20.73 -19.52 4.37
C ASN E 426 -20.18 -20.88 3.95
N MET E 427 -20.90 -21.58 3.07
CA MET E 427 -20.49 -22.90 2.62
C MET E 427 -19.30 -22.80 1.66
N GLY E 428 -18.37 -23.74 1.76
CA GLY E 428 -17.16 -23.74 0.95
C GLY E 428 -17.37 -23.93 -0.55
N THR E 429 -16.30 -23.69 -1.30
CA THR E 429 -16.30 -23.71 -2.77
C THR E 429 -15.96 -25.10 -3.31
N GLY E 430 -15.83 -26.06 -2.40
CA GLY E 430 -15.49 -27.43 -2.76
C GLY E 430 -14.14 -27.84 -2.24
N TYR E 431 -13.72 -29.05 -2.62
CA TYR E 431 -12.44 -29.59 -2.18
C TYR E 431 -11.32 -29.33 -3.19
N TRP E 432 -10.15 -28.96 -2.67
CA TRP E 432 -8.99 -28.64 -3.50
C TRP E 432 -8.49 -29.86 -4.24
N GLY E 433 -8.39 -29.74 -5.57
CA GLY E 433 -7.83 -30.78 -6.40
C GLY E 433 -8.68 -32.03 -6.51
N LYS E 434 -9.91 -31.94 -5.99
CA LYS E 434 -10.87 -33.03 -6.05
C LYS E 434 -12.16 -32.56 -6.73
N PRO E 435 -12.16 -32.52 -8.06
CA PRO E 435 -13.31 -31.94 -8.78
C PRO E 435 -14.61 -32.74 -8.62
N GLU E 436 -14.52 -34.05 -8.77
CA GLU E 436 -15.70 -34.92 -8.75
C GLU E 436 -16.36 -34.92 -7.37
N GLU E 437 -15.56 -35.13 -6.34
CA GLU E 437 -16.03 -35.19 -4.97
C GLU E 437 -16.71 -33.88 -4.58
N SER E 438 -16.21 -32.78 -5.13
CA SER E 438 -16.72 -31.46 -4.81
C SER E 438 -18.18 -31.26 -5.24
N VAL E 439 -18.52 -31.71 -6.44
CA VAL E 439 -19.87 -31.51 -6.95
C VAL E 439 -20.85 -32.34 -6.14
N ALA E 440 -20.47 -33.57 -5.84
CA ALA E 440 -21.36 -34.48 -5.13
C ALA E 440 -21.61 -33.96 -3.73
N THR E 441 -20.57 -33.41 -3.11
CA THR E 441 -20.70 -32.92 -1.74
C THR E 441 -21.38 -31.55 -1.67
N PHE E 442 -20.86 -30.59 -2.43
CA PHE E 442 -21.28 -29.20 -2.29
C PHE E 442 -22.41 -28.70 -3.21
N GLN E 443 -22.72 -29.46 -4.27
CA GLN E 443 -23.83 -29.12 -5.15
C GLN E 443 -24.92 -30.18 -5.07
N ASN E 444 -26.02 -29.84 -4.41
CA ASN E 444 -27.16 -30.74 -4.32
C ASN E 444 -28.45 -29.93 -4.32
N ILE E 445 -29.45 -30.43 -5.05
CA ILE E 445 -30.73 -29.75 -5.22
C ILE E 445 -31.83 -30.46 -4.44
N LEU E 446 -32.74 -29.68 -3.87
CA LEU E 446 -33.84 -30.20 -3.06
C LEU E 446 -35.04 -30.58 -3.93
N LYS E 447 -35.37 -31.86 -3.95
CA LYS E 447 -36.45 -32.35 -4.79
C LYS E 447 -37.81 -32.10 -4.12
N SER E 448 -37.81 -32.15 -2.79
CA SER E 448 -39.04 -31.99 -2.01
C SER E 448 -38.83 -31.32 -0.65
N ARG E 449 -39.84 -30.57 -0.20
CA ARG E 449 -39.83 -29.94 1.11
C ARG E 449 -41.03 -30.47 1.91
N THR E 450 -41.05 -30.25 3.22
CA THR E 450 -42.18 -30.69 4.05
C THR E 450 -43.17 -29.54 4.16
N ASN E 451 -44.30 -29.79 4.83
CA ASN E 451 -45.38 -28.80 4.86
C ASN E 451 -44.94 -27.44 5.45
N PRO E 452 -44.44 -27.43 6.70
CA PRO E 452 -43.77 -26.20 7.15
C PRO E 452 -42.33 -26.13 6.64
N SER E 453 -41.79 -27.34 6.49
CA SER E 453 -40.41 -27.69 6.14
C SER E 453 -39.34 -26.93 6.93
N HIS E 454 -38.09 -27.03 6.47
CA HIS E 454 -36.96 -26.30 7.05
C HIS E 454 -36.20 -25.39 6.09
N ALA E 455 -36.56 -25.42 4.80
CA ALA E 455 -35.82 -24.65 3.81
C ALA E 455 -36.37 -23.25 3.66
N GLU E 456 -37.36 -22.92 4.49
CA GLU E 456 -37.98 -21.61 4.43
C GLU E 456 -36.94 -20.53 4.66
N GLY E 457 -36.88 -19.58 3.73
CA GLY E 457 -35.93 -18.48 3.78
C GLY E 457 -34.81 -18.68 2.77
N ALA E 458 -34.66 -19.92 2.30
CA ALA E 458 -33.63 -20.27 1.32
C ALA E 458 -34.30 -20.36 -0.03
N THR E 459 -33.59 -19.99 -1.09
CA THR E 459 -34.17 -20.04 -2.42
C THR E 459 -34.52 -21.50 -2.70
N ASP E 460 -35.60 -21.70 -3.43
CA ASP E 460 -36.02 -23.05 -3.80
C ASP E 460 -34.94 -23.65 -4.71
N ASP E 461 -34.18 -22.77 -5.35
CA ASP E 461 -33.13 -23.15 -6.29
C ASP E 461 -31.69 -23.19 -5.71
N ALA E 462 -31.55 -23.05 -4.39
CA ALA E 462 -30.20 -22.93 -3.80
C ALA E 462 -29.56 -24.28 -3.53
N THR E 463 -28.22 -24.27 -3.51
CA THR E 463 -27.43 -25.48 -3.36
C THR E 463 -27.30 -25.93 -1.92
N TRP E 464 -27.35 -27.24 -1.73
CA TRP E 464 -27.16 -27.85 -0.43
C TRP E 464 -25.91 -28.73 -0.39
N VAL E 465 -25.24 -28.72 0.76
CA VAL E 465 -24.02 -29.50 0.98
C VAL E 465 -24.30 -30.73 1.85
N ARG E 466 -23.91 -31.92 1.38
CA ARG E 466 -24.07 -33.15 2.16
C ARG E 466 -22.98 -33.26 3.24
N THR E 467 -23.37 -33.28 4.50
CA THR E 467 -22.43 -33.19 5.61
C THR E 467 -21.75 -34.53 5.89
N GLY E 468 -22.46 -35.61 5.63
CA GLY E 468 -21.97 -36.94 5.95
C GLY E 468 -22.31 -37.30 7.38
N ASP E 469 -23.25 -36.56 7.96
CA ASP E 469 -23.68 -36.79 9.34
C ASP E 469 -25.17 -37.09 9.39
N TYR E 470 -25.54 -38.10 10.17
CA TYR E 470 -26.94 -38.38 10.44
C TYR E 470 -27.39 -37.51 11.61
N GLY E 471 -28.63 -37.04 11.53
CA GLY E 471 -29.19 -36.21 12.56
C GLY E 471 -30.71 -36.16 12.43
N ALA E 472 -31.34 -35.38 13.30
CA ALA E 472 -32.78 -35.19 13.24
C ALA E 472 -33.19 -33.93 13.95
N PHE E 473 -34.39 -33.45 13.62
CA PHE E 473 -34.99 -32.33 14.31
C PHE E 473 -36.01 -32.88 15.30
N TYR E 474 -35.97 -32.38 16.54
CA TYR E 474 -36.97 -32.76 17.53
C TYR E 474 -37.35 -31.50 18.32
N ASP E 475 -38.61 -31.42 18.74
CA ASP E 475 -39.16 -30.30 19.54
C ASP E 475 -38.48 -28.95 19.27
N GLY E 476 -38.05 -28.73 18.03
CA GLY E 476 -37.46 -27.47 17.64
C GLY E 476 -35.95 -27.43 17.71
N ASP E 477 -35.34 -28.52 18.17
CA ASP E 477 -33.89 -28.62 18.31
C ASP E 477 -33.28 -29.57 17.29
N LEU E 478 -32.04 -29.30 16.90
CA LEU E 478 -31.30 -30.15 15.99
C LEU E 478 -30.41 -31.12 16.77
N TYR E 479 -30.56 -32.42 16.48
CA TYR E 479 -29.76 -33.47 17.13
C TYR E 479 -28.91 -34.22 16.11
N ILE E 480 -27.62 -34.39 16.39
CA ILE E 480 -26.72 -35.14 15.50
C ILE E 480 -26.37 -36.50 16.09
N THR E 481 -26.83 -37.55 15.43
CA THR E 481 -26.66 -38.91 15.93
C THR E 481 -25.31 -39.55 15.60
N GLY E 482 -24.60 -39.01 14.59
CA GLY E 482 -23.28 -39.52 14.23
C GLY E 482 -22.96 -39.49 12.75
N ARG E 483 -21.78 -40.05 12.39
CA ARG E 483 -21.29 -40.03 11.01
C ARG E 483 -21.65 -41.28 10.23
N VAL E 484 -22.03 -41.10 8.96
CA VAL E 484 -22.50 -42.21 8.13
C VAL E 484 -21.39 -43.22 7.80
N LYS E 485 -20.18 -42.72 7.59
CA LYS E 485 -19.05 -43.56 7.22
C LYS E 485 -18.62 -44.47 8.38
N ASP E 486 -18.89 -44.02 9.59
CA ASP E 486 -18.47 -44.73 10.80
C ASP E 486 -19.55 -45.69 11.30
N LEU E 487 -20.68 -45.74 10.59
CA LEU E 487 -21.81 -46.58 11.00
C LEU E 487 -21.46 -48.06 11.00
N VAL E 488 -21.95 -48.72 12.04
CA VAL E 488 -21.64 -50.10 12.38
C VAL E 488 -22.71 -51.08 11.87
N ILE E 489 -23.45 -50.71 10.82
CA ILE E 489 -24.45 -51.62 10.26
C ILE E 489 -23.93 -53.05 10.23
N ILE E 490 -24.66 -53.90 10.95
CA ILE E 490 -24.32 -55.30 11.11
C ILE E 490 -25.51 -56.21 10.83
N ASP E 491 -25.31 -57.15 9.92
CA ASP E 491 -26.33 -58.17 9.62
C ASP E 491 -27.67 -57.56 9.24
N GLY E 492 -27.62 -56.29 8.80
CA GLY E 492 -28.78 -55.59 8.29
C GLY E 492 -29.37 -54.56 9.23
N ARG E 493 -29.06 -54.70 10.52
CA ARG E 493 -29.52 -53.75 11.52
C ARG E 493 -28.40 -52.81 11.98
N ASN E 494 -28.77 -51.56 12.23
CA ASN E 494 -27.82 -50.49 12.58
C ASN E 494 -27.41 -50.42 14.05
N HIS E 495 -26.16 -50.01 14.27
CA HIS E 495 -25.61 -49.73 15.59
C HIS E 495 -24.75 -48.48 15.48
N TYR E 496 -24.91 -47.55 16.41
CA TYR E 496 -24.04 -46.37 16.47
C TYR E 496 -22.78 -46.64 17.28
N PRO E 497 -21.60 -46.24 16.76
CA PRO E 497 -20.35 -46.61 17.42
C PRO E 497 -20.21 -46.06 18.84
N GLN E 498 -20.76 -44.89 19.12
CA GLN E 498 -20.57 -44.28 20.43
C GLN E 498 -21.25 -45.05 21.56
N ASP E 499 -22.42 -45.62 21.31
CA ASP E 499 -23.12 -46.38 22.34
C ASP E 499 -22.36 -47.68 22.62
N LEU E 500 -21.89 -48.33 21.56
CA LEU E 500 -21.13 -49.57 21.71
C LEU E 500 -19.86 -49.32 22.51
N GLU E 501 -19.16 -48.24 22.17
CA GLU E 501 -17.89 -47.90 22.81
C GLU E 501 -18.13 -47.50 24.25
N TYR E 502 -19.29 -46.90 24.50
CA TYR E 502 -19.69 -46.48 25.83
C TYR E 502 -19.93 -47.71 26.70
N SER E 503 -20.66 -48.68 26.16
CA SER E 503 -20.93 -49.94 26.85
C SER E 503 -19.66 -50.77 27.02
N ALA E 504 -18.75 -50.67 26.05
CA ALA E 504 -17.47 -51.36 26.11
C ALA E 504 -16.61 -50.84 27.24
N GLN E 505 -16.57 -49.52 27.38
CA GLN E 505 -15.75 -48.90 28.40
C GLN E 505 -16.30 -49.12 29.81
N GLU E 506 -17.63 -49.20 29.93
CA GLU E 506 -18.26 -49.32 31.24
C GLU E 506 -18.19 -50.75 31.74
N ALA E 507 -17.69 -51.65 30.90
CA ALA E 507 -17.60 -53.06 31.24
C ALA E 507 -16.39 -53.33 32.13
N SER E 508 -15.24 -52.73 31.77
CA SER E 508 -14.01 -52.92 32.54
C SER E 508 -13.31 -51.59 32.79
N LYS E 509 -12.82 -51.44 34.02
CA LYS E 509 -12.18 -50.20 34.45
C LYS E 509 -10.74 -50.17 33.97
N ALA E 510 -10.34 -51.22 33.26
CA ALA E 510 -8.98 -51.36 32.78
C ALA E 510 -8.71 -50.53 31.52
N ILE E 511 -9.76 -50.06 30.84
CA ILE E 511 -9.52 -49.34 29.59
C ILE E 511 -9.37 -47.83 29.78
N ARG E 512 -8.14 -47.36 29.72
CA ARG E 512 -7.77 -45.93 29.63
C ARG E 512 -8.72 -44.98 30.35
N THR E 513 -8.97 -43.88 29.66
CA THR E 513 -10.26 -43.23 29.60
C THR E 513 -10.38 -42.85 28.13
N GLY E 514 -11.39 -43.38 27.46
CA GLY E 514 -11.51 -43.16 26.02
C GLY E 514 -10.58 -44.12 25.30
N TYR E 515 -10.28 -43.81 24.03
CA TYR E 515 -9.37 -44.61 23.20
C TYR E 515 -10.01 -45.84 22.57
N VAL E 516 -11.31 -46.06 22.81
CA VAL E 516 -11.99 -47.26 22.32
C VAL E 516 -12.64 -46.99 20.97
N ALA E 517 -12.59 -47.96 20.08
CA ALA E 517 -13.18 -47.83 18.75
C ALA E 517 -13.96 -49.06 18.31
N ALA E 518 -15.22 -48.86 17.93
CA ALA E 518 -16.07 -49.94 17.44
C ALA E 518 -16.29 -49.80 15.94
N PHE E 519 -16.13 -50.90 15.22
CA PHE E 519 -16.30 -50.90 13.77
C PHE E 519 -16.63 -52.29 13.25
N SER E 520 -16.82 -52.39 11.94
CA SER E 520 -17.16 -53.65 11.30
C SER E 520 -16.16 -53.99 10.21
N VAL E 521 -15.78 -55.27 10.14
CA VAL E 521 -14.88 -55.76 9.10
C VAL E 521 -15.50 -57.00 8.48
N PRO E 522 -15.36 -57.17 7.16
CA PRO E 522 -15.92 -58.35 6.49
C PRO E 522 -15.33 -59.66 7.04
N ALA E 523 -16.21 -60.58 7.44
CA ALA E 523 -15.84 -61.87 8.03
C ALA E 523 -14.69 -62.55 7.29
N ASN E 524 -14.69 -62.43 5.97
CA ASN E 524 -13.65 -63.02 5.14
C ASN E 524 -12.30 -62.33 5.37
N GLN E 525 -12.35 -61.09 5.85
CA GLN E 525 -11.17 -60.29 6.14
C GLN E 525 -10.56 -60.62 7.50
N LEU E 526 -11.40 -61.09 8.44
CA LEU E 526 -10.96 -61.38 9.81
C LEU E 526 -9.70 -62.23 9.88
N PRO E 527 -8.84 -61.95 10.87
CA PRO E 527 -7.58 -62.69 10.98
C PRO E 527 -7.79 -64.14 11.41
N ASP E 528 -6.85 -65.01 11.04
CA ASP E 528 -6.98 -66.43 11.33
C ASP E 528 -7.07 -66.65 12.83
N GLU E 529 -6.44 -65.76 13.59
CA GLU E 529 -6.40 -65.84 15.04
C GLU E 529 -7.78 -65.80 15.70
N VAL E 530 -8.68 -65.00 15.13
CA VAL E 530 -10.02 -64.86 15.70
C VAL E 530 -10.80 -66.17 15.63
N PHE E 531 -10.63 -66.92 14.54
CA PHE E 531 -11.37 -68.17 14.35
C PHE E 531 -10.93 -69.27 15.32
N GLU E 532 -9.69 -69.15 15.80
CA GLU E 532 -9.12 -70.06 16.79
C GLU E 532 -9.59 -69.73 18.22
N ASN E 533 -10.11 -68.51 18.40
CA ASN E 533 -10.55 -67.98 19.70
C ASN E 533 -11.80 -68.66 20.29
N ALA E 534 -11.78 -68.86 21.61
CA ALA E 534 -12.83 -69.60 22.31
C ALA E 534 -14.16 -68.87 22.39
N HIS E 535 -14.15 -67.66 22.96
CA HIS E 535 -15.38 -66.90 23.14
C HIS E 535 -15.81 -66.33 21.78
N SER E 536 -15.01 -66.56 20.74
CA SER E 536 -15.27 -66.00 19.42
C SER E 536 -16.64 -66.38 18.88
N GLY E 537 -16.82 -67.63 18.45
CA GLY E 537 -18.13 -68.03 17.98
C GLY E 537 -18.30 -67.88 16.48
N ILE E 538 -17.18 -67.83 15.76
CA ILE E 538 -17.21 -67.71 14.30
C ILE E 538 -16.37 -68.81 13.67
N LYS E 539 -16.82 -69.30 12.51
CA LYS E 539 -16.15 -70.37 11.79
C LYS E 539 -15.60 -69.83 10.47
N ARG E 540 -14.79 -70.64 9.80
CA ARG E 540 -13.99 -70.16 8.69
C ARG E 540 -14.59 -70.42 7.30
N ASP E 541 -15.12 -69.38 6.67
CA ASP E 541 -15.53 -69.43 5.27
C ASP E 541 -14.77 -68.37 4.48
N PRO E 542 -13.94 -68.76 3.51
CA PRO E 542 -13.25 -67.74 2.72
C PRO E 542 -14.21 -66.95 1.82
N ASP E 543 -15.41 -67.49 1.62
CA ASP E 543 -16.42 -66.92 0.73
C ASP E 543 -17.42 -66.02 1.46
N ASP E 544 -17.18 -65.74 2.74
CA ASP E 544 -18.14 -65.01 3.59
C ASP E 544 -18.03 -63.49 3.51
N THR E 545 -19.11 -62.88 3.00
CA THR E 545 -19.19 -61.45 2.76
C THR E 545 -19.89 -60.65 3.88
N SER E 546 -20.13 -61.26 5.04
CA SER E 546 -20.96 -60.63 6.07
C SER E 546 -20.15 -59.84 7.08
N GLU E 547 -20.64 -58.65 7.42
CA GLU E 547 -19.97 -57.72 8.32
C GLU E 547 -19.96 -58.22 9.77
N GLN E 548 -18.81 -58.11 10.43
CA GLN E 548 -18.67 -58.55 11.83
C GLN E 548 -18.04 -57.48 12.73
N LEU E 549 -18.56 -57.37 13.96
CA LEU E 549 -18.14 -56.37 14.93
C LEU E 549 -16.80 -56.66 15.63
N VAL E 550 -15.89 -55.68 15.60
CA VAL E 550 -14.62 -55.75 16.32
C VAL E 550 -14.40 -54.49 17.17
N ILE E 551 -13.77 -54.66 18.33
CA ILE E 551 -13.49 -53.55 19.24
C ILE E 551 -12.02 -53.44 19.63
N VAL E 552 -11.45 -52.25 19.42
CA VAL E 552 -10.05 -51.97 19.77
C VAL E 552 -9.97 -50.92 20.88
N ALA E 553 -9.14 -51.15 21.89
CA ALA E 553 -9.06 -50.24 23.04
C ALA E 553 -7.65 -50.12 23.63
N GLU E 554 -7.26 -48.92 24.04
CA GLU E 554 -5.95 -48.71 24.67
C GLU E 554 -5.96 -49.09 26.15
N ARG E 555 -4.82 -49.54 26.67
CA ARG E 555 -4.70 -50.05 28.05
C ARG E 555 -3.83 -49.20 28.99
N ALA E 556 -4.43 -48.47 29.94
CA ALA E 556 -3.62 -47.68 30.88
C ALA E 556 -4.41 -47.35 32.15
N LEU E 562 -2.05 -55.79 33.49
CA LEU E 562 -3.19 -56.01 32.58
C LEU E 562 -3.45 -57.51 32.40
N ASP E 563 -4.72 -57.84 32.22
CA ASP E 563 -5.15 -59.23 32.06
C ASP E 563 -6.00 -59.34 30.79
N ILE E 564 -5.43 -59.95 29.74
CA ILE E 564 -6.10 -60.05 28.44
C ILE E 564 -7.34 -60.94 28.49
N GLY E 565 -7.25 -62.01 29.28
CA GLY E 565 -8.31 -62.99 29.33
C GLY E 565 -9.60 -62.56 30.02
N PRO E 566 -9.51 -62.02 31.24
CA PRO E 566 -10.74 -61.63 31.95
C PRO E 566 -11.49 -60.45 31.35
N ILE E 567 -10.76 -59.44 30.89
CA ILE E 567 -11.38 -58.26 30.30
C ILE E 567 -12.17 -58.55 29.03
N THR E 568 -11.60 -59.41 28.18
CA THR E 568 -12.21 -59.71 26.88
C THR E 568 -13.59 -60.35 27.00
N ASP E 569 -13.73 -61.28 27.95
CA ASP E 569 -15.01 -61.96 28.13
C ASP E 569 -16.02 -60.99 28.73
N ASP E 570 -15.54 -60.13 29.64
CA ASP E 570 -16.38 -59.12 30.29
C ASP E 570 -16.91 -58.08 29.31
N ILE E 571 -16.05 -57.61 28.41
CA ILE E 571 -16.42 -56.59 27.43
C ILE E 571 -17.47 -57.11 26.45
N ARG E 572 -17.26 -58.33 25.97
CA ARG E 572 -18.17 -58.98 25.03
C ARG E 572 -19.57 -59.12 25.62
N ALA E 573 -19.63 -59.48 26.89
CA ALA E 573 -20.88 -59.75 27.59
C ALA E 573 -21.74 -58.50 27.75
N ALA E 574 -21.13 -57.39 28.16
CA ALA E 574 -21.86 -56.17 28.43
C ALA E 574 -22.52 -55.63 27.16
N ILE E 575 -21.81 -55.71 26.04
CA ILE E 575 -22.33 -55.23 24.76
C ILE E 575 -23.41 -56.15 24.21
N ALA E 576 -23.21 -57.46 24.34
CA ALA E 576 -24.16 -58.44 23.83
C ALA E 576 -25.53 -58.22 24.46
N VAL E 577 -25.54 -57.90 25.76
CA VAL E 577 -26.78 -57.74 26.50
C VAL E 577 -27.46 -56.40 26.23
N ARG E 578 -26.67 -55.33 26.12
CA ARG E 578 -27.23 -53.99 25.97
C ARG E 578 -27.66 -53.70 24.53
N HIS E 579 -27.03 -54.40 23.59
CA HIS E 579 -27.14 -54.09 22.17
C HIS E 579 -27.73 -55.26 21.37
N GLY E 580 -27.10 -56.42 21.46
CA GLY E 580 -27.57 -57.57 20.72
C GLY E 580 -26.69 -57.94 19.54
N VAL E 581 -25.47 -57.40 19.52
CA VAL E 581 -24.46 -57.82 18.56
C VAL E 581 -23.33 -58.52 19.31
N THR E 582 -22.80 -59.58 18.72
CA THR E 582 -21.72 -60.34 19.33
C THR E 582 -20.37 -59.85 18.79
N VAL E 583 -19.49 -59.41 19.69
CA VAL E 583 -18.15 -58.98 19.29
C VAL E 583 -17.23 -60.20 19.09
N ARG E 584 -16.64 -60.30 17.90
CA ARG E 584 -15.78 -61.43 17.54
C ARG E 584 -14.36 -61.30 18.08
N ASP E 585 -13.83 -60.07 18.11
CA ASP E 585 -12.49 -59.84 18.63
C ASP E 585 -12.38 -58.52 19.40
N VAL E 586 -11.70 -58.57 20.54
CA VAL E 586 -11.34 -57.38 21.30
C VAL E 586 -9.81 -57.30 21.40
N LEU E 587 -9.26 -56.23 20.83
CA LEU E 587 -7.81 -56.04 20.74
C LEU E 587 -7.32 -54.97 21.69
N LEU E 588 -6.61 -55.39 22.74
CA LEU E 588 -6.08 -54.46 23.73
C LEU E 588 -4.67 -54.01 23.37
N THR E 589 -4.50 -52.69 23.26
CA THR E 589 -3.22 -52.10 22.88
C THR E 589 -2.74 -51.15 23.99
N ALA E 590 -1.49 -50.71 23.88
CA ALA E 590 -0.95 -49.76 24.84
C ALA E 590 -1.53 -48.37 24.57
N ALA E 591 -1.51 -47.51 25.57
CA ALA E 591 -2.04 -46.15 25.44
C ALA E 591 -1.31 -45.38 24.35
N GLY E 592 -2.08 -44.70 23.50
CA GLY E 592 -1.50 -43.88 22.44
C GLY E 592 -1.27 -44.64 21.14
N ALA E 593 -1.64 -45.92 21.11
CA ALA E 593 -1.43 -46.76 19.93
C ALA E 593 -2.50 -46.51 18.87
N ILE E 594 -3.73 -46.29 19.33
CA ILE E 594 -4.87 -46.07 18.44
C ILE E 594 -4.70 -44.77 17.63
N PRO E 595 -4.99 -44.82 16.31
CA PRO E 595 -4.87 -43.61 15.49
C PRO E 595 -5.79 -42.48 15.95
N ARG E 596 -5.27 -41.25 15.92
CA ARG E 596 -6.03 -40.06 16.32
C ARG E 596 -6.03 -39.04 15.18
N THR E 597 -6.57 -37.86 15.46
CA THR E 597 -6.69 -36.80 14.45
C THR E 597 -6.09 -35.50 14.95
N SER E 598 -6.06 -34.50 14.07
CA SER E 598 -5.62 -33.15 14.43
C SER E 598 -6.20 -32.72 15.77
N SER E 599 -7.52 -32.79 15.89
CA SER E 599 -8.22 -32.31 17.07
C SER E 599 -8.05 -33.24 18.29
N GLY E 600 -7.58 -34.46 18.07
CA GLY E 600 -7.36 -35.41 19.15
C GLY E 600 -8.41 -36.50 19.26
N LYS E 601 -9.38 -36.50 18.34
CA LYS E 601 -10.42 -37.53 18.34
C LYS E 601 -9.88 -38.76 17.64
N ILE E 602 -10.35 -39.94 18.04
CA ILE E 602 -9.89 -41.18 17.44
C ILE E 602 -10.45 -41.34 16.03
N GLY E 603 -9.59 -41.66 15.07
CA GLY E 603 -10.09 -42.02 13.76
C GLY E 603 -10.57 -43.46 13.82
N ARG E 604 -11.88 -43.65 13.76
CA ARG E 604 -12.47 -44.99 13.72
C ARG E 604 -11.97 -45.71 12.47
N ARG E 605 -12.42 -45.23 11.31
CA ARG E 605 -12.01 -45.74 10.00
C ARG E 605 -10.50 -46.03 9.90
N ALA E 606 -9.68 -45.20 10.53
CA ALA E 606 -8.23 -45.40 10.52
C ALA E 606 -7.79 -46.54 11.45
N CYS E 607 -8.48 -46.69 12.58
CA CYS E 607 -8.22 -47.79 13.53
C CYS E 607 -8.55 -49.13 12.88
N ARG E 608 -9.58 -49.13 12.04
CA ARG E 608 -9.95 -50.30 11.29
C ARG E 608 -8.78 -50.78 10.44
N ALA E 609 -8.12 -49.86 9.75
CA ALA E 609 -6.99 -50.19 8.89
C ALA E 609 -5.86 -50.89 9.66
N ALA E 610 -5.58 -50.42 10.87
CA ALA E 610 -4.52 -50.97 11.69
C ALA E 610 -4.83 -52.40 12.14
N TYR E 611 -6.11 -52.76 12.19
CA TYR E 611 -6.50 -54.09 12.62
C TYR E 611 -6.23 -55.09 11.50
N LEU E 612 -6.59 -54.74 10.27
CA LEU E 612 -6.34 -55.60 9.11
C LEU E 612 -4.88 -55.61 8.69
N ASP E 613 -4.22 -54.47 8.87
CA ASP E 613 -2.83 -54.31 8.44
C ASP E 613 -1.84 -55.04 9.34
N GLY E 614 -2.32 -55.58 10.45
CA GLY E 614 -1.45 -56.34 11.33
C GLY E 614 -0.47 -55.42 12.03
N SER E 615 -1.01 -54.41 12.70
CA SER E 615 -0.22 -53.48 13.47
C SER E 615 -0.19 -53.84 14.95
N LEU E 616 -0.98 -54.85 15.34
CA LEU E 616 -0.99 -55.36 16.70
C LEU E 616 -0.69 -56.85 16.73
N PRO F 6 -58.57 87.08 9.07
CA PRO F 6 -59.29 87.08 10.34
C PRO F 6 -59.51 85.67 10.92
N PHE F 7 -58.94 84.65 10.28
CA PHE F 7 -59.25 83.27 10.61
C PHE F 7 -58.48 82.73 11.82
N ILE F 8 -57.72 83.61 12.48
CA ILE F 8 -57.08 83.25 13.75
C ILE F 8 -58.01 83.77 14.84
N LYS F 9 -58.13 83.05 15.94
CA LYS F 9 -59.01 83.48 17.02
C LYS F 9 -58.23 83.81 18.28
N ASP F 10 -57.86 82.79 19.05
CA ASP F 10 -57.03 82.99 20.23
C ASP F 10 -55.92 81.94 20.33
N GLY F 11 -56.34 80.68 20.48
CA GLY F 11 -55.43 79.58 20.74
C GLY F 11 -55.19 78.68 19.55
N GLN F 12 -55.95 78.88 18.48
CA GLN F 12 -55.87 78.00 17.32
C GLN F 12 -56.45 78.65 16.08
N ILE F 13 -56.57 77.87 15.02
CA ILE F 13 -57.19 78.31 13.78
C ILE F 13 -58.52 77.60 13.67
N LYS F 14 -59.60 78.37 13.50
CA LYS F 14 -60.94 77.81 13.41
C LYS F 14 -61.75 78.57 12.36
N PHE F 15 -62.12 77.86 11.30
CA PHE F 15 -62.89 78.45 10.21
C PHE F 15 -64.40 78.29 10.45
N PRO F 16 -65.22 79.26 9.98
CA PRO F 16 -66.69 79.30 10.11
C PRO F 16 -67.42 78.16 9.40
N ASP F 17 -68.76 78.15 9.50
CA ASP F 17 -69.57 77.04 9.00
C ASP F 17 -69.59 76.85 7.47
N GLY F 18 -69.47 77.94 6.70
CA GLY F 18 -69.44 77.80 5.26
C GLY F 18 -68.17 77.05 4.89
N SER F 19 -67.04 77.62 5.32
CA SER F 19 -65.73 76.97 5.23
C SER F 19 -65.37 76.28 3.93
N SER F 20 -65.06 77.04 2.88
CA SER F 20 -64.62 76.43 1.63
C SER F 20 -63.73 77.35 0.82
N ILE F 21 -62.81 76.74 0.09
CA ILE F 21 -61.83 77.46 -0.70
C ILE F 21 -62.53 78.05 -1.92
N VAL F 22 -63.20 77.17 -2.67
CA VAL F 22 -63.93 77.55 -3.87
C VAL F 22 -64.83 78.75 -3.68
N ALA F 23 -65.56 78.77 -2.58
CA ALA F 23 -66.47 79.87 -2.32
C ALA F 23 -65.70 81.13 -1.94
N HIS F 24 -64.59 80.96 -1.24
CA HIS F 24 -63.79 82.09 -0.79
C HIS F 24 -63.12 82.78 -1.98
N VAL F 25 -62.58 81.99 -2.89
CA VAL F 25 -61.89 82.55 -4.06
C VAL F 25 -62.88 83.23 -4.97
N GLU F 26 -64.10 82.70 -5.01
CA GLU F 26 -65.14 83.29 -5.85
C GLU F 26 -65.51 84.66 -5.32
N ARG F 27 -65.59 84.80 -4.00
CA ARG F 27 -65.89 86.09 -3.38
C ARG F 27 -64.83 87.13 -3.75
N TRP F 28 -63.56 86.73 -3.67
CA TRP F 28 -62.45 87.60 -4.04
C TRP F 28 -62.47 87.98 -5.51
N ALA F 29 -62.91 87.04 -6.34
CA ALA F 29 -62.95 87.23 -7.78
C ALA F 29 -64.01 88.26 -8.16
N LYS F 30 -65.07 88.37 -7.36
CA LYS F 30 -66.15 89.30 -7.65
C LYS F 30 -65.77 90.72 -7.30
N VAL F 31 -65.08 90.88 -6.17
CA VAL F 31 -64.70 92.21 -5.69
C VAL F 31 -63.48 92.76 -6.43
N ARG F 32 -62.54 91.88 -6.77
CA ARG F 32 -61.30 92.28 -7.45
C ARG F 32 -61.41 92.16 -8.98
N GLY F 33 -62.64 92.07 -9.50
CA GLY F 33 -62.90 91.66 -10.87
C GLY F 33 -61.97 91.97 -12.03
N ASP F 34 -61.63 93.23 -12.29
CA ASP F 34 -60.81 93.55 -13.46
C ASP F 34 -59.31 93.57 -13.11
N LYS F 35 -58.99 93.35 -11.84
CA LYS F 35 -57.62 93.36 -11.35
C LYS F 35 -56.84 92.10 -11.75
N LEU F 36 -55.52 92.21 -11.75
CA LEU F 36 -54.64 91.11 -12.09
C LEU F 36 -54.67 89.99 -11.04
N ALA F 37 -54.80 88.75 -11.48
CA ALA F 37 -54.75 87.59 -10.60
C ALA F 37 -53.38 86.92 -10.67
N TYR F 38 -53.02 86.45 -11.86
CA TYR F 38 -51.72 85.82 -12.08
C TYR F 38 -50.96 86.44 -13.25
N ARG F 39 -49.63 86.48 -13.13
CA ARG F 39 -48.77 86.93 -14.24
C ARG F 39 -47.66 85.91 -14.51
N PHE F 40 -47.61 85.45 -15.76
CA PHE F 40 -46.60 84.48 -16.19
C PHE F 40 -45.58 85.11 -17.12
N LEU F 41 -44.31 85.01 -16.77
CA LEU F 41 -43.24 85.52 -17.60
C LEU F 41 -42.78 84.43 -18.53
N ASP F 42 -43.06 84.61 -19.82
CA ASP F 42 -42.79 83.61 -20.84
C ASP F 42 -41.47 83.91 -21.52
N PHE F 43 -40.46 83.10 -21.21
CA PHE F 43 -39.13 83.27 -21.76
C PHE F 43 -38.87 82.35 -22.95
N SER F 44 -39.88 81.59 -23.35
CA SER F 44 -39.70 80.61 -24.43
C SER F 44 -39.32 81.24 -25.77
N THR F 45 -40.20 82.06 -26.33
CA THR F 45 -39.92 82.73 -27.60
C THR F 45 -39.06 83.98 -27.37
N GLU F 46 -39.71 85.04 -26.91
CA GLU F 46 -39.04 86.26 -26.49
C GLU F 46 -37.93 86.00 -25.49
N ARG F 47 -36.75 86.56 -25.72
CA ARG F 47 -35.63 86.36 -24.80
C ARG F 47 -35.83 87.22 -23.56
N ASP F 48 -36.69 88.23 -23.68
CA ASP F 48 -36.94 89.13 -22.57
C ASP F 48 -38.12 88.55 -21.82
N GLY F 49 -39.31 88.72 -22.37
CA GLY F 49 -40.49 88.06 -21.84
C GLY F 49 -41.75 88.73 -22.29
N VAL F 50 -42.84 87.97 -22.29
CA VAL F 50 -44.14 88.53 -22.55
C VAL F 50 -44.98 88.20 -21.32
N PRO F 51 -45.19 89.20 -20.44
CA PRO F 51 -45.92 88.88 -19.22
C PRO F 51 -47.36 88.50 -19.54
N ARG F 52 -47.56 87.26 -19.98
CA ARG F 52 -48.92 86.82 -20.23
C ARG F 52 -49.61 86.71 -18.88
N ASP F 53 -50.62 87.54 -18.70
CA ASP F 53 -51.31 87.70 -17.42
C ASP F 53 -52.78 87.28 -17.50
N LEU F 54 -53.30 86.89 -16.34
CA LEU F 54 -54.67 86.45 -16.20
C LEU F 54 -55.31 87.19 -15.04
N THR F 55 -56.38 87.93 -15.33
CA THR F 55 -57.05 88.73 -14.31
C THR F 55 -58.00 87.89 -13.46
N TRP F 56 -58.55 88.50 -12.43
CA TRP F 56 -59.48 87.80 -11.54
C TRP F 56 -60.77 87.42 -12.24
N ALA F 57 -61.27 88.30 -13.09
CA ALA F 57 -62.48 88.02 -13.86
C ALA F 57 -62.23 86.85 -14.79
N GLN F 58 -61.11 86.91 -15.51
CA GLN F 58 -60.69 85.83 -16.39
C GLN F 58 -60.42 84.55 -15.59
N PHE F 59 -59.73 84.70 -14.47
CA PHE F 59 -59.33 83.57 -13.64
C PHE F 59 -60.54 82.75 -13.18
N SER F 60 -61.53 83.41 -12.59
CA SER F 60 -62.71 82.73 -12.06
C SER F 60 -63.49 82.05 -13.17
N ALA F 61 -63.57 82.70 -14.32
CA ALA F 61 -64.36 82.18 -15.43
C ALA F 61 -63.80 80.85 -15.91
N ARG F 62 -62.48 80.77 -16.00
CA ARG F 62 -61.84 79.58 -16.51
C ARG F 62 -61.91 78.46 -15.50
N ASN F 63 -61.77 78.79 -14.22
CA ASN F 63 -61.89 77.80 -13.16
C ASN F 63 -63.22 77.09 -13.24
N ARG F 64 -64.27 77.86 -13.48
CA ARG F 64 -65.63 77.33 -13.56
C ARG F 64 -65.82 76.54 -14.84
N ALA F 65 -65.18 76.99 -15.92
CA ALA F 65 -65.32 76.34 -17.21
C ALA F 65 -64.76 74.92 -17.19
N VAL F 66 -63.53 74.79 -16.67
CA VAL F 66 -62.91 73.48 -16.54
C VAL F 66 -63.65 72.60 -15.55
N ALA F 67 -64.06 73.20 -14.43
CA ALA F 67 -64.72 72.48 -13.36
C ALA F 67 -66.03 71.87 -13.82
N ALA F 68 -66.79 72.64 -14.57
CA ALA F 68 -68.08 72.18 -15.05
C ALA F 68 -67.91 70.99 -15.98
N ARG F 69 -66.90 71.06 -16.83
CA ARG F 69 -66.64 70.04 -17.82
C ARG F 69 -66.19 68.76 -17.13
N LEU F 70 -65.49 68.92 -16.00
CA LEU F 70 -65.04 67.78 -15.20
C LEU F 70 -66.22 67.10 -14.52
N GLN F 71 -67.12 67.92 -14.00
CA GLN F 71 -68.30 67.45 -13.29
C GLN F 71 -69.21 66.64 -14.21
N GLN F 72 -69.05 66.85 -15.51
CA GLN F 72 -69.88 66.14 -16.48
C GLN F 72 -69.42 64.70 -16.69
N VAL F 73 -68.10 64.50 -16.80
CA VAL F 73 -67.57 63.16 -17.08
C VAL F 73 -67.04 62.39 -15.86
N THR F 74 -66.99 63.02 -14.67
CA THR F 74 -66.46 62.35 -13.47
C THR F 74 -67.32 62.52 -12.22
N GLN F 75 -67.36 61.48 -11.40
CA GLN F 75 -68.06 61.53 -10.12
C GLN F 75 -67.12 61.94 -8.99
N PRO F 76 -67.68 62.50 -7.89
CA PRO F 76 -66.89 62.96 -6.74
C PRO F 76 -66.05 61.85 -6.10
N GLY F 77 -64.84 62.23 -5.65
CA GLY F 77 -63.92 61.29 -5.04
C GLY F 77 -62.93 60.74 -6.04
N ASP F 78 -63.21 60.98 -7.32
CA ASP F 78 -62.32 60.61 -8.39
C ASP F 78 -61.11 61.53 -8.38
N ARG F 79 -60.02 61.09 -8.99
CA ARG F 79 -58.81 61.90 -9.03
C ARG F 79 -58.61 62.44 -10.44
N VAL F 80 -58.33 63.74 -10.54
CA VAL F 80 -58.11 64.39 -11.82
C VAL F 80 -56.65 64.82 -11.82
N ALA F 81 -55.86 64.19 -12.68
CA ALA F 81 -54.42 64.45 -12.72
C ALA F 81 -54.09 65.64 -13.61
N ILE F 82 -53.19 66.48 -13.12
CA ILE F 82 -52.74 67.60 -13.91
C ILE F 82 -51.36 67.31 -14.49
N LEU F 83 -51.29 66.99 -15.78
CA LEU F 83 -50.01 66.89 -16.45
C LEU F 83 -49.88 67.97 -17.52
N CYS F 84 -49.23 69.08 -17.16
CA CYS F 84 -49.00 70.18 -18.08
C CYS F 84 -47.74 70.94 -17.64
N PRO F 85 -47.06 71.62 -18.57
CA PRO F 85 -45.89 72.40 -18.13
C PRO F 85 -46.28 73.61 -17.31
N GLN F 86 -45.29 74.37 -16.88
CA GLN F 86 -45.51 75.53 -16.03
C GLN F 86 -46.07 76.71 -16.83
N ASN F 87 -47.25 77.17 -16.45
CA ASN F 87 -47.93 78.26 -17.13
C ASN F 87 -49.24 78.54 -16.43
N LEU F 88 -50.06 79.40 -17.01
CA LEU F 88 -51.33 79.79 -16.39
C LEU F 88 -52.34 78.64 -16.35
N ASP F 89 -52.28 77.78 -17.36
CA ASP F 89 -53.26 76.70 -17.53
C ASP F 89 -53.13 75.65 -16.43
N TYR F 90 -51.95 75.58 -15.82
CA TYR F 90 -51.71 74.67 -14.70
C TYR F 90 -52.55 75.05 -13.49
N LEU F 91 -52.57 76.35 -13.20
CA LEU F 91 -53.30 76.85 -12.06
C LEU F 91 -54.80 76.76 -12.33
N VAL F 92 -55.17 76.99 -13.58
CA VAL F 92 -56.58 76.89 -13.99
C VAL F 92 -57.06 75.46 -13.89
N ALA F 93 -56.18 74.51 -14.19
CA ALA F 93 -56.53 73.11 -14.10
C ALA F 93 -56.66 72.69 -12.64
N PHE F 94 -55.75 73.17 -11.80
CA PHE F 94 -55.77 72.83 -10.39
C PHE F 94 -57.01 73.36 -9.70
N PHE F 95 -57.23 74.65 -9.80
CA PHE F 95 -58.39 75.27 -9.20
C PHE F 95 -59.66 74.66 -9.78
N GLY F 96 -59.66 74.39 -11.08
CA GLY F 96 -60.79 73.77 -11.73
C GLY F 96 -61.20 72.45 -11.10
N ALA F 97 -60.22 71.65 -10.71
CA ALA F 97 -60.48 70.37 -10.07
C ALA F 97 -61.14 70.58 -8.70
N LEU F 98 -60.69 71.60 -7.98
CA LEU F 98 -61.25 71.94 -6.68
C LEU F 98 -62.68 72.48 -6.84
N TYR F 99 -62.84 73.34 -7.84
CA TYR F 99 -64.14 73.90 -8.20
C TYR F 99 -65.11 72.77 -8.53
N ALA F 100 -64.60 71.74 -9.20
CA ALA F 100 -65.42 70.62 -9.64
C ALA F 100 -65.85 69.75 -8.48
N GLY F 101 -65.07 69.77 -7.41
CA GLY F 101 -65.35 68.95 -6.25
C GLY F 101 -64.63 67.63 -6.32
N ARG F 102 -63.68 67.53 -7.24
CA ARG F 102 -62.87 66.33 -7.37
C ARG F 102 -61.56 66.55 -6.61
N ILE F 103 -60.73 65.50 -6.52
CA ILE F 103 -59.43 65.64 -5.85
C ILE F 103 -58.30 65.71 -6.86
N ALA F 104 -57.61 66.84 -6.85
CA ALA F 104 -56.49 67.09 -7.76
C ALA F 104 -55.22 66.36 -7.33
N VAL F 105 -54.42 65.97 -8.32
CA VAL F 105 -53.09 65.42 -8.06
C VAL F 105 -52.10 66.10 -9.02
N PRO F 106 -51.50 67.23 -8.59
CA PRO F 106 -50.58 67.95 -9.46
C PRO F 106 -49.38 67.11 -9.87
N LEU F 107 -49.10 67.11 -11.16
CA LEU F 107 -48.02 66.34 -11.76
C LEU F 107 -47.38 67.18 -12.85
N PHE F 108 -46.55 66.57 -13.68
CA PHE F 108 -45.82 67.32 -14.70
C PHE F 108 -46.06 66.82 -16.12
N ASP F 109 -45.52 67.57 -17.07
CA ASP F 109 -45.70 67.32 -18.50
C ASP F 109 -44.91 66.11 -18.99
N PRO F 110 -45.60 65.12 -19.61
CA PRO F 110 -44.81 63.98 -20.09
C PRO F 110 -44.08 64.28 -21.41
N SER F 111 -43.57 65.49 -21.54
CA SER F 111 -42.82 65.89 -22.73
C SER F 111 -41.34 65.91 -22.40
N GLU F 112 -40.97 66.83 -21.50
CA GLU F 112 -39.57 66.99 -21.08
C GLU F 112 -38.97 65.62 -20.81
N PRO F 113 -37.75 65.40 -21.31
CA PRO F 113 -37.20 64.04 -21.33
C PRO F 113 -37.01 63.35 -19.99
N GLY F 114 -37.05 64.07 -18.86
CA GLY F 114 -36.69 63.38 -17.63
C GLY F 114 -37.67 62.31 -17.23
N HIS F 115 -37.21 61.08 -17.44
CA HIS F 115 -37.80 59.82 -16.96
C HIS F 115 -39.33 59.88 -16.73
N VAL F 116 -40.06 59.74 -17.82
CA VAL F 116 -41.53 59.72 -17.81
C VAL F 116 -42.10 58.54 -17.00
N GLY F 117 -41.22 57.77 -16.38
CA GLY F 117 -41.59 56.63 -15.56
C GLY F 117 -42.23 56.99 -14.24
N ARG F 118 -41.96 58.18 -13.70
CA ARG F 118 -42.60 58.55 -12.44
C ARG F 118 -44.09 58.69 -12.67
N LEU F 119 -44.47 59.21 -13.83
CA LEU F 119 -45.87 59.45 -14.10
C LEU F 119 -46.59 58.12 -14.22
N HIS F 120 -45.93 57.14 -14.81
CA HIS F 120 -46.51 55.81 -14.91
C HIS F 120 -46.70 55.23 -13.52
N ALA F 121 -45.67 55.36 -12.68
CA ALA F 121 -45.68 54.75 -11.35
C ALA F 121 -46.67 55.43 -10.42
N VAL F 122 -46.78 56.75 -10.54
CA VAL F 122 -47.69 57.52 -9.70
C VAL F 122 -49.13 57.28 -10.13
N LEU F 123 -49.36 57.27 -11.44
CA LEU F 123 -50.71 57.06 -11.96
C LEU F 123 -51.24 55.68 -11.59
N ASP F 124 -50.35 54.70 -11.49
CA ASP F 124 -50.74 53.35 -11.10
C ASP F 124 -51.23 53.35 -9.66
N ASN F 125 -50.74 54.29 -8.85
CA ASN F 125 -51.11 54.34 -7.44
C ASN F 125 -52.52 54.92 -7.19
N CYS F 126 -52.81 56.08 -7.77
CA CYS F 126 -54.10 56.73 -7.50
C CYS F 126 -55.20 56.52 -8.54
N HIS F 127 -54.93 55.70 -9.56
CA HIS F 127 -55.89 55.42 -10.63
C HIS F 127 -56.86 56.59 -10.97
N PRO F 128 -56.35 57.68 -11.56
CA PRO F 128 -57.17 58.86 -11.88
C PRO F 128 -58.20 58.66 -13.00
N SER F 129 -59.40 59.22 -12.83
CA SER F 129 -60.46 59.12 -13.84
C SER F 129 -60.32 60.13 -14.96
N ALA F 130 -59.55 61.19 -14.73
CA ALA F 130 -59.35 62.24 -15.74
C ALA F 130 -57.95 62.87 -15.68
N ILE F 131 -57.53 63.44 -16.80
CA ILE F 131 -56.26 64.16 -16.91
C ILE F 131 -56.46 65.56 -17.49
N LEU F 132 -55.89 66.56 -16.82
CA LEU F 132 -55.96 67.95 -17.25
C LEU F 132 -54.65 68.38 -17.92
N THR F 133 -54.73 68.85 -19.17
CA THR F 133 -53.53 69.28 -19.89
C THR F 133 -53.82 70.41 -20.89
N THR F 134 -52.80 70.75 -21.69
CA THR F 134 -52.94 71.79 -22.72
C THR F 134 -52.69 71.24 -24.11
N THR F 135 -53.21 71.93 -25.12
CA THR F 135 -53.11 71.51 -26.51
C THR F 135 -51.68 71.30 -26.98
N GLU F 136 -50.75 72.10 -26.48
CA GLU F 136 -49.34 71.96 -26.84
C GLU F 136 -48.82 70.62 -26.34
N ALA F 137 -49.11 70.33 -25.08
CA ALA F 137 -48.58 69.16 -24.41
C ALA F 137 -49.53 67.97 -24.50
N ALA F 138 -50.49 68.05 -25.42
CA ALA F 138 -51.60 67.10 -25.44
C ALA F 138 -51.20 65.80 -26.12
N GLU F 139 -50.52 65.91 -27.26
CA GLU F 139 -50.11 64.73 -27.99
C GLU F 139 -49.16 63.87 -27.16
N GLY F 140 -48.31 64.51 -26.37
CA GLY F 140 -47.37 63.78 -25.54
C GLY F 140 -48.10 62.92 -24.53
N VAL F 141 -49.18 63.47 -23.97
CA VAL F 141 -50.01 62.75 -23.02
C VAL F 141 -50.75 61.64 -23.73
N ARG F 142 -51.20 61.93 -24.95
CA ARG F 142 -51.91 60.93 -25.73
C ARG F 142 -50.99 59.76 -26.06
N LYS F 143 -49.77 60.07 -26.51
CA LYS F 143 -48.78 59.04 -26.82
C LYS F 143 -48.38 58.30 -25.56
N PHE F 144 -48.29 59.05 -24.46
CA PHE F 144 -47.93 58.47 -23.18
C PHE F 144 -48.92 57.37 -22.78
N PHE F 145 -50.21 57.66 -22.91
CA PHE F 145 -51.26 56.73 -22.50
C PHE F 145 -51.48 55.61 -23.52
N ARG F 146 -50.95 55.79 -24.72
CA ARG F 146 -51.04 54.73 -25.72
C ARG F 146 -50.22 53.53 -25.28
N THR F 147 -49.26 53.77 -24.39
CA THR F 147 -48.41 52.71 -23.87
C THR F 147 -49.06 51.93 -22.72
N ARG F 148 -50.08 52.53 -22.13
CA ARG F 148 -50.82 51.90 -21.03
C ARG F 148 -51.96 51.03 -21.58
N PRO F 149 -52.45 50.08 -20.77
CA PRO F 149 -53.55 49.20 -21.19
C PRO F 149 -54.83 49.95 -21.55
N ALA F 150 -55.71 49.31 -22.30
CA ALA F 150 -56.95 49.93 -22.74
C ALA F 150 -57.87 50.19 -21.56
N ASN F 151 -57.75 49.34 -20.54
CA ASN F 151 -58.57 49.45 -19.35
C ASN F 151 -58.32 50.74 -18.56
N GLN F 152 -57.06 51.16 -18.46
CA GLN F 152 -56.77 52.49 -17.92
C GLN F 152 -56.38 53.45 -19.03
N ARG F 153 -57.35 54.26 -19.44
CA ARG F 153 -57.16 55.34 -20.39
C ARG F 153 -58.14 56.45 -20.05
N PRO F 154 -57.84 57.24 -19.02
CA PRO F 154 -58.83 58.22 -18.56
C PRO F 154 -59.02 59.32 -19.60
N ARG F 155 -60.18 59.97 -19.61
CA ARG F 155 -60.46 60.99 -20.60
C ARG F 155 -59.49 62.15 -20.43
N VAL F 156 -59.02 62.68 -21.56
CA VAL F 156 -58.11 63.79 -21.55
C VAL F 156 -58.81 65.01 -22.13
N ILE F 157 -58.77 66.11 -21.39
CA ILE F 157 -59.40 67.36 -21.82
C ILE F 157 -58.38 68.49 -21.83
N ALA F 158 -58.31 69.20 -22.95
CA ALA F 158 -57.42 70.35 -23.02
C ALA F 158 -58.06 71.56 -22.34
N VAL F 159 -57.42 72.03 -21.28
CA VAL F 159 -58.01 73.04 -20.42
C VAL F 159 -58.14 74.37 -21.14
N ASP F 160 -57.17 74.67 -21.99
CA ASP F 160 -57.22 75.93 -22.71
C ASP F 160 -58.27 75.90 -23.81
N ALA F 161 -58.71 74.70 -24.18
CA ALA F 161 -59.63 74.55 -25.31
C ALA F 161 -61.10 74.54 -24.92
N VAL F 162 -61.40 74.45 -23.63
CA VAL F 162 -62.79 74.41 -23.20
C VAL F 162 -63.36 75.83 -23.16
N PRO F 163 -64.43 76.11 -23.94
CA PRO F 163 -65.02 77.45 -24.04
C PRO F 163 -65.60 78.00 -22.73
N ASP F 164 -65.60 79.31 -22.60
CA ASP F 164 -66.07 79.97 -21.40
C ASP F 164 -67.58 79.79 -21.21
N ASP F 165 -68.26 79.31 -22.24
CA ASP F 165 -69.70 79.22 -22.19
C ASP F 165 -70.15 78.01 -21.37
N VAL F 166 -69.24 77.07 -21.16
CA VAL F 166 -69.56 75.91 -20.34
C VAL F 166 -69.59 76.32 -18.87
N ALA F 167 -69.05 77.50 -18.57
CA ALA F 167 -69.03 77.96 -17.19
C ALA F 167 -70.45 78.06 -16.63
N SER F 168 -71.44 78.23 -17.51
CA SER F 168 -72.83 78.42 -17.10
C SER F 168 -73.40 77.25 -16.34
N THR F 169 -72.95 76.05 -16.66
CA THR F 169 -73.49 74.83 -16.07
C THR F 169 -72.70 74.37 -14.83
N TRP F 170 -71.74 75.20 -14.38
CA TRP F 170 -70.95 74.85 -13.21
C TRP F 170 -71.78 74.76 -11.93
N VAL F 171 -71.55 73.70 -11.16
CA VAL F 171 -72.23 73.47 -9.90
C VAL F 171 -71.28 73.45 -8.71
N ASN F 172 -71.54 74.32 -7.74
CA ASN F 172 -70.75 74.38 -6.52
C ASN F 172 -70.86 73.03 -5.80
N PRO F 173 -69.73 72.40 -5.47
CA PRO F 173 -69.84 71.07 -4.85
C PRO F 173 -70.32 71.17 -3.41
N ASP F 174 -70.61 70.02 -2.79
CA ASP F 174 -71.10 70.03 -1.43
C ASP F 174 -70.04 70.70 -0.57
N GLU F 175 -70.45 71.50 0.41
CA GLU F 175 -69.48 72.18 1.25
C GLU F 175 -68.64 71.10 1.95
N PRO F 176 -67.30 71.26 1.96
CA PRO F 176 -66.46 70.17 2.44
C PRO F 176 -66.41 70.08 3.97
N ASP F 177 -66.06 68.89 4.46
CA ASP F 177 -65.97 68.62 5.90
C ASP F 177 -64.52 68.39 6.30
N GLU F 178 -64.33 68.03 7.56
CA GLU F 178 -63.00 67.88 8.12
C GLU F 178 -62.20 66.77 7.42
N THR F 179 -62.91 65.83 6.80
CA THR F 179 -62.26 64.69 6.15
C THR F 179 -62.10 64.82 4.64
N THR F 180 -62.60 65.91 4.06
CA THR F 180 -62.63 66.00 2.61
C THR F 180 -61.25 66.36 2.03
N ILE F 181 -60.73 65.49 1.18
CA ILE F 181 -59.40 65.66 0.58
C ILE F 181 -59.41 66.74 -0.51
N ALA F 182 -58.51 67.72 -0.41
CA ALA F 182 -58.35 68.73 -1.46
C ALA F 182 -57.48 68.24 -2.62
N TYR F 183 -56.30 67.71 -2.31
CA TYR F 183 -55.37 67.22 -3.34
C TYR F 183 -54.34 66.23 -2.79
N LEU F 184 -53.66 65.55 -3.72
CA LEU F 184 -52.58 64.62 -3.38
C LEU F 184 -51.21 65.20 -3.73
N GLN F 185 -50.34 65.40 -2.74
CA GLN F 185 -48.98 65.89 -2.97
C GLN F 185 -47.97 64.76 -2.87
N TYR F 186 -47.40 64.37 -4.00
CA TYR F 186 -46.45 63.27 -4.02
C TYR F 186 -45.04 63.78 -3.72
N THR F 187 -44.40 63.22 -2.70
CA THR F 187 -43.04 63.61 -2.31
C THR F 187 -42.13 62.40 -2.14
N SER F 188 -40.83 62.68 -2.00
CA SER F 188 -39.83 61.64 -1.78
C SER F 188 -39.45 61.58 -0.30
N ARG F 192 -39.37 52.74 -3.56
CA ARG F 192 -39.70 52.33 -4.91
C ARG F 192 -41.09 52.84 -5.30
N ILE F 193 -42.12 52.29 -4.68
CA ILE F 193 -43.47 52.74 -4.95
C ILE F 193 -43.64 54.16 -4.41
N PRO F 194 -44.36 55.01 -5.14
CA PRO F 194 -44.47 56.42 -4.74
C PRO F 194 -45.41 56.62 -3.58
N THR F 195 -45.20 57.67 -2.79
CA THR F 195 -46.07 58.00 -1.67
C THR F 195 -46.75 59.36 -1.87
N GLY F 196 -48.04 59.32 -2.19
CA GLY F 196 -48.88 60.52 -2.16
C GLY F 196 -49.32 60.93 -0.77
N VAL F 197 -49.15 62.19 -0.42
CA VAL F 197 -49.69 62.70 0.84
C VAL F 197 -51.13 63.18 0.64
N GLN F 198 -52.00 62.85 1.60
CA GLN F 198 -53.39 63.29 1.52
C GLN F 198 -53.54 64.62 2.23
N ILE F 199 -53.81 65.66 1.45
CA ILE F 199 -54.00 66.99 1.99
C ILE F 199 -55.47 67.35 1.90
N THR F 200 -56.10 67.57 3.04
CA THR F 200 -57.53 67.89 3.05
C THR F 200 -57.73 69.38 2.77
N HIS F 201 -58.99 69.78 2.66
CA HIS F 201 -59.35 71.17 2.43
C HIS F 201 -59.00 71.99 3.65
N LEU F 202 -58.99 71.34 4.80
CA LEU F 202 -58.67 72.01 6.06
C LEU F 202 -57.18 72.32 6.17
N ASN F 203 -56.34 71.36 5.79
CA ASN F 203 -54.90 71.53 5.80
C ASN F 203 -54.46 72.70 4.93
N LEU F 204 -55.09 72.78 3.77
CA LEU F 204 -54.74 73.79 2.77
C LEU F 204 -55.06 75.17 3.33
N ALA F 205 -56.29 75.36 3.81
CA ALA F 205 -56.69 76.65 4.34
C ALA F 205 -55.95 76.96 5.62
N THR F 206 -55.73 75.93 6.44
CA THR F 206 -55.04 76.11 7.70
C THR F 206 -53.58 76.55 7.53
N ASN F 207 -52.83 75.87 6.68
CA ASN F 207 -51.44 76.18 6.47
C ASN F 207 -51.24 77.50 5.73
N VAL F 208 -52.17 77.83 4.85
CA VAL F 208 -52.10 79.06 4.08
C VAL F 208 -52.20 80.27 5.00
N VAL F 209 -53.07 80.20 5.99
CA VAL F 209 -53.21 81.31 6.93
C VAL F 209 -51.99 81.33 7.84
N GLN F 210 -51.41 80.16 8.13
CA GLN F 210 -50.20 80.13 8.94
C GLN F 210 -49.03 80.85 8.26
N VAL F 211 -48.87 80.63 6.95
CA VAL F 211 -47.79 81.27 6.20
C VAL F 211 -48.00 82.78 6.14
N ILE F 212 -49.22 83.20 5.82
CA ILE F 212 -49.50 84.61 5.72
C ILE F 212 -49.23 85.26 7.08
N GLU F 213 -49.55 84.53 8.15
CA GLU F 213 -49.29 85.00 9.49
C GLU F 213 -47.79 85.10 9.72
N ALA F 214 -47.04 84.20 9.10
CA ALA F 214 -45.59 84.17 9.27
C ALA F 214 -44.86 85.22 8.44
N LEU F 215 -45.41 85.57 7.29
CA LEU F 215 -44.74 86.50 6.40
C LEU F 215 -44.89 87.96 6.80
N GLU F 216 -45.99 88.28 7.49
CA GLU F 216 -46.29 89.66 7.91
C GLU F 216 -46.44 90.57 6.68
N GLY F 217 -46.66 89.97 5.52
CA GLY F 217 -46.94 90.70 4.30
C GLY F 217 -48.07 91.72 4.38
N GLU F 218 -47.77 92.99 4.13
CA GLU F 218 -48.81 94.01 4.03
C GLU F 218 -49.29 94.07 2.58
N GLU F 219 -50.20 94.99 2.28
CA GLU F 219 -50.90 94.96 1.00
C GLU F 219 -50.18 95.68 -0.14
N GLY F 220 -48.93 96.07 0.11
CA GLY F 220 -48.14 96.71 -0.93
C GLY F 220 -47.05 95.79 -1.44
N ASP F 221 -46.84 94.68 -0.74
CA ASP F 221 -45.81 93.74 -1.10
C ASP F 221 -46.27 92.85 -2.25
N ARG F 222 -45.35 92.47 -3.13
CA ARG F 222 -45.67 91.53 -4.21
C ARG F 222 -44.93 90.22 -3.96
N GLY F 223 -45.55 89.10 -4.35
CA GLY F 223 -44.90 87.81 -4.25
C GLY F 223 -44.46 87.28 -5.59
N LEU F 224 -43.40 86.47 -5.59
CA LEU F 224 -42.85 85.91 -6.83
C LEU F 224 -42.09 84.60 -6.56
N SER F 225 -42.19 83.63 -7.48
CA SER F 225 -41.44 82.38 -7.36
C SER F 225 -41.19 81.69 -8.71
N TRP F 226 -40.03 81.05 -8.86
CA TRP F 226 -39.76 80.20 -10.02
C TRP F 226 -39.94 78.70 -9.74
N LEU F 227 -40.31 78.34 -8.51
CA LEU F 227 -40.38 76.92 -8.13
C LEU F 227 -41.46 76.16 -8.91
N PRO F 228 -41.23 74.87 -9.19
CA PRO F 228 -42.21 74.08 -9.95
C PRO F 228 -43.50 73.84 -9.17
N PHE F 229 -44.64 73.87 -9.85
CA PHE F 229 -45.92 73.70 -9.17
C PHE F 229 -46.17 72.24 -8.73
N PHE F 230 -45.42 71.29 -9.27
CA PHE F 230 -45.59 69.89 -8.86
C PHE F 230 -44.81 69.57 -7.58
N HIS F 231 -44.04 70.55 -7.11
CA HIS F 231 -43.32 70.45 -5.84
C HIS F 231 -44.08 71.21 -4.76
N ASP F 232 -44.11 70.66 -3.54
CA ASP F 232 -44.90 71.25 -2.46
C ASP F 232 -44.47 72.69 -2.15
N MET F 233 -43.17 72.98 -2.26
CA MET F 233 -42.68 74.33 -1.99
C MET F 233 -43.19 75.33 -3.03
N GLY F 234 -43.29 74.88 -4.28
CA GLY F 234 -43.74 75.74 -5.36
C GLY F 234 -45.24 75.93 -5.48
N LEU F 235 -46.00 74.87 -5.17
CA LEU F 235 -47.45 74.90 -5.34
C LEU F 235 -48.11 75.87 -4.38
N ILE F 236 -47.88 75.67 -3.09
CA ILE F 236 -48.55 76.47 -2.07
C ILE F 236 -48.12 77.92 -2.18
N THR F 237 -46.92 78.14 -2.70
CA THR F 237 -46.46 79.50 -2.87
C THR F 237 -47.32 80.19 -3.89
N ALA F 238 -47.79 79.44 -4.88
CA ALA F 238 -48.68 79.99 -5.89
C ALA F 238 -50.11 80.10 -5.36
N LEU F 239 -50.50 79.14 -4.53
CA LEU F 239 -51.84 79.10 -3.94
C LEU F 239 -52.05 80.15 -2.87
N LEU F 240 -50.97 80.79 -2.46
CA LEU F 240 -50.99 81.78 -1.40
C LEU F 240 -51.86 82.99 -1.78
N ALA F 241 -51.68 83.45 -3.00
CA ALA F 241 -52.24 84.72 -3.44
C ALA F 241 -53.76 84.76 -3.55
N PRO F 242 -54.38 83.76 -4.20
CA PRO F 242 -55.83 83.85 -4.39
C PRO F 242 -56.63 83.79 -3.11
N MET F 243 -56.02 83.28 -2.05
CA MET F 243 -56.72 83.19 -0.78
C MET F 243 -56.71 84.54 -0.09
N ILE F 244 -55.69 85.35 -0.39
CA ILE F 244 -55.55 86.67 0.21
C ILE F 244 -56.15 87.77 -0.65
N GLY F 245 -56.45 87.46 -1.91
CA GLY F 245 -56.98 88.47 -2.82
C GLY F 245 -55.92 88.97 -3.78
N HIS F 246 -54.68 88.88 -3.34
CA HIS F 246 -53.55 89.53 -4.00
C HIS F 246 -53.13 88.80 -5.29
N TYR F 247 -52.39 89.49 -6.14
CA TYR F 247 -51.83 88.90 -7.36
C TYR F 247 -50.53 88.15 -7.10
N PHE F 248 -50.21 87.21 -7.98
CA PHE F 248 -48.99 86.39 -7.90
C PHE F 248 -48.32 86.26 -9.26
N THR F 249 -47.03 86.57 -9.33
CA THR F 249 -46.27 86.50 -10.59
C THR F 249 -45.23 85.37 -10.53
N PHE F 250 -45.18 84.55 -11.58
CA PHE F 250 -44.25 83.41 -11.61
C PHE F 250 -43.58 83.20 -12.97
N MET F 251 -42.53 82.38 -12.98
CA MET F 251 -41.88 81.96 -14.21
C MET F 251 -41.66 80.46 -14.16
N THR F 252 -41.10 79.90 -15.22
CA THR F 252 -40.81 78.47 -15.26
C THR F 252 -39.48 78.19 -14.58
N PRO F 253 -39.36 77.02 -13.92
CA PRO F 253 -38.08 76.70 -13.28
C PRO F 253 -36.91 76.61 -14.26
N ALA F 254 -37.15 76.11 -15.46
CA ALA F 254 -36.11 76.02 -16.48
C ALA F 254 -35.54 77.40 -16.84
N ALA F 255 -36.39 78.42 -16.82
CA ALA F 255 -35.99 79.79 -17.13
C ALA F 255 -35.00 80.32 -16.11
N PHE F 256 -35.19 79.95 -14.85
CA PHE F 256 -34.31 80.42 -13.80
C PHE F 256 -32.92 79.77 -13.93
N VAL F 257 -32.88 78.49 -14.23
CA VAL F 257 -31.61 77.77 -14.34
C VAL F 257 -30.76 78.33 -15.47
N ARG F 258 -31.40 78.68 -16.59
CA ARG F 258 -30.68 79.15 -17.77
C ARG F 258 -30.09 80.55 -17.57
N ARG F 259 -30.90 81.47 -17.03
CA ARG F 259 -30.44 82.83 -16.78
C ARG F 259 -30.99 83.31 -15.43
N PRO F 260 -30.35 82.88 -14.33
CA PRO F 260 -30.83 83.19 -12.98
C PRO F 260 -30.93 84.67 -12.68
N GLU F 261 -30.30 85.51 -13.50
CA GLU F 261 -30.40 86.95 -13.31
C GLU F 261 -31.84 87.42 -13.43
N ARG F 262 -32.64 86.66 -14.17
CA ARG F 262 -34.05 86.95 -14.37
C ARG F 262 -34.80 87.02 -13.05
N TRP F 263 -34.50 86.08 -12.17
CA TRP F 263 -35.13 86.01 -10.87
C TRP F 263 -34.76 87.24 -10.05
N ILE F 264 -33.48 87.58 -10.05
CA ILE F 264 -32.99 88.73 -9.29
C ILE F 264 -33.65 90.02 -9.77
N ARG F 265 -33.78 90.17 -11.09
CA ARG F 265 -34.42 91.36 -11.64
C ARG F 265 -35.89 91.39 -11.24
N GLU F 266 -36.52 90.23 -11.20
CA GLU F 266 -37.93 90.15 -10.79
C GLU F 266 -38.04 90.44 -9.29
N LEU F 267 -36.98 90.11 -8.55
CA LEU F 267 -36.91 90.43 -7.14
C LEU F 267 -36.61 91.91 -6.94
N ALA F 268 -35.84 92.46 -7.87
CA ALA F 268 -35.38 93.84 -7.79
C ALA F 268 -36.53 94.82 -7.91
N ARG F 269 -36.33 96.01 -7.37
CA ARG F 269 -37.38 97.02 -7.34
C ARG F 269 -37.88 97.38 -8.74
N LYS F 270 -39.18 97.20 -8.94
CA LYS F 270 -39.85 97.66 -10.14
C LYS F 270 -40.08 99.15 -9.98
N GLU F 271 -40.33 99.84 -11.08
CA GLU F 271 -40.50 101.29 -11.03
C GLU F 271 -41.85 101.62 -10.42
N GLY F 272 -41.85 102.41 -9.35
CA GLY F 272 -43.09 102.84 -8.72
C GLY F 272 -43.63 101.78 -7.79
N ASP F 273 -42.74 101.08 -7.09
CA ASP F 273 -43.17 100.01 -6.20
C ASP F 273 -43.53 100.52 -4.81
N THR F 274 -44.58 99.95 -4.24
CA THR F 274 -45.11 100.33 -2.93
C THR F 274 -44.42 99.68 -1.72
N GLY F 275 -44.06 98.41 -1.87
CA GLY F 275 -43.60 97.59 -0.76
C GLY F 275 -42.48 96.65 -1.15
N GLY F 276 -42.09 95.77 -0.24
CA GLY F 276 -40.97 94.87 -0.47
C GLY F 276 -41.34 93.58 -1.18
N THR F 277 -40.32 92.84 -1.60
CA THR F 277 -40.55 91.62 -2.39
C THR F 277 -40.43 90.36 -1.54
N ILE F 278 -41.27 89.38 -1.87
CA ILE F 278 -41.28 88.09 -1.18
C ILE F 278 -41.08 86.98 -2.19
N SER F 279 -40.25 86.01 -1.83
CA SER F 279 -39.99 84.87 -2.68
C SER F 279 -39.54 83.67 -1.85
N VAL F 280 -39.24 82.57 -2.52
CA VAL F 280 -38.76 81.38 -1.84
C VAL F 280 -37.86 80.58 -2.79
N ALA F 281 -36.96 79.76 -2.24
CA ALA F 281 -36.01 79.03 -3.09
C ALA F 281 -35.14 78.06 -2.28
N PRO F 282 -34.62 77.00 -2.93
CA PRO F 282 -33.74 76.06 -2.24
C PRO F 282 -32.37 76.67 -2.00
N ASN F 283 -31.61 76.09 -1.07
CA ASN F 283 -30.30 76.64 -0.75
C ASN F 283 -29.40 76.68 -2.00
N PHE F 284 -29.48 75.65 -2.84
CA PHE F 284 -28.60 75.58 -4.01
C PHE F 284 -28.92 76.70 -5.00
N ALA F 285 -30.12 77.26 -4.89
CA ALA F 285 -30.55 78.32 -5.80
C ALA F 285 -29.81 79.62 -5.53
N PHE F 286 -29.47 79.87 -4.27
CA PHE F 286 -28.77 81.09 -3.90
C PHE F 286 -27.35 81.14 -4.48
N ASP F 287 -26.64 80.02 -4.46
CA ASP F 287 -25.31 79.97 -5.04
C ASP F 287 -25.38 80.15 -6.55
N HIS F 288 -26.39 79.54 -7.17
CA HIS F 288 -26.57 79.62 -8.61
C HIS F 288 -26.80 81.06 -9.03
N ALA F 289 -27.71 81.73 -8.32
CA ALA F 289 -28.04 83.10 -8.61
C ALA F 289 -26.86 84.00 -8.32
N ALA F 290 -25.97 83.53 -7.45
CA ALA F 290 -24.76 84.30 -7.14
C ALA F 290 -23.69 84.18 -8.23
N ALA F 291 -23.42 82.95 -8.67
CA ALA F 291 -22.34 82.72 -9.63
C ALA F 291 -22.68 83.11 -11.06
N ARG F 292 -23.77 82.57 -11.58
CA ARG F 292 -24.13 82.80 -12.98
C ARG F 292 -25.18 83.89 -13.11
N GLY F 293 -25.63 84.40 -11.97
CA GLY F 293 -26.73 85.34 -11.93
C GLY F 293 -26.35 86.80 -11.69
N VAL F 294 -25.06 87.08 -11.49
CA VAL F 294 -24.65 88.45 -11.29
C VAL F 294 -24.77 89.17 -12.64
N PRO F 295 -25.36 90.38 -12.65
CA PRO F 295 -25.60 91.02 -13.94
C PRO F 295 -24.35 91.41 -14.71
N LYS F 296 -24.44 91.36 -16.03
CA LYS F 296 -23.35 91.78 -16.90
C LYS F 296 -23.19 93.29 -16.83
N PRO F 297 -22.06 93.82 -17.31
CA PRO F 297 -21.80 95.26 -17.20
C PRO F 297 -22.74 96.12 -18.04
N GLY F 298 -23.34 95.56 -19.08
CA GLY F 298 -24.19 96.31 -19.99
C GLY F 298 -25.67 96.34 -19.63
N SER F 299 -26.00 95.90 -18.43
CA SER F 299 -27.38 95.89 -17.96
C SER F 299 -27.68 97.15 -17.15
N PRO F 300 -28.96 97.54 -17.07
CA PRO F 300 -29.38 98.69 -16.25
C PRO F 300 -29.17 98.44 -14.76
N PRO F 301 -29.18 99.50 -13.94
CA PRO F 301 -28.94 99.34 -12.51
C PRO F 301 -29.96 98.42 -11.83
N LEU F 302 -29.51 97.66 -10.83
CA LEU F 302 -30.39 96.76 -10.08
C LEU F 302 -30.37 97.12 -8.60
N ASP F 303 -31.52 97.52 -8.06
CA ASP F 303 -31.61 97.90 -6.65
C ASP F 303 -32.43 96.88 -5.87
N LEU F 304 -31.75 96.11 -5.01
CA LEU F 304 -32.38 95.05 -4.21
C LEU F 304 -32.74 95.53 -2.81
N SER F 305 -32.57 96.82 -2.55
CA SER F 305 -32.82 97.36 -1.21
C SER F 305 -34.27 97.13 -0.80
N ASN F 306 -35.13 96.89 -1.77
CA ASN F 306 -36.55 96.74 -1.50
C ASN F 306 -36.94 95.35 -1.01
N VAL F 307 -36.11 94.34 -1.27
CA VAL F 307 -36.49 92.96 -0.97
C VAL F 307 -36.73 92.75 0.53
N LYS F 308 -37.90 92.22 0.85
CA LYS F 308 -38.28 91.98 2.23
C LYS F 308 -37.77 90.64 2.73
N ALA F 309 -38.26 89.56 2.12
CA ALA F 309 -37.85 88.21 2.52
C ALA F 309 -37.73 87.23 1.35
N VAL F 310 -36.60 86.52 1.32
CA VAL F 310 -36.42 85.39 0.41
C VAL F 310 -36.13 84.17 1.24
N LEU F 311 -37.06 83.22 1.26
CA LEU F 311 -36.94 82.06 2.13
C LEU F 311 -36.04 80.98 1.53
N ASN F 312 -35.22 80.37 2.39
CA ASN F 312 -34.28 79.32 2.01
C ASN F 312 -34.62 78.06 2.76
N GLY F 313 -35.06 77.04 2.05
CA GLY F 313 -35.50 75.80 2.69
C GLY F 313 -35.51 74.59 1.79
N SER F 314 -36.04 73.50 2.33
CA SER F 314 -36.19 72.22 1.62
C SER F 314 -34.88 71.45 1.53
N GLU F 315 -33.76 72.12 1.77
CA GLU F 315 -32.48 71.44 1.94
C GLU F 315 -31.66 72.25 2.94
N PRO F 316 -30.71 71.62 3.65
CA PRO F 316 -29.89 72.31 4.68
C PRO F 316 -29.08 73.50 4.15
N ILE F 317 -29.20 74.63 4.87
CA ILE F 317 -28.59 75.89 4.44
C ILE F 317 -27.12 76.02 4.85
N SER F 318 -26.27 76.32 3.88
CA SER F 318 -24.84 76.45 4.11
C SER F 318 -24.44 77.87 4.47
N ALA F 319 -23.61 78.00 5.50
CA ALA F 319 -23.13 79.31 5.93
C ALA F 319 -22.32 79.97 4.81
N ALA F 320 -21.68 79.15 3.98
CA ALA F 320 -20.93 79.68 2.85
C ALA F 320 -21.88 80.27 1.83
N THR F 321 -22.95 79.51 1.54
CA THR F 321 -23.93 79.92 0.56
C THR F 321 -24.61 81.21 0.96
N VAL F 322 -24.82 81.38 2.26
CA VAL F 322 -25.44 82.58 2.78
C VAL F 322 -24.49 83.76 2.64
N ARG F 323 -23.21 83.51 2.91
CA ARG F 323 -22.20 84.54 2.79
C ARG F 323 -22.02 84.94 1.34
N ARG F 324 -21.99 83.96 0.45
CA ARG F 324 -21.81 84.26 -0.97
C ARG F 324 -22.95 85.08 -1.54
N PHE F 325 -24.20 84.70 -1.22
CA PHE F 325 -25.35 85.39 -1.78
C PHE F 325 -25.37 86.82 -1.30
N ASN F 326 -25.18 87.00 0.01
CA ASN F 326 -25.16 88.33 0.58
C ASN F 326 -23.96 89.10 0.04
N GLU F 327 -22.85 88.40 -0.19
CA GLU F 327 -21.63 89.03 -0.71
C GLU F 327 -21.77 89.52 -2.15
N ALA F 328 -22.49 88.76 -2.98
CA ALA F 328 -22.65 89.08 -4.40
C ALA F 328 -23.66 90.19 -4.65
N PHE F 329 -24.84 90.07 -4.06
CA PHE F 329 -25.92 91.04 -4.25
C PHE F 329 -26.02 92.07 -3.12
N GLY F 330 -25.20 91.92 -2.09
CA GLY F 330 -25.13 92.91 -1.04
C GLY F 330 -24.78 94.29 -1.57
N PRO F 331 -23.72 94.39 -2.40
CA PRO F 331 -23.33 95.70 -2.94
C PRO F 331 -24.41 96.37 -3.77
N PHE F 332 -25.41 95.61 -4.21
CA PHE F 332 -26.53 96.18 -4.96
C PHE F 332 -27.65 96.59 -4.01
N GLY F 333 -27.42 96.43 -2.71
CA GLY F 333 -28.35 96.89 -1.69
C GLY F 333 -29.21 95.82 -1.05
N PHE F 334 -28.98 94.55 -1.40
CA PHE F 334 -29.74 93.45 -0.81
C PHE F 334 -29.54 93.35 0.70
N PRO F 335 -30.63 93.41 1.49
CA PRO F 335 -30.40 93.37 2.93
C PRO F 335 -29.94 91.99 3.43
N PRO F 336 -29.10 91.95 4.47
CA PRO F 336 -28.61 90.70 5.07
C PRO F 336 -29.68 89.96 5.88
N LYS F 337 -30.68 90.72 6.33
CA LYS F 337 -31.79 90.18 7.12
C LYS F 337 -32.88 89.62 6.21
N ALA F 338 -32.64 89.68 4.89
CA ALA F 338 -33.63 89.28 3.90
C ALA F 338 -33.72 87.77 3.76
N ILE F 339 -32.60 87.06 3.84
CA ILE F 339 -32.62 85.61 3.70
C ILE F 339 -33.20 84.99 4.97
N LYS F 340 -34.29 84.23 4.81
CA LYS F 340 -35.06 83.72 5.94
C LYS F 340 -35.10 82.19 5.90
N PRO F 341 -34.11 81.53 6.51
CA PRO F 341 -34.09 80.06 6.54
C PRO F 341 -35.38 79.45 7.11
N SER F 342 -35.87 78.42 6.43
CA SER F 342 -37.16 77.82 6.74
C SER F 342 -37.14 76.29 6.66
N TYR F 343 -38.04 75.65 7.41
CA TYR F 343 -38.19 74.20 7.42
C TYR F 343 -39.63 73.84 7.08
N GLY F 344 -39.82 72.70 6.41
CA GLY F 344 -41.14 72.29 5.97
C GLY F 344 -41.21 70.87 5.45
N LEU F 345 -42.44 70.40 5.25
CA LEU F 345 -42.70 69.05 4.78
C LEU F 345 -43.90 68.95 3.85
N ALA F 346 -44.00 67.82 3.16
CA ALA F 346 -45.15 67.50 2.35
C ALA F 346 -46.26 67.00 3.26
N GLU F 347 -45.85 66.39 4.38
CA GLU F 347 -46.77 65.87 5.37
C GLU F 347 -47.39 66.97 6.22
N ALA F 348 -46.72 68.12 6.31
CA ALA F 348 -47.24 69.29 7.02
C ALA F 348 -47.97 70.22 6.04
N THR F 349 -48.07 69.73 4.83
CA THR F 349 -48.60 70.36 3.62
C THR F 349 -47.71 71.46 3.05
N LEU F 350 -47.12 72.34 3.85
CA LEU F 350 -45.85 72.96 3.49
C LEU F 350 -45.00 73.32 4.70
N PHE F 351 -45.52 74.33 5.41
CA PHE F 351 -44.76 75.17 6.33
C PHE F 351 -44.82 74.75 7.78
N VAL F 352 -43.65 74.71 8.41
CA VAL F 352 -43.51 74.41 9.82
C VAL F 352 -42.87 75.61 10.54
N SER F 353 -41.67 75.98 10.12
CA SER F 353 -40.95 77.07 10.76
C SER F 353 -40.21 78.01 9.81
N THR F 354 -40.02 79.25 10.24
CA THR F 354 -39.23 80.25 9.51
C THR F 354 -38.62 81.24 10.50
N THR F 355 -37.50 81.88 10.13
CA THR F 355 -36.92 82.94 10.97
C THR F 355 -37.77 84.24 10.87
N PRO F 356 -38.12 84.85 12.02
CA PRO F 356 -38.94 86.07 12.05
C PRO F 356 -38.38 87.24 11.24
N SER F 357 -39.28 88.14 10.80
CA SER F 357 -38.94 89.22 9.87
C SER F 357 -38.03 90.28 10.46
N ALA F 358 -38.07 90.44 11.77
CA ALA F 358 -37.24 91.43 12.44
C ALA F 358 -35.89 90.84 12.85
N GLU F 359 -35.70 89.57 12.53
CA GLU F 359 -34.47 88.86 12.86
C GLU F 359 -33.63 88.63 11.61
N GLU F 360 -32.32 88.49 11.79
CA GLU F 360 -31.44 88.07 10.71
C GLU F 360 -31.33 86.57 10.78
N PRO F 361 -30.96 85.93 9.66
CA PRO F 361 -30.76 84.49 9.71
C PRO F 361 -29.73 84.11 10.76
N LYS F 362 -30.06 83.16 11.63
CA LYS F 362 -29.14 82.73 12.67
C LYS F 362 -28.32 81.52 12.22
N ILE F 363 -27.00 81.72 12.12
CA ILE F 363 -26.07 80.66 11.79
C ILE F 363 -25.13 80.52 12.97
N ILE F 364 -25.04 79.32 13.52
CA ILE F 364 -24.22 79.06 14.69
C ILE F 364 -23.08 78.15 14.31
N THR F 365 -22.17 77.93 15.25
CA THR F 365 -21.05 77.02 15.06
C THR F 365 -20.95 76.04 16.22
N VAL F 366 -20.94 74.75 15.92
CA VAL F 366 -21.01 73.73 16.95
C VAL F 366 -19.82 72.77 16.87
N ASP F 367 -19.47 72.19 18.02
CA ASP F 367 -18.40 71.20 18.10
C ASP F 367 -18.82 69.94 17.33
N ARG F 368 -17.94 69.51 16.43
CA ARG F 368 -18.21 68.37 15.57
C ARG F 368 -18.42 67.07 16.36
N ASP F 369 -17.56 66.83 17.35
CA ASP F 369 -17.62 65.59 18.13
C ASP F 369 -18.87 65.49 18.99
N GLN F 370 -19.35 66.62 19.48
CA GLN F 370 -20.53 66.65 20.33
C GLN F 370 -21.80 66.49 19.51
N LEU F 371 -21.77 67.00 18.28
CA LEU F 371 -22.90 66.90 17.37
C LEU F 371 -23.11 65.43 16.99
N ASN F 372 -22.01 64.72 16.76
CA ASN F 372 -22.07 63.31 16.45
C ASN F 372 -22.45 62.50 17.68
N SER F 373 -22.26 63.10 18.86
CA SER F 373 -22.66 62.45 20.10
C SER F 373 -24.12 62.75 20.36
N GLY F 374 -24.61 63.85 19.79
CA GLY F 374 -26.00 64.22 19.90
C GLY F 374 -26.28 65.55 20.59
N ARG F 375 -25.31 66.07 21.35
CA ARG F 375 -25.43 67.40 21.93
C ARG F 375 -24.97 68.49 20.97
N ILE F 376 -25.67 69.62 20.95
CA ILE F 376 -25.20 70.80 20.20
C ILE F 376 -24.62 71.84 21.17
N VAL F 377 -23.31 72.00 21.13
CA VAL F 377 -22.63 72.94 22.01
C VAL F 377 -21.78 73.90 21.19
N GLU F 378 -22.08 75.18 21.31
CA GLU F 378 -21.43 76.18 20.47
C GLU F 378 -19.92 76.28 20.76
N VAL F 379 -19.14 76.51 19.71
CA VAL F 379 -17.69 76.71 19.81
C VAL F 379 -17.30 77.82 18.85
N ASP F 380 -16.08 78.34 18.99
CA ASP F 380 -15.61 79.40 18.11
C ASP F 380 -15.55 78.93 16.65
N ALA F 381 -15.81 79.84 15.73
CA ALA F 381 -15.88 79.51 14.31
C ALA F 381 -14.53 79.08 13.71
N ASP F 382 -13.45 79.70 14.19
CA ASP F 382 -12.12 79.39 13.66
C ASP F 382 -11.60 78.06 14.22
N SER F 383 -12.32 77.49 15.18
CA SER F 383 -11.93 76.21 15.76
C SER F 383 -11.84 75.12 14.69
N PRO F 384 -10.83 74.23 14.80
CA PRO F 384 -10.68 73.15 13.81
C PRO F 384 -11.85 72.18 13.86
N LYS F 385 -12.45 72.00 15.03
CA LYS F 385 -13.66 71.20 15.13
C LYS F 385 -14.85 72.15 15.22
N ALA F 386 -15.36 72.54 14.07
CA ALA F 386 -16.52 73.42 13.97
C ALA F 386 -17.44 73.01 12.83
N VAL F 387 -18.74 72.99 13.10
CA VAL F 387 -19.74 72.68 12.09
C VAL F 387 -20.77 73.80 12.02
N ALA F 388 -21.00 74.33 10.82
CA ALA F 388 -21.97 75.38 10.63
C ALA F 388 -23.38 74.80 10.78
N GLN F 389 -24.26 75.57 11.41
CA GLN F 389 -25.65 75.19 11.56
C GLN F 389 -26.56 76.39 11.33
N ALA F 390 -27.55 76.22 10.46
CA ALA F 390 -28.49 77.30 10.13
C ALA F 390 -29.81 77.11 10.87
N SER F 391 -30.25 78.13 11.59
CA SER F 391 -31.51 78.06 12.33
C SER F 391 -32.67 77.98 11.37
N ALA F 392 -33.68 77.18 11.71
CA ALA F 392 -34.92 77.13 10.94
C ALA F 392 -36.00 78.02 11.55
N GLY F 393 -35.66 78.69 12.64
CA GLY F 393 -36.54 79.69 13.25
C GLY F 393 -37.56 79.14 14.21
N LYS F 394 -38.69 79.83 14.32
CA LYS F 394 -39.75 79.48 15.26
C LYS F 394 -40.93 78.80 14.55
N VAL F 395 -41.56 77.83 15.23
CA VAL F 395 -42.69 77.10 14.65
C VAL F 395 -43.90 78.01 14.45
N GLY F 396 -44.66 77.72 13.40
CA GLY F 396 -45.81 78.54 13.05
C GLY F 396 -46.95 78.44 14.04
N ILE F 397 -47.94 79.32 13.85
CA ILE F 397 -49.09 79.39 14.74
C ILE F 397 -49.92 78.12 14.59
N ALA F 398 -50.55 77.68 15.68
CA ALA F 398 -51.42 76.52 15.64
C ALA F 398 -50.63 75.30 15.18
N GLU F 399 -49.33 75.32 15.43
CA GLU F 399 -48.45 74.24 15.06
C GLU F 399 -47.45 73.92 16.16
N TRP F 400 -47.09 72.65 16.27
CA TRP F 400 -46.15 72.21 17.30
C TRP F 400 -45.09 71.25 16.77
N ALA F 401 -43.86 71.45 17.27
CA ALA F 401 -42.73 70.58 16.96
C ALA F 401 -42.04 70.17 18.26
N VAL F 402 -41.75 68.87 18.41
CA VAL F 402 -41.04 68.35 19.58
C VAL F 402 -39.88 67.47 19.13
N ILE F 403 -38.81 67.48 19.91
CA ILE F 403 -37.67 66.59 19.67
C ILE F 403 -37.75 65.44 20.66
N VAL F 404 -37.88 64.23 20.13
CA VAL F 404 -38.23 63.06 20.93
C VAL F 404 -37.30 61.88 20.73
N ASP F 405 -37.33 60.96 21.70
CA ASP F 405 -36.71 59.67 21.52
C ASP F 405 -37.74 58.73 20.95
N ALA F 406 -37.65 58.52 19.64
CA ALA F 406 -38.62 57.76 18.87
C ALA F 406 -39.09 56.46 19.52
N GLU F 407 -38.17 55.74 20.14
CA GLU F 407 -38.48 54.43 20.70
C GLU F 407 -39.34 54.55 21.94
N SER F 408 -38.99 55.50 22.80
CA SER F 408 -39.74 55.72 24.03
C SER F 408 -40.83 56.78 23.82
N ALA F 409 -40.80 57.46 22.68
CA ALA F 409 -41.75 58.52 22.37
C ALA F 409 -41.78 59.59 23.47
N THR F 410 -40.61 59.94 23.98
CA THR F 410 -40.49 60.90 25.08
C THR F 410 -39.80 62.17 24.61
N GLU F 411 -40.30 63.32 25.06
CA GLU F 411 -39.73 64.62 24.69
C GLU F 411 -38.36 64.83 25.34
N LEU F 412 -37.39 65.24 24.52
CA LEU F 412 -36.04 65.53 25.00
C LEU F 412 -35.86 67.00 25.41
N PRO F 413 -34.88 67.27 26.28
CA PRO F 413 -34.58 68.67 26.61
C PRO F 413 -33.89 69.37 25.45
N ASP F 414 -33.94 70.70 25.42
CA ASP F 414 -33.29 71.44 24.35
C ASP F 414 -31.79 71.16 24.35
N GLY F 415 -31.22 71.05 23.16
CA GLY F 415 -29.79 70.84 23.02
C GLY F 415 -29.40 69.40 22.70
N GLN F 416 -30.28 68.46 23.00
CA GLN F 416 -30.03 67.06 22.66
C GLN F 416 -30.81 66.73 21.40
N VAL F 417 -30.17 66.03 20.46
CA VAL F 417 -30.81 65.76 19.18
C VAL F 417 -31.61 64.48 19.26
N GLY F 418 -32.76 64.49 18.60
CA GLY F 418 -33.60 63.32 18.47
C GLY F 418 -34.39 63.54 17.20
N GLU F 419 -35.24 62.60 16.84
CA GLU F 419 -36.02 62.80 15.63
C GLU F 419 -37.14 63.78 15.93
N ILE F 420 -37.38 64.67 14.97
CA ILE F 420 -38.39 65.71 15.07
C ILE F 420 -39.78 65.16 14.79
N TRP F 421 -40.72 65.43 15.71
CA TRP F 421 -42.13 65.13 15.49
C TRP F 421 -42.91 66.44 15.35
N ILE F 422 -43.90 66.43 14.48
CA ILE F 422 -44.70 67.63 14.23
C ILE F 422 -46.18 67.32 14.39
N SER F 423 -46.93 68.31 14.88
CA SER F 423 -48.36 68.15 15.05
C SER F 423 -49.09 69.46 14.80
N GLY F 424 -50.27 69.35 14.19
CA GLY F 424 -51.07 70.52 13.87
C GLY F 424 -52.22 70.22 12.94
N GLN F 425 -53.12 71.18 12.81
CA GLN F 425 -54.31 71.03 11.98
C GLN F 425 -53.94 71.10 10.49
N ASN F 426 -52.69 71.44 10.20
CA ASN F 426 -52.16 71.49 8.84
C ASN F 426 -51.60 70.15 8.36
N MET F 427 -51.52 69.18 9.25
CA MET F 427 -50.93 67.90 8.93
C MET F 427 -51.83 67.06 8.05
N GLY F 428 -51.24 66.34 7.09
CA GLY F 428 -51.99 65.52 6.16
C GLY F 428 -52.72 64.36 6.82
N THR F 429 -53.61 63.73 6.06
CA THR F 429 -54.46 62.67 6.58
C THR F 429 -53.88 61.27 6.43
N GLY F 430 -52.73 61.15 5.74
CA GLY F 430 -52.09 59.87 5.55
C GLY F 430 -51.47 59.75 4.18
N TYR F 431 -50.98 58.55 3.84
CA TYR F 431 -50.51 58.27 2.49
C TYR F 431 -51.56 57.51 1.69
N TRP F 432 -51.74 57.88 0.42
CA TRP F 432 -52.73 57.24 -0.44
C TRP F 432 -52.42 55.79 -0.77
N GLY F 433 -53.39 54.93 -0.49
CA GLY F 433 -53.32 53.51 -0.82
C GLY F 433 -52.32 52.75 0.02
N LYS F 434 -51.78 53.40 1.05
CA LYS F 434 -50.85 52.75 1.96
C LYS F 434 -51.35 52.89 3.40
N PRO F 435 -52.32 52.05 3.79
CA PRO F 435 -52.93 52.19 5.12
C PRO F 435 -51.94 51.89 6.22
N GLU F 436 -51.15 50.83 6.05
CA GLU F 436 -50.22 50.41 7.09
C GLU F 436 -49.13 51.48 7.28
N GLU F 437 -48.50 51.88 6.18
CA GLU F 437 -47.45 52.91 6.19
C GLU F 437 -48.01 54.22 6.71
N SER F 438 -49.27 54.49 6.41
CA SER F 438 -49.93 55.72 6.83
C SER F 438 -50.06 55.82 8.34
N VAL F 439 -50.41 54.71 8.99
CA VAL F 439 -50.61 54.71 10.43
C VAL F 439 -49.34 54.98 11.22
N ALA F 440 -48.24 54.34 10.85
CA ALA F 440 -47.02 54.44 11.63
C ALA F 440 -46.48 55.86 11.65
N THR F 441 -46.53 56.55 10.51
CA THR F 441 -46.02 57.91 10.43
C THR F 441 -47.01 58.97 10.98
N PHE F 442 -48.27 58.92 10.55
CA PHE F 442 -49.23 59.98 10.88
C PHE F 442 -49.99 59.77 12.19
N GLN F 443 -49.97 58.55 12.71
CA GLN F 443 -50.53 58.31 14.04
C GLN F 443 -49.37 57.90 14.93
N ASN F 444 -48.97 58.84 15.78
CA ASN F 444 -47.93 58.66 16.78
C ASN F 444 -48.33 59.46 17.98
N ILE F 445 -48.13 58.88 19.15
CA ILE F 445 -48.55 59.52 20.37
C ILE F 445 -47.33 59.97 21.19
N LEU F 446 -47.43 61.16 21.78
CA LEU F 446 -46.36 61.67 22.60
C LEU F 446 -46.64 61.20 24.01
N LYS F 447 -45.84 60.25 24.49
CA LYS F 447 -46.10 59.63 25.79
C LYS F 447 -45.51 60.43 26.94
N SER F 448 -44.48 61.23 26.67
CA SER F 448 -43.86 62.03 27.71
C SER F 448 -43.44 63.40 27.19
N ARG F 449 -43.63 64.41 28.03
CA ARG F 449 -43.27 65.79 27.71
C ARG F 449 -42.28 66.27 28.75
N THR F 450 -41.63 67.39 28.50
CA THR F 450 -40.69 67.95 29.45
C THR F 450 -41.48 68.93 30.30
N ASN F 451 -40.87 69.52 31.33
CA ASN F 451 -41.62 70.40 32.22
C ASN F 451 -42.13 71.61 31.43
N PRO F 452 -41.22 72.34 30.75
CA PRO F 452 -41.60 73.39 29.82
C PRO F 452 -41.79 72.83 28.40
N SER F 453 -42.62 71.80 28.24
CA SER F 453 -42.80 71.08 26.96
C SER F 453 -43.09 71.95 25.74
N HIS F 454 -42.62 71.50 24.58
CA HIS F 454 -42.84 72.21 23.33
C HIS F 454 -44.18 71.83 22.73
N ALA F 455 -44.84 70.87 23.37
CA ALA F 455 -46.18 70.46 22.95
C ALA F 455 -47.22 71.24 23.74
N GLU F 456 -46.76 72.14 24.60
CA GLU F 456 -47.66 72.90 25.44
C GLU F 456 -48.64 73.65 24.56
N GLY F 457 -49.92 73.48 24.86
CA GLY F 457 -50.98 74.09 24.10
C GLY F 457 -51.66 73.05 23.22
N ALA F 458 -50.99 71.91 23.04
CA ALA F 458 -51.52 70.82 22.23
C ALA F 458 -52.06 69.73 23.15
N THR F 459 -53.13 69.05 22.70
CA THR F 459 -53.75 68.00 23.49
C THR F 459 -52.76 66.88 23.76
N ASP F 460 -52.89 66.24 24.92
CA ASP F 460 -51.97 65.16 25.27
C ASP F 460 -52.21 63.93 24.38
N ASP F 461 -53.45 63.77 23.91
CA ASP F 461 -53.84 62.62 23.10
C ASP F 461 -53.85 62.90 21.60
N ALA F 462 -53.29 64.02 21.18
CA ALA F 462 -53.37 64.46 19.78
C ALA F 462 -52.28 63.76 18.97
N THR F 463 -52.52 63.60 17.68
CA THR F 463 -51.61 62.83 16.84
C THR F 463 -50.39 63.63 16.39
N TRP F 464 -49.25 62.94 16.38
CA TRP F 464 -47.98 63.52 15.96
C TRP F 464 -47.47 62.83 14.69
N VAL F 465 -46.80 63.59 13.84
CA VAL F 465 -46.27 63.07 12.58
C VAL F 465 -44.78 62.84 12.71
N ARG F 466 -44.34 61.61 12.42
CA ARG F 466 -42.92 61.32 12.44
C ARG F 466 -42.34 61.85 11.14
N THR F 467 -41.45 62.84 11.27
CA THR F 467 -40.94 63.55 10.12
C THR F 467 -39.81 62.76 9.47
N GLY F 468 -39.07 62.04 10.30
CA GLY F 468 -37.92 61.29 9.85
C GLY F 468 -36.65 62.12 9.84
N ASP F 469 -36.66 63.26 10.54
CA ASP F 469 -35.50 64.15 10.57
C ASP F 469 -34.97 64.30 11.99
N TYR F 470 -33.65 64.24 12.13
CA TYR F 470 -33.01 64.55 13.39
C TYR F 470 -32.81 66.05 13.47
N GLY F 471 -33.02 66.61 14.66
CA GLY F 471 -32.87 68.03 14.89
C GLY F 471 -32.80 68.33 16.37
N ALA F 472 -32.74 69.60 16.72
CA ALA F 472 -32.73 69.98 18.13
C ALA F 472 -33.16 71.44 18.34
N PHE F 473 -33.52 71.76 19.57
CA PHE F 473 -33.82 73.14 19.96
C PHE F 473 -32.62 73.79 20.63
N TYR F 474 -32.31 75.01 20.22
CA TYR F 474 -31.24 75.78 20.86
C TYR F 474 -31.62 77.25 21.00
N ASP F 475 -31.62 77.74 22.24
CA ASP F 475 -31.88 79.15 22.54
C ASP F 475 -33.15 79.69 21.89
N GLY F 476 -34.15 78.82 21.73
CA GLY F 476 -35.44 79.25 21.21
C GLY F 476 -35.64 79.01 19.73
N ASP F 477 -34.62 78.45 19.09
CA ASP F 477 -34.68 78.14 17.66
C ASP F 477 -34.68 76.64 17.44
N LEU F 478 -35.35 76.21 16.36
CA LEU F 478 -35.36 74.80 15.94
C LEU F 478 -34.29 74.58 14.90
N TYR F 479 -33.46 73.55 15.09
CA TYR F 479 -32.42 73.19 14.13
C TYR F 479 -32.65 71.81 13.53
N ILE F 480 -32.61 71.71 12.20
CA ILE F 480 -32.77 70.43 11.51
C ILE F 480 -31.42 69.95 11.01
N THR F 481 -30.91 68.88 11.61
CA THR F 481 -29.57 68.41 11.31
C THR F 481 -29.50 67.49 10.11
N GLY F 482 -30.63 66.92 9.73
CA GLY F 482 -30.71 66.07 8.55
C GLY F 482 -31.66 64.91 8.73
N ARG F 483 -31.70 64.00 7.75
CA ARG F 483 -32.62 62.86 7.80
C ARG F 483 -31.97 61.64 8.41
N VAL F 484 -32.77 60.90 9.18
CA VAL F 484 -32.28 59.76 9.93
C VAL F 484 -31.77 58.67 9.01
N LYS F 485 -32.44 58.48 7.88
CA LYS F 485 -32.04 57.44 6.94
C LYS F 485 -30.70 57.79 6.31
N ASP F 486 -30.40 59.09 6.27
CA ASP F 486 -29.20 59.59 5.59
C ASP F 486 -28.00 59.70 6.53
N LEU F 487 -28.19 59.37 7.80
CA LEU F 487 -27.12 59.44 8.77
C LEU F 487 -26.04 58.44 8.36
N VAL F 488 -24.77 58.85 8.38
CA VAL F 488 -23.69 57.96 7.97
C VAL F 488 -22.92 57.43 9.19
N ILE F 489 -23.31 56.25 9.63
CA ILE F 489 -22.62 55.51 10.67
C ILE F 489 -21.63 54.57 10.00
N ILE F 490 -20.34 54.65 10.33
CA ILE F 490 -19.35 53.84 9.63
C ILE F 490 -18.75 52.73 10.51
N ASP F 491 -17.87 53.08 11.43
CA ASP F 491 -17.30 52.11 12.38
C ASP F 491 -17.98 52.15 13.75
N GLY F 492 -19.17 52.74 13.81
CA GLY F 492 -19.89 52.84 15.06
C GLY F 492 -19.95 54.28 15.52
N ARG F 493 -19.20 55.14 14.83
CA ARG F 493 -19.23 56.57 15.09
C ARG F 493 -20.16 57.23 14.07
N ASN F 494 -20.92 58.22 14.52
CA ASN F 494 -21.90 58.89 13.65
C ASN F 494 -21.28 60.03 12.84
N HIS F 495 -21.75 60.19 11.61
CA HIS F 495 -21.35 61.29 10.74
C HIS F 495 -22.57 61.81 9.98
N TYR F 496 -22.73 63.13 9.93
CA TYR F 496 -23.79 63.71 9.11
C TYR F 496 -23.23 63.86 7.69
N PRO F 497 -23.99 63.38 6.69
CA PRO F 497 -23.49 63.33 5.30
C PRO F 497 -23.19 64.71 4.72
N GLN F 498 -23.91 65.73 5.16
CA GLN F 498 -23.72 67.07 4.63
C GLN F 498 -22.33 67.57 5.02
N ASP F 499 -21.88 67.18 6.20
CA ASP F 499 -20.57 67.58 6.71
C ASP F 499 -19.45 66.94 5.91
N LEU F 500 -19.58 65.64 5.65
CA LEU F 500 -18.58 64.89 4.89
C LEU F 500 -18.43 65.44 3.49
N GLU F 501 -19.56 65.78 2.87
CA GLU F 501 -19.56 66.24 1.50
C GLU F 501 -18.85 67.58 1.39
N TYR F 502 -18.95 68.39 2.45
CA TYR F 502 -18.26 69.67 2.50
C TYR F 502 -16.75 69.53 2.54
N SER F 503 -16.28 68.62 3.38
CA SER F 503 -14.86 68.36 3.50
C SER F 503 -14.35 67.77 2.19
N ALA F 504 -15.19 66.96 1.55
CA ALA F 504 -14.83 66.36 0.28
C ALA F 504 -14.74 67.38 -0.84
N GLN F 505 -15.72 68.29 -0.91
CA GLN F 505 -15.74 69.26 -1.98
C GLN F 505 -14.65 70.32 -1.84
N GLU F 506 -14.30 70.66 -0.60
CA GLU F 506 -13.28 71.69 -0.38
C GLU F 506 -11.89 71.06 -0.48
N ALA F 507 -11.86 69.75 -0.62
CA ALA F 507 -10.60 69.01 -0.70
C ALA F 507 -9.99 69.09 -2.09
N SER F 508 -10.82 68.98 -3.12
CA SER F 508 -10.36 69.02 -4.50
C SER F 508 -11.24 69.94 -5.34
N LYS F 509 -10.60 70.68 -6.24
CA LYS F 509 -11.30 71.66 -7.07
C LYS F 509 -12.00 70.99 -8.25
N ALA F 510 -11.87 69.68 -8.36
CA ALA F 510 -12.48 68.92 -9.44
C ALA F 510 -13.97 68.68 -9.18
N ILE F 511 -14.40 68.88 -7.94
CA ILE F 511 -15.78 68.59 -7.57
C ILE F 511 -16.69 69.80 -7.77
N ARG F 512 -17.61 69.68 -8.71
CA ARG F 512 -18.64 70.70 -8.97
C ARG F 512 -19.43 70.99 -7.70
N THR F 513 -19.96 72.20 -7.58
CA THR F 513 -20.50 72.65 -6.31
C THR F 513 -21.95 72.15 -6.22
N GLY F 514 -22.20 71.35 -5.19
CA GLY F 514 -23.47 70.68 -4.97
C GLY F 514 -23.52 69.44 -5.84
N TYR F 515 -22.35 68.83 -6.05
CA TYR F 515 -22.22 67.60 -6.82
C TYR F 515 -21.82 66.38 -6.00
N VAL F 516 -21.65 66.55 -4.69
CA VAL F 516 -21.16 65.47 -3.83
C VAL F 516 -22.27 64.71 -3.11
N ALA F 517 -22.09 63.39 -2.97
CA ALA F 517 -23.04 62.55 -2.24
C ALA F 517 -22.28 61.57 -1.32
N ALA F 518 -22.59 61.61 -0.02
CA ALA F 518 -21.96 60.70 0.94
C ALA F 518 -22.94 59.69 1.51
N PHE F 519 -22.53 58.43 1.52
CA PHE F 519 -23.33 57.36 2.08
C PHE F 519 -22.47 56.17 2.48
N SER F 520 -23.10 55.15 3.06
CA SER F 520 -22.39 53.96 3.54
C SER F 520 -22.97 52.68 2.95
N VAL F 521 -22.09 51.74 2.61
CA VAL F 521 -22.51 50.44 2.10
C VAL F 521 -21.81 49.32 2.86
N PRO F 522 -22.51 48.20 3.09
CA PRO F 522 -21.94 47.03 3.77
C PRO F 522 -20.77 46.41 3.00
N ALA F 523 -19.65 46.22 3.69
CA ALA F 523 -18.42 45.71 3.08
C ALA F 523 -18.58 44.55 2.10
N ASN F 524 -19.45 43.59 2.41
CA ASN F 524 -19.63 42.45 1.51
C ASN F 524 -20.31 42.83 0.19
N GLN F 525 -21.03 43.94 0.17
CA GLN F 525 -21.68 44.42 -1.05
C GLN F 525 -20.77 45.27 -1.94
N LEU F 526 -19.81 45.96 -1.35
CA LEU F 526 -18.90 46.82 -2.13
C LEU F 526 -18.31 46.06 -3.34
N PRO F 527 -18.13 46.75 -4.48
CA PRO F 527 -17.65 46.13 -5.72
C PRO F 527 -16.18 45.72 -5.70
N ASP F 528 -15.82 44.74 -6.53
CA ASP F 528 -14.47 44.19 -6.57
C ASP F 528 -13.41 45.24 -6.89
N GLU F 529 -13.82 46.25 -7.64
CA GLU F 529 -12.90 47.32 -8.00
C GLU F 529 -12.34 47.97 -6.73
N VAL F 530 -13.19 48.10 -5.70
CA VAL F 530 -12.80 48.75 -4.44
C VAL F 530 -11.69 48.00 -3.70
N PHE F 531 -11.75 46.67 -3.70
CA PHE F 531 -10.75 45.86 -3.01
C PHE F 531 -9.42 45.84 -3.75
N GLU F 532 -9.44 46.10 -5.05
CA GLU F 532 -8.23 46.12 -5.85
C GLU F 532 -7.41 47.38 -5.61
N ASN F 533 -8.06 48.43 -5.12
CA ASN F 533 -7.35 49.66 -4.79
C ASN F 533 -6.52 49.48 -3.54
N ALA F 534 -5.26 49.89 -3.62
CA ALA F 534 -4.33 49.74 -2.51
C ALA F 534 -4.67 50.78 -1.45
N HIS F 535 -4.96 51.99 -1.91
CA HIS F 535 -5.22 53.13 -1.03
C HIS F 535 -6.57 53.03 -0.30
N SER F 536 -7.36 52.02 -0.64
CA SER F 536 -8.66 51.79 0.02
C SER F 536 -8.46 51.36 1.46
N GLY F 537 -7.99 50.13 1.65
CA GLY F 537 -7.64 49.65 2.97
C GLY F 537 -8.56 48.60 3.56
N ILE F 538 -9.39 48.01 2.72
CA ILE F 538 -10.28 46.95 3.16
C ILE F 538 -10.14 45.80 2.16
N LYS F 539 -10.26 44.58 2.66
CA LYS F 539 -10.09 43.38 1.85
C LYS F 539 -11.41 42.65 1.76
N ARG F 540 -11.53 41.74 0.80
CA ARG F 540 -12.84 41.22 0.43
C ARG F 540 -13.21 40.01 1.28
N ASP F 541 -14.19 40.23 2.15
CA ASP F 541 -14.78 39.20 3.01
C ASP F 541 -16.26 39.07 2.67
N PRO F 542 -16.68 37.88 2.19
CA PRO F 542 -18.11 37.74 1.88
C PRO F 542 -18.97 37.75 3.15
N ASP F 543 -18.35 37.51 4.30
CA ASP F 543 -19.08 37.45 5.57
C ASP F 543 -19.04 38.78 6.33
N ASP F 544 -18.40 39.80 5.78
CA ASP F 544 -18.27 41.09 6.46
C ASP F 544 -19.41 42.03 6.09
N THR F 545 -20.28 42.28 7.05
CA THR F 545 -21.48 43.10 6.85
C THR F 545 -21.28 44.54 7.34
N SER F 546 -20.03 44.95 7.54
CA SER F 546 -19.78 46.21 8.22
C SER F 546 -19.88 47.38 7.25
N GLU F 547 -20.54 48.44 7.70
CA GLU F 547 -20.82 49.60 6.85
C GLU F 547 -19.54 50.34 6.49
N GLN F 548 -19.41 50.69 5.22
CA GLN F 548 -18.23 51.37 4.72
C GLN F 548 -18.57 52.65 3.95
N LEU F 549 -17.76 53.69 4.12
CA LEU F 549 -18.02 54.98 3.50
C LEU F 549 -17.77 54.97 2.00
N VAL F 550 -18.74 55.48 1.26
CA VAL F 550 -18.60 55.68 -0.18
C VAL F 550 -18.96 57.13 -0.51
N ILE F 551 -18.22 57.71 -1.46
CA ILE F 551 -18.44 59.07 -1.90
C ILE F 551 -18.55 59.16 -3.42
N VAL F 552 -19.64 59.77 -3.89
CA VAL F 552 -19.87 59.99 -5.32
C VAL F 552 -19.84 61.48 -5.62
N ALA F 553 -19.14 61.88 -6.68
CA ALA F 553 -18.99 63.29 -7.02
C ALA F 553 -18.95 63.52 -8.54
N GLU F 554 -19.59 64.59 -8.98
CA GLU F 554 -19.62 64.97 -10.40
C GLU F 554 -18.37 65.73 -10.84
N ARG F 555 -18.10 65.70 -12.15
CA ARG F 555 -16.86 66.23 -12.73
C ARG F 555 -17.08 67.60 -13.37
N ALA F 556 -16.51 68.62 -12.73
CA ALA F 556 -16.68 70.03 -13.12
C ALA F 556 -16.43 70.37 -14.60
N PRO F 557 -15.27 69.97 -15.16
CA PRO F 557 -15.04 70.35 -16.57
C PRO F 557 -15.94 69.61 -17.55
N ASP F 563 -6.14 63.60 -13.33
CA ASP F 563 -5.98 62.20 -12.96
C ASP F 563 -6.88 61.86 -11.78
N ILE F 564 -7.46 60.66 -11.82
CA ILE F 564 -8.38 60.23 -10.77
C ILE F 564 -7.63 60.04 -9.46
N GLY F 565 -6.43 59.45 -9.56
CA GLY F 565 -5.63 59.12 -8.40
C GLY F 565 -5.42 60.22 -7.37
N PRO F 566 -4.92 61.38 -7.81
CA PRO F 566 -4.74 62.46 -6.85
C PRO F 566 -6.06 63.03 -6.35
N ILE F 567 -7.05 63.16 -7.23
CA ILE F 567 -8.35 63.69 -6.85
C ILE F 567 -8.94 62.78 -5.78
N THR F 568 -8.80 61.47 -5.98
CA THR F 568 -9.31 60.50 -5.03
C THR F 568 -8.54 60.60 -3.71
N ASP F 569 -7.23 60.77 -3.84
CA ASP F 569 -6.34 60.84 -2.67
C ASP F 569 -6.55 62.13 -1.86
N ASP F 570 -6.82 63.23 -2.56
CA ASP F 570 -7.05 64.51 -1.92
C ASP F 570 -8.31 64.43 -1.07
N ILE F 571 -9.35 63.82 -1.63
CA ILE F 571 -10.62 63.64 -0.94
C ILE F 571 -10.45 62.70 0.26
N ARG F 572 -9.74 61.61 0.04
CA ARG F 572 -9.48 60.60 1.08
C ARG F 572 -8.79 61.24 2.28
N ALA F 573 -7.77 62.03 1.97
CA ALA F 573 -6.94 62.65 2.99
C ALA F 573 -7.71 63.69 3.79
N ALA F 574 -8.45 64.54 3.09
CA ALA F 574 -9.15 65.66 3.72
C ALA F 574 -10.21 65.15 4.70
N ILE F 575 -10.88 64.09 4.31
CA ILE F 575 -11.90 63.46 5.15
C ILE F 575 -11.25 62.71 6.31
N ALA F 576 -10.12 62.07 6.02
CA ALA F 576 -9.40 61.32 7.03
C ALA F 576 -8.96 62.17 8.22
N VAL F 577 -8.50 63.38 7.94
CA VAL F 577 -7.96 64.27 8.97
C VAL F 577 -9.05 64.97 9.78
N ARG F 578 -10.11 65.42 9.13
CA ARG F 578 -11.14 66.20 9.81
C ARG F 578 -12.09 65.32 10.59
N HIS F 579 -12.23 64.07 10.15
CA HIS F 579 -13.31 63.19 10.62
C HIS F 579 -12.79 61.94 11.32
N GLY F 580 -11.96 61.17 10.63
CA GLY F 580 -11.41 59.95 11.22
C GLY F 580 -12.06 58.73 10.63
N VAL F 581 -12.73 58.91 9.50
CA VAL F 581 -13.27 57.80 8.74
C VAL F 581 -12.52 57.69 7.42
N THR F 582 -12.26 56.45 7.01
CA THR F 582 -11.54 56.17 5.77
C THR F 582 -12.49 55.94 4.60
N VAL F 583 -12.32 56.73 3.55
CA VAL F 583 -13.13 56.54 2.35
C VAL F 583 -12.61 55.34 1.58
N ARG F 584 -13.48 54.37 1.36
CA ARG F 584 -13.10 53.14 0.67
C ARG F 584 -13.09 53.31 -0.85
N ASP F 585 -14.06 54.07 -1.34
CA ASP F 585 -14.20 54.30 -2.77
C ASP F 585 -14.64 55.73 -3.04
N VAL F 586 -13.99 56.37 -4.01
CA VAL F 586 -14.46 57.65 -4.54
C VAL F 586 -14.73 57.47 -6.02
N LEU F 587 -16.00 57.60 -6.41
CA LEU F 587 -16.41 57.37 -7.78
C LEU F 587 -16.80 58.71 -8.40
N LEU F 588 -15.99 59.18 -9.34
CA LEU F 588 -16.23 60.44 -10.02
C LEU F 588 -17.08 60.22 -11.26
N THR F 589 -18.17 60.98 -11.39
CA THR F 589 -19.14 60.78 -12.48
C THR F 589 -19.20 61.95 -13.46
N ALA F 590 -19.97 61.78 -14.52
CA ALA F 590 -20.17 62.84 -15.50
C ALA F 590 -21.11 63.88 -14.92
N ALA F 591 -21.05 65.09 -15.46
CA ALA F 591 -21.91 66.16 -14.98
C ALA F 591 -23.36 65.80 -15.23
N GLY F 592 -24.21 65.95 -14.21
CA GLY F 592 -25.62 65.67 -14.36
C GLY F 592 -25.97 64.21 -14.14
N ALA F 593 -24.96 63.40 -13.82
CA ALA F 593 -25.14 61.96 -13.72
C ALA F 593 -25.80 61.54 -12.40
N ILE F 594 -25.45 62.22 -11.30
CA ILE F 594 -26.02 61.86 -10.00
C ILE F 594 -27.54 62.08 -10.00
N PRO F 595 -28.31 61.08 -9.52
CA PRO F 595 -29.77 61.21 -9.47
C PRO F 595 -30.24 62.35 -8.56
N ARG F 596 -31.26 63.06 -9.02
CA ARG F 596 -31.85 64.18 -8.28
C ARG F 596 -33.33 63.93 -8.08
N THR F 597 -34.06 64.92 -7.58
CA THR F 597 -35.48 64.77 -7.30
C THR F 597 -36.30 65.86 -7.98
N SER F 598 -37.62 65.74 -7.87
CA SER F 598 -38.55 66.73 -8.39
C SER F 598 -38.11 68.17 -8.12
N SER F 599 -37.85 68.49 -6.85
CA SER F 599 -37.54 69.87 -6.47
C SER F 599 -36.16 70.28 -6.98
N GLY F 600 -35.37 69.29 -7.39
CA GLY F 600 -34.05 69.53 -7.94
C GLY F 600 -32.95 69.22 -6.93
N LYS F 601 -33.37 68.78 -5.75
CA LYS F 601 -32.41 68.43 -4.71
C LYS F 601 -31.93 67.00 -4.93
N ILE F 602 -30.69 66.75 -4.55
CA ILE F 602 -30.09 65.43 -4.65
C ILE F 602 -30.73 64.50 -3.63
N GLY F 603 -30.51 63.20 -3.77
CA GLY F 603 -30.91 62.28 -2.72
C GLY F 603 -29.90 61.18 -2.65
N ARG F 604 -29.66 60.74 -1.41
CA ARG F 604 -28.67 59.73 -1.12
C ARG F 604 -29.08 58.36 -1.61
N ARG F 605 -30.07 57.81 -0.92
CA ARG F 605 -30.58 56.46 -1.15
C ARG F 605 -30.68 56.08 -2.62
N ALA F 606 -31.04 57.03 -3.48
CA ALA F 606 -31.11 56.75 -4.91
C ALA F 606 -29.72 56.70 -5.52
N CYS F 607 -28.84 57.59 -5.04
CA CYS F 607 -27.47 57.61 -5.50
C CYS F 607 -26.73 56.37 -5.03
N ARG F 608 -27.05 55.95 -3.80
CA ARG F 608 -26.52 54.74 -3.24
C ARG F 608 -26.96 53.55 -4.09
N ALA F 609 -28.24 53.53 -4.44
CA ALA F 609 -28.81 52.46 -5.25
C ALA F 609 -28.09 52.32 -6.58
N ALA F 610 -27.82 53.46 -7.21
CA ALA F 610 -27.13 53.47 -8.50
C ALA F 610 -25.70 52.99 -8.35
N TYR F 611 -25.14 53.19 -7.15
CA TYR F 611 -23.77 52.77 -6.90
C TYR F 611 -23.66 51.27 -6.72
N LEU F 612 -24.60 50.67 -6.01
CA LEU F 612 -24.51 49.24 -5.75
C LEU F 612 -24.77 48.40 -7.00
N ASP F 613 -25.73 48.79 -7.82
CA ASP F 613 -26.01 48.05 -9.05
C ASP F 613 -25.01 48.41 -10.15
N GLY F 614 -24.25 49.47 -9.89
CA GLY F 614 -23.21 49.92 -10.80
C GLY F 614 -23.77 50.49 -12.09
N SER F 615 -24.76 51.36 -11.96
CA SER F 615 -25.28 52.08 -13.11
C SER F 615 -24.62 53.46 -13.16
N LEU F 616 -23.92 53.80 -12.08
CA LEU F 616 -23.17 55.05 -12.01
C LEU F 616 -22.18 55.10 -13.15
N ARG F 617 -21.60 53.96 -13.46
CA ARG F 617 -20.56 53.86 -14.49
C ARG F 617 -21.18 53.79 -15.88
N ALA F 618 -22.50 53.96 -15.94
CA ALA F 618 -23.21 54.10 -17.22
C ALA F 618 -23.61 55.56 -17.41
N GLY F 619 -24.52 56.05 -16.56
CA GLY F 619 -25.00 57.41 -16.61
C GLY F 619 -26.46 57.53 -17.02
N GLY G 11 12.41 -100.93 -20.21
CA GLY G 11 11.21 -100.15 -20.42
C GLY G 11 11.02 -99.74 -21.88
N GLN G 12 10.05 -98.85 -22.09
CA GLN G 12 9.63 -98.43 -23.43
C GLN G 12 9.55 -96.90 -23.57
N ILE G 13 8.80 -96.25 -22.68
CA ILE G 13 8.08 -95.00 -22.92
C ILE G 13 6.63 -95.30 -23.32
N LYS G 14 6.34 -96.60 -23.44
CA LYS G 14 5.00 -97.11 -23.76
C LYS G 14 4.62 -98.19 -22.74
N PHE G 15 3.67 -97.89 -21.86
CA PHE G 15 3.19 -98.88 -20.89
C PHE G 15 2.03 -99.68 -21.43
N PRO G 16 1.96 -100.98 -21.07
CA PRO G 16 0.84 -101.84 -21.45
C PRO G 16 -0.43 -101.36 -20.77
N ASP G 17 -1.56 -101.99 -21.07
CA ASP G 17 -2.80 -101.58 -20.44
C ASP G 17 -2.70 -101.98 -18.97
N GLY G 18 -3.29 -101.17 -18.08
CA GLY G 18 -3.20 -101.41 -16.66
C GLY G 18 -1.78 -101.32 -16.10
N SER G 19 -1.16 -100.17 -16.32
CA SER G 19 0.16 -99.85 -15.78
C SER G 19 0.11 -99.55 -14.28
N SER G 20 -1.08 -99.68 -13.70
CA SER G 20 -1.33 -99.29 -12.31
C SER G 20 -0.26 -99.77 -11.33
N ILE G 21 0.19 -98.83 -10.51
CA ILE G 21 1.30 -99.07 -9.60
C ILE G 21 0.82 -99.98 -8.47
N VAL G 22 -0.45 -99.86 -8.09
CA VAL G 22 -1.03 -100.71 -7.07
C VAL G 22 -0.77 -102.17 -7.40
N ALA G 23 -0.98 -102.53 -8.66
CA ALA G 23 -0.75 -103.91 -9.12
C ALA G 23 0.74 -104.18 -9.24
N HIS G 24 1.50 -103.15 -9.61
CA HIS G 24 2.95 -103.27 -9.78
C HIS G 24 3.59 -103.50 -8.41
N VAL G 25 3.12 -102.74 -7.42
CA VAL G 25 3.61 -102.85 -6.06
C VAL G 25 3.18 -104.17 -5.44
N GLU G 26 1.99 -104.65 -5.81
CA GLU G 26 1.48 -105.92 -5.28
C GLU G 26 2.32 -107.09 -5.77
N ARG G 27 2.74 -107.05 -7.03
CA ARG G 27 3.59 -108.08 -7.59
C ARG G 27 4.91 -108.16 -6.84
N TRP G 28 5.51 -106.99 -6.61
CA TRP G 28 6.77 -106.89 -5.88
C TRP G 28 6.63 -107.34 -4.43
N ALA G 29 5.47 -107.10 -3.84
CA ALA G 29 5.25 -107.44 -2.44
C ALA G 29 5.23 -108.96 -2.24
N LYS G 30 4.74 -109.68 -3.25
CA LYS G 30 4.71 -111.13 -3.22
C LYS G 30 6.09 -111.67 -3.52
N VAL G 31 6.79 -110.99 -4.43
CA VAL G 31 8.09 -111.41 -4.92
C VAL G 31 9.18 -111.20 -3.87
N ARG G 32 9.03 -110.15 -3.06
CA ARG G 32 9.96 -109.85 -1.99
C ARG G 32 9.45 -110.53 -0.71
N GLY G 33 8.22 -110.24 -0.32
CA GLY G 33 7.71 -110.80 0.93
C GLY G 33 8.28 -110.19 2.20
N ASP G 34 9.04 -110.98 2.95
CA ASP G 34 9.51 -110.57 4.26
C ASP G 34 10.76 -109.69 4.14
N LYS G 35 11.19 -109.43 2.92
CA LYS G 35 12.36 -108.60 2.69
C LYS G 35 12.01 -107.14 2.99
N LEU G 36 13.00 -106.32 3.33
CA LEU G 36 12.77 -104.95 3.76
C LEU G 36 12.22 -104.03 2.64
N ALA G 37 11.18 -103.26 2.96
CA ALA G 37 10.61 -102.26 2.04
C ALA G 37 11.07 -100.84 2.38
N TYR G 38 10.71 -100.36 3.57
CA TYR G 38 11.13 -99.03 4.03
C TYR G 38 11.81 -99.10 5.40
N ARG G 39 12.82 -98.25 5.60
CA ARG G 39 13.50 -98.15 6.88
C ARG G 39 13.51 -96.69 7.32
N PHE G 40 12.96 -96.46 8.50
CA PHE G 40 12.84 -95.12 9.06
C PHE G 40 13.83 -94.96 10.18
N LEU G 41 14.67 -93.94 10.08
CA LEU G 41 15.66 -93.67 11.11
C LEU G 41 15.02 -92.72 12.11
N ASP G 42 14.73 -93.20 13.31
CA ASP G 42 14.02 -92.41 14.29
C ASP G 42 14.98 -91.71 15.24
N PHE G 43 15.12 -90.40 15.07
CA PHE G 43 15.99 -89.60 15.93
C PHE G 43 15.19 -88.87 17.00
N SER G 44 13.88 -89.06 17.03
CA SER G 44 13.03 -88.36 17.99
C SER G 44 13.36 -88.76 19.42
N THR G 45 13.19 -90.05 19.73
CA THR G 45 13.46 -90.54 21.08
C THR G 45 14.95 -90.75 21.33
N GLU G 46 15.49 -91.82 20.76
CA GLU G 46 16.92 -92.09 20.82
C GLU G 46 17.76 -90.95 20.25
N ARG G 47 19.00 -90.86 20.72
CA ARG G 47 19.96 -89.86 20.26
C ARG G 47 20.50 -90.23 18.87
N ASP G 48 21.08 -91.42 18.77
CA ASP G 48 21.71 -91.91 17.55
C ASP G 48 20.78 -92.75 16.67
N GLY G 49 19.56 -92.97 17.14
CA GLY G 49 18.53 -93.61 16.34
C GLY G 49 18.19 -95.05 16.64
N VAL G 50 16.89 -95.34 16.50
CA VAL G 50 16.33 -96.68 16.63
C VAL G 50 15.61 -97.01 15.32
N PRO G 51 16.18 -97.90 14.50
CA PRO G 51 15.56 -98.11 13.18
C PRO G 51 14.14 -98.66 13.24
N ARG G 52 13.20 -97.90 12.68
CA ARG G 52 11.82 -98.36 12.51
C ARG G 52 11.67 -98.93 11.09
N ASP G 53 11.44 -100.25 11.00
CA ASP G 53 11.40 -100.92 9.71
C ASP G 53 10.02 -101.47 9.35
N LEU G 54 9.74 -101.51 8.04
CA LEU G 54 8.53 -102.12 7.52
C LEU G 54 8.91 -102.97 6.31
N THR G 55 8.68 -104.28 6.38
CA THR G 55 9.02 -105.16 5.28
C THR G 55 7.94 -105.10 4.21
N TRP G 56 8.20 -105.76 3.09
CA TRP G 56 7.27 -105.71 1.95
C TRP G 56 5.92 -106.32 2.27
N ALA G 57 5.92 -107.40 3.05
CA ALA G 57 4.68 -108.07 3.43
C ALA G 57 3.78 -107.17 4.28
N GLN G 58 4.36 -106.54 5.30
CA GLN G 58 3.61 -105.61 6.15
C GLN G 58 3.17 -104.42 5.32
N PHE G 59 4.07 -103.94 4.46
CA PHE G 59 3.81 -102.77 3.64
C PHE G 59 2.54 -102.98 2.81
N SER G 60 2.46 -104.09 2.11
CA SER G 60 1.30 -104.39 1.28
C SER G 60 0.05 -104.61 2.13
N ALA G 61 0.23 -105.25 3.29
CA ALA G 61 -0.90 -105.57 4.17
C ALA G 61 -1.59 -104.31 4.66
N ARG G 62 -0.80 -103.32 5.05
CA ARG G 62 -1.36 -102.06 5.52
C ARG G 62 -1.92 -101.21 4.40
N ASN G 63 -1.26 -101.21 3.25
CA ASN G 63 -1.78 -100.47 2.11
C ASN G 63 -3.18 -100.95 1.78
N ARG G 64 -3.36 -102.27 1.85
CA ARG G 64 -4.65 -102.90 1.59
C ARG G 64 -5.65 -102.67 2.74
N ALA G 65 -5.15 -102.65 3.96
CA ALA G 65 -5.98 -102.47 5.15
C ALA G 65 -6.57 -101.07 5.22
N VAL G 66 -5.72 -100.06 5.02
CA VAL G 66 -6.14 -98.66 5.02
C VAL G 66 -7.05 -98.37 3.83
N ALA G 67 -6.71 -98.94 2.69
CA ALA G 67 -7.47 -98.76 1.45
C ALA G 67 -8.88 -99.30 1.63
N ALA G 68 -9.00 -100.40 2.37
CA ALA G 68 -10.29 -101.01 2.59
C ALA G 68 -11.25 -100.07 3.32
N ARG G 69 -10.77 -99.43 4.38
CA ARG G 69 -11.60 -98.47 5.11
C ARG G 69 -11.84 -97.19 4.32
N LEU G 70 -10.86 -96.79 3.52
CA LEU G 70 -10.99 -95.58 2.71
C LEU G 70 -12.07 -95.80 1.67
N GLN G 71 -12.09 -97.01 1.09
CA GLN G 71 -13.11 -97.33 0.12
C GLN G 71 -14.50 -97.34 0.76
N GLN G 72 -14.54 -97.58 2.07
CA GLN G 72 -15.80 -97.64 2.80
C GLN G 72 -16.37 -96.25 3.12
N VAL G 73 -15.48 -95.34 3.52
CA VAL G 73 -15.90 -94.02 3.97
C VAL G 73 -15.77 -92.96 2.85
N THR G 74 -15.22 -93.34 1.71
CA THR G 74 -15.01 -92.39 0.62
C THR G 74 -15.52 -92.93 -0.72
N GLN G 75 -16.05 -92.02 -1.53
CA GLN G 75 -16.55 -92.36 -2.86
C GLN G 75 -15.46 -92.22 -3.93
N PRO G 76 -15.58 -92.97 -5.04
CA PRO G 76 -14.57 -92.84 -6.10
C PRO G 76 -14.49 -91.44 -6.70
N GLY G 77 -13.29 -90.97 -6.97
CA GLY G 77 -13.08 -89.64 -7.51
C GLY G 77 -12.85 -88.60 -6.42
N ASP G 78 -13.13 -89.00 -5.19
CA ASP G 78 -12.90 -88.13 -4.03
C ASP G 78 -11.40 -87.99 -3.75
N ARG G 79 -11.06 -86.92 -3.04
CA ARG G 79 -9.67 -86.63 -2.68
C ARG G 79 -9.44 -86.86 -1.19
N VAL G 80 -8.38 -87.58 -0.87
CA VAL G 80 -8.07 -87.91 0.52
C VAL G 80 -6.76 -87.24 0.92
N ALA G 81 -6.85 -86.31 1.86
CA ALA G 81 -5.69 -85.58 2.35
C ALA G 81 -5.03 -86.36 3.48
N ILE G 82 -3.72 -86.45 3.42
CA ILE G 82 -2.96 -87.10 4.48
C ILE G 82 -2.34 -86.03 5.36
N LEU G 83 -2.86 -85.87 6.58
CA LEU G 83 -2.22 -84.98 7.54
C LEU G 83 -1.56 -85.80 8.64
N CYS G 84 -0.26 -86.01 8.47
CA CYS G 84 0.57 -86.74 9.41
C CYS G 84 2.01 -86.25 9.26
N PRO G 85 2.82 -86.34 10.33
CA PRO G 85 4.25 -86.01 10.17
C PRO G 85 4.99 -87.06 9.36
N GLN G 86 6.30 -86.92 9.20
CA GLN G 86 7.09 -87.91 8.46
C GLN G 86 7.36 -89.20 9.24
N ASN G 87 6.91 -90.31 8.67
CA ASN G 87 7.03 -91.63 9.30
C ASN G 87 6.72 -92.68 8.24
N LEU G 88 6.66 -93.93 8.68
CA LEU G 88 6.32 -95.02 7.81
C LEU G 88 4.84 -94.89 7.50
N ASP G 89 4.10 -94.36 8.47
CA ASP G 89 2.66 -94.24 8.36
C ASP G 89 2.22 -93.24 7.30
N TYR G 90 3.09 -92.30 6.96
CA TYR G 90 2.78 -91.35 5.88
C TYR G 90 2.71 -92.08 4.54
N LEU G 91 3.68 -92.96 4.31
CA LEU G 91 3.77 -93.69 3.05
C LEU G 91 2.63 -94.69 2.94
N VAL G 92 2.28 -95.31 4.06
CA VAL G 92 1.17 -96.27 4.09
C VAL G 92 -0.15 -95.56 3.81
N ALA G 93 -0.25 -94.31 4.25
CA ALA G 93 -1.43 -93.50 4.03
C ALA G 93 -1.53 -93.08 2.56
N PHE G 94 -0.39 -92.70 1.98
CA PHE G 94 -0.34 -92.27 0.58
C PHE G 94 -0.66 -93.45 -0.34
N PHE G 95 0.10 -94.53 -0.20
CA PHE G 95 -0.13 -95.74 -0.99
C PHE G 95 -1.51 -96.32 -0.75
N GLY G 96 -1.97 -96.25 0.50
CA GLY G 96 -3.31 -96.67 0.85
C GLY G 96 -4.32 -95.88 0.01
N ALA G 97 -4.04 -94.60 -0.17
CA ALA G 97 -4.90 -93.71 -0.96
C ALA G 97 -4.93 -94.09 -2.43
N LEU G 98 -3.78 -94.50 -2.96
CA LEU G 98 -3.72 -94.99 -4.33
C LEU G 98 -4.43 -96.34 -4.41
N TYR G 99 -4.18 -97.21 -3.43
CA TYR G 99 -4.83 -98.51 -3.34
C TYR G 99 -6.35 -98.40 -3.33
N ALA G 100 -6.85 -97.40 -2.62
CA ALA G 100 -8.29 -97.23 -2.44
C ALA G 100 -8.99 -96.81 -3.73
N GLY G 101 -8.25 -96.18 -4.65
CA GLY G 101 -8.83 -95.70 -5.88
C GLY G 101 -9.28 -94.26 -5.76
N ARG G 102 -8.82 -93.62 -4.69
CA ARG G 102 -9.11 -92.22 -4.45
C ARG G 102 -7.94 -91.39 -4.94
N ILE G 103 -8.07 -90.07 -4.84
CA ILE G 103 -7.02 -89.15 -5.23
C ILE G 103 -6.25 -88.69 -3.99
N ALA G 104 -4.97 -89.01 -3.93
CA ALA G 104 -4.15 -88.59 -2.80
C ALA G 104 -3.76 -87.12 -2.95
N VAL G 105 -3.65 -86.42 -1.83
CA VAL G 105 -3.10 -85.07 -1.84
C VAL G 105 -2.12 -84.96 -0.67
N PRO G 106 -0.83 -85.26 -0.91
CA PRO G 106 0.13 -85.25 0.19
C PRO G 106 0.24 -83.88 0.87
N LEU G 107 0.16 -83.89 2.19
CA LEU G 107 0.21 -82.68 3.01
C LEU G 107 0.97 -82.98 4.30
N PHE G 108 0.90 -82.07 5.26
CA PHE G 108 1.73 -82.17 6.46
C PHE G 108 0.93 -82.07 7.75
N ASP G 109 1.63 -82.28 8.86
CA ASP G 109 1.04 -82.21 10.20
C ASP G 109 0.72 -80.76 10.53
N PRO G 110 -0.54 -80.45 10.92
CA PRO G 110 -0.77 -79.05 11.25
C PRO G 110 -0.16 -78.62 12.59
N SER G 111 1.09 -79.01 12.87
CA SER G 111 1.78 -78.56 14.07
C SER G 111 2.75 -77.45 13.68
N GLU G 112 2.33 -76.23 14.02
CA GLU G 112 3.06 -75.01 13.70
C GLU G 112 2.25 -73.89 14.40
N PRO G 113 2.47 -72.60 14.04
CA PRO G 113 1.89 -71.57 14.93
C PRO G 113 0.38 -71.69 15.13
N HIS G 115 2.55 -75.52 9.45
CA HIS G 115 2.09 -74.13 9.46
C HIS G 115 0.71 -74.01 8.86
N VAL G 116 -0.34 -74.23 9.66
CA VAL G 116 -1.65 -74.10 9.08
C VAL G 116 -2.16 -72.68 9.23
N GLY G 117 -1.83 -71.87 8.22
CA GLY G 117 -2.75 -71.01 7.53
C GLY G 117 -2.87 -71.55 6.12
N ARG G 118 -1.82 -72.27 5.68
CA ARG G 118 -1.75 -72.85 4.35
C ARG G 118 -2.68 -74.03 4.18
N LEU G 119 -2.84 -74.82 5.25
CA LEU G 119 -3.68 -76.01 5.20
C LEU G 119 -5.12 -75.58 5.00
N HIS G 120 -5.46 -74.42 5.56
CA HIS G 120 -6.79 -73.88 5.34
C HIS G 120 -6.96 -73.57 3.86
N ALA G 121 -5.93 -72.97 3.27
CA ALA G 121 -6.03 -72.53 1.89
C ALA G 121 -6.05 -73.72 0.92
N VAL G 122 -5.28 -74.75 1.22
CA VAL G 122 -5.22 -75.91 0.34
C VAL G 122 -6.52 -76.71 0.39
N LEU G 123 -7.03 -76.94 1.59
CA LEU G 123 -8.29 -77.66 1.75
C LEU G 123 -9.47 -76.89 1.15
N ASP G 124 -9.37 -75.56 1.13
CA ASP G 124 -10.41 -74.75 0.49
C ASP G 124 -10.40 -74.99 -1.02
N ASN G 125 -9.22 -75.30 -1.55
CA ASN G 125 -9.07 -75.52 -2.99
C ASN G 125 -9.55 -76.89 -3.47
N CYS G 126 -9.07 -77.98 -2.85
CA CYS G 126 -9.42 -79.33 -3.33
C CYS G 126 -10.53 -80.06 -2.56
N HIS G 127 -11.16 -79.38 -1.60
CA HIS G 127 -12.26 -79.94 -0.79
C HIS G 127 -12.20 -81.45 -0.52
N PRO G 128 -11.24 -81.91 0.31
CA PRO G 128 -11.09 -83.35 0.57
C PRO G 128 -12.27 -83.97 1.31
N SER G 129 -12.66 -85.17 0.90
CA SER G 129 -13.76 -85.91 1.54
C SER G 129 -13.32 -86.71 2.79
N ALA G 130 -12.03 -87.00 2.89
CA ALA G 130 -11.51 -87.76 4.02
C ALA G 130 -10.10 -87.31 4.42
N ILE G 131 -9.74 -87.50 5.69
CA ILE G 131 -8.42 -87.14 6.19
C ILE G 131 -7.72 -88.31 6.88
N LEU G 132 -6.52 -88.64 6.42
CA LEU G 132 -5.72 -89.72 6.99
C LEU G 132 -4.62 -89.15 7.89
N THR G 133 -4.54 -89.63 9.12
CA THR G 133 -3.52 -89.15 10.06
C THR G 133 -3.03 -90.27 10.96
N THR G 134 -2.24 -89.91 11.97
CA THR G 134 -1.71 -90.88 12.92
C THR G 134 -2.24 -90.59 14.31
N THR G 135 -2.26 -91.62 15.15
CA THR G 135 -2.79 -91.51 16.50
C THR G 135 -2.07 -90.44 17.32
N GLU G 136 -0.76 -90.31 17.11
CA GLU G 136 0.05 -89.33 17.81
C GLU G 136 -0.37 -87.91 17.45
N ALA G 137 -0.50 -87.67 16.15
CA ALA G 137 -0.75 -86.34 15.61
C ALA G 137 -2.24 -86.08 15.42
N ALA G 138 -3.08 -86.86 16.09
CA ALA G 138 -4.49 -86.89 15.75
C ALA G 138 -5.27 -85.71 16.30
N GLU G 139 -5.09 -85.39 17.58
CA GLU G 139 -5.85 -84.29 18.16
C GLU G 139 -5.54 -82.97 17.47
N GLY G 140 -4.31 -82.80 16.99
CA GLY G 140 -3.93 -81.58 16.30
C GLY G 140 -4.72 -81.33 15.04
N VAL G 141 -5.01 -82.39 14.29
CA VAL G 141 -5.83 -82.30 13.08
C VAL G 141 -7.28 -82.01 13.46
N ARG G 142 -7.73 -82.63 14.55
CA ARG G 142 -9.09 -82.46 15.04
C ARG G 142 -9.31 -81.02 15.49
N LYS G 143 -8.35 -80.50 16.23
CA LYS G 143 -8.40 -79.12 16.71
C LYS G 143 -8.38 -78.16 15.53
N PHE G 144 -7.58 -78.48 14.52
CA PHE G 144 -7.51 -77.68 13.30
C PHE G 144 -8.89 -77.60 12.66
N PHE G 145 -9.56 -78.75 12.57
CA PHE G 145 -10.84 -78.86 11.90
C PHE G 145 -11.98 -78.29 12.75
N ARG G 146 -11.72 -78.11 14.04
CA ARG G 146 -12.69 -77.44 14.90
C ARG G 146 -12.83 -75.97 14.48
N THR G 147 -11.84 -75.44 13.78
CA THR G 147 -11.86 -74.05 13.31
C THR G 147 -12.70 -73.93 12.06
N ARG G 148 -12.91 -75.05 11.37
CA ARG G 148 -13.75 -75.06 10.18
C ARG G 148 -15.20 -75.33 10.55
N PRO G 149 -16.14 -74.95 9.66
CA PRO G 149 -17.57 -75.18 9.85
C PRO G 149 -17.94 -76.67 9.92
N ALA G 150 -19.12 -76.98 10.45
CA ALA G 150 -19.56 -78.36 10.55
C ALA G 150 -19.88 -78.94 9.17
N ASN G 151 -20.34 -78.08 8.25
CA ASN G 151 -20.71 -78.56 6.92
C ASN G 151 -19.49 -79.10 6.16
N GLN G 152 -18.32 -78.49 6.30
CA GLN G 152 -17.09 -79.10 5.79
C GLN G 152 -16.32 -79.69 6.96
N ARG G 153 -16.47 -81.00 7.12
CA ARG G 153 -15.78 -81.75 8.17
C ARG G 153 -15.50 -83.16 7.69
N PRO G 154 -14.44 -83.35 6.88
CA PRO G 154 -14.26 -84.68 6.31
C PRO G 154 -13.95 -85.72 7.38
N ARG G 155 -14.27 -86.98 7.09
CA ARG G 155 -14.05 -88.04 8.06
C ARG G 155 -12.57 -88.18 8.32
N VAL G 156 -12.20 -88.46 9.57
CA VAL G 156 -10.80 -88.64 9.95
C VAL G 156 -10.53 -90.10 10.32
N ILE G 157 -9.50 -90.67 9.69
CA ILE G 157 -9.12 -92.06 9.94
C ILE G 157 -7.68 -92.09 10.44
N ALA G 158 -7.49 -92.68 11.62
CA ALA G 158 -6.16 -92.80 12.17
C ALA G 158 -5.53 -94.02 11.54
N VAL G 159 -4.48 -93.80 10.77
CA VAL G 159 -3.93 -94.84 9.92
C VAL G 159 -3.31 -95.96 10.75
N ASP G 160 -2.68 -95.61 11.87
CA ASP G 160 -2.03 -96.59 12.72
C ASP G 160 -3.07 -97.41 13.49
N ALA G 161 -4.29 -96.87 13.55
CA ALA G 161 -5.34 -97.45 14.35
C ALA G 161 -6.21 -98.42 13.56
N VAL G 162 -6.00 -98.46 12.25
CA VAL G 162 -6.84 -99.31 11.42
C VAL G 162 -6.40 -100.75 11.63
N PRO G 163 -7.34 -101.62 12.06
CA PRO G 163 -6.93 -103.02 12.27
C PRO G 163 -6.49 -103.69 10.97
N ASP G 164 -5.52 -104.59 11.07
CA ASP G 164 -4.95 -105.23 9.90
C ASP G 164 -5.96 -106.19 9.24
N ASP G 165 -7.04 -106.47 9.96
CA ASP G 165 -8.06 -107.42 9.52
C ASP G 165 -9.07 -106.84 8.52
N VAL G 166 -9.05 -105.52 8.35
CA VAL G 166 -9.98 -104.86 7.44
C VAL G 166 -9.64 -105.15 5.97
N ALA G 167 -8.45 -105.69 5.73
CA ALA G 167 -8.01 -105.99 4.38
C ALA G 167 -8.97 -106.91 3.63
N SER G 168 -9.76 -107.68 4.37
CA SER G 168 -10.68 -108.65 3.77
C SER G 168 -11.73 -108.01 2.86
N THR G 169 -12.09 -106.77 3.17
CA THR G 169 -13.15 -106.07 2.42
C THR G 169 -12.58 -105.22 1.28
N TRP G 170 -11.26 -105.31 1.08
CA TRP G 170 -10.59 -104.50 0.08
C TRP G 170 -10.97 -104.88 -1.35
N VAL G 171 -11.23 -103.86 -2.17
CA VAL G 171 -11.54 -104.03 -3.58
C VAL G 171 -10.48 -103.37 -4.46
N ASN G 172 -9.92 -104.16 -5.37
CA ASN G 172 -8.93 -103.65 -6.32
C ASN G 172 -9.57 -102.53 -7.15
N PRO G 173 -8.93 -101.36 -7.22
CA PRO G 173 -9.61 -100.28 -7.95
C PRO G 173 -9.64 -100.50 -9.46
N ASP G 174 -10.55 -99.81 -10.17
CA ASP G 174 -10.65 -99.94 -11.62
C ASP G 174 -9.36 -99.55 -12.32
N GLU G 175 -9.05 -100.27 -13.39
CA GLU G 175 -7.82 -100.01 -14.13
C GLU G 175 -7.85 -98.58 -14.66
N PRO G 176 -6.78 -97.81 -14.37
CA PRO G 176 -6.75 -96.41 -14.76
C PRO G 176 -6.35 -96.23 -16.23
N ASP G 177 -6.72 -95.09 -16.81
CA ASP G 177 -6.33 -94.76 -18.18
C ASP G 177 -5.39 -93.56 -18.09
N GLU G 178 -4.96 -93.07 -19.24
CA GLU G 178 -3.99 -91.99 -19.31
C GLU G 178 -4.50 -90.65 -18.75
N THR G 179 -5.82 -90.52 -18.54
CA THR G 179 -6.37 -89.29 -17.95
C THR G 179 -6.67 -89.41 -16.44
N THR G 180 -6.42 -90.59 -15.86
CA THR G 180 -6.82 -90.85 -14.46
C THR G 180 -5.84 -90.22 -13.46
N ILE G 181 -6.35 -89.31 -12.63
CA ILE G 181 -5.50 -88.57 -11.70
C ILE G 181 -5.04 -89.44 -10.53
N ALA G 182 -3.72 -89.54 -10.34
CA ALA G 182 -3.16 -90.26 -9.19
C ALA G 182 -3.14 -89.42 -7.91
N TYR G 183 -2.61 -88.20 -8.00
CA TYR G 183 -2.55 -87.33 -6.82
C TYR G 183 -2.38 -85.86 -7.21
N LEU G 184 -2.59 -84.97 -6.24
CA LEU G 184 -2.38 -83.52 -6.42
C LEU G 184 -1.11 -83.05 -5.72
N GLN G 185 -0.18 -82.50 -6.49
CA GLN G 185 1.07 -81.98 -5.96
C GLN G 185 0.98 -80.45 -5.85
N TYR G 186 0.91 -79.93 -4.63
CA TYR G 186 0.78 -78.49 -4.41
C TYR G 186 2.12 -77.74 -4.32
N THR G 187 2.23 -76.66 -5.10
CA THR G 187 3.41 -75.80 -5.10
C THR G 187 3.01 -74.35 -4.80
N THR G 191 1.63 -67.67 -10.04
CA THR G 191 1.59 -66.79 -8.87
C THR G 191 0.17 -66.36 -8.57
N ARG G 192 -0.49 -67.10 -7.67
CA ARG G 192 -1.92 -66.99 -7.44
C ARG G 192 -2.27 -67.66 -6.12
N ILE G 193 -3.56 -67.95 -5.93
CA ILE G 193 -4.02 -68.69 -4.76
C ILE G 193 -3.40 -70.09 -4.83
N PRO G 194 -3.80 -71.03 -3.96
CA PRO G 194 -2.93 -72.22 -4.01
C PRO G 194 -3.07 -73.00 -5.29
N THR G 195 -1.98 -73.63 -5.72
CA THR G 195 -1.95 -74.40 -6.95
C THR G 195 -1.66 -75.88 -6.74
N GLY G 196 -2.68 -76.73 -6.84
CA GLY G 196 -2.46 -78.16 -6.96
C GLY G 196 -2.08 -78.55 -8.37
N VAL G 197 -0.99 -79.28 -8.55
CA VAL G 197 -0.68 -79.84 -9.87
C VAL G 197 -1.33 -81.22 -9.98
N GLN G 198 -1.96 -81.50 -11.11
CA GLN G 198 -2.62 -82.76 -11.31
C GLN G 198 -1.64 -83.74 -11.92
N ILE G 199 -1.27 -84.75 -11.13
CA ILE G 199 -0.33 -85.76 -11.56
C ILE G 199 -1.10 -87.03 -11.88
N THR G 200 -0.98 -87.49 -13.12
CA THR G 200 -1.72 -88.66 -13.57
C THR G 200 -1.00 -89.92 -13.14
N HIS G 201 -1.64 -91.07 -13.36
CA HIS G 201 -0.99 -92.34 -13.08
C HIS G 201 0.11 -92.54 -14.11
N LEU G 202 -0.08 -91.94 -15.29
CA LEU G 202 0.89 -92.03 -16.35
C LEU G 202 2.07 -91.12 -16.02
N ASN G 203 1.76 -89.93 -15.51
CA ASN G 203 2.82 -89.00 -15.12
C ASN G 203 3.75 -89.62 -14.10
N LEU G 204 3.18 -90.35 -13.15
CA LEU G 204 3.99 -90.93 -12.08
C LEU G 204 4.93 -91.98 -12.65
N ALA G 205 4.39 -92.96 -13.36
CA ALA G 205 5.20 -94.06 -13.85
C ALA G 205 6.21 -93.63 -14.92
N THR G 206 5.78 -92.77 -15.84
CA THR G 206 6.66 -92.29 -16.89
C THR G 206 7.83 -91.54 -16.28
N ASN G 207 7.55 -90.68 -15.31
CA ASN G 207 8.61 -89.91 -14.66
C ASN G 207 9.49 -90.80 -13.77
N VAL G 208 8.90 -91.84 -13.19
CA VAL G 208 9.66 -92.77 -12.35
C VAL G 208 10.73 -93.52 -13.14
N VAL G 209 10.40 -93.96 -14.35
CA VAL G 209 11.36 -94.70 -15.17
C VAL G 209 12.41 -93.74 -15.72
N GLN G 210 12.00 -92.50 -15.97
CA GLN G 210 12.92 -91.50 -16.46
C GLN G 210 14.00 -91.27 -15.40
N VAL G 211 13.56 -91.18 -14.15
CA VAL G 211 14.48 -90.99 -13.04
C VAL G 211 15.33 -92.25 -12.83
N ILE G 212 14.68 -93.40 -12.80
CA ILE G 212 15.38 -94.68 -12.58
C ILE G 212 16.37 -94.95 -13.69
N GLU G 213 16.00 -94.62 -14.92
CA GLU G 213 16.89 -94.79 -16.07
C GLU G 213 18.06 -93.81 -16.02
N ALA G 214 17.80 -92.63 -15.46
CA ALA G 214 18.80 -91.57 -15.41
C ALA G 214 19.88 -91.82 -14.34
N LEU G 215 19.48 -92.49 -13.26
CA LEU G 215 20.40 -92.75 -12.15
C LEU G 215 21.34 -93.94 -12.46
N GLU G 216 20.87 -94.85 -13.32
CA GLU G 216 21.66 -96.04 -13.69
C GLU G 216 21.95 -96.95 -12.49
N GLY G 217 21.13 -96.81 -11.44
CA GLY G 217 21.19 -97.65 -10.26
C GLY G 217 21.41 -99.15 -10.48
N GLU G 218 22.47 -99.65 -9.87
CA GLU G 218 22.80 -101.08 -9.87
C GLU G 218 22.10 -101.80 -8.73
N GLU G 219 22.40 -103.08 -8.57
CA GLU G 219 21.66 -103.92 -7.63
C GLU G 219 22.17 -103.77 -6.21
N GLY G 220 23.47 -103.56 -6.07
CA GLY G 220 24.07 -103.38 -4.76
C GLY G 220 23.85 -102.00 -4.17
N ASP G 221 23.31 -101.08 -4.98
CA ASP G 221 23.12 -99.71 -4.52
C ASP G 221 21.92 -99.55 -3.60
N ARG G 222 22.08 -98.66 -2.62
CA ARG G 222 21.02 -98.26 -1.71
C ARG G 222 20.76 -96.78 -1.93
N GLY G 223 19.59 -96.30 -1.51
CA GLY G 223 19.26 -94.89 -1.64
C GLY G 223 18.54 -94.35 -0.42
N LEU G 224 18.69 -93.04 -0.21
CA LEU G 224 18.19 -92.38 0.99
C LEU G 224 17.87 -90.90 0.80
N SER G 225 16.90 -90.41 1.55
CA SER G 225 16.58 -88.98 1.54
C SER G 225 16.01 -88.55 2.88
N TRP G 226 16.34 -87.33 3.27
CA TRP G 226 15.71 -86.68 4.42
C TRP G 226 14.64 -85.67 3.99
N LEU G 227 14.41 -85.58 2.68
CA LEU G 227 13.49 -84.59 2.13
C LEU G 227 12.04 -84.84 2.59
N PRO G 228 11.26 -83.77 2.80
CA PRO G 228 9.86 -83.89 3.23
C PRO G 228 8.97 -84.47 2.13
N PHE G 229 8.01 -85.33 2.49
CA PHE G 229 7.16 -86.00 1.50
C PHE G 229 6.13 -85.12 0.80
N PHE G 230 5.79 -83.98 1.38
CA PHE G 230 4.80 -83.09 0.77
C PHE G 230 5.43 -82.23 -0.34
N HIS G 231 6.74 -82.33 -0.48
CA HIS G 231 7.47 -81.65 -1.55
C HIS G 231 7.71 -82.63 -2.68
N ASP G 232 7.64 -82.14 -3.92
CA ASP G 232 7.73 -83.01 -5.09
C ASP G 232 9.05 -83.79 -5.14
N MET G 233 10.14 -83.18 -4.68
CA MET G 233 11.42 -83.88 -4.64
C MET G 233 11.41 -85.03 -3.64
N GLY G 234 10.73 -84.84 -2.52
CA GLY G 234 10.71 -85.84 -1.48
C GLY G 234 9.75 -86.99 -1.76
N LEU G 235 8.63 -86.69 -2.40
CA LEU G 235 7.60 -87.70 -2.65
C LEU G 235 8.09 -88.76 -3.62
N ILE G 236 8.56 -88.31 -4.79
CA ILE G 236 9.00 -89.23 -5.83
C ILE G 236 10.25 -90.00 -5.39
N THR G 237 11.07 -89.40 -4.54
CA THR G 237 12.29 -90.06 -4.09
C THR G 237 11.95 -91.25 -3.23
N ALA G 238 10.91 -91.13 -2.43
CA ALA G 238 10.47 -92.25 -1.61
C ALA G 238 9.67 -93.22 -2.46
N LEU G 239 8.91 -92.67 -3.41
CA LEU G 239 8.09 -93.48 -4.29
C LEU G 239 8.90 -94.21 -5.37
N LEU G 240 10.20 -93.94 -5.45
CA LEU G 240 11.05 -94.58 -6.45
C LEU G 240 11.31 -96.04 -6.13
N ALA G 241 11.60 -96.32 -4.86
CA ALA G 241 12.04 -97.64 -4.44
C ALA G 241 10.95 -98.71 -4.59
N PRO G 242 9.70 -98.41 -4.16
CA PRO G 242 8.70 -99.46 -4.25
C PRO G 242 8.39 -99.85 -5.69
N MET G 243 8.76 -98.99 -6.63
CA MET G 243 8.54 -99.25 -8.04
C MET G 243 9.61 -100.16 -8.63
N ILE G 244 10.80 -100.14 -8.05
CA ILE G 244 11.92 -100.94 -8.54
C ILE G 244 12.10 -102.29 -7.82
N GLY G 245 11.42 -102.47 -6.69
CA GLY G 245 11.57 -103.69 -5.91
C GLY G 245 12.39 -103.42 -4.66
N HIS G 246 13.28 -102.44 -4.76
CA HIS G 246 14.31 -102.17 -3.75
C HIS G 246 13.82 -101.48 -2.46
N TYR G 247 14.67 -101.53 -1.44
CA TYR G 247 14.44 -100.84 -0.17
C TYR G 247 14.82 -99.35 -0.22
N PHE G 248 14.18 -98.55 0.64
CA PHE G 248 14.46 -97.10 0.74
C PHE G 248 14.54 -96.67 2.20
N THR G 249 15.63 -96.00 2.56
CA THR G 249 15.85 -95.55 3.95
C THR G 249 15.76 -94.02 4.06
N PHE G 250 14.97 -93.51 5.00
CA PHE G 250 14.80 -92.06 5.17
C PHE G 250 14.76 -91.59 6.62
N MET G 251 14.95 -90.28 6.80
CA MET G 251 14.80 -89.63 8.11
C MET G 251 13.97 -88.37 7.95
N THR G 252 13.71 -87.68 9.04
CA THR G 252 12.92 -86.45 8.99
C THR G 252 13.82 -85.30 8.62
N PRO G 253 13.27 -84.28 7.93
CA PRO G 253 14.06 -83.11 7.57
C PRO G 253 14.61 -82.44 8.82
N ALA G 254 13.80 -82.47 9.87
CA ALA G 254 14.17 -81.91 11.16
C ALA G 254 15.42 -82.59 11.72
N ALA G 255 15.52 -83.89 11.49
CA ALA G 255 16.67 -84.65 11.96
C ALA G 255 17.95 -84.19 11.28
N PHE G 256 17.82 -83.86 10.00
CA PHE G 256 18.96 -83.40 9.21
C PHE G 256 19.41 -82.00 9.61
N VAL G 257 18.44 -81.11 9.80
CA VAL G 257 18.73 -79.72 10.11
C VAL G 257 19.48 -79.59 11.43
N ARG G 258 19.11 -80.42 12.40
CA ARG G 258 19.70 -80.39 13.73
C ARG G 258 21.12 -80.98 13.77
N ARG G 259 21.30 -82.13 13.12
CA ARG G 259 22.59 -82.81 13.08
C ARG G 259 22.87 -83.36 11.68
N PRO G 260 23.33 -82.49 10.77
CA PRO G 260 23.55 -82.86 9.37
C PRO G 260 24.51 -84.02 9.17
N GLU G 261 25.31 -84.36 10.18
CA GLU G 261 26.25 -85.47 10.07
C GLU G 261 25.51 -86.79 9.79
N ARG G 262 24.24 -86.86 10.20
CA ARG G 262 23.42 -88.05 9.99
C ARG G 262 23.32 -88.43 8.53
N TRP G 263 23.12 -87.42 7.68
CA TRP G 263 23.06 -87.62 6.23
C TRP G 263 24.42 -88.08 5.69
N ILE G 264 25.48 -87.41 6.11
CA ILE G 264 26.82 -87.77 5.69
C ILE G 264 27.14 -89.18 6.17
N ARG G 265 26.71 -89.51 7.38
CA ARG G 265 26.96 -90.83 7.95
C ARG G 265 26.29 -91.94 7.14
N GLU G 266 25.07 -91.69 6.68
CA GLU G 266 24.34 -92.68 5.88
C GLU G 266 24.92 -92.83 4.48
N LEU G 267 25.53 -91.76 3.97
CA LEU G 267 26.18 -91.81 2.67
C LEU G 267 27.52 -92.56 2.75
N LYS G 270 29.23 -97.50 4.60
CA LYS G 270 28.91 -98.43 5.68
C LYS G 270 29.49 -99.82 5.41
N GLU G 271 29.55 -100.63 6.45
CA GLU G 271 30.13 -101.97 6.37
C GLU G 271 29.21 -102.96 5.65
N GLY G 272 29.74 -103.60 4.60
CA GLY G 272 29.02 -104.60 3.85
C GLY G 272 28.13 -104.12 2.71
N ASP G 273 28.51 -103.02 2.06
CA ASP G 273 27.76 -102.53 0.91
C ASP G 273 28.31 -103.17 -0.36
N THR G 274 27.43 -103.54 -1.28
CA THR G 274 27.83 -104.16 -2.55
C THR G 274 28.23 -103.09 -3.56
N GLY G 275 27.50 -101.98 -3.52
CA GLY G 275 27.60 -100.94 -4.51
C GLY G 275 27.50 -99.58 -3.83
N GLY G 276 27.45 -98.52 -4.62
CA GLY G 276 27.47 -97.18 -4.05
C GLY G 276 26.10 -96.65 -3.68
N THR G 277 26.11 -95.53 -2.95
CA THR G 277 24.89 -94.93 -2.42
C THR G 277 24.43 -93.74 -3.26
N ILE G 278 23.12 -93.59 -3.39
CA ILE G 278 22.53 -92.49 -4.14
C ILE G 278 21.60 -91.67 -3.24
N SER G 279 21.64 -90.35 -3.39
CA SER G 279 20.80 -89.45 -2.60
C SER G 279 20.53 -88.14 -3.34
N VAL G 280 19.75 -87.27 -2.72
CA VAL G 280 19.39 -85.98 -3.31
C VAL G 280 19.15 -84.93 -2.21
N ALA G 281 19.30 -83.66 -2.56
CA ALA G 281 19.18 -82.58 -1.58
C ALA G 281 19.28 -81.21 -2.27
N PRO G 282 18.70 -80.17 -1.66
CA PRO G 282 18.80 -78.82 -2.21
C PRO G 282 20.19 -78.22 -1.99
N ASN G 283 20.52 -77.18 -2.74
CA ASN G 283 21.85 -76.58 -2.67
C ASN G 283 22.27 -76.06 -1.30
N PHE G 284 21.36 -75.44 -0.55
CA PHE G 284 21.72 -74.84 0.71
C PHE G 284 22.13 -75.91 1.71
N ALA G 285 21.69 -77.14 1.46
CA ALA G 285 21.99 -78.24 2.37
C ALA G 285 23.46 -78.64 2.29
N PHE G 286 24.02 -78.54 1.09
CA PHE G 286 25.41 -78.90 0.88
C PHE G 286 26.31 -77.94 1.62
N ASP G 287 25.97 -76.66 1.56
CA ASP G 287 26.73 -75.64 2.27
C ASP G 287 26.55 -75.85 3.77
N HIS G 288 25.33 -76.21 4.18
CA HIS G 288 25.04 -76.48 5.59
C HIS G 288 25.73 -77.72 6.13
N ALA G 289 25.65 -78.82 5.39
CA ALA G 289 26.25 -80.07 5.84
C ALA G 289 27.78 -79.98 5.82
N ALA G 290 28.33 -79.04 5.06
CA ALA G 290 29.78 -78.93 4.96
C ALA G 290 30.37 -78.36 6.24
N ALA G 291 29.74 -77.31 6.75
CA ALA G 291 30.23 -76.66 7.96
C ALA G 291 29.92 -77.46 9.23
N ARG G 292 28.66 -77.82 9.42
CA ARG G 292 28.22 -78.47 10.67
C ARG G 292 28.12 -79.99 10.61
N GLY G 293 28.36 -80.59 9.45
CA GLY G 293 28.15 -82.02 9.27
C GLY G 293 29.42 -82.87 9.28
N VAL G 294 30.57 -82.21 9.37
CA VAL G 294 31.84 -82.93 9.43
C VAL G 294 32.03 -83.55 10.81
N PRO G 295 32.44 -84.83 10.87
CA PRO G 295 32.53 -85.51 12.16
C PRO G 295 33.58 -84.91 13.09
N LYS G 296 33.36 -85.00 14.40
CA LYS G 296 34.31 -84.53 15.40
C LYS G 296 35.54 -85.42 15.41
N PRO G 297 36.64 -84.94 15.99
CA PRO G 297 37.89 -85.72 15.97
C PRO G 297 37.82 -87.00 16.80
N GLY G 298 36.94 -87.06 17.78
CA GLY G 298 36.82 -88.23 18.64
C GLY G 298 35.78 -89.21 18.14
N SER G 299 35.31 -89.00 16.91
CA SER G 299 34.29 -89.86 16.31
C SER G 299 34.94 -90.95 15.46
N PRO G 300 34.21 -92.05 15.21
CA PRO G 300 34.78 -93.11 14.36
C PRO G 300 35.00 -92.64 12.92
N PRO G 301 35.85 -93.36 12.16
CA PRO G 301 36.22 -92.98 10.79
C PRO G 301 35.02 -92.90 9.83
N LEU G 302 35.07 -91.94 8.92
CA LEU G 302 34.05 -91.74 7.91
C LEU G 302 34.66 -91.81 6.52
N ASP G 303 34.23 -92.79 5.73
CA ASP G 303 34.71 -92.94 4.35
C ASP G 303 33.56 -92.66 3.37
N LEU G 304 33.68 -91.56 2.64
CA LEU G 304 32.66 -91.13 1.69
C LEU G 304 32.98 -91.65 0.29
N SER G 305 34.00 -92.49 0.19
CA SER G 305 34.44 -93.03 -1.10
C SER G 305 33.35 -93.85 -1.78
N ASN G 306 32.35 -94.25 -1.00
CA ASN G 306 31.28 -95.11 -1.49
C ASN G 306 30.18 -94.36 -2.24
N VAL G 307 30.12 -93.04 -2.08
CA VAL G 307 29.03 -92.24 -2.65
C VAL G 307 29.00 -92.33 -4.17
N LYS G 308 27.84 -92.70 -4.71
CA LYS G 308 27.67 -92.83 -6.16
C LYS G 308 27.23 -91.52 -6.78
N ALA G 309 26.02 -91.07 -6.42
CA ALA G 309 25.47 -89.81 -6.93
C ALA G 309 24.66 -89.08 -5.86
N VAL G 310 24.93 -87.80 -5.68
CA VAL G 310 24.12 -86.94 -4.84
C VAL G 310 23.58 -85.79 -5.67
N LEU G 311 22.27 -85.79 -5.93
CA LEU G 311 21.70 -84.81 -6.83
C LEU G 311 21.46 -83.47 -6.13
N ASN G 312 21.73 -82.38 -6.85
CA ASN G 312 21.58 -81.03 -6.33
C ASN G 312 20.54 -80.27 -7.15
N GLY G 313 19.40 -79.93 -6.55
CA GLY G 313 18.35 -79.25 -7.28
C GLY G 313 17.36 -78.47 -6.45
N SER G 314 16.35 -77.91 -7.12
CA SER G 314 15.28 -77.10 -6.51
C SER G 314 15.73 -75.67 -6.17
N GLU G 315 17.04 -75.45 -6.18
CA GLU G 315 17.60 -74.10 -6.01
C GLU G 315 18.84 -73.97 -6.90
N PRO G 316 19.20 -72.73 -7.26
CA PRO G 316 20.37 -72.49 -8.10
C PRO G 316 21.65 -73.08 -7.51
N ILE G 317 22.41 -73.79 -8.33
CA ILE G 317 23.59 -74.49 -7.86
C ILE G 317 24.77 -73.54 -7.81
N SER G 318 25.39 -73.44 -6.64
CA SER G 318 26.49 -72.53 -6.38
C SER G 318 27.87 -73.16 -6.61
N ALA G 319 28.74 -72.46 -7.35
CA ALA G 319 30.10 -72.91 -7.55
C ALA G 319 30.89 -72.89 -6.24
N ALA G 320 30.52 -71.95 -5.37
CA ALA G 320 31.16 -71.82 -4.06
C ALA G 320 30.78 -72.98 -3.17
N THR G 321 29.49 -73.30 -3.16
CA THR G 321 28.99 -74.39 -2.35
C THR G 321 29.61 -75.69 -2.84
N VAL G 322 29.86 -75.78 -4.14
CA VAL G 322 30.44 -76.98 -4.73
C VAL G 322 31.87 -77.12 -4.29
N ARG G 323 32.59 -76.01 -4.28
CA ARG G 323 33.98 -76.00 -3.85
C ARG G 323 34.05 -76.26 -2.35
N ARG G 324 33.15 -75.63 -1.59
CA ARG G 324 33.11 -75.76 -0.13
C ARG G 324 32.82 -77.19 0.32
N PHE G 325 31.86 -77.83 -0.34
CA PHE G 325 31.43 -79.17 0.02
C PHE G 325 32.52 -80.21 -0.22
N ASN G 326 33.11 -80.19 -1.41
CA ASN G 326 34.20 -81.12 -1.75
C ASN G 326 35.46 -80.90 -0.93
N GLU G 327 35.75 -79.64 -0.61
CA GLU G 327 36.95 -79.32 0.16
C GLU G 327 36.87 -79.91 1.56
N ALA G 328 35.67 -79.89 2.13
CA ALA G 328 35.46 -80.38 3.50
C ALA G 328 35.49 -81.90 3.58
N PHE G 329 34.75 -82.55 2.69
CA PHE G 329 34.60 -84.00 2.73
C PHE G 329 35.55 -84.70 1.77
N GLY G 330 36.33 -83.93 1.02
CA GLY G 330 37.32 -84.47 0.11
C GLY G 330 38.34 -85.39 0.77
N PRO G 331 38.90 -84.97 1.92
CA PRO G 331 39.91 -85.79 2.60
C PRO G 331 39.41 -87.18 3.00
N PHE G 332 38.10 -87.39 3.02
CA PHE G 332 37.54 -88.68 3.40
C PHE G 332 37.34 -89.62 2.21
N GLY G 333 37.70 -89.15 1.02
CA GLY G 333 37.62 -89.98 -0.17
C GLY G 333 36.40 -89.65 -1.01
N PHE G 334 35.64 -88.63 -0.59
CA PHE G 334 34.44 -88.23 -1.32
C PHE G 334 34.78 -87.76 -2.74
N PRO G 335 34.23 -88.46 -3.76
CA PRO G 335 34.55 -88.05 -5.13
C PRO G 335 33.86 -86.77 -5.58
N PRO G 336 34.52 -85.96 -6.43
CA PRO G 336 33.94 -84.73 -6.95
C PRO G 336 32.83 -84.98 -7.96
N LYS G 337 32.82 -86.17 -8.54
CA LYS G 337 31.84 -86.53 -9.57
C LYS G 337 30.55 -87.01 -8.95
N ALA G 338 30.49 -86.99 -7.62
CA ALA G 338 29.33 -87.48 -6.90
C ALA G 338 28.16 -86.50 -6.98
N ILE G 339 28.46 -85.21 -6.91
CA ILE G 339 27.41 -84.20 -6.98
C ILE G 339 26.90 -84.07 -8.41
N LYS G 340 25.60 -84.29 -8.59
CA LYS G 340 24.98 -84.30 -9.91
C LYS G 340 23.87 -83.26 -9.97
N PRO G 341 24.21 -82.02 -10.33
CA PRO G 341 23.24 -80.92 -10.44
C PRO G 341 22.07 -81.30 -11.35
N SER G 342 20.85 -81.02 -10.89
CA SER G 342 19.66 -81.45 -11.62
C SER G 342 18.58 -80.37 -11.62
N TYR G 343 17.73 -80.40 -12.65
CA TYR G 343 16.65 -79.43 -12.79
C TYR G 343 15.31 -80.18 -12.88
N GLY G 344 14.26 -79.57 -12.34
CA GLY G 344 12.95 -80.22 -12.33
C GLY G 344 11.83 -79.34 -11.85
N LEU G 345 10.60 -79.81 -12.02
CA LEU G 345 9.43 -79.06 -11.61
C LEU G 345 8.31 -79.95 -11.10
N ALA G 346 7.32 -79.33 -10.46
CA ALA G 346 6.13 -80.05 -10.01
C ALA G 346 5.21 -80.27 -11.21
N GLU G 347 5.32 -79.40 -12.22
CA GLU G 347 4.55 -79.57 -13.45
C GLU G 347 5.08 -80.73 -14.28
N ALA G 348 6.35 -81.08 -14.08
CA ALA G 348 6.97 -82.26 -14.71
C ALA G 348 6.88 -83.47 -13.79
N THR G 349 6.14 -83.26 -12.70
CA THR G 349 5.93 -84.17 -11.58
C THR G 349 7.14 -84.30 -10.66
N LEU G 350 8.32 -84.43 -11.22
CA LEU G 350 9.54 -84.03 -10.54
C LEU G 350 10.62 -83.54 -11.49
N PHE G 351 11.11 -84.54 -12.23
CA PHE G 351 12.40 -84.53 -12.90
C PHE G 351 12.35 -84.08 -14.35
N VAL G 352 13.29 -83.20 -14.71
CA VAL G 352 13.43 -82.73 -16.08
C VAL G 352 14.80 -83.12 -16.61
N SER G 353 15.85 -82.62 -15.96
CA SER G 353 17.23 -82.89 -16.37
C SER G 353 18.19 -83.09 -15.20
N THR G 354 19.27 -83.82 -15.45
CA THR G 354 20.32 -84.05 -14.46
C THR G 354 21.64 -84.24 -15.18
N THR G 355 22.74 -83.97 -14.49
CA THR G 355 24.06 -84.15 -15.07
C THR G 355 24.29 -85.65 -15.25
N PRO G 356 24.86 -86.05 -16.40
CA PRO G 356 25.04 -87.48 -16.69
C PRO G 356 25.80 -88.26 -15.62
N SER G 357 25.48 -89.54 -15.50
CA SER G 357 25.99 -90.37 -14.41
C SER G 357 27.49 -90.62 -14.53
N ALA G 358 27.98 -90.61 -15.77
CA ALA G 358 29.41 -90.83 -16.04
C ALA G 358 30.17 -89.51 -16.11
N GLU G 359 29.46 -88.40 -15.92
CA GLU G 359 30.07 -87.07 -16.03
C GLU G 359 30.23 -86.40 -14.67
N GLU G 360 31.20 -85.49 -14.58
CA GLU G 360 31.42 -84.68 -13.38
C GLU G 360 30.59 -83.41 -13.56
N PRO G 361 30.16 -82.77 -12.46
CA PRO G 361 29.39 -81.53 -12.63
C PRO G 361 30.16 -80.44 -13.39
N LYS G 362 29.51 -79.87 -14.41
CA LYS G 362 30.11 -78.81 -15.23
C LYS G 362 29.69 -77.42 -14.76
N ILE G 363 30.67 -76.64 -14.29
CA ILE G 363 30.45 -75.25 -13.85
C ILE G 363 31.32 -74.32 -14.68
N ILE G 364 30.71 -73.30 -15.29
CA ILE G 364 31.46 -72.35 -16.11
C ILE G 364 31.38 -70.97 -15.47
N THR G 365 32.06 -70.00 -16.08
CA THR G 365 31.98 -68.60 -15.66
C THR G 365 31.70 -67.72 -16.88
N VAL G 366 30.66 -66.89 -16.78
CA VAL G 366 30.15 -66.12 -17.91
C VAL G 366 30.22 -64.62 -17.65
N ASP G 367 30.31 -63.84 -18.72
CA ASP G 367 30.32 -62.39 -18.59
C ASP G 367 28.99 -61.88 -18.05
N ARG G 368 29.06 -61.11 -16.98
CA ARG G 368 27.85 -60.61 -16.34
C ARG G 368 27.06 -59.68 -17.26
N ASP G 369 27.76 -58.78 -17.94
CA ASP G 369 27.07 -57.82 -18.81
C ASP G 369 26.42 -58.50 -20.00
N GLN G 370 27.05 -59.57 -20.48
CA GLN G 370 26.54 -60.28 -21.64
C GLN G 370 25.36 -61.17 -21.22
N LEU G 371 25.42 -61.69 -20.00
CA LEU G 371 24.35 -62.52 -19.44
C LEU G 371 23.08 -61.73 -19.15
N ASN G 372 23.24 -60.53 -18.61
CA ASN G 372 22.11 -59.69 -18.23
C ASN G 372 21.38 -59.16 -19.47
N SER G 373 22.08 -59.17 -20.60
CA SER G 373 21.48 -58.83 -21.88
C SER G 373 20.81 -60.05 -22.51
N GLY G 374 21.26 -61.25 -22.09
CA GLY G 374 20.69 -62.50 -22.55
C GLY G 374 21.62 -63.47 -23.27
N ARG G 375 22.78 -63.00 -23.71
CA ARG G 375 23.80 -63.89 -24.31
C ARG G 375 24.67 -64.59 -23.25
N ILE G 376 25.01 -65.86 -23.47
CA ILE G 376 25.95 -66.57 -22.59
C ILE G 376 27.33 -66.67 -23.22
N VAL G 377 28.29 -65.91 -22.70
CA VAL G 377 29.65 -65.90 -23.23
C VAL G 377 30.71 -66.12 -22.14
N GLU G 378 31.47 -67.20 -22.27
CA GLU G 378 32.46 -67.57 -21.25
C GLU G 378 33.57 -66.54 -21.11
N VAL G 379 34.04 -66.36 -19.88
CA VAL G 379 35.17 -65.47 -19.58
C VAL G 379 36.06 -66.08 -18.50
N ASP G 380 37.26 -65.56 -18.33
CA ASP G 380 38.17 -66.05 -17.29
C ASP G 380 37.55 -65.80 -15.92
N ALA G 381 37.78 -66.69 -14.97
CA ALA G 381 37.13 -66.60 -13.67
C ALA G 381 37.59 -65.37 -12.88
N ASP G 382 38.85 -65.00 -13.06
CA ASP G 382 39.43 -63.87 -12.33
C ASP G 382 38.96 -62.53 -12.89
N SER G 383 38.29 -62.56 -14.04
CA SER G 383 37.77 -61.34 -14.66
C SER G 383 36.86 -60.61 -13.69
N PRO G 384 36.90 -59.26 -13.68
CA PRO G 384 36.09 -58.55 -12.70
C PRO G 384 34.59 -58.76 -12.90
N LYS G 385 34.15 -58.91 -14.15
CA LYS G 385 32.77 -59.29 -14.41
C LYS G 385 32.71 -60.75 -14.82
N ALA G 386 32.47 -61.62 -13.84
CA ALA G 386 32.28 -63.03 -14.07
C ALA G 386 31.20 -63.56 -13.15
N VAL G 387 30.30 -64.38 -13.68
CA VAL G 387 29.29 -65.04 -12.84
C VAL G 387 29.35 -66.54 -13.10
N ALA G 388 29.48 -67.32 -12.04
CA ALA G 388 29.52 -68.76 -12.18
C ALA G 388 28.14 -69.29 -12.56
N GLN G 389 28.11 -70.27 -13.46
CA GLN G 389 26.86 -70.89 -13.89
C GLN G 389 27.05 -72.39 -13.91
N ALA G 390 26.19 -73.09 -13.20
CA ALA G 390 26.27 -74.54 -13.10
C ALA G 390 25.24 -75.19 -14.02
N SER G 391 25.74 -76.08 -14.87
CA SER G 391 24.89 -76.81 -15.79
C SER G 391 23.96 -77.80 -15.08
N ALA G 392 22.76 -77.96 -15.60
CA ALA G 392 21.81 -78.96 -15.09
C ALA G 392 21.93 -80.24 -15.90
N GLY G 393 22.87 -80.26 -16.85
CA GLY G 393 23.16 -81.46 -17.62
C GLY G 393 22.26 -81.60 -18.83
N LYS G 394 21.98 -82.85 -19.19
CA LYS G 394 21.17 -83.16 -20.37
C LYS G 394 19.74 -83.52 -19.94
N VAL G 395 18.76 -83.12 -20.74
CA VAL G 395 17.35 -83.35 -20.42
C VAL G 395 17.02 -84.84 -20.43
N GLY G 396 16.08 -85.22 -19.56
CA GLY G 396 15.73 -86.62 -19.41
C GLY G 396 15.08 -87.22 -20.64
N ILE G 397 14.92 -88.54 -20.61
CA ILE G 397 14.34 -89.28 -21.72
C ILE G 397 12.84 -89.02 -21.85
N ALA G 398 12.38 -89.03 -23.10
CA ALA G 398 10.97 -88.88 -23.45
C ALA G 398 10.37 -87.55 -22.96
N GLU G 399 11.24 -86.57 -22.75
CA GLU G 399 10.80 -85.21 -22.42
C GLU G 399 11.72 -84.23 -23.15
N TRP G 400 11.20 -83.04 -23.48
CA TRP G 400 11.94 -82.09 -24.28
C TRP G 400 11.91 -80.71 -23.65
N ALA G 401 13.04 -80.00 -23.69
CA ALA G 401 13.09 -78.61 -23.23
C ALA G 401 13.74 -77.72 -24.29
N VAL G 402 13.04 -76.64 -24.63
CA VAL G 402 13.52 -75.69 -25.63
C VAL G 402 13.44 -74.29 -25.03
N ILE G 403 14.32 -73.40 -25.47
CA ILE G 403 14.30 -72.01 -25.02
C ILE G 403 13.57 -71.12 -26.03
N VAL G 404 12.50 -70.48 -25.59
CA VAL G 404 11.58 -69.80 -26.50
C VAL G 404 11.39 -68.34 -26.14
N ASP G 405 11.05 -67.52 -27.13
CA ASP G 405 10.60 -66.15 -26.90
C ASP G 405 9.08 -66.14 -26.81
N ALA G 406 8.57 -66.15 -25.57
CA ALA G 406 7.14 -66.23 -25.30
C ALA G 406 6.29 -65.28 -26.16
N GLU G 407 6.78 -64.06 -26.35
CA GLU G 407 6.01 -63.02 -27.04
C GLU G 407 5.90 -63.29 -28.53
N ALA G 409 6.37 -67.04 -29.98
CA ALA G 409 6.31 -68.44 -29.57
C ALA G 409 7.27 -69.30 -30.39
N THR G 410 8.45 -68.75 -30.66
CA THR G 410 9.45 -69.41 -31.49
C THR G 410 10.72 -69.77 -30.74
N GLU G 411 11.26 -70.96 -31.04
CA GLU G 411 12.48 -71.46 -30.40
C GLU G 411 13.70 -70.63 -30.77
N LEU G 412 14.50 -70.31 -29.77
CA LEU G 412 15.75 -69.54 -29.94
C LEU G 412 16.95 -70.46 -30.17
N PRO G 413 18.01 -69.93 -30.81
CA PRO G 413 19.25 -70.68 -31.03
C PRO G 413 20.06 -70.86 -29.76
N ASP G 414 20.91 -71.87 -29.74
CA ASP G 414 21.72 -72.18 -28.56
C ASP G 414 22.62 -71.02 -28.19
N GLY G 415 22.78 -70.79 -26.89
CA GLY G 415 23.67 -69.75 -26.39
C GLY G 415 22.94 -68.50 -25.95
N GLN G 416 21.73 -68.31 -26.46
CA GLN G 416 20.92 -67.15 -26.11
C GLN G 416 19.89 -67.53 -25.07
N VAL G 417 19.70 -66.67 -24.07
CA VAL G 417 18.85 -66.98 -22.94
C VAL G 417 17.40 -66.64 -23.24
N GLY G 418 16.50 -67.52 -22.81
CA GLY G 418 15.07 -67.31 -22.98
C GLY G 418 14.28 -68.10 -21.96
N GLU G 419 12.96 -68.07 -22.07
CA GLU G 419 12.10 -68.84 -21.19
C GLU G 419 12.12 -70.32 -21.56
N ILE G 420 12.20 -71.17 -20.54
CA ILE G 420 12.20 -72.61 -20.73
C ILE G 420 10.78 -73.13 -20.94
N TRP G 421 10.57 -73.87 -22.01
CA TRP G 421 9.33 -74.61 -22.23
C TRP G 421 9.60 -76.10 -22.15
N ILE G 422 8.66 -76.85 -21.57
CA ILE G 422 8.82 -78.29 -21.43
C ILE G 422 7.59 -79.05 -21.92
N SER G 423 7.85 -80.24 -22.48
CA SER G 423 6.79 -81.12 -22.98
C SER G 423 7.20 -82.58 -22.80
N GLY G 424 6.22 -83.45 -22.54
CA GLY G 424 6.49 -84.86 -22.32
C GLY G 424 5.31 -85.59 -21.71
N GLN G 425 5.39 -86.91 -21.64
CA GLN G 425 4.30 -87.70 -21.06
C GLN G 425 4.29 -87.61 -19.54
N ASN G 426 5.37 -87.09 -18.95
CA ASN G 426 5.46 -86.94 -17.51
C ASN G 426 4.88 -85.62 -17.02
N MET G 427 4.53 -84.75 -17.95
CA MET G 427 4.03 -83.42 -17.62
C MET G 427 2.60 -83.50 -17.09
N GLY G 428 2.28 -82.68 -16.09
CA GLY G 428 0.96 -82.70 -15.49
C GLY G 428 -0.12 -82.21 -16.42
N THR G 429 -1.38 -82.48 -16.07
CA THR G 429 -2.52 -82.16 -16.91
C THR G 429 -3.17 -80.80 -16.62
N GLY G 430 -2.67 -80.11 -15.61
CA GLY G 430 -3.19 -78.79 -15.26
C GLY G 430 -3.19 -78.48 -13.77
N TYR G 431 -3.74 -77.34 -13.41
CA TYR G 431 -3.89 -76.96 -12.01
C TYR G 431 -5.30 -77.27 -11.53
N TRP G 432 -5.41 -77.80 -10.32
CA TRP G 432 -6.73 -78.10 -9.76
C TRP G 432 -7.49 -76.82 -9.50
N GLY G 433 -8.71 -76.74 -10.03
CA GLY G 433 -9.59 -75.61 -9.77
C GLY G 433 -9.20 -74.30 -10.42
N LYS G 434 -8.23 -74.34 -11.33
CA LYS G 434 -7.80 -73.14 -12.04
C LYS G 434 -7.98 -73.35 -13.55
N PRO G 435 -9.23 -73.20 -14.04
CA PRO G 435 -9.52 -73.56 -15.44
C PRO G 435 -8.82 -72.69 -16.47
N GLU G 436 -8.86 -71.37 -16.27
CA GLU G 436 -8.27 -70.44 -17.22
C GLU G 436 -6.75 -70.55 -17.23
N GLU G 437 -6.16 -70.47 -16.04
CA GLU G 437 -4.71 -70.54 -15.87
C GLU G 437 -4.11 -71.85 -16.37
N SER G 438 -4.85 -72.94 -16.19
CA SER G 438 -4.37 -74.25 -16.57
C SER G 438 -4.14 -74.34 -18.08
N VAL G 439 -5.07 -73.79 -18.85
CA VAL G 439 -4.97 -73.81 -20.31
C VAL G 439 -3.79 -72.96 -20.79
N ALA G 440 -3.64 -71.79 -20.17
CA ALA G 440 -2.61 -70.83 -20.53
C ALA G 440 -1.23 -71.37 -20.22
N THR G 441 -1.12 -72.09 -19.10
CA THR G 441 0.15 -72.68 -18.71
C THR G 441 0.48 -74.00 -19.43
N PHE G 442 -0.47 -74.92 -19.43
CA PHE G 442 -0.18 -76.28 -19.89
C PHE G 442 -0.44 -76.51 -21.38
N GLN G 443 -1.20 -75.60 -22.00
CA GLN G 443 -1.43 -75.70 -23.44
C GLN G 443 -0.74 -74.52 -24.10
N ASN G 444 0.40 -74.81 -24.72
CA ASN G 444 1.17 -73.83 -25.46
C ASN G 444 1.75 -74.57 -26.65
N ILE G 445 1.74 -73.92 -27.81
CA ILE G 445 2.24 -74.55 -29.02
C ILE G 445 3.53 -73.87 -29.47
N LEU G 446 4.46 -74.67 -29.95
CA LEU G 446 5.73 -74.16 -30.41
C LEU G 446 5.58 -73.78 -31.88
N LYS G 447 5.70 -72.48 -32.17
CA LYS G 447 5.39 -71.92 -33.49
C LYS G 447 6.53 -72.07 -34.51
N SER G 448 7.76 -72.09 -34.01
CA SER G 448 8.94 -72.24 -34.85
C SER G 448 10.01 -73.03 -34.09
N ARG G 449 10.79 -73.83 -34.81
CA ARG G 449 11.85 -74.62 -34.21
C ARG G 449 13.21 -74.20 -34.76
N THR G 450 14.27 -74.59 -34.08
CA THR G 450 15.62 -74.31 -34.54
C THR G 450 15.99 -75.31 -35.63
N ASN G 451 17.04 -75.02 -36.41
CA ASN G 451 17.40 -75.91 -37.50
C ASN G 451 17.78 -77.26 -36.89
N PRO G 452 18.76 -77.28 -35.95
CA PRO G 452 18.91 -78.47 -35.14
C PRO G 452 18.01 -78.33 -33.89
N SER G 453 16.70 -78.46 -34.11
CA SER G 453 15.70 -78.25 -33.05
C SER G 453 15.93 -79.10 -31.80
N HIS G 454 15.58 -78.54 -30.65
CA HIS G 454 15.65 -79.26 -29.39
C HIS G 454 14.34 -80.01 -29.16
N ALA G 455 13.38 -79.80 -30.07
CA ALA G 455 12.09 -80.48 -30.04
C ALA G 455 12.13 -81.77 -30.84
N GLU G 456 13.31 -82.14 -31.33
CA GLU G 456 13.48 -83.34 -32.16
C GLU G 456 12.97 -84.58 -31.44
N GLY G 457 12.08 -85.31 -32.10
CA GLY G 457 11.50 -86.51 -31.52
C GLY G 457 10.08 -86.25 -31.06
N ALA G 458 9.73 -84.98 -30.95
CA ALA G 458 8.40 -84.56 -30.49
C ALA G 458 7.55 -84.16 -31.67
N THR G 459 6.25 -84.39 -31.55
CA THR G 459 5.31 -84.06 -32.63
C THR G 459 5.40 -82.58 -32.98
N ASP G 460 5.21 -82.26 -34.25
CA ASP G 460 5.30 -80.87 -34.68
C ASP G 460 4.18 -80.11 -34.01
N ASP G 461 3.05 -80.79 -33.81
CA ASP G 461 1.91 -80.24 -33.08
C ASP G 461 1.83 -80.92 -31.72
N ALA G 462 2.23 -80.21 -30.66
CA ALA G 462 2.29 -80.80 -29.32
C ALA G 462 2.17 -79.71 -28.27
N THR G 463 1.65 -80.07 -27.10
CA THR G 463 1.47 -79.08 -26.03
C THR G 463 2.74 -78.93 -25.21
N TRP G 464 3.08 -77.68 -24.93
CA TRP G 464 4.25 -77.34 -24.12
C TRP G 464 3.84 -76.62 -22.84
N VAL G 465 4.61 -76.84 -21.79
CA VAL G 465 4.35 -76.23 -20.50
C VAL G 465 5.32 -75.06 -20.26
N ARG G 466 4.78 -73.89 -19.96
CA ARG G 466 5.61 -72.73 -19.64
C ARG G 466 6.07 -72.88 -18.19
N THR G 467 7.37 -73.00 -18.00
CA THR G 467 7.94 -73.32 -16.70
C THR G 467 8.03 -72.12 -15.78
N GLY G 468 8.23 -70.95 -16.37
CA GLY G 468 8.41 -69.74 -15.61
C GLY G 468 9.87 -69.56 -15.22
N ASP G 469 10.75 -70.28 -15.92
CA ASP G 469 12.18 -70.21 -15.67
C ASP G 469 12.90 -69.74 -16.93
N TYR G 470 13.87 -68.85 -16.75
CA TYR G 470 14.76 -68.45 -17.83
C TYR G 470 15.96 -69.39 -17.94
N GLY G 471 16.41 -69.66 -19.15
CA GLY G 471 17.56 -70.53 -19.35
C GLY G 471 18.17 -70.45 -20.75
N ALA G 472 19.20 -71.27 -20.97
CA ALA G 472 19.87 -71.35 -22.27
C ALA G 472 20.60 -72.68 -22.41
N PHE G 473 20.91 -73.06 -23.64
CA PHE G 473 21.76 -74.22 -23.90
C PHE G 473 23.17 -73.78 -24.27
N TYR G 474 24.17 -74.42 -23.66
CA TYR G 474 25.57 -74.14 -23.95
C TYR G 474 26.40 -75.42 -24.02
N ASP G 475 26.94 -75.71 -25.20
CA ASP G 475 27.77 -76.89 -25.39
C ASP G 475 27.04 -78.21 -25.12
N GLY G 476 25.72 -78.24 -25.30
CA GLY G 476 24.96 -79.47 -25.12
C GLY G 476 24.36 -79.59 -23.73
N ASP G 477 24.61 -78.57 -22.91
CA ASP G 477 24.15 -78.54 -21.53
C ASP G 477 23.04 -77.51 -21.31
N LEU G 478 22.14 -77.80 -20.37
CA LEU G 478 21.06 -76.87 -20.00
C LEU G 478 21.42 -76.03 -18.76
N TYR G 479 21.31 -74.71 -18.89
CA TYR G 479 21.57 -73.79 -17.78
C TYR G 479 20.33 -73.02 -17.39
N ILE G 480 20.05 -72.97 -16.09
CA ILE G 480 18.91 -72.22 -15.56
C ILE G 480 19.39 -70.94 -14.90
N THR G 481 19.03 -69.81 -15.48
CA THR G 481 19.50 -68.51 -14.98
C THR G 481 18.64 -67.97 -13.83
N GLY G 482 17.44 -68.51 -13.67
CA GLY G 482 16.56 -68.10 -12.58
C GLY G 482 15.10 -68.07 -12.95
N ARG G 483 14.28 -67.55 -12.04
CA ARG G 483 12.83 -67.49 -12.19
C ARG G 483 12.43 -66.20 -12.90
N VAL G 484 11.41 -66.28 -13.73
CA VAL G 484 10.96 -65.13 -14.50
C VAL G 484 10.40 -64.10 -13.53
N LYS G 485 9.72 -64.57 -12.49
CA LYS G 485 9.12 -63.69 -11.51
C LYS G 485 10.18 -62.99 -10.65
N ASP G 486 11.33 -63.64 -10.46
CA ASP G 486 12.34 -63.16 -9.54
C ASP G 486 13.41 -62.26 -10.16
N LEU G 487 13.38 -62.08 -11.48
CA LEU G 487 14.38 -61.24 -12.13
C LEU G 487 14.23 -59.79 -11.65
N VAL G 488 15.36 -59.13 -11.39
CA VAL G 488 15.31 -57.75 -10.91
C VAL G 488 15.64 -56.81 -12.06
N ILE G 489 14.59 -56.32 -12.70
CA ILE G 489 14.67 -55.28 -13.73
C ILE G 489 14.56 -53.93 -13.04
N ILE G 490 15.55 -53.06 -13.18
CA ILE G 490 15.53 -51.81 -12.44
C ILE G 490 15.59 -50.48 -13.24
N ASP G 491 16.78 -50.07 -13.69
CA ASP G 491 16.95 -48.86 -14.49
C ASP G 491 17.09 -49.17 -15.97
N GLY G 492 16.67 -50.37 -16.35
CA GLY G 492 16.75 -50.81 -17.73
C GLY G 492 17.79 -51.90 -17.86
N ARG G 493 18.61 -52.06 -16.82
CA ARG G 493 19.58 -53.16 -16.76
C ARG G 493 18.96 -54.26 -15.93
N ASN G 494 19.15 -55.50 -16.37
CA ASN G 494 18.60 -56.65 -15.67
C ASN G 494 19.57 -57.10 -14.60
N HIS G 495 19.04 -57.60 -13.49
CA HIS G 495 19.85 -58.15 -12.43
C HIS G 495 19.24 -59.45 -11.91
N TYR G 496 20.08 -60.47 -11.80
CA TYR G 496 19.67 -61.75 -11.21
C TYR G 496 19.85 -61.68 -9.69
N PRO G 497 18.81 -62.07 -8.92
CA PRO G 497 18.92 -61.83 -7.49
C PRO G 497 20.07 -62.57 -6.84
N GLN G 498 20.37 -63.78 -7.31
CA GLN G 498 21.40 -64.59 -6.67
C GLN G 498 22.75 -63.93 -6.87
N ASP G 499 22.91 -63.21 -7.99
CA ASP G 499 24.14 -62.48 -8.27
C ASP G 499 24.33 -61.30 -7.33
N LEU G 500 23.25 -60.55 -7.11
CA LEU G 500 23.31 -59.41 -6.21
C LEU G 500 23.63 -59.82 -4.78
N GLU G 501 22.95 -60.85 -4.29
CA GLU G 501 23.13 -61.26 -2.89
C GLU G 501 24.50 -61.87 -2.62
N TYR G 502 25.12 -62.44 -3.66
CA TYR G 502 26.49 -62.89 -3.51
C TYR G 502 27.38 -61.69 -3.26
N SER G 503 27.17 -60.65 -4.06
CA SER G 503 27.93 -59.42 -3.88
C SER G 503 27.56 -58.78 -2.56
N ALA G 504 26.30 -58.90 -2.16
CA ALA G 504 25.84 -58.37 -0.88
C ALA G 504 26.44 -59.14 0.28
N GLN G 505 26.45 -60.46 0.16
CA GLN G 505 26.99 -61.33 1.21
C GLN G 505 28.50 -61.15 1.31
N GLU G 506 29.12 -60.84 0.17
CA GLU G 506 30.57 -60.69 0.08
C GLU G 506 31.03 -59.32 0.56
N ALA G 507 30.09 -58.42 0.84
CA ALA G 507 30.42 -57.07 1.27
C ALA G 507 30.76 -57.00 2.75
N SER G 508 29.94 -57.67 3.57
CA SER G 508 30.11 -57.64 5.02
C SER G 508 29.97 -59.03 5.62
N LYS G 509 30.79 -59.32 6.62
CA LYS G 509 30.81 -60.63 7.25
C LYS G 509 29.69 -60.77 8.27
N ALA G 510 28.91 -59.70 8.44
CA ALA G 510 27.81 -59.70 9.40
C ALA G 510 26.56 -60.42 8.85
N ILE G 511 26.53 -60.64 7.54
CA ILE G 511 25.39 -61.28 6.90
C ILE G 511 25.56 -62.80 6.89
N ARG G 512 24.64 -63.50 7.55
CA ARG G 512 24.62 -64.97 7.57
C ARG G 512 24.60 -65.54 6.15
N THR G 513 25.20 -66.72 5.97
CA THR G 513 25.50 -67.21 4.64
C THR G 513 24.36 -68.05 4.08
N GLY G 514 23.83 -67.58 2.96
CA GLY G 514 22.67 -68.15 2.31
C GLY G 514 21.44 -67.65 3.03
N TYR G 515 21.58 -66.45 3.61
CA TYR G 515 20.49 -65.79 4.33
C TYR G 515 20.00 -64.53 3.63
N VAL G 516 20.57 -64.20 2.48
CA VAL G 516 20.29 -62.93 1.81
C VAL G 516 19.20 -63.02 0.74
N ALA G 517 18.39 -61.96 0.62
CA ALA G 517 17.35 -61.90 -0.40
C ALA G 517 17.29 -60.52 -1.08
N ALA G 518 17.46 -60.50 -2.40
CA ALA G 518 17.43 -59.24 -3.16
C ALA G 518 16.19 -59.15 -4.05
N PHE G 519 15.52 -58.00 -4.03
CA PHE G 519 14.33 -57.78 -4.86
C PHE G 519 14.12 -56.31 -5.15
N SER G 520 13.07 -56.01 -5.92
CA SER G 520 12.76 -54.63 -6.30
C SER G 520 11.35 -54.25 -5.92
N VAL G 521 11.20 -53.01 -5.46
CA VAL G 521 9.91 -52.45 -5.10
C VAL G 521 9.77 -51.09 -5.80
N PRO G 522 8.55 -50.75 -6.25
CA PRO G 522 8.33 -49.43 -6.84
C PRO G 522 8.56 -48.30 -5.83
N ALA G 523 9.39 -47.33 -6.18
CA ALA G 523 9.81 -46.25 -5.30
C ALA G 523 8.72 -45.64 -4.41
N ASN G 524 7.51 -45.45 -4.94
CA ASN G 524 6.44 -44.86 -4.16
C ASN G 524 5.97 -45.77 -3.02
N GLN G 525 6.22 -47.07 -3.17
CA GLN G 525 5.84 -48.05 -2.17
C GLN G 525 6.89 -48.08 -1.06
N LEU G 526 8.13 -47.73 -1.40
CA LEU G 526 9.24 -47.75 -0.43
C LEU G 526 8.82 -47.00 0.84
N PRO G 527 9.27 -47.50 2.01
CA PRO G 527 8.87 -46.92 3.31
C PRO G 527 9.43 -45.54 3.58
N ASP G 528 8.70 -44.78 4.41
CA ASP G 528 9.04 -43.40 4.70
C ASP G 528 10.44 -43.28 5.27
N GLU G 529 10.89 -44.31 5.96
CA GLU G 529 12.20 -44.31 6.60
C GLU G 529 13.35 -44.07 5.63
N VAL G 530 13.25 -44.65 4.44
CA VAL G 530 14.32 -44.58 3.45
C VAL G 530 14.57 -43.15 2.97
N PHE G 531 13.50 -42.39 2.79
CA PHE G 531 13.60 -41.02 2.31
C PHE G 531 14.18 -40.10 3.39
N GLU G 532 14.02 -40.50 4.65
CA GLU G 532 14.57 -39.72 5.76
C GLU G 532 16.08 -39.98 5.90
N ASN G 533 16.54 -41.13 5.41
CA ASN G 533 17.96 -41.45 5.38
C ASN G 533 18.66 -40.70 4.24
N ALA G 534 19.79 -40.05 4.54
CA ALA G 534 20.46 -39.20 3.58
C ALA G 534 21.14 -39.99 2.46
N HIS G 535 21.84 -41.05 2.84
CA HIS G 535 22.61 -41.85 1.89
C HIS G 535 21.79 -42.75 0.96
N SER G 536 20.47 -42.79 1.17
CA SER G 536 19.58 -43.60 0.34
C SER G 536 19.60 -43.11 -1.12
N GLY G 537 19.74 -41.81 -1.30
CA GLY G 537 19.83 -41.22 -2.62
C GLY G 537 18.52 -41.12 -3.37
N ILE G 538 17.40 -41.26 -2.65
CA ILE G 538 16.07 -41.14 -3.24
C ILE G 538 15.22 -40.19 -2.41
N LYS G 539 14.37 -39.42 -3.08
CA LYS G 539 13.51 -38.43 -2.42
C LYS G 539 12.07 -38.87 -2.60
N ARG G 540 11.16 -38.36 -1.77
CA ARG G 540 9.84 -38.95 -1.69
C ARG G 540 8.94 -38.31 -2.72
N ASP G 541 8.62 -39.10 -3.74
CA ASP G 541 7.68 -38.74 -4.79
C ASP G 541 6.51 -39.72 -4.78
N PRO G 542 5.30 -39.23 -4.49
CA PRO G 542 4.17 -40.18 -4.48
C PRO G 542 3.81 -40.69 -5.88
N ASP G 543 4.24 -39.98 -6.92
CA ASP G 543 3.93 -40.34 -8.31
C ASP G 543 5.01 -41.20 -8.95
N ASP G 544 6.05 -41.56 -8.20
CA ASP G 544 7.15 -42.33 -8.77
C ASP G 544 6.89 -43.83 -8.64
N THR G 545 6.62 -44.45 -9.78
CA THR G 545 6.27 -45.87 -9.87
C THR G 545 7.47 -46.73 -10.26
N SER G 546 8.68 -46.18 -10.12
CA SER G 546 9.87 -46.82 -10.67
C SER G 546 10.52 -47.78 -9.69
N GLU G 547 10.93 -48.93 -10.21
CA GLU G 547 11.50 -50.01 -9.42
C GLU G 547 12.84 -49.64 -8.81
N GLN G 548 13.00 -49.92 -7.52
CA GLN G 548 14.23 -49.63 -6.79
C GLN G 548 14.70 -50.86 -6.03
N LEU G 549 16.01 -51.07 -6.02
CA LEU G 549 16.60 -52.28 -5.43
C LEU G 549 16.59 -52.23 -3.90
N VAL G 550 16.09 -53.30 -3.29
CA VAL G 550 16.10 -53.49 -1.84
C VAL G 550 16.74 -54.83 -1.47
N ILE G 551 17.51 -54.82 -0.38
CA ILE G 551 18.20 -56.02 0.11
C ILE G 551 17.86 -56.33 1.56
N VAL G 552 17.39 -57.54 1.80
CA VAL G 552 17.10 -58.02 3.15
C VAL G 552 18.07 -59.14 3.51
N ALA G 553 18.63 -59.10 4.72
CA ALA G 553 19.63 -60.08 5.12
C ALA G 553 19.50 -60.43 6.59
N GLU G 554 19.70 -61.70 6.92
CA GLU G 554 19.68 -62.15 8.31
C GLU G 554 21.04 -61.79 8.91
N ARG G 555 21.11 -61.64 10.22
CA ARG G 555 22.31 -61.12 10.85
C ARG G 555 23.17 -62.20 11.53
N ALA G 556 24.29 -61.75 12.08
CA ALA G 556 25.25 -62.61 12.75
C ALA G 556 24.60 -63.44 13.86
N PRO G 557 25.21 -64.56 14.23
CA PRO G 557 24.60 -65.38 15.28
C PRO G 557 24.64 -64.71 16.65
N ASP G 563 25.01 -51.85 15.63
CA ASP G 563 26.13 -51.57 14.74
C ASP G 563 25.73 -51.72 13.28
N ILE G 564 24.45 -51.49 13.00
CA ILE G 564 23.89 -51.65 11.66
C ILE G 564 24.42 -50.62 10.66
N GLY G 565 24.62 -49.39 11.13
CA GLY G 565 25.02 -48.27 10.29
C GLY G 565 26.12 -48.45 9.25
N PRO G 566 27.29 -48.96 9.65
CA PRO G 566 28.41 -49.18 8.71
C PRO G 566 28.17 -50.32 7.72
N ILE G 567 27.54 -51.39 8.20
CA ILE G 567 27.26 -52.56 7.38
C ILE G 567 26.43 -52.16 6.17
N THR G 568 25.48 -51.26 6.40
CA THR G 568 24.58 -50.79 5.37
C THR G 568 25.34 -50.12 4.25
N ASP G 569 26.34 -49.31 4.60
CA ASP G 569 27.13 -48.61 3.61
C ASP G 569 28.00 -49.60 2.83
N ASP G 570 28.49 -50.62 3.54
CA ASP G 570 29.35 -51.64 2.93
C ASP G 570 28.62 -52.46 1.86
N ILE G 571 27.40 -52.90 2.16
CA ILE G 571 26.62 -53.67 1.19
C ILE G 571 26.29 -52.78 -0.01
N ARG G 572 25.85 -51.55 0.27
CA ARG G 572 25.51 -50.59 -0.77
C ARG G 572 26.70 -50.27 -1.67
N ALA G 573 27.88 -50.05 -1.08
CA ALA G 573 29.07 -49.68 -1.84
C ALA G 573 29.49 -50.84 -2.73
N ALA G 574 29.51 -52.04 -2.16
CA ALA G 574 29.97 -53.23 -2.87
C ALA G 574 29.07 -53.53 -4.06
N ILE G 575 27.77 -53.33 -3.86
CA ILE G 575 26.78 -53.57 -4.91
C ILE G 575 26.93 -52.52 -6.00
N ALA G 576 27.17 -51.29 -5.58
CA ALA G 576 27.32 -50.18 -6.50
C ALA G 576 28.46 -50.39 -7.47
N VAL G 577 29.57 -50.91 -6.95
CA VAL G 577 30.79 -51.05 -7.73
C VAL G 577 30.77 -52.24 -8.70
N ARG G 578 30.23 -53.37 -8.26
CA ARG G 578 30.23 -54.57 -9.09
C ARG G 578 29.12 -54.54 -10.14
N HIS G 579 28.05 -53.79 -9.86
CA HIS G 579 26.80 -53.82 -10.62
C HIS G 579 26.50 -52.46 -11.25
N GLY G 580 26.43 -51.42 -10.42
CA GLY G 580 26.12 -50.08 -10.90
C GLY G 580 24.72 -49.60 -10.60
N VAL G 581 24.04 -50.29 -9.69
CA VAL G 581 22.75 -49.82 -9.19
C VAL G 581 22.88 -49.48 -7.72
N THR G 582 22.19 -48.43 -7.31
CA THR G 582 22.22 -47.99 -5.93
C THR G 582 21.08 -48.67 -5.20
N VAL G 583 21.44 -49.36 -4.12
CA VAL G 583 20.43 -49.99 -3.28
C VAL G 583 19.83 -48.89 -2.41
N ARG G 584 18.51 -48.73 -2.46
CA ARG G 584 17.85 -47.66 -1.73
C ARG G 584 17.66 -48.00 -0.26
N ASP G 585 17.38 -49.26 0.03
CA ASP G 585 17.22 -49.71 1.41
C ASP G 585 17.81 -51.11 1.54
N VAL G 586 18.65 -51.31 2.56
CA VAL G 586 19.07 -52.66 2.94
C VAL G 586 18.70 -52.89 4.40
N LEU G 587 17.78 -53.82 4.63
CA LEU G 587 17.25 -54.08 5.97
C LEU G 587 17.79 -55.38 6.53
N LEU G 588 18.65 -55.28 7.53
CA LEU G 588 19.24 -56.45 8.17
C LEU G 588 18.33 -56.86 9.32
N THR G 589 17.95 -58.13 9.33
CA THR G 589 16.98 -58.65 10.28
C THR G 589 17.62 -59.67 11.21
N ALA G 590 16.84 -60.16 12.17
CA ALA G 590 17.31 -61.17 13.10
C ALA G 590 17.42 -62.52 12.41
N ALA G 591 18.22 -63.41 13.00
CA ALA G 591 18.45 -64.73 12.43
C ALA G 591 17.15 -65.54 12.36
N GLY G 592 16.91 -66.15 11.21
CA GLY G 592 15.74 -67.00 11.01
C GLY G 592 14.50 -66.24 10.59
N ALA G 593 14.64 -64.93 10.41
CA ALA G 593 13.49 -64.06 10.14
C ALA G 593 12.98 -64.08 8.70
N ILE G 594 13.87 -64.15 7.72
CA ILE G 594 13.45 -64.11 6.31
C ILE G 594 12.58 -65.32 5.97
N PRO G 595 11.42 -65.08 5.32
CA PRO G 595 10.53 -66.20 5.02
C PRO G 595 11.11 -67.25 4.09
N ARG G 596 10.92 -68.51 4.43
CA ARG G 596 11.28 -69.63 3.57
C ARG G 596 10.03 -70.47 3.47
N THR G 597 10.10 -71.63 2.83
CA THR G 597 8.92 -72.47 2.69
C THR G 597 9.25 -73.75 1.96
N SER G 598 8.31 -74.69 1.96
CA SER G 598 8.49 -75.95 1.24
C SER G 598 9.79 -76.61 1.74
N SER G 599 10.78 -76.70 0.86
CA SER G 599 12.04 -77.36 1.15
C SER G 599 12.91 -76.57 2.13
N GLY G 600 12.54 -75.32 2.42
CA GLY G 600 13.29 -74.48 3.33
C GLY G 600 14.07 -73.39 2.62
N LYS G 601 13.89 -73.29 1.30
CA LYS G 601 14.55 -72.28 0.49
C LYS G 601 13.82 -70.92 0.54
N ILE G 602 14.57 -69.84 0.33
CA ILE G 602 13.99 -68.49 0.33
C ILE G 602 13.10 -68.33 -0.89
N GLY G 603 11.94 -67.68 -0.73
CA GLY G 603 11.06 -67.43 -1.85
C GLY G 603 11.20 -66.08 -2.54
N ARG G 604 11.74 -65.10 -1.82
CA ARG G 604 12.01 -63.76 -2.34
C ARG G 604 10.76 -62.97 -2.72
N ARG G 605 9.66 -63.66 -3.03
CA ARG G 605 8.40 -63.00 -3.36
C ARG G 605 7.68 -62.72 -2.05
N ALA G 606 7.83 -63.67 -1.13
CA ALA G 606 7.25 -63.57 0.20
C ALA G 606 8.05 -62.60 1.07
N CYS G 607 9.36 -62.59 0.88
CA CYS G 607 10.23 -61.69 1.62
C CYS G 607 9.93 -60.26 1.22
N ARG G 608 9.62 -60.05 -0.06
CA ARG G 608 9.21 -58.75 -0.54
C ARG G 608 7.95 -58.33 0.20
N ALA G 609 6.99 -59.25 0.27
CA ALA G 609 5.72 -58.99 0.95
C ALA G 609 5.90 -58.65 2.41
N ALA G 610 6.78 -59.37 3.10
CA ALA G 610 7.02 -59.16 4.52
C ALA G 610 7.68 -57.80 4.77
N TYR G 611 8.40 -57.32 3.77
CA TYR G 611 9.08 -56.02 3.84
C TYR G 611 8.10 -54.87 3.69
N LEU G 612 7.16 -55.01 2.75
CA LEU G 612 6.19 -53.97 2.49
C LEU G 612 5.12 -53.88 3.57
N ASP G 613 4.68 -55.03 4.09
CA ASP G 613 3.67 -55.05 5.15
C ASP G 613 4.31 -54.69 6.48
N GLY G 614 5.64 -54.66 6.49
CA GLY G 614 6.41 -54.28 7.65
C GLY G 614 6.31 -55.31 8.76
N SER G 615 6.52 -56.57 8.40
CA SER G 615 6.59 -57.64 9.39
C SER G 615 8.04 -57.81 9.78
N LEU G 616 8.89 -57.83 8.76
CA LEU G 616 10.33 -57.88 8.94
C LEU G 616 10.83 -56.70 9.76
N ARG G 617 10.20 -55.53 9.62
CA ARG G 617 10.71 -54.30 10.21
C ARG G 617 10.51 -54.24 11.72
N ALA G 618 9.48 -54.92 12.22
CA ALA G 618 9.32 -55.10 13.66
C ALA G 618 9.09 -56.58 13.95
N GLY G 619 10.06 -57.21 14.60
CA GLY G 619 9.97 -58.62 14.93
C GLY G 619 9.85 -59.51 13.71
N ASP H 10 -13.03 -6.65 -17.46
CA ASP H 10 -13.92 -6.01 -16.49
C ASP H 10 -15.39 -6.19 -16.88
N GLY H 11 -16.07 -7.08 -16.15
CA GLY H 11 -17.45 -7.45 -16.44
C GLY H 11 -18.42 -6.31 -16.21
N GLN H 12 -18.39 -5.77 -14.99
CA GLN H 12 -19.31 -4.71 -14.57
C GLN H 12 -18.50 -3.55 -13.99
N ILE H 13 -17.84 -3.82 -12.87
CA ILE H 13 -16.91 -2.86 -12.27
C ILE H 13 -15.49 -3.39 -12.42
N LYS H 14 -15.18 -4.44 -11.66
CA LYS H 14 -13.89 -5.11 -11.70
C LYS H 14 -12.70 -4.21 -11.40
N PHE H 15 -12.57 -3.81 -10.13
CA PHE H 15 -11.45 -2.98 -9.69
C PHE H 15 -10.27 -3.84 -9.25
N SER H 20 -5.87 2.76 -6.83
CA SER H 20 -6.28 2.81 -8.22
C SER H 20 -5.35 3.70 -9.05
N ILE H 21 -5.61 5.00 -9.06
CA ILE H 21 -4.84 5.90 -9.90
C ILE H 21 -3.44 6.12 -9.35
N VAL H 22 -2.65 6.90 -10.09
CA VAL H 22 -1.28 7.29 -9.72
C VAL H 22 -0.28 6.14 -9.85
N ALA H 23 -0.73 4.93 -9.58
CA ALA H 23 0.11 3.77 -9.75
C ALA H 23 0.19 3.48 -11.23
N HIS H 24 -0.92 3.77 -11.92
CA HIS H 24 -1.06 3.53 -13.34
C HIS H 24 -0.13 4.41 -14.16
N VAL H 25 -0.07 5.69 -13.78
CA VAL H 25 0.76 6.63 -14.52
C VAL H 25 2.24 6.35 -14.33
N GLU H 26 2.61 5.96 -13.11
CA GLU H 26 4.01 5.61 -12.84
C GLU H 26 4.39 4.27 -13.48
N ARG H 27 3.47 3.31 -13.44
CA ARG H 27 3.68 2.00 -14.07
C ARG H 27 3.86 2.11 -15.58
N TRP H 28 3.01 2.88 -16.23
CA TRP H 28 3.12 3.10 -17.66
C TRP H 28 4.43 3.84 -17.95
N ALA H 29 4.83 4.72 -17.03
CA ALA H 29 6.04 5.51 -17.19
C ALA H 29 7.30 4.64 -17.11
N LYS H 30 7.22 3.57 -16.33
CA LYS H 30 8.34 2.64 -16.19
C LYS H 30 8.40 1.74 -17.42
N VAL H 31 7.24 1.33 -17.91
CA VAL H 31 7.18 0.39 -19.04
C VAL H 31 7.47 1.17 -20.32
N ARG H 32 6.91 2.36 -20.45
CA ARG H 32 7.25 3.25 -21.57
C ARG H 32 8.24 4.28 -21.05
N GLY H 33 9.52 4.07 -21.34
CA GLY H 33 10.54 4.89 -20.74
C GLY H 33 10.63 6.30 -21.30
N ASP H 34 11.09 6.38 -22.55
CA ASP H 34 11.34 7.65 -23.20
C ASP H 34 10.16 8.12 -24.03
N LYS H 35 9.07 7.37 -24.01
CA LYS H 35 7.92 7.67 -24.84
C LYS H 35 7.14 8.89 -24.32
N ALA H 37 4.69 11.52 -23.50
CA ALA H 37 3.51 11.51 -22.64
C ALA H 37 2.54 12.62 -23.02
N TYR H 38 2.99 13.86 -22.90
CA TYR H 38 2.19 15.02 -23.30
C TYR H 38 2.98 15.95 -24.20
N ARG H 39 2.30 16.56 -25.17
CA ARG H 39 2.93 17.55 -26.04
C ARG H 39 2.10 18.82 -26.10
N PHE H 40 2.72 19.95 -25.78
CA PHE H 40 2.06 21.25 -25.80
C PHE H 40 2.54 22.09 -26.97
N LEU H 41 1.60 22.52 -27.81
CA LEU H 41 1.90 23.38 -28.94
C LEU H 41 1.74 24.85 -28.58
N ASP H 42 2.86 25.59 -28.54
CA ASP H 42 2.84 26.99 -28.13
C ASP H 42 2.78 27.92 -29.33
N PHE H 43 1.63 28.59 -29.50
CA PHE H 43 1.41 29.52 -30.60
C PHE H 43 1.64 30.97 -30.22
N SER H 44 2.13 31.21 -29.00
CA SER H 44 2.35 32.57 -28.55
C SER H 44 3.37 33.29 -29.43
N THR H 45 4.60 32.77 -29.49
CA THR H 45 5.62 33.39 -30.33
C THR H 45 5.47 33.00 -31.80
N GLU H 46 5.93 31.80 -32.13
CA GLU H 46 5.75 31.22 -33.46
C GLU H 46 4.29 31.17 -33.88
N ARG H 47 4.01 31.52 -35.14
CA ARG H 47 2.66 31.45 -35.67
C ARG H 47 2.33 29.99 -35.99
N ASP H 48 3.37 29.23 -36.31
CA ASP H 48 3.22 27.83 -36.70
C ASP H 48 3.36 26.89 -35.50
N GLY H 49 3.80 27.43 -34.36
CA GLY H 49 3.84 26.67 -33.13
C GLY H 49 5.23 26.22 -32.75
N VAL H 50 5.53 26.20 -31.45
CA VAL H 50 6.79 25.67 -30.94
C VAL H 50 6.48 24.45 -30.07
N PRO H 51 6.67 23.23 -30.62
CA PRO H 51 6.28 22.05 -29.84
C PRO H 51 7.09 21.84 -28.57
N ARG H 52 6.40 21.84 -27.43
CA ARG H 52 6.98 21.48 -26.14
C ARG H 52 6.67 20.04 -25.77
N ASP H 53 7.69 19.18 -25.67
CA ASP H 53 7.46 17.78 -25.39
C ASP H 53 7.96 17.41 -23.98
N LEU H 54 7.26 16.47 -23.34
CA LEU H 54 7.63 15.97 -22.03
C LEU H 54 7.50 14.46 -22.02
N THR H 55 8.60 13.75 -21.75
CA THR H 55 8.57 12.29 -21.79
C THR H 55 7.97 11.72 -20.53
N TRP H 56 7.76 10.41 -20.52
CA TRP H 56 7.16 9.75 -19.38
C TRP H 56 8.07 9.82 -18.15
N ALA H 57 9.37 9.70 -18.39
CA ALA H 57 10.33 9.78 -17.30
C ALA H 57 10.31 11.16 -16.66
N GLN H 58 10.33 12.19 -17.49
CA GLN H 58 10.24 13.56 -17.01
C GLN H 58 8.90 13.84 -16.34
N PHE H 59 7.82 13.39 -16.96
CA PHE H 59 6.47 13.64 -16.45
C PHE H 59 6.29 13.09 -15.03
N SER H 60 6.63 11.82 -14.85
CA SER H 60 6.47 11.15 -13.55
C SER H 60 7.38 11.69 -12.44
N ALA H 61 8.62 12.03 -12.79
CA ALA H 61 9.61 12.47 -11.81
C ALA H 61 9.23 13.78 -11.10
N ARG H 62 8.74 14.75 -11.86
CA ARG H 62 8.40 16.04 -11.28
C ARG H 62 7.13 15.94 -10.44
N ASN H 63 6.19 15.10 -10.88
CA ASN H 63 4.94 14.89 -10.14
C ASN H 63 5.27 14.46 -8.72
N ARG H 64 6.28 13.63 -8.57
CA ARG H 64 6.70 13.16 -7.26
C ARG H 64 7.36 14.32 -6.50
N ALA H 65 8.08 15.17 -7.23
CA ALA H 65 8.76 16.31 -6.62
C ALA H 65 7.76 17.31 -6.06
N VAL H 66 6.77 17.68 -6.87
CA VAL H 66 5.74 18.60 -6.44
C VAL H 66 4.93 17.95 -5.32
N ALA H 67 4.69 16.66 -5.45
CA ALA H 67 3.90 15.93 -4.46
C ALA H 67 4.60 15.98 -3.11
N ALA H 68 5.92 15.86 -3.12
CA ALA H 68 6.71 15.91 -1.89
C ALA H 68 6.56 17.27 -1.21
N ARG H 69 6.61 18.33 -2.02
CA ARG H 69 6.46 19.68 -1.50
C ARG H 69 5.04 19.92 -1.02
N LEU H 70 4.08 19.29 -1.69
CA LEU H 70 2.67 19.39 -1.30
C LEU H 70 2.46 18.66 0.03
N GLN H 71 3.12 17.51 0.18
CA GLN H 71 3.01 16.71 1.39
C GLN H 71 3.56 17.45 2.61
N GLN H 72 4.47 18.39 2.38
CA GLN H 72 5.06 19.16 3.47
C GLN H 72 4.15 20.30 3.94
N VAL H 73 3.53 20.99 2.98
CA VAL H 73 2.71 22.16 3.29
C VAL H 73 1.21 21.87 3.42
N THR H 74 0.80 20.64 3.10
CA THR H 74 -0.63 20.29 3.11
C THR H 74 -0.90 18.98 3.85
N GLN H 75 -2.03 18.94 4.55
CA GLN H 75 -2.45 17.75 5.27
C GLN H 75 -3.30 16.87 4.36
N PRO H 76 -3.35 15.57 4.65
CA PRO H 76 -4.17 14.69 3.81
C PRO H 76 -5.64 15.10 3.84
N GLY H 77 -6.29 15.11 2.68
CA GLY H 77 -7.69 15.50 2.61
C GLY H 77 -7.86 16.98 2.34
N ASP H 78 -6.78 17.75 2.48
CA ASP H 78 -6.81 19.18 2.18
C ASP H 78 -6.92 19.39 0.69
N ARG H 79 -7.39 20.57 0.29
CA ARG H 79 -7.55 20.89 -1.12
C ARG H 79 -6.51 21.88 -1.60
N VAL H 80 -5.91 21.57 -2.74
CA VAL H 80 -4.88 22.42 -3.34
C VAL H 80 -5.42 22.93 -4.65
N ALA H 81 -5.57 24.24 -4.73
CA ALA H 81 -6.13 24.84 -5.93
C ALA H 81 -5.04 25.06 -6.96
N ILE H 82 -5.39 24.75 -8.21
CA ILE H 82 -4.47 24.97 -9.32
C ILE H 82 -4.89 26.22 -10.06
N LEU H 83 -4.11 27.29 -9.88
CA LEU H 83 -4.28 28.49 -10.68
C LEU H 83 -3.06 28.53 -11.59
N CYS H 84 -3.23 28.09 -12.82
CA CYS H 84 -2.14 28.00 -13.77
C CYS H 84 -2.69 28.19 -15.18
N PRO H 85 -1.90 28.76 -16.10
CA PRO H 85 -2.42 28.82 -17.47
C PRO H 85 -2.38 27.47 -18.15
N GLN H 86 -2.83 27.40 -19.40
CA GLN H 86 -2.78 26.16 -20.15
C GLN H 86 -1.36 25.93 -20.63
N ASN H 87 -0.80 24.80 -20.21
CA ASN H 87 0.58 24.48 -20.52
C ASN H 87 0.88 23.08 -20.01
N LEU H 88 2.11 22.63 -20.14
CA LEU H 88 2.48 21.29 -19.69
C LEU H 88 2.50 21.27 -18.16
N ASP H 89 2.89 22.39 -17.59
CA ASP H 89 3.07 22.50 -16.15
C ASP H 89 1.72 22.44 -15.41
N TYR H 90 0.63 22.71 -16.13
CA TYR H 90 -0.71 22.57 -15.57
C TYR H 90 -0.98 21.12 -15.19
N LEU H 91 -0.57 20.20 -16.05
CA LEU H 91 -0.80 18.78 -15.81
C LEU H 91 0.05 18.31 -14.63
N VAL H 92 1.26 18.86 -14.52
CA VAL H 92 2.15 18.51 -13.42
C VAL H 92 1.58 18.99 -12.09
N ALA H 93 0.87 20.12 -12.10
CA ALA H 93 0.26 20.64 -10.88
C ALA H 93 -0.90 19.74 -10.47
N PHE H 94 -1.71 19.32 -11.44
CA PHE H 94 -2.81 18.42 -11.16
C PHE H 94 -2.30 17.07 -10.70
N PHE H 95 -1.41 16.47 -11.50
CA PHE H 95 -0.81 15.18 -11.18
C PHE H 95 -0.06 15.22 -9.87
N GLY H 96 0.62 16.34 -9.61
CA GLY H 96 1.32 16.53 -8.36
C GLY H 96 0.42 16.41 -7.14
N ALA H 97 -0.79 16.95 -7.24
CA ALA H 97 -1.75 16.89 -6.13
C ALA H 97 -2.24 15.48 -5.85
N LEU H 98 -2.50 14.72 -6.92
CA LEU H 98 -2.95 13.34 -6.81
C LEU H 98 -1.82 12.43 -6.29
N TYR H 99 -0.61 12.62 -6.81
CA TYR H 99 0.55 11.90 -6.30
C TYR H 99 0.70 12.18 -4.82
N ALA H 100 0.43 13.42 -4.42
CA ALA H 100 0.58 13.84 -3.04
C ALA H 100 -0.50 13.24 -2.15
N GLY H 101 -1.65 12.93 -2.74
CA GLY H 101 -2.77 12.40 -1.99
C GLY H 101 -3.70 13.52 -1.56
N ARG H 102 -3.52 14.69 -2.14
CA ARG H 102 -4.36 15.84 -1.83
C ARG H 102 -5.52 15.90 -2.81
N ILE H 103 -6.41 16.85 -2.60
CA ILE H 103 -7.59 17.00 -3.45
C ILE H 103 -7.37 18.10 -4.48
N ALA H 104 -7.35 17.74 -5.76
CA ALA H 104 -7.16 18.72 -6.82
C ALA H 104 -8.46 19.48 -7.11
N VAL H 105 -8.33 20.77 -7.41
CA VAL H 105 -9.46 21.56 -7.88
C VAL H 105 -9.00 22.45 -9.04
N PRO H 106 -9.10 21.94 -10.28
CA PRO H 106 -8.63 22.71 -11.43
C PRO H 106 -9.35 24.05 -11.67
N LEU H 107 -8.56 25.11 -11.86
CA LEU H 107 -9.03 26.47 -12.10
C LEU H 107 -8.08 27.10 -13.11
N PHE H 108 -8.15 28.42 -13.31
CA PHE H 108 -7.33 29.07 -14.32
C PHE H 108 -6.51 30.25 -13.81
N ASP H 109 -5.69 30.80 -14.69
CA ASP H 109 -4.82 31.93 -14.40
C ASP H 109 -5.64 33.20 -14.21
N PRO H 110 -5.48 33.89 -13.05
CA PRO H 110 -6.29 35.10 -12.86
C PRO H 110 -5.82 36.32 -13.68
N SER H 111 -5.47 36.12 -14.94
CA SER H 111 -5.14 37.21 -15.85
C SER H 111 -6.32 37.53 -16.80
N GLU H 112 -7.47 36.89 -16.56
CA GLU H 112 -8.66 37.10 -17.38
C GLU H 112 -8.38 36.89 -18.86
N HIS H 115 -11.47 36.25 -15.81
CA HIS H 115 -12.58 36.13 -14.86
C HIS H 115 -12.07 35.85 -13.46
N VAL H 116 -11.66 36.91 -12.76
CA VAL H 116 -11.16 36.76 -11.39
C VAL H 116 -12.31 36.85 -10.40
N GLY H 117 -13.53 36.94 -10.92
CA GLY H 117 -14.71 36.96 -10.07
C GLY H 117 -15.12 35.56 -9.65
N ARG H 118 -14.88 34.59 -10.53
CA ARG H 118 -15.21 33.20 -10.25
C ARG H 118 -14.26 32.62 -9.19
N LEU H 119 -13.00 33.04 -9.24
CA LEU H 119 -12.00 32.51 -8.33
C LEU H 119 -12.32 32.92 -6.92
N HIS H 120 -12.84 34.13 -6.78
CA HIS H 120 -13.24 34.65 -5.48
C HIS H 120 -14.38 33.80 -4.92
N ALA H 121 -15.35 33.47 -5.76
CA ALA H 121 -16.52 32.69 -5.31
C ALA H 121 -16.14 31.25 -5.03
N VAL H 122 -15.27 30.70 -5.86
CA VAL H 122 -14.84 29.30 -5.74
C VAL H 122 -13.89 29.09 -4.57
N LEU H 123 -12.91 29.96 -4.43
CA LEU H 123 -11.91 29.82 -3.37
C LEU H 123 -12.52 29.96 -1.99
N ASP H 124 -13.57 30.78 -1.87
CA ASP H 124 -14.29 30.90 -0.62
C ASP H 124 -15.07 29.63 -0.31
N ASN H 125 -15.47 28.92 -1.36
CA ASN H 125 -16.29 27.72 -1.18
C ASN H 125 -15.48 26.50 -0.73
N CYS H 126 -14.37 26.20 -1.41
CA CYS H 126 -13.58 25.01 -1.10
C CYS H 126 -12.37 25.25 -0.20
N HIS H 127 -12.23 26.47 0.32
CA HIS H 127 -11.12 26.83 1.22
C HIS H 127 -9.80 26.05 1.01
N PRO H 128 -9.10 26.28 -0.12
CA PRO H 128 -7.87 25.52 -0.37
C PRO H 128 -6.75 25.82 0.62
N SER H 129 -6.03 24.78 1.02
CA SER H 129 -4.91 24.94 1.96
C SER H 129 -3.63 25.40 1.26
N ALA H 130 -3.53 25.14 -0.04
CA ALA H 130 -2.36 25.50 -0.83
C ALA H 130 -2.73 25.85 -2.27
N ILE H 131 -1.85 26.59 -2.94
CA ILE H 131 -2.07 26.99 -4.32
C ILE H 131 -0.91 26.57 -5.22
N LEU H 132 -1.23 25.89 -6.31
CA LEU H 132 -0.23 25.49 -7.31
C LEU H 132 -0.30 26.38 -8.54
N THR H 133 0.84 26.94 -8.94
CA THR H 133 0.91 27.82 -10.09
C THR H 133 2.24 27.61 -10.80
N THR H 134 2.53 28.46 -11.78
CA THR H 134 3.79 28.38 -12.52
C THR H 134 4.58 29.65 -12.26
N THR H 135 5.90 29.57 -12.43
CA THR H 135 6.78 30.69 -12.14
C THR H 135 6.39 31.95 -12.92
N GLU H 136 5.89 31.78 -14.13
CA GLU H 136 5.45 32.92 -14.93
C GLU H 136 4.26 33.65 -14.34
N ALA H 137 3.23 32.89 -13.99
CA ALA H 137 1.93 33.43 -13.60
C ALA H 137 1.76 33.64 -12.10
N ALA H 138 2.86 33.59 -11.35
CA ALA H 138 2.80 33.54 -9.89
C ALA H 138 2.59 34.93 -9.31
N GLU H 139 3.31 35.91 -9.84
CA GLU H 139 3.18 37.29 -9.38
C GLU H 139 1.73 37.69 -9.60
N GLY H 140 1.16 37.19 -10.68
CA GLY H 140 -0.23 37.46 -10.96
C GLY H 140 -1.12 36.85 -9.89
N VAL H 141 -0.77 35.65 -9.46
CA VAL H 141 -1.53 34.98 -8.41
C VAL H 141 -1.31 35.66 -7.07
N ARG H 142 -0.09 36.09 -6.81
CA ARG H 142 0.22 36.75 -5.55
C ARG H 142 -0.57 38.04 -5.42
N LYS H 143 -0.57 38.82 -6.49
CA LYS H 143 -1.29 40.09 -6.51
C LYS H 143 -2.79 39.86 -6.36
N PHE H 144 -3.29 38.78 -6.95
CA PHE H 144 -4.71 38.47 -6.83
C PHE H 144 -5.12 38.32 -5.38
N PHE H 145 -4.32 37.58 -4.62
CA PHE H 145 -4.63 37.26 -3.24
C PHE H 145 -4.43 38.44 -2.30
N ARG H 146 -3.70 39.45 -2.76
CA ARG H 146 -3.49 40.67 -1.96
C ARG H 146 -4.78 41.42 -1.73
N THR H 147 -5.79 41.16 -2.55
CA THR H 147 -7.10 41.79 -2.40
C THR H 147 -7.96 41.06 -1.36
N ARG H 148 -7.57 39.83 -1.04
CA ARG H 148 -8.25 39.03 -0.03
C ARG H 148 -7.64 39.31 1.34
N PRO H 149 -8.37 39.01 2.43
CA PRO H 149 -7.88 39.22 3.79
C PRO H 149 -6.62 38.42 4.11
N ALA H 150 -5.89 38.82 5.15
CA ALA H 150 -4.66 38.13 5.54
C ALA H 150 -4.91 36.73 6.12
N ASN H 151 -6.02 36.54 6.83
CA ASN H 151 -6.32 35.24 7.43
C ASN H 151 -6.57 34.18 6.36
N GLN H 152 -7.17 34.57 5.23
CA GLN H 152 -7.23 33.65 4.10
C GLN H 152 -6.21 34.03 3.03
N ARG H 153 -5.04 33.38 3.08
CA ARG H 153 -4.01 33.53 2.05
C ARG H 153 -3.22 32.23 2.02
N PRO H 154 -3.76 31.19 1.37
CA PRO H 154 -3.07 29.90 1.48
C PRO H 154 -1.70 29.94 0.82
N ARG H 155 -0.82 29.04 1.23
CA ARG H 155 0.54 29.05 0.71
C ARG H 155 0.52 28.81 -0.79
N VAL H 156 1.38 29.51 -1.50
CA VAL H 156 1.47 29.38 -2.94
C VAL H 156 2.81 28.77 -3.35
N ILE H 157 2.73 27.71 -4.17
CA ILE H 157 3.91 26.99 -4.65
C ILE H 157 3.94 27.02 -6.17
N ALA H 158 5.06 27.48 -6.73
CA ALA H 158 5.22 27.49 -8.17
C ALA H 158 5.69 26.11 -8.64
N VAL H 159 4.86 25.45 -9.44
CA VAL H 159 5.08 24.07 -9.82
C VAL H 159 6.34 23.95 -10.66
N ASP H 160 6.62 24.98 -11.46
CA ASP H 160 7.80 24.96 -12.31
C ASP H 160 9.10 25.16 -11.55
N ALA H 161 9.03 25.67 -10.33
CA ALA H 161 10.25 26.04 -9.60
C ALA H 161 10.80 24.96 -8.68
N VAL H 162 10.05 23.90 -8.43
CA VAL H 162 10.51 22.86 -7.51
C VAL H 162 11.48 21.92 -8.22
N PRO H 163 12.73 21.84 -7.74
CA PRO H 163 13.68 20.93 -8.40
C PRO H 163 13.25 19.47 -8.24
N ASP H 164 13.55 18.65 -9.24
CA ASP H 164 13.14 17.25 -9.22
C ASP H 164 13.85 16.45 -8.14
N ASP H 165 14.88 17.04 -7.54
CA ASP H 165 15.68 16.33 -6.54
C ASP H 165 14.98 16.30 -5.18
N VAL H 166 13.94 17.10 -5.03
CA VAL H 166 13.14 17.14 -3.80
C VAL H 166 12.23 15.90 -3.69
N ALA H 167 12.13 15.16 -4.80
CA ALA H 167 11.28 13.98 -4.90
C ALA H 167 11.58 12.88 -3.87
N SER H 168 12.79 12.88 -3.33
CA SER H 168 13.23 11.81 -2.42
C SER H 168 12.34 11.64 -1.20
N THR H 169 11.67 12.72 -0.78
CA THR H 169 10.84 12.66 0.42
C THR H 169 9.39 12.31 0.10
N TRP H 170 9.09 12.04 -1.16
CA TRP H 170 7.72 11.72 -1.59
C TRP H 170 7.26 10.38 -1.02
N VAL H 171 6.06 10.37 -0.46
CA VAL H 171 5.47 9.16 0.09
C VAL H 171 4.20 8.79 -0.65
N ASN H 172 4.12 7.56 -1.11
CA ASN H 172 2.95 7.06 -1.80
C ASN H 172 1.70 7.16 -0.91
N PRO H 173 0.61 7.76 -1.43
CA PRO H 173 -0.59 7.90 -0.58
C PRO H 173 -1.32 6.58 -0.38
N ASP H 174 -2.19 6.55 0.62
CA ASP H 174 -2.97 5.36 0.94
C ASP H 174 -3.85 4.95 -0.23
N GLU H 175 -4.06 3.64 -0.38
CA GLU H 175 -4.88 3.11 -1.47
C GLU H 175 -6.26 3.75 -1.37
N PRO H 176 -6.84 4.13 -2.52
CA PRO H 176 -8.06 4.94 -2.48
C PRO H 176 -9.28 4.14 -2.06
N ASP H 177 -10.28 4.83 -1.53
CA ASP H 177 -11.50 4.18 -1.06
C ASP H 177 -12.66 4.60 -1.93
N GLU H 178 -13.83 4.00 -1.70
CA GLU H 178 -15.01 4.29 -2.51
C GLU H 178 -15.55 5.68 -2.25
N THR H 179 -15.26 6.23 -1.06
CA THR H 179 -15.77 7.54 -0.67
C THR H 179 -14.78 8.68 -0.84
N THR H 180 -13.55 8.36 -1.24
CA THR H 180 -12.49 9.38 -1.32
C THR H 180 -12.54 10.23 -2.58
N ILE H 181 -12.69 11.53 -2.39
CA ILE H 181 -12.79 12.46 -3.50
C ILE H 181 -11.41 12.63 -4.10
N ALA H 182 -11.30 12.42 -5.42
CA ALA H 182 -10.04 12.63 -6.12
C ALA H 182 -9.81 14.12 -6.42
N TYR H 183 -10.82 14.78 -6.97
CA TYR H 183 -10.73 16.19 -7.33
C TYR H 183 -12.10 16.84 -7.36
N LEU H 184 -12.10 18.17 -7.35
CA LEU H 184 -13.33 18.94 -7.39
C LEU H 184 -13.52 19.61 -8.75
N GLN H 185 -14.56 19.21 -9.48
CA GLN H 185 -14.88 19.82 -10.77
C GLN H 185 -16.06 20.76 -10.67
N TYR H 186 -15.81 22.07 -10.80
CA TYR H 186 -16.88 23.04 -10.71
C TYR H 186 -17.57 23.26 -12.05
N THR H 187 -18.88 23.03 -12.10
CA THR H 187 -19.65 23.31 -13.32
C THR H 187 -21.02 23.87 -12.97
N SER H 188 -21.70 24.45 -13.97
CA SER H 188 -23.05 24.98 -13.81
C SER H 188 -23.25 25.84 -12.56
N GLY H 189 -24.43 25.74 -11.93
CA GLY H 189 -24.74 26.45 -10.70
C GLY H 189 -24.49 27.94 -10.76
N ARG H 192 -26.46 30.93 -7.18
CA ARG H 192 -25.62 32.02 -6.66
C ARG H 192 -24.22 31.51 -6.34
N ILE H 193 -24.07 30.90 -5.18
CA ILE H 193 -22.79 30.34 -4.78
C ILE H 193 -22.49 29.14 -5.70
N PRO H 194 -21.22 28.96 -6.10
CA PRO H 194 -20.90 27.94 -7.11
C PRO H 194 -20.92 26.50 -6.61
N THR H 195 -21.10 25.55 -7.54
CA THR H 195 -21.16 24.13 -7.20
C THR H 195 -19.98 23.33 -7.74
N GLY H 196 -19.08 22.95 -6.85
CA GLY H 196 -18.06 21.96 -7.15
C GLY H 196 -18.66 20.57 -7.13
N VAL H 197 -18.43 19.79 -8.18
CA VAL H 197 -18.81 18.39 -8.15
C VAL H 197 -17.68 17.57 -7.55
N GLN H 198 -18.01 16.65 -6.65
CA GLN H 198 -17.00 15.78 -6.06
C GLN H 198 -16.89 14.50 -6.88
N ILE H 199 -15.78 14.36 -7.59
CA ILE H 199 -15.52 13.19 -8.42
C ILE H 199 -14.47 12.35 -7.71
N THR H 200 -14.81 11.11 -7.35
CA THR H 200 -13.91 10.29 -6.58
C THR H 200 -12.84 9.67 -7.46
N HIS H 201 -11.89 8.98 -6.84
CA HIS H 201 -10.84 8.31 -7.59
C HIS H 201 -11.42 7.14 -8.37
N LEU H 202 -12.54 6.61 -7.87
CA LEU H 202 -13.22 5.52 -8.55
C LEU H 202 -13.93 6.08 -9.78
N ASN H 203 -14.58 7.22 -9.61
CA ASN H 203 -15.25 7.91 -10.71
C ASN H 203 -14.28 8.24 -11.85
N LEU H 204 -13.08 8.69 -11.49
CA LEU H 204 -12.10 9.13 -12.49
C LEU H 204 -11.65 7.99 -13.39
N ALA H 205 -11.15 6.92 -12.78
CA ALA H 205 -10.63 5.79 -13.53
C ALA H 205 -11.76 5.05 -14.24
N THR H 206 -12.91 4.93 -13.56
CA THR H 206 -14.06 4.19 -14.10
C THR H 206 -14.54 4.83 -15.39
N ASN H 207 -14.71 6.15 -15.36
CA ASN H 207 -15.19 6.87 -16.54
C ASN H 207 -14.10 6.89 -17.60
N VAL H 208 -12.84 6.90 -17.15
CA VAL H 208 -11.70 6.90 -18.05
C VAL H 208 -11.63 5.62 -18.87
N VAL H 209 -11.89 4.48 -18.23
CA VAL H 209 -11.83 3.20 -18.93
C VAL H 209 -13.04 2.94 -19.83
N GLN H 210 -14.22 3.29 -19.35
CA GLN H 210 -15.44 3.09 -20.12
C GLN H 210 -15.50 4.00 -21.35
N VAL H 211 -14.96 5.21 -21.22
CA VAL H 211 -14.96 6.15 -22.33
C VAL H 211 -14.22 5.54 -23.50
N ILE H 212 -13.08 4.93 -23.19
CA ILE H 212 -12.29 4.28 -24.22
C ILE H 212 -13.06 3.13 -24.88
N GLU H 213 -13.86 2.43 -24.10
CA GLU H 213 -14.65 1.30 -24.60
C GLU H 213 -15.70 1.72 -25.65
N ALA H 214 -16.26 2.92 -25.47
CA ALA H 214 -17.25 3.46 -26.39
C ALA H 214 -16.59 4.03 -27.66
N LEU H 215 -15.38 4.53 -27.50
CA LEU H 215 -14.61 5.15 -28.58
C LEU H 215 -13.99 4.08 -29.47
N GLU H 216 -13.89 2.88 -28.91
CA GLU H 216 -13.27 1.69 -29.53
C GLU H 216 -11.74 1.77 -29.56
N GLY H 217 -11.17 2.98 -29.47
CA GLY H 217 -9.82 3.15 -28.96
C GLY H 217 -8.72 2.22 -29.43
N GLU H 218 -8.38 2.15 -30.72
CA GLU H 218 -7.29 1.25 -31.08
C GLU H 218 -5.92 1.89 -30.80
N GLU H 219 -4.85 1.12 -31.03
CA GLU H 219 -3.51 1.51 -30.60
C GLU H 219 -2.68 2.31 -31.59
N GLY H 220 -3.29 2.72 -32.70
CA GLY H 220 -2.60 3.52 -33.70
C GLY H 220 -3.17 4.92 -33.76
N ASP H 221 -4.28 5.12 -33.08
CA ASP H 221 -4.97 6.41 -33.07
C ASP H 221 -4.23 7.36 -32.14
N ARG H 222 -4.19 8.64 -32.52
CA ARG H 222 -3.61 9.68 -31.67
C ARG H 222 -4.70 10.65 -31.22
N GLY H 223 -4.55 11.24 -30.03
CA GLY H 223 -5.51 12.20 -29.54
C GLY H 223 -5.07 13.65 -29.65
N LEU H 224 -6.06 14.55 -29.76
CA LEU H 224 -5.81 15.98 -29.87
C LEU H 224 -6.97 16.78 -29.28
N SER H 225 -6.66 17.87 -28.59
CA SER H 225 -7.69 18.76 -28.08
C SER H 225 -7.22 20.20 -27.85
N TRP H 226 -8.09 21.17 -28.13
CA TRP H 226 -7.87 22.57 -27.75
C TRP H 226 -8.67 22.95 -26.49
N LEU H 227 -9.46 22.04 -25.95
CA LEU H 227 -10.31 22.37 -24.81
C LEU H 227 -9.52 22.65 -23.52
N PRO H 228 -9.98 23.64 -22.71
CA PRO H 228 -9.35 24.03 -21.45
C PRO H 228 -9.51 23.01 -20.32
N PHE H 229 -8.46 22.83 -19.53
CA PHE H 229 -8.42 21.83 -18.46
C PHE H 229 -9.34 22.10 -17.27
N PHE H 230 -9.77 23.35 -17.09
CA PHE H 230 -10.65 23.68 -15.98
C PHE H 230 -12.09 23.32 -16.31
N HIS H 231 -12.31 22.92 -17.57
CA HIS H 231 -13.62 22.43 -18.02
C HIS H 231 -13.60 20.90 -18.04
N ASP H 232 -14.72 20.29 -17.66
CA ASP H 232 -14.78 18.84 -17.51
C ASP H 232 -14.45 18.11 -18.82
N MET H 233 -14.92 18.66 -19.93
CA MET H 233 -14.66 18.06 -21.23
C MET H 233 -13.17 18.12 -21.57
N GLY H 234 -12.50 19.18 -21.13
CA GLY H 234 -11.08 19.37 -21.37
C GLY H 234 -10.21 18.59 -20.40
N LEU H 235 -10.68 18.43 -19.17
CA LEU H 235 -9.93 17.73 -18.13
C LEU H 235 -9.82 16.24 -18.43
N ILE H 236 -10.97 15.56 -18.58
CA ILE H 236 -10.97 14.11 -18.70
C ILE H 236 -10.28 13.61 -19.96
N THR H 237 -10.31 14.40 -21.02
CA THR H 237 -9.67 14.04 -22.29
C THR H 237 -8.14 14.07 -22.25
N ALA H 238 -7.55 14.92 -21.41
CA ALA H 238 -6.10 14.99 -21.35
C ALA H 238 -5.58 13.74 -20.65
N LEU H 239 -6.30 13.29 -19.64
CA LEU H 239 -6.00 12.01 -19.02
C LEU H 239 -6.54 10.95 -19.99
N LEU H 240 -6.52 9.68 -19.61
CA LEU H 240 -7.00 8.64 -20.51
C LEU H 240 -6.20 8.61 -21.81
N MET H 243 -1.94 9.29 -20.36
CA MET H 243 -2.15 8.58 -19.10
C MET H 243 -2.99 7.33 -19.33
N ILE H 244 -2.54 6.20 -18.81
CA ILE H 244 -3.27 4.94 -18.96
C ILE H 244 -3.10 4.35 -20.36
N GLY H 245 -2.43 5.10 -21.23
CA GLY H 245 -2.28 4.75 -22.63
C GLY H 245 -1.26 5.66 -23.28
N HIS H 246 -1.36 5.83 -24.60
CA HIS H 246 -0.34 6.48 -25.39
C HIS H 246 -0.27 7.97 -25.07
N TYR H 247 0.58 8.70 -25.78
CA TYR H 247 0.72 10.13 -25.54
C TYR H 247 -0.46 10.93 -26.07
N PHE H 248 -0.66 12.11 -25.50
CA PHE H 248 -1.77 13.00 -25.84
C PHE H 248 -1.27 14.43 -26.02
N THR H 249 -1.65 15.02 -27.14
CA THR H 249 -1.22 16.37 -27.51
C THR H 249 -2.37 17.36 -27.39
N PHE H 250 -2.09 18.50 -26.78
CA PHE H 250 -3.11 19.54 -26.58
C PHE H 250 -2.57 20.94 -26.86
N MET H 251 -3.48 21.88 -27.07
CA MET H 251 -3.12 23.29 -27.18
C MET H 251 -4.15 24.14 -26.43
N THR H 252 -3.94 25.46 -26.41
CA THR H 252 -4.84 26.36 -25.69
C THR H 252 -6.06 26.72 -26.55
N PRO H 253 -7.20 26.99 -25.89
CA PRO H 253 -8.41 27.38 -26.61
C PRO H 253 -8.20 28.67 -27.41
N ALA H 254 -7.40 29.57 -26.86
CA ALA H 254 -7.11 30.83 -27.52
C ALA H 254 -6.43 30.61 -28.87
N ALA H 255 -5.59 29.58 -28.95
CA ALA H 255 -4.89 29.27 -30.18
C ALA H 255 -5.87 28.81 -31.26
N PHE H 256 -6.89 28.06 -30.84
CA PHE H 256 -7.89 27.56 -31.77
C PHE H 256 -8.81 28.67 -32.28
N VAL H 257 -9.25 29.54 -31.38
CA VAL H 257 -10.15 30.63 -31.74
C VAL H 257 -9.47 31.57 -32.74
N ARG H 258 -8.18 31.80 -32.52
CA ARG H 258 -7.40 32.72 -33.35
C ARG H 258 -7.11 32.12 -34.72
N ARG H 259 -6.68 30.86 -34.75
CA ARG H 259 -6.37 30.17 -36.01
C ARG H 259 -6.87 28.72 -36.00
N PRO H 260 -8.17 28.52 -36.29
CA PRO H 260 -8.76 27.18 -36.23
C PRO H 260 -8.11 26.19 -37.18
N GLU H 261 -7.40 26.67 -38.20
CA GLU H 261 -6.71 25.78 -39.13
C GLU H 261 -5.66 24.96 -38.39
N ARG H 262 -5.17 25.49 -37.27
CA ARG H 262 -4.17 24.82 -36.44
C ARG H 262 -4.67 23.48 -35.93
N TRP H 263 -5.92 23.47 -35.49
CA TRP H 263 -6.57 22.27 -35.00
C TRP H 263 -6.72 21.25 -36.12
N ILE H 264 -7.19 21.76 -37.27
CA ILE H 264 -7.42 20.92 -38.43
C ILE H 264 -6.12 20.26 -38.87
N ARG H 265 -5.04 21.02 -38.88
CA ARG H 265 -3.76 20.49 -39.33
C ARG H 265 -3.24 19.39 -38.40
N GLU H 266 -3.40 19.56 -37.09
CA GLU H 266 -2.93 18.57 -36.15
C GLU H 266 -3.78 17.31 -36.25
N LEU H 267 -5.05 17.49 -36.62
CA LEU H 267 -5.94 16.37 -36.82
C LEU H 267 -5.63 15.63 -38.13
N ALA H 268 -5.15 16.37 -39.12
CA ALA H 268 -4.88 15.82 -40.45
C ALA H 268 -3.78 14.75 -40.41
N ARG H 269 -3.83 13.85 -41.37
CA ARG H 269 -2.89 12.74 -41.44
C ARG H 269 -1.44 13.20 -41.54
N LYS H 270 -0.62 12.79 -40.57
CA LYS H 270 0.81 13.00 -40.63
C LYS H 270 1.48 11.90 -41.46
N GLU H 271 2.69 12.17 -41.95
CA GLU H 271 3.44 11.21 -42.74
C GLU H 271 4.04 10.14 -41.82
N GLY H 272 3.72 8.88 -42.09
CA GLY H 272 4.28 7.79 -41.30
C GLY H 272 3.53 7.51 -40.02
N ASP H 273 2.20 7.70 -40.06
CA ASP H 273 1.34 7.45 -38.90
C ASP H 273 0.78 6.02 -38.91
N THR H 274 0.64 5.44 -37.73
CA THR H 274 0.12 4.07 -37.59
C THR H 274 -1.40 4.06 -37.65
N THR H 277 -7.58 8.86 -35.52
CA THR H 277 -7.29 9.94 -34.57
C THR H 277 -8.56 10.24 -33.78
N ILE H 278 -8.40 10.60 -32.51
CA ILE H 278 -9.55 10.90 -31.65
C ILE H 278 -9.50 12.31 -31.08
N SER H 279 -10.64 12.99 -31.05
CA SER H 279 -10.72 14.34 -30.52
C SER H 279 -12.12 14.64 -30.00
N VAL H 280 -12.30 15.84 -29.48
CA VAL H 280 -13.59 16.29 -28.96
C VAL H 280 -13.70 17.80 -29.12
N ALA H 281 -14.94 18.30 -29.21
CA ALA H 281 -15.18 19.71 -29.44
C ALA H 281 -16.66 20.02 -29.40
N PRO H 282 -17.02 21.26 -29.01
CA PRO H 282 -18.42 21.67 -28.98
C PRO H 282 -18.99 21.94 -30.38
N ASN H 283 -20.31 21.97 -30.49
CA ASN H 283 -20.96 22.16 -31.78
C ASN H 283 -20.52 23.47 -32.47
N PHE H 284 -20.34 24.53 -31.69
CA PHE H 284 -20.02 25.84 -32.26
C PHE H 284 -18.62 25.86 -32.88
N ALA H 285 -17.77 24.95 -32.44
CA ALA H 285 -16.40 24.90 -32.92
C ALA H 285 -16.33 24.37 -34.36
N PHE H 286 -17.24 23.48 -34.71
CA PHE H 286 -17.27 22.90 -36.05
C PHE H 286 -17.62 23.94 -37.11
N ASP H 287 -18.59 24.79 -36.79
CA ASP H 287 -18.98 25.88 -37.69
C ASP H 287 -17.83 26.87 -37.82
N HIS H 288 -17.15 27.12 -36.72
CA HIS H 288 -16.02 28.04 -36.68
C HIS H 288 -14.87 27.54 -37.54
N ALA H 289 -14.52 26.27 -37.36
CA ALA H 289 -13.43 25.68 -38.10
C ALA H 289 -13.77 25.59 -39.57
N ALA H 290 -15.07 25.60 -39.87
CA ALA H 290 -15.52 25.55 -41.25
C ALA H 290 -15.34 26.91 -41.90
N ALA H 291 -15.77 27.96 -41.20
CA ALA H 291 -15.70 29.32 -41.73
C ALA H 291 -14.30 29.92 -41.71
N ARG H 292 -13.67 29.93 -40.55
CA ARG H 292 -12.38 30.59 -40.38
C ARG H 292 -11.21 29.61 -40.46
N GLY H 293 -11.52 28.32 -40.59
CA GLY H 293 -10.51 27.28 -40.52
C GLY H 293 -10.11 26.73 -41.88
N VAL H 294 -10.69 27.27 -42.95
CA VAL H 294 -10.37 26.81 -44.29
C VAL H 294 -8.95 27.23 -44.69
N PRO H 295 -8.17 26.29 -45.27
CA PRO H 295 -6.76 26.51 -45.58
C PRO H 295 -6.52 27.55 -46.68
N LYS H 296 -5.39 28.24 -46.62
CA LYS H 296 -5.04 29.21 -47.64
C LYS H 296 -4.69 28.51 -48.96
N PRO H 297 -4.73 29.25 -50.08
CA PRO H 297 -4.49 28.64 -51.39
C PRO H 297 -3.03 28.20 -51.62
N GLY H 298 -2.10 28.85 -50.93
CA GLY H 298 -0.68 28.55 -51.08
C GLY H 298 -0.15 27.57 -50.05
N SER H 299 -1.05 26.91 -49.33
CA SER H 299 -0.67 25.98 -48.27
C SER H 299 -0.58 24.56 -48.81
N PRO H 300 0.17 23.69 -48.12
CA PRO H 300 0.25 22.30 -48.56
C PRO H 300 -1.09 21.57 -48.45
N PRO H 301 -1.23 20.44 -49.17
CA PRO H 301 -2.49 19.67 -49.19
C PRO H 301 -2.92 19.22 -47.81
N LEU H 302 -4.24 19.11 -47.62
CA LEU H 302 -4.81 18.70 -46.34
C LEU H 302 -5.57 17.39 -46.53
N ASP H 303 -5.13 16.35 -45.82
CA ASP H 303 -5.76 15.04 -45.90
C ASP H 303 -6.47 14.71 -44.59
N LEU H 304 -7.81 14.72 -44.64
CA LEU H 304 -8.65 14.48 -43.48
C LEU H 304 -9.02 13.01 -43.41
N SER H 305 -8.41 12.24 -44.30
CA SER H 305 -8.70 10.81 -44.40
C SER H 305 -8.35 10.07 -43.11
N ASN H 306 -7.52 10.68 -42.28
CA ASN H 306 -7.04 10.01 -41.07
C ASN H 306 -8.02 10.06 -39.91
N VAL H 307 -8.97 10.99 -39.97
CA VAL H 307 -9.86 11.22 -38.83
C VAL H 307 -10.67 9.98 -38.48
N LYS H 308 -10.55 9.55 -37.23
CA LYS H 308 -11.27 8.38 -36.73
C LYS H 308 -12.61 8.81 -36.14
N ALA H 309 -12.53 9.57 -35.04
CA ALA H 309 -13.70 10.07 -34.35
C ALA H 309 -13.48 11.47 -33.79
N VAL H 310 -14.42 12.38 -34.05
CA VAL H 310 -14.45 13.69 -33.38
C VAL H 310 -15.77 13.83 -32.64
N LEU H 311 -15.72 13.82 -31.32
CA LEU H 311 -16.94 13.81 -30.54
C LEU H 311 -17.51 15.22 -30.41
N ASN H 312 -18.83 15.33 -30.47
CA ASN H 312 -19.52 16.61 -30.36
C ASN H 312 -20.49 16.65 -29.19
N GLY H 313 -20.22 17.53 -28.22
CA GLY H 313 -21.04 17.62 -27.03
C GLY H 313 -20.91 18.97 -26.33
N SER H 314 -21.53 19.08 -25.15
CA SER H 314 -21.47 20.29 -24.32
C SER H 314 -22.35 21.42 -24.87
N GLU H 315 -22.79 21.26 -26.12
CA GLU H 315 -23.73 22.21 -26.72
C GLU H 315 -24.68 21.41 -27.58
N PRO H 316 -25.91 21.93 -27.81
CA PRO H 316 -26.85 21.22 -28.68
C PRO H 316 -26.27 21.06 -30.09
N ILE H 317 -26.30 19.84 -30.63
CA ILE H 317 -25.69 19.59 -31.94
C ILE H 317 -26.67 19.94 -33.05
N SER H 318 -26.23 20.82 -33.94
CA SER H 318 -27.05 21.29 -35.05
C SER H 318 -26.81 20.44 -36.29
N ALA H 319 -27.89 20.03 -36.95
CA ALA H 319 -27.77 19.28 -38.19
C ALA H 319 -27.07 20.14 -39.23
N ALA H 320 -27.27 21.45 -39.11
CA ALA H 320 -26.64 22.41 -40.01
C ALA H 320 -25.14 22.51 -39.77
N THR H 321 -24.75 22.59 -38.49
CA THR H 321 -23.35 22.72 -38.14
C THR H 321 -22.60 21.47 -38.60
N VAL H 322 -23.26 20.31 -38.53
CA VAL H 322 -22.67 19.06 -38.96
C VAL H 322 -22.49 19.00 -40.47
N ARG H 323 -23.52 19.46 -41.19
CA ARG H 323 -23.51 19.46 -42.64
C ARG H 323 -22.46 20.42 -43.19
N ARG H 324 -22.37 21.60 -42.59
CA ARG H 324 -21.42 22.60 -43.05
C ARG H 324 -19.99 22.11 -42.91
N PHE H 325 -19.69 21.46 -41.78
CA PHE H 325 -18.33 21.03 -41.49
C PHE H 325 -17.83 19.96 -42.45
N ASN H 326 -18.62 18.89 -42.63
CA ASN H 326 -18.24 17.85 -43.58
C ASN H 326 -18.31 18.37 -45.02
N GLU H 327 -19.25 19.28 -45.28
CA GLU H 327 -19.39 19.87 -46.62
C GLU H 327 -18.16 20.69 -46.97
N ALA H 328 -17.61 21.38 -45.98
CA ALA H 328 -16.46 22.25 -46.17
C ALA H 328 -15.16 21.43 -46.30
N PHE H 329 -14.97 20.48 -45.39
CA PHE H 329 -13.76 19.66 -45.34
C PHE H 329 -13.91 18.30 -46.02
N GLY H 330 -15.09 18.01 -46.55
CA GLY H 330 -15.30 16.79 -47.31
C GLY H 330 -14.34 16.65 -48.47
N PRO H 331 -14.17 17.73 -49.26
CA PRO H 331 -13.27 17.68 -50.41
C PRO H 331 -11.83 17.37 -50.01
N PHE H 332 -11.52 17.51 -48.72
CA PHE H 332 -10.19 17.20 -48.22
C PHE H 332 -10.08 15.77 -47.69
N GLY H 333 -11.17 15.01 -47.80
CA GLY H 333 -11.15 13.60 -47.45
C GLY H 333 -11.74 13.23 -46.10
N PHE H 334 -12.30 14.21 -45.40
CA PHE H 334 -12.91 13.96 -44.08
C PHE H 334 -14.12 13.01 -44.20
N PRO H 335 -14.06 11.84 -43.51
CA PRO H 335 -15.17 10.88 -43.62
C PRO H 335 -16.42 11.30 -42.84
N PRO H 336 -17.63 10.96 -43.34
CA PRO H 336 -18.87 11.35 -42.66
C PRO H 336 -19.11 10.62 -41.35
N LYS H 337 -18.47 9.47 -41.17
CA LYS H 337 -18.70 8.69 -39.96
C LYS H 337 -17.81 9.16 -38.82
N ALA H 338 -17.02 10.20 -39.08
CA ALA H 338 -16.06 10.68 -38.09
C ALA H 338 -16.72 11.49 -36.98
N ILE H 339 -17.69 12.33 -37.34
CA ILE H 339 -18.35 13.17 -36.36
C ILE H 339 -19.31 12.32 -35.55
N LYS H 340 -19.09 12.27 -34.25
CA LYS H 340 -19.85 11.38 -33.36
C LYS H 340 -20.55 12.19 -32.27
N PRO H 341 -21.77 12.66 -32.54
CA PRO H 341 -22.51 13.41 -31.51
C PRO H 341 -22.63 12.63 -30.21
N SER H 342 -22.36 13.31 -29.10
CA SER H 342 -22.29 12.66 -27.80
C SER H 342 -22.97 13.51 -26.74
N TYR H 343 -23.43 12.86 -25.68
CA TYR H 343 -24.07 13.53 -24.55
C TYR H 343 -23.32 13.23 -23.28
N GLY H 344 -23.31 14.17 -22.35
CA GLY H 344 -22.57 14.00 -21.13
C GLY H 344 -22.89 15.10 -20.13
N LEU H 345 -22.44 14.91 -18.89
CA LEU H 345 -22.72 15.86 -17.85
C LEU H 345 -21.52 15.96 -16.92
N ALA H 346 -21.46 17.02 -16.11
CA ALA H 346 -20.35 17.19 -15.18
C ALA H 346 -20.52 16.34 -13.93
N GLU H 347 -21.77 16.05 -13.58
CA GLU H 347 -22.09 15.19 -12.44
C GLU H 347 -21.78 13.74 -12.81
N ALA H 348 -21.74 13.50 -14.11
CA ALA H 348 -21.43 12.20 -14.70
C ALA H 348 -19.94 12.05 -15.02
N THR H 349 -19.13 12.95 -14.48
CA THR H 349 -17.72 13.09 -14.85
C THR H 349 -17.67 13.72 -16.25
N LEU H 350 -17.16 13.04 -17.26
CA LEU H 350 -17.41 13.44 -18.65
C LEU H 350 -18.59 12.70 -19.29
N PHE H 351 -18.43 11.39 -19.50
CA PHE H 351 -19.25 10.65 -20.46
C PHE H 351 -20.51 9.97 -19.93
N VAL H 352 -21.59 10.16 -20.67
CA VAL H 352 -22.88 9.50 -20.45
C VAL H 352 -23.23 8.67 -21.68
N SER H 353 -23.35 9.32 -22.83
CA SER H 353 -23.71 8.64 -24.08
C SER H 353 -22.90 9.18 -25.27
N THR H 354 -22.71 8.32 -26.27
CA THR H 354 -22.03 8.72 -27.51
C THR H 354 -22.46 7.87 -28.71
N THR H 355 -22.28 8.41 -29.92
CA THR H 355 -22.57 7.66 -31.14
C THR H 355 -21.51 6.57 -31.35
N PRO H 356 -21.95 5.34 -31.68
CA PRO H 356 -21.00 4.23 -31.89
C PRO H 356 -19.98 4.53 -32.98
N SER H 357 -18.80 3.94 -32.86
CA SER H 357 -17.68 4.26 -33.72
C SER H 357 -17.89 3.77 -35.17
N ALA H 358 -18.68 2.71 -35.33
CA ALA H 358 -18.93 2.16 -36.66
C ALA H 358 -20.18 2.73 -37.34
N GLU H 359 -20.88 3.63 -36.65
CA GLU H 359 -22.10 4.23 -37.18
C GLU H 359 -21.88 5.67 -37.57
N GLU H 360 -22.70 6.16 -38.48
CA GLU H 360 -22.67 7.57 -38.86
C GLU H 360 -23.65 8.32 -37.95
N PRO H 361 -23.44 9.63 -37.79
CA PRO H 361 -24.37 10.40 -36.95
C PRO H 361 -25.79 10.27 -37.46
N LYS H 362 -26.72 9.94 -36.57
CA LYS H 362 -28.12 9.78 -36.93
C LYS H 362 -28.86 11.09 -36.63
N ILE H 363 -29.35 11.72 -37.68
CA ILE H 363 -30.14 12.94 -37.57
C ILE H 363 -31.51 12.71 -38.19
N ILE H 364 -32.54 13.01 -37.40
CA ILE H 364 -33.92 12.84 -37.84
C ILE H 364 -34.61 14.18 -37.94
N THR H 365 -35.86 14.15 -38.37
CA THR H 365 -36.71 15.33 -38.41
C THR H 365 -38.03 15.00 -37.72
N VAL H 366 -38.40 15.81 -36.73
CA VAL H 366 -39.55 15.52 -35.87
C VAL H 366 -40.60 16.61 -35.99
N ASP H 367 -41.85 16.25 -35.75
CA ASP H 367 -42.95 17.21 -35.81
C ASP H 367 -42.80 18.26 -34.72
N ARG H 368 -42.85 19.53 -35.12
CA ARG H 368 -42.65 20.64 -34.19
C ARG H 368 -43.75 20.69 -33.13
N ASP H 369 -44.99 20.53 -33.57
CA ASP H 369 -46.13 20.63 -32.68
C ASP H 369 -46.16 19.50 -31.66
N GLN H 370 -45.72 18.32 -32.07
CA GLN H 370 -45.73 17.18 -31.18
C GLN H 370 -44.55 17.25 -30.20
N LEU H 371 -43.43 17.80 -30.65
CA LEU H 371 -42.25 17.91 -29.80
C LEU H 371 -42.47 18.88 -28.64
N ASN H 372 -43.14 19.99 -28.93
CA ASN H 372 -43.44 21.00 -27.91
C ASN H 372 -44.50 20.49 -26.94
N SER H 373 -45.24 19.47 -27.38
CA SER H 373 -46.22 18.81 -26.54
C SER H 373 -45.62 17.69 -25.68
N GLY H 374 -44.48 17.13 -26.11
CA GLY H 374 -43.80 16.08 -25.37
C GLY H 374 -43.71 14.71 -26.02
N ARG H 375 -44.05 14.61 -27.31
CA ARG H 375 -43.91 13.35 -28.05
C ARG H 375 -42.97 13.53 -29.24
N ILE H 376 -42.16 12.51 -29.53
CA ILE H 376 -41.30 12.52 -30.73
C ILE H 376 -41.85 11.63 -31.85
N VAL H 377 -42.35 12.27 -32.92
CA VAL H 377 -42.93 11.57 -34.07
C VAL H 377 -42.33 12.09 -35.37
N GLU H 378 -41.70 11.21 -36.14
CA GLU H 378 -40.96 11.61 -37.33
C GLU H 378 -41.84 12.29 -38.38
N VAL H 379 -41.28 13.30 -39.05
CA VAL H 379 -41.94 13.99 -40.16
C VAL H 379 -40.92 14.29 -41.25
N ASP H 380 -41.40 14.61 -42.44
CA ASP H 380 -40.52 14.96 -43.56
C ASP H 380 -39.77 16.27 -43.33
N ALA H 381 -38.57 16.36 -43.86
CA ALA H 381 -37.71 17.53 -43.64
C ALA H 381 -38.29 18.79 -44.30
N ASP H 382 -38.92 18.62 -45.47
CA ASP H 382 -39.49 19.75 -46.20
C ASP H 382 -40.82 20.22 -45.58
N SER H 383 -41.34 19.46 -44.63
CA SER H 383 -42.57 19.83 -43.93
C SER H 383 -42.43 21.20 -43.29
N PRO H 384 -43.51 22.00 -43.28
CA PRO H 384 -43.37 23.33 -42.67
C PRO H 384 -43.11 23.28 -41.17
N LYS H 385 -43.71 22.32 -40.48
CA LYS H 385 -43.39 22.11 -39.06
C LYS H 385 -42.50 20.89 -38.89
N ALA H 386 -41.19 21.13 -38.93
CA ALA H 386 -40.20 20.08 -38.72
C ALA H 386 -39.02 20.64 -37.94
N VAL H 387 -38.52 19.90 -36.95
CA VAL H 387 -37.35 20.32 -36.20
C VAL H 387 -36.29 19.23 -36.24
N ALA H 388 -35.08 19.59 -36.62
CA ALA H 388 -33.98 18.64 -36.70
C ALA H 388 -33.54 18.20 -35.30
N GLN H 389 -33.22 16.90 -35.19
CA GLN H 389 -32.77 16.32 -33.94
C GLN H 389 -31.60 15.36 -34.18
N ALA H 390 -30.52 15.56 -33.44
CA ALA H 390 -29.34 14.72 -33.54
C ALA H 390 -29.26 13.73 -32.37
N SER H 391 -29.06 12.45 -32.69
CA SER H 391 -28.96 11.39 -31.69
C SER H 391 -27.70 11.51 -30.86
N ALA H 392 -27.81 11.16 -29.58
CA ALA H 392 -26.64 11.13 -28.70
C ALA H 392 -26.03 9.72 -28.63
N GLY H 393 -26.63 8.80 -29.38
CA GLY H 393 -26.08 7.46 -29.52
C GLY H 393 -26.50 6.54 -28.39
N LYS H 394 -25.63 5.57 -28.09
CA LYS H 394 -25.91 4.57 -27.06
C LYS H 394 -25.14 4.87 -25.76
N VAL H 395 -25.77 4.61 -24.62
CA VAL H 395 -25.15 4.85 -23.33
C VAL H 395 -23.97 3.91 -23.09
N GLY H 396 -22.96 4.41 -22.39
CA GLY H 396 -21.74 3.65 -22.12
C GLY H 396 -21.92 2.49 -21.15
N ILE H 397 -20.85 1.69 -21.00
CA ILE H 397 -20.87 0.52 -20.12
C ILE H 397 -20.98 0.95 -18.67
N ALA H 398 -21.67 0.16 -17.88
CA ALA H 398 -21.83 0.41 -16.44
C ALA H 398 -22.54 1.73 -16.16
N GLU H 399 -23.33 2.21 -17.12
CA GLU H 399 -24.15 3.40 -16.91
C GLU H 399 -25.52 3.22 -17.54
N TRP H 400 -26.54 3.83 -16.91
CA TRP H 400 -27.92 3.71 -17.36
C TRP H 400 -28.63 5.05 -17.37
N ALA H 401 -29.46 5.24 -18.39
CA ALA H 401 -30.27 6.44 -18.52
C ALA H 401 -31.74 6.10 -18.75
N VAL H 402 -32.61 6.77 -18.00
CA VAL H 402 -34.06 6.55 -18.13
C VAL H 402 -34.79 7.89 -18.29
N ILE H 403 -35.90 7.87 -19.01
CA ILE H 403 -36.75 9.04 -19.18
C ILE H 403 -37.94 8.91 -18.21
N VAL H 404 -38.08 9.88 -17.31
CA VAL H 404 -39.00 9.77 -16.17
C VAL H 404 -39.95 10.96 -16.11
N ASP H 405 -41.04 10.79 -15.36
CA ASP H 405 -41.96 11.88 -15.09
C ASP H 405 -41.40 12.75 -13.96
N ALA H 406 -40.68 12.10 -13.05
CA ALA H 406 -40.04 12.71 -11.88
C ALA H 406 -41.03 13.12 -10.78
N GLU H 407 -42.27 13.42 -11.14
CA GLU H 407 -43.25 13.81 -10.14
C GLU H 407 -43.65 12.52 -9.45
N SER H 408 -43.92 11.52 -10.27
CA SER H 408 -44.28 10.18 -9.81
C SER H 408 -43.05 9.28 -9.75
N ALA H 409 -41.92 9.78 -10.26
CA ALA H 409 -40.67 9.03 -10.34
C ALA H 409 -40.84 7.71 -11.09
N THR H 410 -41.63 7.74 -12.17
CA THR H 410 -41.91 6.55 -12.97
C THR H 410 -41.36 6.72 -14.39
N GLU H 411 -40.77 5.65 -14.92
CA GLU H 411 -40.18 5.69 -16.27
C GLU H 411 -41.25 5.82 -17.35
N LEU H 412 -41.01 6.73 -18.29
CA LEU H 412 -41.91 6.93 -19.43
C LEU H 412 -41.48 6.02 -20.60
N PRO H 413 -42.43 5.68 -21.49
CA PRO H 413 -42.11 4.87 -22.67
C PRO H 413 -41.33 5.63 -23.73
N ASP H 414 -40.64 4.88 -24.59
CA ASP H 414 -39.89 5.48 -25.69
C ASP H 414 -40.84 6.23 -26.62
N GLY H 415 -40.40 7.39 -27.11
CA GLY H 415 -41.21 8.18 -28.02
C GLY H 415 -41.87 9.34 -27.28
N GLN H 416 -41.99 9.19 -25.97
CA GLN H 416 -42.52 10.25 -25.11
C GLN H 416 -41.37 10.97 -24.43
N VAL H 417 -41.43 12.30 -24.40
CA VAL H 417 -40.34 13.10 -23.85
C VAL H 417 -40.51 13.30 -22.35
N GLY H 418 -39.40 13.17 -21.63
CA GLY H 418 -39.39 13.37 -20.20
C GLY H 418 -38.02 13.76 -19.69
N GLU H 419 -37.90 13.90 -18.37
CA GLU H 419 -36.63 14.27 -17.76
C GLU H 419 -35.67 13.10 -17.75
N ILE H 420 -34.41 13.36 -18.11
CA ILE H 420 -33.39 12.32 -18.13
C ILE H 420 -32.82 12.08 -16.74
N TRP H 421 -32.86 10.83 -16.29
CA TRP H 421 -32.16 10.42 -15.07
C TRP H 421 -31.05 9.45 -15.44
N ILE H 422 -29.92 9.56 -14.75
CA ILE H 422 -28.77 8.70 -15.03
C ILE H 422 -28.26 8.03 -13.76
N SER H 423 -27.71 6.84 -13.91
CA SER H 423 -27.11 6.10 -12.80
C SER H 423 -25.90 5.32 -13.29
N GLY H 424 -24.88 5.25 -12.45
CA GLY H 424 -23.65 4.57 -12.83
C GLY H 424 -22.52 4.92 -11.88
N GLN H 425 -21.41 4.21 -12.03
CA GLN H 425 -20.24 4.43 -11.18
C GLN H 425 -19.50 5.72 -11.52
N ASN H 426 -19.90 6.37 -12.61
CA ASN H 426 -19.26 7.62 -13.02
C ASN H 426 -19.88 8.80 -12.30
N MET H 427 -20.96 8.56 -11.58
CA MET H 427 -21.67 9.66 -10.94
C MET H 427 -20.88 10.11 -9.70
N GLY H 428 -20.81 11.41 -9.50
CA GLY H 428 -20.10 11.98 -8.37
C GLY H 428 -20.81 11.66 -7.07
N THR H 429 -20.17 11.95 -5.94
CA THR H 429 -20.75 11.62 -4.66
C THR H 429 -21.62 12.75 -4.12
N GLY H 430 -21.66 13.86 -4.84
CA GLY H 430 -22.46 15.01 -4.45
C GLY H 430 -21.80 16.33 -4.77
N TYR H 431 -22.42 17.41 -4.30
CA TYR H 431 -21.88 18.75 -4.45
C TYR H 431 -21.13 19.16 -3.20
N TRP H 432 -20.00 19.82 -3.38
CA TRP H 432 -19.19 20.25 -2.25
C TRP H 432 -19.87 21.33 -1.43
N GLY H 433 -19.97 21.08 -0.13
CA GLY H 433 -20.48 22.06 0.82
C GLY H 433 -21.95 22.38 0.70
N LYS H 434 -22.67 21.63 -0.13
CA LYS H 434 -24.10 21.81 -0.30
C LYS H 434 -24.84 20.52 0.01
N PRO H 435 -25.07 20.26 1.31
CA PRO H 435 -25.64 18.97 1.73
C PRO H 435 -27.05 18.76 1.21
N GLU H 436 -27.91 19.77 1.30
CA GLU H 436 -29.31 19.61 0.93
C GLU H 436 -29.45 19.34 -0.57
N GLU H 437 -28.82 20.17 -1.39
CA GLU H 437 -28.87 20.01 -2.83
C GLU H 437 -28.26 18.68 -3.23
N SER H 438 -27.23 18.25 -2.52
CA SER H 438 -26.54 17.00 -2.83
C SER H 438 -27.47 15.80 -2.68
N VAL H 439 -28.26 15.81 -1.61
CA VAL H 439 -29.20 14.73 -1.35
C VAL H 439 -30.28 14.69 -2.40
N ALA H 440 -30.80 15.87 -2.75
CA ALA H 440 -31.90 15.96 -3.70
C ALA H 440 -31.52 15.52 -5.11
N THR H 441 -30.34 15.90 -5.57
CA THR H 441 -29.91 15.58 -6.93
C THR H 441 -29.38 14.16 -7.12
N PHE H 442 -28.44 13.75 -6.27
CA PHE H 442 -27.70 12.50 -6.50
C PHE H 442 -28.34 11.26 -5.90
N GLN H 443 -29.29 11.44 -4.98
CA GLN H 443 -29.99 10.29 -4.43
C GLN H 443 -31.44 10.34 -4.87
N ASN H 444 -31.75 9.49 -5.84
CA ASN H 444 -33.09 9.34 -6.38
C ASN H 444 -33.32 7.89 -6.76
N ILE H 445 -34.51 7.37 -6.45
CA ILE H 445 -34.84 5.98 -6.77
C ILE H 445 -35.92 5.92 -7.85
N LEU H 446 -35.79 4.98 -8.77
CA LEU H 446 -36.78 4.83 -9.82
C LEU H 446 -37.85 3.91 -9.27
N LYS H 447 -39.05 4.46 -9.10
CA LYS H 447 -40.12 3.74 -8.40
C LYS H 447 -40.83 2.75 -9.30
N SER H 448 -40.91 3.04 -10.59
CA SER H 448 -41.56 2.12 -11.53
C SER H 448 -40.87 2.18 -12.88
N ARG H 449 -40.76 1.00 -13.51
CA ARG H 449 -40.15 0.86 -14.81
C ARG H 449 -41.18 0.29 -15.77
N THR H 450 -40.88 0.35 -17.06
CA THR H 450 -41.76 -0.24 -18.07
C THR H 450 -41.25 -1.64 -18.37
N ASN H 451 -41.95 -2.40 -19.19
CA ASN H 451 -41.60 -3.80 -19.43
C ASN H 451 -40.19 -3.98 -20.01
N PRO H 452 -39.90 -3.31 -21.13
CA PRO H 452 -38.55 -3.26 -21.70
C PRO H 452 -37.71 -2.12 -21.12
N SER H 453 -37.68 -2.01 -19.80
CA SER H 453 -37.02 -0.93 -19.09
C SER H 453 -35.57 -0.67 -19.50
N HIS H 454 -35.16 0.59 -19.41
CA HIS H 454 -33.79 1.00 -19.72
C HIS H 454 -32.88 0.87 -18.50
N ALA H 455 -33.46 0.49 -17.37
CA ALA H 455 -32.69 0.29 -16.14
C ALA H 455 -32.24 -1.17 -16.04
N GLU H 456 -32.54 -1.96 -17.07
CA GLU H 456 -32.20 -3.37 -17.09
C GLU H 456 -30.70 -3.59 -16.94
N GLY H 457 -30.33 -4.41 -15.96
CA GLY H 457 -28.95 -4.73 -15.67
C GLY H 457 -28.43 -3.99 -14.44
N ALA H 458 -29.15 -2.94 -14.05
CA ALA H 458 -28.79 -2.16 -12.88
C ALA H 458 -29.70 -2.49 -11.71
N THR H 459 -29.14 -2.44 -10.51
CA THR H 459 -29.91 -2.76 -9.30
C THR H 459 -31.08 -1.77 -9.18
N ASP H 460 -32.20 -2.24 -8.66
CA ASP H 460 -33.41 -1.41 -8.53
C ASP H 460 -33.27 -0.28 -7.51
N ASP H 461 -32.39 -0.48 -6.53
CA ASP H 461 -32.18 0.49 -5.45
C ASP H 461 -30.99 1.43 -5.66
N ALA H 462 -30.52 1.53 -6.89
CA ALA H 462 -29.32 2.31 -7.18
C ALA H 462 -29.68 3.78 -7.24
N THR H 463 -28.71 4.64 -6.97
CA THR H 463 -28.97 6.06 -6.91
C THR H 463 -28.98 6.62 -8.33
N TRP H 464 -29.94 7.50 -8.60
CA TRP H 464 -30.06 8.14 -9.89
C TRP H 464 -29.83 9.64 -9.75
N VAL H 465 -29.19 10.23 -10.76
CA VAL H 465 -28.90 11.66 -10.77
C VAL H 465 -29.88 12.35 -11.71
N ARG H 466 -30.57 13.37 -11.22
CA ARG H 466 -31.48 14.14 -12.06
C ARG H 466 -30.65 15.09 -12.90
N THR H 467 -30.72 14.89 -14.22
CA THR H 467 -29.82 15.56 -15.15
C THR H 467 -30.26 17.00 -15.39
N GLY H 468 -31.57 17.25 -15.33
CA GLY H 468 -32.10 18.59 -15.55
C GLY H 468 -32.28 18.89 -17.01
N ASP H 469 -32.28 17.85 -17.82
CA ASP H 469 -32.39 17.95 -19.27
C ASP H 469 -33.58 17.14 -19.75
N TYR H 470 -34.35 17.71 -20.68
CA TYR H 470 -35.44 16.97 -21.31
C TYR H 470 -34.89 16.15 -22.47
N GLY H 471 -35.41 14.94 -22.65
CA GLY H 471 -34.97 14.08 -23.73
C GLY H 471 -35.93 12.94 -23.99
N ALA H 472 -35.58 12.09 -24.94
CA ALA H 472 -36.38 10.91 -25.27
C ALA H 472 -35.59 9.83 -26.01
N PHE H 473 -36.12 8.62 -25.98
CA PHE H 473 -35.58 7.48 -26.72
C PHE H 473 -36.43 7.26 -27.98
N TYR H 474 -35.79 6.96 -29.11
CA TYR H 474 -36.52 6.73 -30.35
C TYR H 474 -36.16 5.49 -31.17
N ASP H 475 -35.02 5.53 -31.85
CA ASP H 475 -34.55 4.42 -32.69
C ASP H 475 -33.59 3.52 -31.95
N GLY H 476 -33.63 3.59 -30.62
CA GLY H 476 -32.71 2.84 -29.78
C GLY H 476 -31.62 3.81 -29.41
N ASP H 477 -31.77 5.05 -29.88
CA ASP H 477 -30.81 6.11 -29.66
C ASP H 477 -31.41 7.11 -28.68
N LEU H 478 -30.53 7.75 -27.92
CA LEU H 478 -30.91 8.76 -26.94
C LEU H 478 -30.84 10.16 -27.58
N TYR H 479 -31.93 10.90 -27.43
CA TYR H 479 -32.03 12.27 -27.91
C TYR H 479 -32.25 13.26 -26.76
N ILE H 480 -31.46 14.34 -26.77
CA ILE H 480 -31.55 15.40 -25.76
C ILE H 480 -32.18 16.68 -26.32
N THR H 481 -33.36 17.05 -25.81
CA THR H 481 -34.10 18.20 -26.34
C THR H 481 -33.62 19.53 -25.76
N GLY H 482 -32.96 19.48 -24.60
CA GLY H 482 -32.42 20.68 -23.98
C GLY H 482 -32.53 20.65 -22.47
N ARG H 483 -32.20 21.76 -21.83
CA ARG H 483 -32.22 21.86 -20.37
C ARG H 483 -33.59 22.36 -19.92
N VAL H 484 -34.10 21.83 -18.82
CA VAL H 484 -35.43 22.17 -18.37
C VAL H 484 -35.49 23.64 -17.95
N LYS H 485 -34.39 24.12 -17.38
CA LYS H 485 -34.31 25.50 -16.89
C LYS H 485 -34.35 26.52 -18.03
N ASP H 486 -33.89 26.11 -19.21
CA ASP H 486 -33.81 27.03 -20.35
C ASP H 486 -35.04 26.97 -21.26
N LEU H 487 -35.97 26.07 -20.96
CA LEU H 487 -37.18 25.93 -21.77
C LEU H 487 -38.05 27.17 -21.69
N VAL H 488 -38.61 27.59 -22.83
CA VAL H 488 -39.44 28.80 -22.88
C VAL H 488 -40.91 28.42 -22.91
N ILE H 489 -41.57 28.43 -21.75
CA ILE H 489 -43.02 28.24 -21.67
C ILE H 489 -43.77 29.57 -21.71
N ILE H 490 -44.56 29.79 -22.77
CA ILE H 490 -45.35 31.01 -22.91
C ILE H 490 -46.83 30.72 -23.26
N ASP H 491 -47.74 31.24 -22.45
CA ASP H 491 -49.18 31.13 -22.69
C ASP H 491 -49.70 29.70 -22.81
N GLY H 492 -48.96 28.73 -22.29
CA GLY H 492 -49.42 27.35 -22.29
C GLY H 492 -48.72 26.49 -23.32
N ARG H 493 -48.07 27.13 -24.28
CA ARG H 493 -47.32 26.39 -25.28
C ARG H 493 -45.82 26.38 -24.96
N ASN H 494 -45.20 25.22 -25.15
CA ASN H 494 -43.78 25.02 -24.89
C ASN H 494 -42.96 25.40 -26.12
N HIS H 495 -41.77 25.95 -25.91
CA HIS H 495 -40.89 26.28 -27.03
C HIS H 495 -39.45 25.94 -26.71
N TYR H 496 -38.77 25.30 -27.65
CA TYR H 496 -37.35 25.00 -27.50
C TYR H 496 -36.52 26.20 -27.97
N PRO H 497 -35.58 26.68 -27.13
CA PRO H 497 -34.87 27.92 -27.50
C PRO H 497 -34.02 27.78 -28.75
N GLN H 498 -33.43 26.62 -28.96
CA GLN H 498 -32.54 26.39 -30.09
C GLN H 498 -33.37 26.44 -31.35
N ASP H 499 -34.62 26.04 -31.22
CA ASP H 499 -35.58 26.05 -32.32
C ASP H 499 -35.90 27.49 -32.69
N LEU H 500 -36.13 28.31 -31.66
CA LEU H 500 -36.38 29.74 -31.83
C LEU H 500 -35.17 30.46 -32.43
N GLU H 501 -33.98 30.09 -31.97
CA GLU H 501 -32.76 30.76 -32.39
C GLU H 501 -32.44 30.53 -33.86
N TYR H 502 -32.81 29.37 -34.39
CA TYR H 502 -32.60 29.07 -35.80
C TYR H 502 -33.46 29.98 -36.68
N SER H 503 -34.73 30.13 -36.31
CA SER H 503 -35.63 30.99 -37.06
C SER H 503 -35.20 32.45 -36.97
N ALA H 504 -34.68 32.84 -35.81
CA ALA H 504 -34.19 34.19 -35.60
C ALA H 504 -32.96 34.43 -36.46
N GLN H 505 -32.07 33.45 -36.49
CA GLN H 505 -30.84 33.54 -37.26
C GLN H 505 -31.15 33.51 -38.76
N GLU H 506 -32.19 32.77 -39.14
CA GLU H 506 -32.56 32.64 -40.54
C GLU H 506 -33.41 33.81 -41.05
N ALA H 507 -33.80 34.69 -40.13
CA ALA H 507 -34.69 35.81 -40.48
C ALA H 507 -33.98 36.98 -41.13
N SER H 508 -32.82 37.37 -40.58
CA SER H 508 -32.08 38.52 -41.09
C SER H 508 -30.60 38.17 -41.21
N LYS H 509 -29.97 38.70 -42.25
CA LYS H 509 -28.57 38.39 -42.51
C LYS H 509 -27.65 39.22 -41.64
N ALA H 510 -28.22 40.11 -40.83
CA ALA H 510 -27.43 40.93 -39.95
C ALA H 510 -27.07 40.17 -38.68
N ILE H 511 -27.79 39.08 -38.43
CA ILE H 511 -27.60 38.28 -37.24
C ILE H 511 -26.58 37.18 -37.48
N ARG H 512 -25.45 37.23 -36.77
CA ARG H 512 -24.47 36.15 -36.82
C ARG H 512 -25.15 34.85 -36.42
N THR H 513 -24.70 33.74 -36.99
CA THR H 513 -25.45 32.49 -36.91
C THR H 513 -25.03 31.64 -35.72
N GLY H 514 -26.00 31.32 -34.87
CA GLY H 514 -25.75 30.54 -33.66
C GLY H 514 -25.26 31.35 -32.47
N TYR H 515 -25.14 32.67 -32.64
CA TYR H 515 -24.69 33.55 -31.57
C TYR H 515 -25.86 34.24 -30.86
N VAL H 516 -27.08 33.86 -31.24
CA VAL H 516 -28.32 34.45 -30.73
C VAL H 516 -28.86 33.64 -29.56
N ALA H 517 -29.47 34.31 -28.58
CA ALA H 517 -30.04 33.64 -27.41
C ALA H 517 -31.47 34.11 -27.08
N ALA H 518 -32.40 33.16 -27.02
CA ALA H 518 -33.81 33.43 -26.74
C ALA H 518 -34.23 32.92 -25.35
N PHE H 519 -34.98 33.73 -24.63
CA PHE H 519 -35.43 33.39 -23.28
C PHE H 519 -36.70 34.13 -22.89
N SER H 520 -37.18 33.89 -21.68
CA SER H 520 -38.41 34.50 -21.19
C SER H 520 -38.24 35.29 -19.90
N VAL H 521 -38.90 36.44 -19.84
CA VAL H 521 -38.91 37.31 -18.66
C VAL H 521 -40.36 37.70 -18.36
N PRO H 522 -40.72 37.82 -17.07
CA PRO H 522 -42.08 38.23 -16.69
C PRO H 522 -42.45 39.61 -17.22
N ALA H 523 -43.62 39.70 -17.87
CA ALA H 523 -44.08 40.95 -18.47
C ALA H 523 -43.94 42.15 -17.55
N ASN H 524 -44.22 41.96 -16.26
CA ASN H 524 -44.14 43.07 -15.32
C ASN H 524 -42.70 43.54 -15.11
N GLN H 525 -41.76 42.64 -15.34
CA GLN H 525 -40.34 42.95 -15.19
C GLN H 525 -39.77 43.59 -16.45
N LEU H 526 -40.41 43.31 -17.59
CA LEU H 526 -39.97 43.83 -18.89
C LEU H 526 -39.68 45.34 -18.85
N PRO H 527 -38.64 45.80 -19.58
CA PRO H 527 -38.28 47.22 -19.54
C PRO H 527 -39.30 48.15 -20.19
N ASP H 528 -39.30 49.41 -19.75
CA ASP H 528 -40.24 50.43 -20.22
C ASP H 528 -40.13 50.71 -21.73
N GLU H 529 -38.94 50.53 -22.28
CA GLU H 529 -38.68 50.81 -23.70
C GLU H 529 -39.59 49.99 -24.62
N VAL H 530 -39.85 48.73 -24.25
CA VAL H 530 -40.67 47.83 -25.06
C VAL H 530 -42.11 48.31 -25.15
N PHE H 531 -42.62 48.85 -24.04
CA PHE H 531 -43.99 49.33 -24.00
C PHE H 531 -44.13 50.58 -24.85
N GLU H 532 -43.02 51.29 -25.05
CA GLU H 532 -43.05 52.51 -25.85
C GLU H 532 -43.09 52.19 -27.35
N ASN H 533 -42.56 51.03 -27.72
CA ASN H 533 -42.62 50.59 -29.12
C ASN H 533 -44.00 50.04 -29.42
N ALA H 534 -44.60 50.50 -30.51
CA ALA H 534 -45.96 50.11 -30.85
C ALA H 534 -45.97 48.66 -31.32
N HIS H 535 -44.98 48.32 -32.14
CA HIS H 535 -44.93 47.02 -32.80
C HIS H 535 -44.66 45.87 -31.82
N SER H 536 -44.42 46.21 -30.56
CA SER H 536 -44.18 45.22 -29.50
C SER H 536 -45.39 44.29 -29.35
N GLY H 537 -46.48 44.83 -28.81
CA GLY H 537 -47.71 44.07 -28.65
C GLY H 537 -48.06 43.82 -27.20
N ILE H 538 -47.39 44.54 -26.30
CA ILE H 538 -47.65 44.44 -24.87
C ILE H 538 -47.84 45.83 -24.29
N LYS H 539 -48.73 45.94 -23.31
CA LYS H 539 -49.03 47.21 -22.65
C LYS H 539 -48.57 47.10 -21.21
N ARG H 540 -48.40 48.24 -20.52
CA ARG H 540 -47.72 48.21 -19.23
C ARG H 540 -48.72 48.03 -18.09
N ASP H 541 -48.71 46.83 -17.52
CA ASP H 541 -49.47 46.49 -16.32
C ASP H 541 -48.46 46.03 -15.28
N PRO H 542 -48.35 46.76 -14.15
CA PRO H 542 -47.35 46.31 -13.17
C PRO H 542 -47.71 44.96 -12.53
N ASP H 543 -48.98 44.58 -12.66
CA ASP H 543 -49.50 43.35 -12.06
C ASP H 543 -49.49 42.17 -13.03
N ASP H 544 -48.99 42.38 -14.25
CA ASP H 544 -48.98 41.31 -15.26
C ASP H 544 -47.70 40.49 -15.20
N THR H 545 -47.85 39.25 -14.76
CA THR H 545 -46.73 38.33 -14.55
C THR H 545 -46.51 37.38 -15.71
N SER H 546 -47.10 37.69 -16.87
CA SER H 546 -47.07 36.74 -17.96
C SER H 546 -45.69 36.70 -18.60
N GLU H 547 -45.19 35.50 -18.86
CA GLU H 547 -43.87 35.34 -19.42
C GLU H 547 -43.87 35.84 -20.86
N GLN H 548 -42.89 36.64 -21.24
CA GLN H 548 -42.83 37.20 -22.59
C GLN H 548 -41.48 36.97 -23.26
N LEU H 549 -41.52 36.70 -24.56
CA LEU H 549 -40.33 36.36 -25.34
C LEU H 549 -39.41 37.54 -25.61
N VAL H 550 -38.13 37.33 -25.33
CA VAL H 550 -37.08 38.27 -25.66
C VAL H 550 -36.00 37.53 -26.46
N ILE H 551 -35.46 38.20 -27.47
CA ILE H 551 -34.42 37.65 -28.33
C ILE H 551 -33.22 38.60 -28.37
N VAL H 552 -32.04 38.07 -28.08
CA VAL H 552 -30.79 38.82 -28.12
C VAL H 552 -29.92 38.33 -29.28
N ALA H 553 -29.33 39.28 -30.02
CA ALA H 553 -28.58 38.95 -31.23
C ALA H 553 -27.37 39.84 -31.50
N GLU H 554 -26.31 39.25 -32.04
CA GLU H 554 -25.11 39.99 -32.40
C GLU H 554 -25.37 40.74 -33.70
N ARG H 555 -24.62 41.82 -33.92
CA ARG H 555 -24.87 42.72 -35.05
C ARG H 555 -23.93 42.49 -36.24
N ALA H 556 -23.07 41.48 -36.14
CA ALA H 556 -22.10 41.18 -37.20
C ALA H 556 -21.15 42.35 -37.41
N ALA H 559 -19.52 46.60 -41.83
CA ALA H 559 -20.71 45.80 -42.03
C ALA H 559 -21.87 46.36 -41.21
N HIS H 560 -22.79 47.05 -41.87
CA HIS H 560 -23.93 47.67 -41.19
C HIS H 560 -23.47 48.62 -40.09
N LYS H 561 -23.77 48.27 -38.83
CA LYS H 561 -23.30 49.00 -37.65
C LYS H 561 -24.17 50.21 -37.32
N LEU H 562 -25.06 50.59 -38.25
CA LEU H 562 -26.13 51.54 -37.95
C LEU H 562 -27.42 50.77 -37.67
N ASP H 563 -27.32 49.45 -37.75
CA ASP H 563 -28.45 48.54 -37.62
C ASP H 563 -29.58 48.88 -38.58
N ILE H 564 -30.82 48.58 -38.21
CA ILE H 564 -31.95 48.84 -39.08
C ILE H 564 -33.25 49.27 -38.40
N GLY H 565 -33.87 48.29 -37.73
CA GLY H 565 -35.22 48.39 -37.18
C GLY H 565 -36.25 47.57 -37.97
N PRO H 566 -36.12 47.44 -39.32
CA PRO H 566 -36.93 46.43 -40.00
C PRO H 566 -36.44 45.01 -39.68
N ILE H 567 -35.12 44.88 -39.42
CA ILE H 567 -34.51 43.60 -39.06
C ILE H 567 -35.26 43.05 -37.87
N THR H 568 -35.64 43.94 -36.96
CA THR H 568 -36.43 43.57 -35.79
C THR H 568 -37.80 43.06 -36.27
N ASP H 569 -38.35 43.72 -37.28
CA ASP H 569 -39.66 43.35 -37.82
C ASP H 569 -39.57 41.99 -38.54
N ASP H 570 -38.47 41.76 -39.23
CA ASP H 570 -38.26 40.52 -39.98
C ASP H 570 -38.23 39.32 -39.03
N ILE H 571 -37.52 39.47 -37.93
CA ILE H 571 -37.42 38.42 -36.91
C ILE H 571 -38.77 38.18 -36.25
N ARG H 572 -39.47 39.27 -35.94
CA ARG H 572 -40.78 39.20 -35.29
C ARG H 572 -41.75 38.38 -36.15
N ALA H 573 -41.74 38.69 -37.46
CA ALA H 573 -42.64 38.05 -38.42
C ALA H 573 -42.30 36.59 -38.64
N ALA H 574 -41.01 36.31 -38.81
CA ALA H 574 -40.58 34.96 -39.12
C ALA H 574 -40.93 34.00 -37.98
N ILE H 575 -40.72 34.46 -36.74
CA ILE H 575 -41.04 33.65 -35.58
C ILE H 575 -42.55 33.56 -35.41
N ALA H 576 -43.25 34.66 -35.67
CA ALA H 576 -44.71 34.68 -35.56
C ALA H 576 -45.37 33.66 -36.50
N VAL H 577 -44.81 33.51 -37.70
CA VAL H 577 -45.40 32.63 -38.72
C VAL H 577 -45.11 31.15 -38.48
N ARG H 578 -43.88 30.83 -38.08
CA ARG H 578 -43.49 29.43 -37.89
C ARG H 578 -43.94 28.86 -36.56
N HIS H 579 -44.15 29.72 -35.58
CA HIS H 579 -44.32 29.31 -34.18
C HIS H 579 -45.68 29.70 -33.60
N GLY H 580 -45.98 30.99 -33.64
CA GLY H 580 -47.20 31.52 -33.06
C GLY H 580 -46.96 32.30 -31.77
N VAL H 581 -45.71 32.66 -31.52
CA VAL H 581 -45.37 33.57 -30.42
C VAL H 581 -44.83 34.87 -30.97
N THR H 582 -45.20 35.96 -30.31
CA THR H 582 -44.76 37.29 -30.71
C THR H 582 -43.56 37.72 -29.87
N VAL H 583 -42.49 38.09 -30.54
CA VAL H 583 -41.31 38.59 -29.85
C VAL H 583 -41.58 40.01 -29.38
N ARG H 584 -41.46 40.24 -28.08
CA ARG H 584 -41.77 41.55 -27.52
C ARG H 584 -40.59 42.50 -27.68
N ASP H 585 -39.37 41.95 -27.56
CA ASP H 585 -38.16 42.76 -27.68
C ASP H 585 -37.07 42.01 -28.44
N VAL H 586 -36.45 42.71 -29.39
CA VAL H 586 -35.27 42.22 -30.09
C VAL H 586 -34.13 43.18 -29.84
N LEU H 587 -33.10 42.71 -29.14
CA LEU H 587 -31.99 43.56 -28.74
C LEU H 587 -30.76 43.23 -29.55
N LEU H 588 -30.39 44.16 -30.42
CA LEU H 588 -29.23 43.96 -31.28
C LEU H 588 -27.96 44.52 -30.62
N THR H 589 -26.98 43.66 -30.42
CA THR H 589 -25.73 44.03 -29.75
C THR H 589 -24.51 43.76 -30.64
N ALA H 590 -23.36 44.27 -30.22
CA ALA H 590 -22.12 43.99 -30.92
C ALA H 590 -21.66 42.58 -30.61
N ALA H 591 -20.79 42.03 -31.47
CA ALA H 591 -20.30 40.67 -31.30
C ALA H 591 -19.56 40.51 -29.97
N GLY H 592 -19.86 39.43 -29.26
CA GLY H 592 -19.21 39.14 -28.00
C GLY H 592 -19.97 39.76 -26.84
N ALA H 593 -21.07 40.43 -27.14
CA ALA H 593 -21.85 41.10 -26.11
C ALA H 593 -22.70 40.09 -25.35
N ILE H 594 -23.25 39.10 -26.06
CA ILE H 594 -24.07 38.09 -25.43
C ILE H 594 -23.21 37.30 -24.45
N PRO H 595 -23.70 37.08 -23.22
CA PRO H 595 -22.86 36.33 -22.27
C PRO H 595 -22.58 34.93 -22.77
N ARG H 596 -21.34 34.48 -22.56
CA ARG H 596 -20.92 33.15 -22.97
C ARG H 596 -20.41 32.42 -21.74
N THR H 597 -19.84 31.23 -21.94
CA THR H 597 -19.40 30.42 -20.82
C THR H 597 -17.96 30.02 -20.98
N SER H 598 -17.40 29.48 -19.91
CA SER H 598 -16.04 28.94 -19.88
C SER H 598 -15.75 28.17 -21.16
N SER H 599 -16.64 27.21 -21.47
CA SER H 599 -16.46 26.30 -22.58
C SER H 599 -16.66 26.94 -23.95
N GLY H 600 -17.29 28.11 -23.99
CA GLY H 600 -17.51 28.82 -25.24
C GLY H 600 -18.94 28.70 -25.75
N LYS H 601 -19.78 28.02 -24.99
CA LYS H 601 -21.18 27.84 -25.35
C LYS H 601 -21.98 29.07 -24.97
N ILE H 602 -23.09 29.31 -25.67
CA ILE H 602 -23.92 30.47 -25.36
C ILE H 602 -24.58 30.23 -24.01
N GLY H 603 -24.46 31.20 -23.11
CA GLY H 603 -25.17 31.14 -21.84
C GLY H 603 -26.58 31.72 -21.83
N ARG H 604 -27.58 30.86 -21.69
CA ARG H 604 -28.95 31.33 -21.52
C ARG H 604 -29.19 31.61 -20.04
N ARG H 605 -30.15 32.49 -19.76
CA ARG H 605 -30.54 32.86 -18.39
C ARG H 605 -29.50 33.79 -17.77
N ALA H 606 -28.25 33.69 -18.21
CA ALA H 606 -27.21 34.64 -17.82
C ALA H 606 -27.43 35.85 -18.68
N CYS H 607 -27.84 35.58 -19.91
CA CYS H 607 -28.18 36.61 -20.87
C CYS H 607 -29.45 37.34 -20.46
N ARG H 608 -30.42 36.60 -19.90
CA ARG H 608 -31.63 37.23 -19.37
C ARG H 608 -31.27 38.16 -18.24
N ALA H 609 -30.43 37.69 -17.33
CA ALA H 609 -29.98 38.49 -16.19
C ALA H 609 -29.31 39.75 -16.70
N ALA H 610 -28.48 39.60 -17.73
CA ALA H 610 -27.77 40.73 -18.32
C ALA H 610 -28.74 41.68 -19.02
N TYR H 611 -29.86 41.15 -19.48
CA TYR H 611 -30.89 41.94 -20.13
C TYR H 611 -31.71 42.74 -19.13
N LEU H 612 -32.05 42.10 -18.02
CA LEU H 612 -32.87 42.73 -16.99
C LEU H 612 -32.07 43.78 -16.21
N ASP H 613 -30.79 43.50 -16.03
CA ASP H 613 -29.91 44.40 -15.29
C ASP H 613 -29.56 45.62 -16.15
N GLY H 614 -29.94 45.58 -17.41
CA GLY H 614 -29.73 46.70 -18.32
C GLY H 614 -28.27 46.87 -18.70
N SER H 615 -27.51 45.78 -18.61
CA SER H 615 -26.12 45.80 -19.03
C SER H 615 -26.03 45.33 -20.47
N LEU H 616 -27.13 44.76 -20.96
CA LEU H 616 -27.22 44.37 -22.36
C LEU H 616 -27.07 45.61 -23.22
N ARG H 617 -27.70 46.69 -22.79
CA ARG H 617 -27.68 47.93 -23.54
C ARG H 617 -26.38 48.65 -23.28
N ALA H 618 -25.60 48.85 -24.33
CA ALA H 618 -24.39 49.68 -24.26
C ALA H 618 -23.45 49.26 -23.13
N GLY H 619 -22.86 48.08 -23.25
CA GLY H 619 -21.94 47.60 -22.24
C GLY H 619 -21.65 46.12 -22.39
C2 5SV I . -22.38 84.09 48.29
C4 5SV I . -20.57 84.39 49.61
C6 5SV I . -22.55 85.77 49.89
C5 5SV I . -21.23 85.45 50.31
N1 5SV I . -23.14 85.07 48.85
N3 5SV I . -21.11 83.67 48.58
C8 5SV I . -19.26 85.27 51.23
C9 5SV I . -16.34 86.97 54.73
C10 5SV I . -17.83 87.37 54.81
C11 5SV I . -18.01 88.86 55.04
C12 5SV I . -19.48 89.25 55.23
C13 5SV I . -19.61 90.68 55.78
C14 5SV I . -19.35 90.76 57.31
C15 5SV I . -19.32 92.22 57.80
O2P 5SV I . -15.20 83.76 55.08
P 5SV I . -15.09 84.67 53.95
O1P 5SV I . -13.79 85.57 53.83
O5' 5SV I . -15.13 83.98 52.52
C5' 5SV I . -15.23 84.57 51.26
C4' 5SV I . -15.97 83.64 50.26
O4' 5SV I . -17.26 83.30 50.76
C3' 5SV I . -16.15 84.28 48.87
O3' 5SV I . -15.11 83.78 48.10
C2' 5SV I . -17.58 83.82 48.43
O2' 5SV I . -17.44 82.72 47.59
C1' 5SV I . -18.25 83.34 49.76
N9 5SV I . -19.30 84.28 50.20
N7 5SV I . -20.39 85.98 51.32
N6 5SV I . -23.26 86.78 50.46
O3P 5SV I . -16.20 85.83 53.91
C16 5SV I . -20.33 92.51 58.91
C17 5SV I . -19.82 92.49 60.35
C18 5SV I . -20.96 92.84 61.32
C19 5SV I . -20.45 92.99 62.75
C20 5SV I . -21.59 93.33 63.72
C21 5SV I . -21.09 93.82 65.09
C2 5SV J . 34.27 -81.21 -51.12
C4 5SV J . 36.31 -80.75 -50.27
C6 5SV J . 36.03 -82.53 -51.85
C5 5SV J . 36.88 -81.79 -51.03
N1 5SV J . 34.69 -82.24 -51.91
N3 5SV J . 34.98 -80.40 -50.28
C8 5SV J . 38.52 -80.88 -49.91
C9 5SV J . 43.20 -80.14 -50.25
C10 5SV J . 42.64 -81.54 -50.63
C11 5SV J . 43.71 -82.33 -51.38
C12 5SV J . 43.17 -83.64 -51.95
C13 5SV J . 44.07 -84.83 -51.62
C14 5SV J . 44.77 -85.44 -52.86
C15 5SV J . 46.09 -84.74 -53.23
O2P 5SV J . 42.75 -77.03 -49.67
P 5SV J . 42.41 -78.06 -48.68
O1P 5SV J . 43.27 -78.20 -47.35
O5' 5SV J . 40.98 -77.90 -48.03
C5' 5SV J . 40.41 -78.71 -47.07
C4' 5SV J . 38.90 -78.47 -47.14
O4' 5SV J . 38.52 -78.48 -48.49
C3' 5SV J . 38.05 -79.56 -46.43
O3' 5SV J . 37.93 -79.14 -45.11
C2' 5SV J . 36.74 -79.48 -47.24
O2' 5SV J . 35.95 -78.46 -46.72
C1' 5SV J . 37.23 -79.03 -48.65
N9 5SV J . 37.36 -80.16 -49.56
N7 5SV J . 38.27 -81.87 -50.79
N6 5SV J . 36.51 -83.52 -52.64
O3P 5SV J . 42.44 -79.58 -49.19
C16 5SV J . 47.16 -85.76 -53.66
C17 5SV J . 48.29 -85.17 -54.55
C18 5SV J . 48.88 -86.22 -55.54
C19 5SV J . 49.86 -85.54 -56.53
C20 5SV J . 50.27 -86.46 -57.67
C2 5SV K . 32.26 -24.77 -27.98
C4 5SV K . 30.11 -25.39 -28.14
C6 5SV K . 30.68 -23.06 -27.82
C5 5SV K . 29.68 -24.04 -27.99
N1 5SV K . 32.01 -23.43 -27.80
N3 5SV K . 31.40 -25.81 -28.15
C8 5SV K . 27.88 -25.23 -28.16
C9 5SV K . 23.59 -25.08 -28.90
C10 5SV K . 23.03 -23.71 -29.35
C11 5SV K . 23.26 -22.63 -28.30
C12 5SV K . 22.57 -21.31 -28.69
C13 5SV K . 21.79 -20.73 -27.51
C14 5SV K . 21.25 -19.30 -27.77
C15 5SV K . 20.07 -19.23 -28.77
O2P 5SV K . 22.97 -28.31 -31.05
P 5SV K . 23.49 -27.61 -29.87
O1P 5SV K . 22.77 -27.85 -28.49
O5' 5SV K . 24.98 -27.96 -29.47
C5' 5SV K . 25.57 -27.90 -28.21
C4' 5SV K . 26.91 -28.66 -28.20
O4' 5SV K . 27.81 -27.98 -29.05
C3' 5SV K . 27.53 -28.76 -26.78
O3' 5SV K . 27.41 -30.11 -26.38
C2' 5SV K . 29.00 -28.27 -26.96
O2' 5SV K . 29.83 -29.39 -26.97
C1' 5SV K . 28.99 -27.60 -28.38
N9 5SV K . 28.96 -26.14 -28.24
N7 5SV K . 28.28 -23.97 -28.00
N6 5SV K . 30.38 -21.75 -27.70
O3P 5SV K . 23.40 -26.01 -29.93
C16 5SV K . 19.91 -17.77 -29.22
C17 5SV K . 18.73 -17.38 -30.13
C18 5SV K . 18.78 -15.87 -30.47
C19 5SV K . 17.79 -15.46 -31.56
C20 5SV K . 16.33 -15.46 -31.09
C21 5SV K . 15.38 -14.79 -32.10
C2 5SV L . 17.57 36.78 44.01
C4 5SV L . 16.18 36.65 42.24
C6 5SV L . 17.44 34.69 42.96
C5 5SV L . 16.49 35.27 42.06
N1 5SV L . 17.98 35.46 43.96
N3 5SV L . 16.70 37.45 43.23
C8 5SV L . 15.09 35.80 40.46
C9 5SV L . 11.42 33.88 37.59
C10 5SV L . 12.61 33.08 38.17
C11 5SV L . 13.15 32.09 37.13
C12 5SV L . 14.28 31.21 37.67
C13 5SV L . 14.64 30.07 36.69
C14 5SV L . 13.62 28.92 36.76
C15 5SV L . 13.88 27.84 35.70
O2P 5SV L . 9.09 36.50 38.65
P 5SV L . 10.46 36.37 38.08
O1P 5SV L . 10.66 36.47 36.51
O5' 5SV L . 11.45 37.51 38.57
C5' 5SV L . 12.75 37.80 38.15
C4' 5SV L . 13.39 38.78 39.16
O4' 5SV L . 13.48 38.10 40.39
C3' 5SV L . 14.80 39.24 38.74
O3' 5SV L . 14.63 40.54 38.25
C2' 5SV L . 15.59 39.19 40.05
O2' 5SV L . 15.65 40.51 40.50
C1' 5SV L . 14.71 38.32 41.00
N9 5SV L . 15.29 36.98 41.21
N7 5SV L . 15.80 34.75 40.94
N6 5SV L . 17.83 33.38 42.87
O3P 5SV L . 11.17 34.99 38.42
C16 5SV L . 13.61 26.43 36.23
C17 5SV L . 12.85 25.50 35.27
C18 5SV L . 12.61 24.12 35.90
C19 5SV L . 11.59 23.33 35.07
C20 5SV L . 11.39 21.88 35.57
C21 5SV L . 10.33 21.16 34.74
C22 5SV L . 10.43 19.65 34.85
C23 5SV L . 9.48 19.00 33.90
C24 5SV L . 9.88 18.27 32.86
C2 5SV M . -21.59 -35.11 17.02
C4 5SV M . -20.25 -33.76 15.83
C6 5SV M . -21.60 -32.86 17.63
C5 5SV M . -20.64 -32.64 16.60
N1 5SV M . -22.08 -34.14 17.85
N3 5SV M . -20.71 -35.04 16.00
C8 5SV M . -19.19 -31.87 15.16
C9 5SV M . -16.01 -28.39 14.08
C10 5SV M . -17.26 -28.09 14.93
C11 5SV M . -17.43 -26.58 15.09
C12 5SV M . -18.55 -26.20 16.05
C13 5SV M . -18.57 -24.68 16.30
C14 5SV M . -17.95 -24.31 17.66
C15 5SV M . -17.19 -22.97 17.59
O2P 5SV M . -13.58 -30.79 13.82
P 5SV M . -14.80 -30.57 13.02
O1P 5SV M . -14.69 -29.71 11.69
O5' 5SV M . -15.49 -31.88 12.44
C5' 5SV M . -16.69 -31.96 11.74
C4' 5SV M . -17.40 -33.29 12.09
O4' 5SV M . -17.47 -33.41 13.49
C3' 5SV M . -18.86 -33.36 11.56
O3' 5SV M . -18.76 -33.91 10.28
C2' 5SV M . -19.56 -34.26 12.61
O2' 5SV M . -19.49 -35.57 12.19
C1' 5SV M . -18.66 -34.09 13.88
N9 5SV M . -19.32 -33.26 14.90
N7 5SV M . -19.98 -31.47 16.18
N6 5SV M . -22.10 -31.84 18.38
O3P 5SV M . -15.97 -29.77 13.76
C16 5SV M . -18.08 -21.76 17.82
C17 5SV M . -17.35 -20.43 18.10
C18 5SV M . -16.54 -20.39 19.41
C19 5SV M . -15.93 -18.99 19.62
C20 5SV M . -15.09 -18.91 20.91
C21 5SV M . -14.55 -17.50 21.20
C1 GOL N . -25.59 -42.51 26.73
O1 GOL N . -25.31 -43.34 25.61
C2 GOL N . -25.95 -43.33 27.96
O2 GOL N . -26.13 -44.69 27.60
C3 GOL N . -27.22 -42.80 28.63
O3 GOL N . -27.33 -43.28 29.96
C2 5SV O . -32.61 70.93 6.16
C4 5SV O . -34.64 70.50 5.29
C6 5SV O . -34.11 72.69 6.12
C5 5SV O . -35.06 71.84 5.52
N1 5SV O . -32.86 72.22 6.45
N3 5SV O . -33.41 70.00 5.60
C8 5SV O . -36.77 70.83 4.64
C9 5SV O . -39.94 71.95 1.58
C10 5SV O . -39.61 72.92 2.73
C11 5SV O . -40.66 74.04 2.79
C12 5SV O . -40.22 75.20 3.71
C13 5SV O . -41.44 75.93 4.29
C14 5SV O . -41.38 77.44 4.10
C15 5SV O . -41.98 77.91 2.76
O2P 5SV O . -38.63 69.61 -0.49
P 5SV O . -39.34 69.46 0.78
O1P 5SV O . -40.91 69.21 0.78
O5' 5SV O . -38.83 68.20 1.64
C5' 5SV O . -39.01 67.93 2.98
C4' 5SV O . -37.68 67.41 3.57
O4' 5SV O . -36.69 68.36 3.28
C3' 5SV O . -37.71 67.21 5.10
O3' 5SV O . -38.05 65.88 5.34
C2' 5SV O . -36.25 67.55 5.50
O2' 5SV O . -35.52 66.37 5.48
C1' 5SV O . -35.77 68.45 4.33
N9 5SV O . -35.75 69.86 4.73
N7 5SV O . -36.38 72.02 5.09
N6 5SV O . -34.41 73.97 6.43
O3P 5SV O . -39.28 70.73 1.75
C16 5SV O . -43.25 78.74 2.98
C17 5SV O . -43.79 79.48 1.74
C18 5SV O . -43.03 80.77 1.41
C19 5SV O . -43.70 81.47 0.21
C1 GOL P . -17.47 75.84 8.10
O1 GOL P . -17.16 76.64 9.22
C2 GOL P . -18.38 74.66 8.50
O2 GOL P . -17.60 73.50 8.77
C3 GOL P . -19.37 74.36 7.38
O3 GOL P . -20.12 73.21 7.67
C2 5SV Q . 18.57 -73.44 -10.87
C4 5SV Q . 16.70 -74.57 -10.28
C6 5SV Q . 18.67 -75.75 -11.04
C5 5SV Q . 17.32 -75.81 -10.57
N1 5SV Q . 19.31 -74.53 -11.19
N3 5SV Q . 17.29 -73.33 -10.42
C8 5SV Q . 15.31 -76.31 -9.90
C9 5SV Q . 12.30 -79.65 -8.34
C10 5SV Q . 13.71 -80.08 -8.83
C11 5SV Q . 13.76 -81.60 -9.03
C12 5SV Q . 15.13 -82.07 -9.49
C13 5SV Q . 15.06 -83.54 -9.95
C14 5SV Q . 16.22 -84.40 -9.45
C15 5SV Q . 15.78 -85.35 -8.33
O2P 5SV Q . 11.07 -77.67 -5.66
P 5SV Q . 11.18 -77.52 -7.12
O1P 5SV Q . 9.94 -77.97 -8.02
O5' 5SV Q . 11.40 -76.03 -7.66
C5' 5SV Q . 11.33 -75.60 -8.99
C4' 5SV Q . 12.16 -74.33 -9.20
O4' 5SV Q . 13.46 -74.56 -8.71
C3' 5SV Q . 12.27 -73.94 -10.69
O3' 5SV Q . 11.25 -73.03 -10.94
C2' 5SV Q . 13.70 -73.36 -10.80
O2' 5SV Q . 13.62 -71.97 -10.75
C1' 5SV Q . 14.41 -73.90 -9.50
N9 5SV Q . 15.41 -74.89 -9.86
N7 5SV Q . 16.44 -76.88 -10.33
N6 5SV Q . 19.37 -76.88 -11.31
O3P 5SV Q . 12.36 -78.36 -7.79
C16 5SV Q . 15.42 -86.74 -8.87
C17 5SV Q . 15.35 -87.85 -7.81
C18 5SV Q . 16.74 -88.26 -7.27
C19 5SV Q . 16.62 -89.36 -6.20
C2 5SV R . -27.75 18.97 -25.64
C4 5SV R . -26.11 18.91 -24.11
C6 5SV R . -25.99 17.51 -26.08
C5 5SV R . -25.40 17.94 -24.88
N1 5SV R . -27.19 18.04 -26.48
N3 5SV R . -27.30 19.45 -24.46
C8 5SV R . -24.16 18.36 -23.14
C9 5SV R . -20.14 17.65 -21.22
C10 5SV R . -20.55 16.96 -22.53
C11 5SV R . -19.58 15.84 -22.89
C12 5SV R . -19.99 15.16 -24.18
C13 5SV R . -19.63 13.67 -24.18
C14 5SV R . -18.19 13.43 -24.71
C15 5SV R . -17.18 13.22 -23.57
O2P 5SV R . -19.98 20.94 -20.46
P 5SV R . -20.94 19.91 -19.96
O1P 5SV R . -20.60 19.21 -18.57
O5' 5SV R . -22.40 20.42 -19.68
C5' 5SV R . -23.45 19.69 -19.15
C4' 5SV R . -24.74 20.19 -19.81
O4' 5SV R . -24.51 20.36 -21.19
C3' 5SV R . -25.92 19.20 -19.64
O3' 5SV R . -26.55 19.57 -18.47
C2' 5SV R . -26.74 19.43 -20.95
O2' 5SV R . -27.74 20.34 -20.66
C1' 5SV R . -25.70 20.10 -21.92
N9 5SV R . -25.32 19.17 -22.99
N7 5SV R . -24.19 17.61 -24.25
N6 5SV R . -25.43 16.56 -26.86
O3P 5SV R . -21.11 18.61 -20.88
C16 5SV R . -16.05 12.27 -23.97
C17 5SV R . -15.05 12.86 -24.97
C18 5SV R . -13.86 11.92 -25.24
C19 5SV R . -12.88 12.57 -26.22
C20 5SV R . -11.61 11.74 -26.42
#